data_9MQX
#
_entry.id   9MQX
#
loop_
_entity.id
_entity.type
_entity.pdbx_description
1 polymer 'NADH:ubiquinone oxidoreductase chain G-like protein'
2 polymer 'NADH:ubiquinone oxidoreductase, NADH-binding (51 kD) subunit'
3 polymer 'NADH:ubiquinone oxidoreductase 24 kD subunit'
4 polymer 'Aldehyde:ferredoxin oxidoreductase'
5 polymer 'Fe-S-cluster-containing hydrogenase subunit'
6 non-polymer 'IRON/SULFUR CLUSTER'
7 non-polymer 'FE2/S2 (INORGANIC) CLUSTER'
8 non-polymer 'ZINC ION'
9 non-polymer 'FLAVIN MONONUCLEOTIDE'
10 non-polymer '1,4-DIHYDRONICOTINAMIDE ADENINE DINUCLEOTIDE'
11 non-polymer 'TUNGSTOPTERIN COFACTOR'
12 non-polymer 'MAGNESIUM ION'
#
loop_
_entity_poly.entity_id
_entity_poly.type
_entity_poly.pdbx_seq_one_letter_code
_entity_poly.pdbx_strand_id
1 'polypeptide(L)'
;MRDPIDIVIDGVSLSVPMETTVLEAAQMAGVEIPTLCHHPALPPDGNCRLCMVEILRPGRRGELAISCMYPIRAQIEVNT
KSDEVIRARKFVLKLLLNRAPKSARLNALANEYGVSVESRFSFDPDECVRCDRCVRACETLGPSAIGPAWRGFNKRIVPP
FMEPPRQCIGCGACADVCPTGYIECVDEGDERTIWDRKFTLIRCPICGQTYTTEEALKFTGIEDPDARLCPTCRKREYAS
KFRIFVH
;
A
2 'polypeptide(L)'
;MPLFLKPDDLRNYRLKLKDDLKRASLLPVVRVCCGTGCVSNGSMEVLSALEEALKGIGKVEPVVKFTGCHGFCERGPIVI
VSPGEIFYQNVKTKDVPEIVQKTILDGEVIERLLYRDPVTKKTYRSDHEIPFYANQQRLVLRRSGHIDPTSIEDYIATDG
YEALCLAFKLGPDEIIKQITDSYLRGRGGGGFRTGYKWKSCREVDDFPKYVIANGDEGDPGAFMDRSLMEGDPHSVIEGM
IIGAYAIGANEGYIYVRNEYPLAVRRLQIAIERAREYGLLGKNILGSGFDFDIQICKGGGAFVCGESSALMRSIEGYPGV
PRVKYIHATEQGLWDKPTVLNNVETWANVPIILMNGVEWYKSLGTERNSGTKIFALVGKVKNTGLVEVPMGVTLRKIIYE
IGGGTLKDKAFKAVQTGGPSGGCIPASLLDLSVDFDTLVKAGSMMGSGGMIVMDERSCMVDVAKYFIDFLVEESCGKCTP
CREGLKVLQKLLHDLTEGKGSLQDVGLLEDTAHELGKTALCGLGKTAANPVLSTLKYFHEEYEEHVEGYCRAGVCTGLFA
AKIDKDSCIGCGQCARTCPVKAISGEVRGPHVVDALKCIGCGQCMDVCPTNSIASSRRVKNA
;
B
3 'polypeptide(L)'
;ATSDVAISDILCRYEKNPRFLLQVLLDVQEKFRYLPTDAMRSVAEYFEIPESRVFAVATFYKVLSLVPKGEKTIKVCQGT
ACHLRGGSQILNAISERLKIRAGETTKDGIFTLETVNCLGCCAMAPVMMVGDKVYGKLSVADVARILEAEKEDAIISKA
;
C
4 'polypeptide(L)'
;MFGYMGKVLRVNLSTKNITLEPLRMDWAKDFLGARGLGSRYLVEEVDPNVDPFSPDNKLIFATGPVTGTLATSAGRFNVV
TKGPLTGTIAASNSGGYFGPELKYAGYDMIIFEGKSANPVYLWIYNDHVELRDASHVWGKDSYETTDALLSETDPEAKVA
CIGPAGERLVLFACVMNDKHRAAGRTGVGAVMGSKNLKAVVVRGTGGIKLADKEAFLEALRKARKKIAEHPVTGGGLPAY
GTNVLVNVINAAGALPTRNFKEAWFEGADKISGETMAETILLKNKACASCASACGRVTKAMGEIGEGPEYEAVWAYGAQC
GVDNLEAICKANFICNKLGMDPITMGSTIGCAMELAELGLIDEKKAGVSLHWGNAEAIVKLTEDTGYRRGFGEELALGSY
RLGEKYGHPELSMSAKKQEMPAYDPRALQGMGLEYATSNRGGCHVRGYLTSPEVLGIPEKLDPTDIASKPQWTKTFQDLT
AAVDSLGFCLFLTFALDAGDLAAQVAPIIGREVTAEELLLAGERIWNLERLFNLKAGISPKEDTLPPRLLNEPIPAGPSK
GRVNKLHEMLPKYYELRGWGKNGIPTKERLESLGLLDIAAKYSL
;
D,F,H
5 'polypeptide(L)'
;MEKVLVISPEKCVGCGSCELACSLEKEGECRPSLARVTVYRFEAGANVPMTCQQCDDAPCISVCKAGALARDEKNVVQVD
SSKCIGCRMCVMACPFGNMSYHWEQSTAIKCDQCNGSPYCVEFCPTKALDYVPADAISLQKKKEFSARFAKI
;
E,G,I
#
loop_
_chem_comp.id
_chem_comp.type
_chem_comp.name
_chem_comp.formula
FES non-polymer 'FE2/S2 (INORGANIC) CLUSTER' 'Fe2 S2'
FMN non-polymer 'FLAVIN MONONUCLEOTIDE' 'C17 H21 N4 O9 P'
MG non-polymer 'MAGNESIUM ION' 'Mg 2'
NAI non-polymer '1,4-DIHYDRONICOTINAMIDE ADENINE DINUCLEOTIDE' 'C21 H29 N7 O14 P2'
PTE non-polymer 'TUNGSTOPTERIN COFACTOR' 'C20 H22 Mg N10 O14 P2 S4 W'
SF4 non-polymer 'IRON/SULFUR CLUSTER' 'Fe4 S4'
ZN non-polymer 'ZINC ION' 'Zn 2'
#
# COMPACT_ATOMS: atom_id res chain seq x y z
N MET A 1 19.42 29.26 2.56
CA MET A 1 18.64 30.15 1.70
C MET A 1 19.15 31.58 1.79
N ARG A 2 19.47 32.16 0.62
CA ARG A 2 19.95 33.52 0.55
C ARG A 2 18.82 34.47 0.16
N ASP A 3 19.07 35.76 0.31
CA ASP A 3 18.08 36.78 0.00
C ASP A 3 17.87 36.83 -1.51
N PRO A 4 16.63 36.82 -2.00
CA PRO A 4 16.39 36.93 -3.44
C PRO A 4 16.81 38.28 -3.98
N ILE A 5 17.17 38.29 -5.26
CA ILE A 5 17.64 39.48 -5.95
C ILE A 5 16.57 39.92 -6.94
N ASP A 6 16.31 41.23 -6.98
CA ASP A 6 15.34 41.79 -7.91
C ASP A 6 16.04 42.18 -9.21
N ILE A 7 15.54 41.66 -10.32
CA ILE A 7 16.10 41.92 -11.64
C ILE A 7 14.98 42.24 -12.61
N VAL A 8 15.35 42.89 -13.71
CA VAL A 8 14.39 43.34 -14.72
C VAL A 8 14.73 42.69 -16.04
N ILE A 9 13.78 41.94 -16.60
CA ILE A 9 13.91 41.31 -17.91
C ILE A 9 12.92 41.99 -18.85
N ASP A 10 13.44 42.73 -19.83
CA ASP A 10 12.61 43.40 -20.84
C ASP A 10 11.52 44.25 -20.19
N GLY A 11 11.88 44.98 -19.13
CA GLY A 11 10.93 45.82 -18.44
C GLY A 11 10.03 45.11 -17.46
N VAL A 12 10.30 43.86 -17.13
CA VAL A 12 9.50 43.08 -16.19
C VAL A 12 10.32 42.86 -14.93
N SER A 13 9.82 43.34 -13.80
CA SER A 13 10.51 43.21 -12.52
C SER A 13 10.14 41.90 -11.86
N LEU A 14 11.14 41.26 -11.25
CA LEU A 14 10.95 39.95 -10.64
C LEU A 14 12.06 39.69 -9.65
N SER A 15 11.71 39.06 -8.52
CA SER A 15 12.68 38.67 -7.50
C SER A 15 13.02 37.20 -7.72
N VAL A 16 14.24 36.94 -8.19
CA VAL A 16 14.70 35.57 -8.41
C VAL A 16 15.65 35.19 -7.28
N PRO A 17 15.72 33.92 -6.90
CA PRO A 17 16.64 33.51 -5.83
C PRO A 17 18.10 33.62 -6.24
N MET A 18 19.00 33.36 -5.30
CA MET A 18 20.42 33.38 -5.58
C MET A 18 20.83 32.17 -6.43
N GLU A 19 21.89 32.35 -7.21
CA GLU A 19 22.46 31.28 -8.04
C GLU A 19 21.42 30.69 -8.99
N THR A 20 20.63 31.56 -9.62
CA THR A 20 19.64 31.15 -10.61
C THR A 20 20.04 31.69 -11.98
N THR A 21 19.95 30.83 -12.99
CA THR A 21 20.37 31.22 -14.32
C THR A 21 19.40 32.22 -14.94
N VAL A 22 19.88 32.95 -15.94
CA VAL A 22 19.04 33.92 -16.63
C VAL A 22 17.91 33.21 -17.37
N LEU A 23 18.18 32.03 -17.90
CA LEU A 23 17.14 31.28 -18.61
C LEU A 23 16.01 30.88 -17.68
N GLU A 24 16.34 30.48 -16.46
CA GLU A 24 15.29 30.16 -15.48
C GLU A 24 14.45 31.39 -15.15
N ALA A 25 15.10 32.55 -15.01
CA ALA A 25 14.36 33.78 -14.75
C ALA A 25 13.43 34.12 -15.91
N ALA A 26 13.89 33.93 -17.15
CA ALA A 26 13.04 34.17 -18.30
C ALA A 26 11.90 33.18 -18.37
N GLN A 27 12.15 31.93 -17.98
CA GLN A 27 11.11 30.91 -18.01
C GLN A 27 10.02 31.21 -16.99
N MET A 28 10.40 31.58 -15.77
CA MET A 28 9.40 31.90 -14.77
C MET A 28 8.73 33.25 -15.00
N ALA A 29 9.34 34.11 -15.81
CA ALA A 29 8.75 35.39 -16.16
C ALA A 29 8.02 35.37 -17.50
N GLY A 30 7.93 34.20 -18.14
CA GLY A 30 7.20 34.09 -19.39
C GLY A 30 7.94 34.57 -20.62
N VAL A 31 9.25 34.78 -20.54
CA VAL A 31 10.05 35.22 -21.67
C VAL A 31 10.68 34.01 -22.34
N GLU A 32 10.71 34.02 -23.67
CA GLU A 32 11.20 32.89 -24.46
C GLU A 32 12.58 33.19 -25.00
N ILE A 33 13.51 32.26 -24.77
CA ILE A 33 14.88 32.38 -25.25
C ILE A 33 15.23 31.10 -26.00
N PRO A 34 15.69 31.17 -27.25
CA PRO A 34 15.99 29.95 -28.00
C PRO A 34 17.24 29.26 -27.47
N THR A 35 17.16 27.94 -27.33
CA THR A 35 18.28 27.12 -26.89
C THR A 35 18.41 25.91 -27.80
N LEU A 36 19.64 25.42 -27.93
CA LEU A 36 19.90 24.19 -28.69
C LEU A 36 20.56 23.11 -27.85
N CYS A 37 21.63 23.44 -27.13
CA CYS A 37 22.42 22.42 -26.44
C CYS A 37 21.97 22.17 -25.01
N HIS A 38 21.30 23.12 -24.37
CA HIS A 38 20.96 22.97 -22.97
C HIS A 38 19.85 21.94 -22.78
N HIS A 39 20.08 20.99 -21.87
CA HIS A 39 19.07 20.02 -21.47
C HIS A 39 18.92 20.08 -19.96
N PRO A 40 17.70 20.27 -19.44
CA PRO A 40 17.54 20.44 -17.99
C PRO A 40 17.97 19.24 -17.16
N ALA A 41 18.09 18.05 -17.76
CA ALA A 41 18.52 16.86 -17.03
C ALA A 41 20.01 16.61 -17.11
N LEU A 42 20.74 17.35 -17.95
CA LEU A 42 22.15 17.07 -18.17
C LEU A 42 23.01 18.21 -17.66
N PRO A 43 24.23 17.91 -17.21
CA PRO A 43 25.14 18.98 -16.76
C PRO A 43 25.42 19.94 -17.88
N PRO A 44 25.08 21.23 -17.70
CA PRO A 44 25.17 22.17 -18.81
C PRO A 44 26.59 22.36 -19.31
N ASP A 45 26.71 22.59 -20.61
CA ASP A 45 28.00 22.77 -21.27
C ASP A 45 28.17 24.12 -21.95
N GLY A 46 27.09 24.76 -22.38
CA GLY A 46 27.20 26.03 -23.08
C GLY A 46 27.84 25.94 -24.44
N ASN A 47 27.46 24.95 -25.24
CA ASN A 47 28.12 24.71 -26.52
C ASN A 47 27.64 25.66 -27.61
N CYS A 48 26.35 25.60 -27.94
CA CYS A 48 25.86 26.20 -29.18
C CYS A 48 26.00 27.72 -29.19
N ARG A 49 26.01 28.35 -28.02
CA ARG A 49 26.06 29.82 -27.91
C ARG A 49 24.87 30.45 -28.65
N LEU A 50 23.70 29.84 -28.53
CA LEU A 50 22.50 30.34 -29.19
C LEU A 50 21.56 31.07 -28.25
N CYS A 51 21.64 30.81 -26.95
CA CYS A 51 20.81 31.50 -25.98
C CYS A 51 21.47 32.77 -25.46
N MET A 52 21.89 33.63 -26.38
CA MET A 52 22.59 34.85 -26.03
C MET A 52 21.61 35.93 -25.60
N VAL A 53 21.92 36.60 -24.50
CA VAL A 53 21.12 37.72 -24.01
C VAL A 53 22.08 38.84 -23.64
N GLU A 54 21.55 40.06 -23.57
CA GLU A 54 22.33 41.22 -23.15
C GLU A 54 22.14 41.44 -21.66
N ILE A 55 23.25 41.56 -20.94
CA ILE A 55 23.25 41.83 -19.52
C ILE A 55 23.72 43.26 -19.31
N LEU A 56 22.83 44.12 -18.81
CA LEU A 56 23.14 45.51 -18.56
C LEU A 56 23.25 45.73 -17.06
N ARG A 57 24.41 46.22 -16.62
CA ARG A 57 24.69 46.44 -15.22
C ARG A 57 24.73 47.94 -14.92
N PRO A 58 24.46 48.34 -13.67
CA PRO A 58 24.53 49.77 -13.34
C PRO A 58 25.89 50.38 -13.63
N GLY A 59 25.92 51.31 -14.59
CA GLY A 59 27.15 51.93 -15.01
C GLY A 59 27.99 51.12 -16.00
N ARG A 60 27.50 49.98 -16.46
CA ARG A 60 28.22 49.13 -17.39
C ARG A 60 27.38 48.87 -18.63
N ARG A 61 28.06 48.73 -19.77
CA ARG A 61 27.38 48.48 -21.03
C ARG A 61 26.80 47.07 -21.06
N GLY A 62 25.91 46.84 -22.02
CA GLY A 62 25.33 45.51 -22.18
C GLY A 62 26.33 44.56 -22.80
N GLU A 63 26.43 43.37 -22.23
CA GLU A 63 27.33 42.34 -22.72
C GLU A 63 26.57 41.05 -22.96
N LEU A 64 27.02 40.27 -23.93
CA LEU A 64 26.36 39.03 -24.28
C LEU A 64 26.79 37.91 -23.35
N ALA A 65 25.81 37.22 -22.78
CA ALA A 65 26.05 36.05 -21.95
C ALA A 65 25.02 35.00 -22.28
N ILE A 66 25.36 33.74 -22.03
CA ILE A 66 24.44 32.63 -22.30
C ILE A 66 23.46 32.53 -21.15
N SER A 67 22.16 32.65 -21.47
CA SER A 67 21.14 32.60 -20.43
C SER A 67 21.04 31.22 -19.79
N CYS A 68 21.42 30.17 -20.51
CA CYS A 68 21.28 28.82 -20.00
C CYS A 68 22.22 28.52 -18.84
N MET A 69 23.25 29.33 -18.62
CA MET A 69 24.21 29.10 -17.54
C MET A 69 24.55 30.32 -16.71
N TYR A 70 24.33 31.53 -17.22
CA TYR A 70 24.75 32.73 -16.50
C TYR A 70 23.91 32.91 -15.24
N PRO A 71 24.51 32.92 -14.05
CA PRO A 71 23.73 33.06 -12.82
C PRO A 71 23.39 34.50 -12.52
N ILE A 72 22.31 34.69 -11.75
CA ILE A 72 21.87 36.00 -11.31
C ILE A 72 22.29 36.14 -9.85
N ARG A 73 23.37 36.89 -9.61
CA ARG A 73 23.83 37.17 -8.26
C ARG A 73 23.73 38.64 -7.87
N ALA A 74 23.59 39.54 -8.85
CA ALA A 74 23.51 40.96 -8.58
C ALA A 74 22.30 41.57 -9.27
N GLN A 75 22.19 42.90 -9.23
CA GLN A 75 21.07 43.61 -9.84
C GLN A 75 21.44 43.92 -11.30
N ILE A 76 20.82 43.20 -12.23
CA ILE A 76 21.11 43.35 -13.65
C ILE A 76 19.80 43.46 -14.42
N GLU A 77 19.90 44.07 -15.60
CA GLU A 77 18.78 44.14 -16.53
C GLU A 77 19.12 43.29 -17.76
N VAL A 78 18.22 42.36 -18.10
CA VAL A 78 18.43 41.44 -19.21
C VAL A 78 17.56 41.89 -20.39
N ASN A 79 18.17 41.97 -21.56
CA ASN A 79 17.47 42.30 -22.79
C ASN A 79 17.63 41.15 -23.77
N THR A 80 16.51 40.64 -24.28
CA THR A 80 16.52 39.47 -25.15
C THR A 80 16.24 39.81 -26.61
N LYS A 81 15.66 40.97 -26.91
CA LYS A 81 15.34 41.38 -28.26
C LYS A 81 16.10 42.65 -28.64
N SER A 82 17.40 42.66 -28.37
CA SER A 82 18.26 43.76 -28.77
C SER A 82 18.88 43.48 -30.13
N ASP A 83 19.37 44.54 -30.77
CA ASP A 83 19.96 44.40 -32.10
C ASP A 83 21.24 43.58 -32.05
N GLU A 84 22.08 43.79 -31.03
CA GLU A 84 23.29 43.00 -30.89
C GLU A 84 22.97 41.53 -30.63
N VAL A 85 21.96 41.28 -29.77
CA VAL A 85 21.50 39.93 -29.53
C VAL A 85 21.00 39.29 -30.83
N ILE A 86 20.24 40.05 -31.61
CA ILE A 86 19.71 39.52 -32.86
C ILE A 86 20.84 39.21 -33.84
N ARG A 87 21.85 40.07 -33.92
CA ARG A 87 22.97 39.80 -34.81
C ARG A 87 23.73 38.54 -34.38
N ALA A 88 23.98 38.39 -33.08
CA ALA A 88 24.69 37.20 -32.60
C ALA A 88 23.88 35.94 -32.87
N ARG A 89 22.56 36.00 -32.63
CA ARG A 89 21.71 34.85 -32.90
C ARG A 89 21.67 34.53 -34.39
N LYS A 90 21.63 35.55 -35.24
CA LYS A 90 21.68 35.33 -36.68
C LYS A 90 22.98 34.65 -37.10
N PHE A 91 24.10 35.10 -36.53
CA PHE A 91 25.39 34.50 -36.86
C PHE A 91 25.44 33.03 -36.45
N VAL A 92 25.07 32.74 -35.21
CA VAL A 92 25.12 31.36 -34.72
C VAL A 92 24.12 30.49 -35.48
N LEU A 93 22.96 31.04 -35.79
CA LEU A 93 21.94 30.29 -36.53
C LEU A 93 22.40 30.00 -37.94
N LYS A 94 23.06 30.96 -38.60
CA LYS A 94 23.61 30.71 -39.92
C LYS A 94 24.63 29.58 -39.88
N LEU A 95 25.52 29.61 -38.89
CA LEU A 95 26.52 28.54 -38.78
C LEU A 95 25.85 27.18 -38.57
N LEU A 96 24.93 27.10 -37.61
CA LEU A 96 24.29 25.83 -37.31
C LEU A 96 23.47 25.32 -38.49
N LEU A 97 22.76 26.22 -39.17
CA LEU A 97 21.93 25.81 -40.30
C LEU A 97 22.78 25.34 -41.47
N ASN A 98 23.88 26.05 -41.75
CA ASN A 98 24.79 25.57 -42.78
C ASN A 98 25.39 24.22 -42.42
N ARG A 99 25.58 23.95 -41.12
CA ARG A 99 26.08 22.64 -40.72
C ARG A 99 25.01 21.57 -40.91
N ALA A 100 23.76 21.86 -40.56
CA ALA A 100 22.66 20.90 -40.63
C ALA A 100 21.49 21.53 -41.36
N PRO A 101 21.49 21.51 -42.69
CA PRO A 101 20.44 22.20 -43.45
C PRO A 101 19.12 21.44 -43.49
N LYS A 102 19.16 20.12 -43.40
CA LYS A 102 17.95 19.32 -43.46
C LYS A 102 17.20 19.25 -42.15
N SER A 103 17.75 19.78 -41.07
CA SER A 103 17.11 19.70 -39.76
C SER A 103 15.84 20.55 -39.73
N ALA A 104 14.80 20.01 -39.09
CA ALA A 104 13.56 20.77 -38.93
C ALA A 104 13.68 21.83 -37.86
N ARG A 105 14.39 21.53 -36.77
CA ARG A 105 14.54 22.49 -35.68
C ARG A 105 15.32 23.72 -36.14
N LEU A 106 16.44 23.51 -36.82
CA LEU A 106 17.26 24.63 -37.27
C LEU A 106 16.55 25.43 -38.36
N ASN A 107 15.82 24.75 -39.25
CA ASN A 107 15.07 25.47 -40.26
C ASN A 107 13.95 26.30 -39.63
N ALA A 108 13.28 25.76 -38.61
CA ALA A 108 12.27 26.54 -37.90
C ALA A 108 12.88 27.77 -37.24
N LEU A 109 14.03 27.59 -36.59
CA LEU A 109 14.69 28.73 -35.96
C LEU A 109 15.10 29.77 -37.00
N ALA A 110 15.60 29.32 -38.15
CA ALA A 110 16.00 30.24 -39.21
C ALA A 110 14.79 31.01 -39.76
N ASN A 111 13.67 30.31 -39.95
CA ASN A 111 12.45 30.99 -40.39
C ASN A 111 12.01 32.01 -39.36
N GLU A 112 12.18 31.70 -38.07
CA GLU A 112 11.89 32.68 -37.03
C GLU A 112 12.81 33.88 -37.11
N TYR A 113 14.08 33.66 -37.43
CA TYR A 113 15.09 34.73 -37.45
C TYR A 113 15.47 35.19 -38.85
N GLY A 114 14.77 34.73 -39.88
CA GLY A 114 15.04 35.19 -41.23
C GLY A 114 16.41 34.84 -41.76
N VAL A 115 16.82 33.58 -41.60
CA VAL A 115 18.14 33.12 -42.00
C VAL A 115 17.98 32.06 -43.09
N SER A 116 18.80 32.18 -44.13
CA SER A 116 18.77 31.27 -45.26
C SER A 116 20.10 30.55 -45.41
N VAL A 117 20.04 29.34 -45.95
CA VAL A 117 21.24 28.54 -46.18
C VAL A 117 22.06 29.16 -47.30
N GLU A 118 23.38 29.22 -47.10
CA GLU A 118 24.31 29.69 -48.11
C GLU A 118 25.11 28.50 -48.62
N SER A 119 25.21 28.37 -49.94
CA SER A 119 25.94 27.27 -50.55
C SER A 119 27.45 27.44 -50.44
N ARG A 120 27.93 28.70 -50.38
CA ARG A 120 29.37 28.93 -50.34
C ARG A 120 29.96 28.54 -48.98
N PHE A 121 29.20 28.74 -47.90
CA PHE A 121 29.69 28.49 -46.55
C PHE A 121 29.11 27.20 -45.96
N SER A 122 28.94 26.17 -46.77
CA SER A 122 28.43 24.88 -46.32
C SER A 122 29.54 23.85 -46.55
N PHE A 123 30.39 23.67 -45.53
CA PHE A 123 31.47 22.70 -45.58
C PHE A 123 31.06 21.46 -44.80
N ASP A 124 30.95 20.33 -45.49
CA ASP A 124 30.59 19.04 -44.89
C ASP A 124 29.32 19.14 -44.06
N PRO A 125 28.15 19.27 -44.68
CA PRO A 125 26.91 19.20 -43.90
C PRO A 125 26.56 17.77 -43.54
N ASP A 126 26.75 17.41 -42.27
CA ASP A 126 26.53 16.05 -41.81
C ASP A 126 25.44 15.95 -40.75
N GLU A 127 24.60 16.97 -40.62
CA GLU A 127 23.42 16.95 -39.77
C GLU A 127 23.74 16.79 -38.29
N CYS A 128 24.94 17.17 -37.87
CA CYS A 128 25.32 17.12 -36.46
C CYS A 128 25.82 18.50 -36.04
N VAL A 129 25.21 19.05 -34.99
CA VAL A 129 25.56 20.38 -34.51
C VAL A 129 26.50 20.34 -33.31
N ARG A 130 26.99 19.15 -32.94
CA ARG A 130 27.97 18.99 -31.87
C ARG A 130 27.49 19.62 -30.56
N CYS A 131 26.21 19.42 -30.24
CA CYS A 131 25.65 19.96 -29.02
C CYS A 131 25.97 19.13 -27.78
N ASP A 132 26.54 17.93 -27.96
CA ASP A 132 26.96 17.05 -26.88
C ASP A 132 25.80 16.54 -26.03
N ARG A 133 24.56 16.67 -26.50
CA ARG A 133 23.42 16.17 -25.74
C ARG A 133 23.48 14.66 -25.58
N CYS A 134 23.82 13.94 -26.65
CA CYS A 134 23.85 12.48 -26.59
C CYS A 134 24.95 12.01 -25.64
N VAL A 135 26.12 12.65 -25.68
CA VAL A 135 27.22 12.24 -24.81
C VAL A 135 26.83 12.44 -23.35
N ARG A 136 26.22 13.57 -23.03
CA ARG A 136 25.84 13.84 -21.65
C ARG A 136 24.72 12.92 -21.18
N ALA A 137 23.75 12.62 -22.06
CA ALA A 137 22.70 11.67 -21.68
C ALA A 137 23.28 10.29 -21.41
N CYS A 138 24.21 9.85 -22.27
CA CYS A 138 24.87 8.57 -22.05
C CYS A 138 25.64 8.57 -20.74
N GLU A 139 26.36 9.67 -20.45
CA GLU A 139 27.12 9.74 -19.21
C GLU A 139 26.21 9.67 -17.99
N THR A 140 25.10 10.41 -18.01
CA THR A 140 24.22 10.41 -16.85
C THR A 140 23.51 9.07 -16.67
N LEU A 141 23.22 8.38 -17.77
CA LEU A 141 22.56 7.08 -17.65
C LEU A 141 23.42 6.07 -16.91
N GLY A 142 24.73 6.09 -17.14
CA GLY A 142 25.62 5.17 -16.49
C GLY A 142 26.60 4.45 -17.42
N PRO A 143 26.14 4.06 -18.62
CA PRO A 143 27.09 3.57 -19.62
C PRO A 143 27.70 4.74 -20.37
N SER A 144 29.02 4.90 -20.29
CA SER A 144 29.71 5.93 -21.04
C SER A 144 30.28 5.33 -22.33
N ALA A 145 29.35 4.94 -23.20
CA ALA A 145 29.74 4.28 -24.45
C ALA A 145 30.28 5.27 -25.46
N ILE A 146 29.48 6.27 -25.83
CA ILE A 146 29.86 7.20 -26.88
C ILE A 146 30.70 8.33 -26.31
N GLY A 147 31.38 9.06 -27.19
CA GLY A 147 32.17 10.20 -26.80
C GLY A 147 32.76 10.94 -27.98
N PRO A 148 33.10 12.20 -27.81
CA PRO A 148 33.75 12.95 -28.89
C PRO A 148 35.13 12.38 -29.17
N ALA A 149 35.58 12.53 -30.42
CA ALA A 149 36.83 11.90 -30.82
C ALA A 149 37.72 12.76 -31.72
N TRP A 150 37.48 14.05 -31.84
CA TRP A 150 38.36 14.92 -32.60
C TRP A 150 38.19 16.34 -32.09
N ARG A 151 39.08 17.22 -32.53
CA ARG A 151 39.00 18.63 -32.16
C ARG A 151 38.94 19.47 -33.44
N GLY A 152 38.32 20.64 -33.31
CA GLY A 152 38.15 21.52 -34.45
C GLY A 152 36.91 21.18 -35.25
N PHE A 153 36.94 21.61 -36.52
CA PHE A 153 35.83 21.34 -37.43
C PHE A 153 35.64 19.85 -37.71
N ASN A 154 36.61 19.02 -37.35
CA ASN A 154 36.53 17.58 -37.56
C ASN A 154 35.95 16.85 -36.35
N LYS A 155 35.51 17.57 -35.31
CA LYS A 155 34.97 16.94 -34.12
C LYS A 155 33.76 16.09 -34.47
N ARG A 156 33.68 14.91 -33.86
CA ARG A 156 32.61 13.98 -34.15
C ARG A 156 32.29 13.17 -32.90
N ILE A 157 31.03 12.78 -32.77
CA ILE A 157 30.57 11.93 -31.68
C ILE A 157 30.53 10.50 -32.22
N VAL A 158 31.40 9.64 -31.69
CA VAL A 158 31.58 8.30 -32.24
C VAL A 158 31.61 7.29 -31.10
N PRO A 159 31.31 6.02 -31.39
CA PRO A 159 31.63 4.96 -30.44
C PRO A 159 33.14 4.81 -30.33
N PRO A 160 33.64 4.32 -29.20
CA PRO A 160 35.09 4.24 -29.01
C PRO A 160 35.73 3.33 -30.04
N PHE A 161 36.83 3.82 -30.63
CA PHE A 161 37.62 3.10 -31.63
C PHE A 161 36.86 2.83 -32.92
N MET A 162 35.79 3.59 -33.18
CA MET A 162 35.03 3.50 -34.43
C MET A 162 34.55 2.08 -34.71
N GLU A 163 34.10 1.40 -33.67
CA GLU A 163 33.58 0.05 -33.75
C GLU A 163 32.26 0.00 -32.99
N PRO A 164 31.42 -1.00 -33.28
CA PRO A 164 30.16 -1.15 -32.53
C PRO A 164 30.42 -1.08 -31.04
N PRO A 165 29.76 -0.15 -30.34
CA PRO A 165 30.13 0.14 -28.94
C PRO A 165 30.01 -1.09 -28.05
N ARG A 166 31.06 -1.32 -27.25
CA ARG A 166 31.12 -2.47 -26.39
C ARG A 166 30.50 -2.21 -25.02
N GLN A 167 30.14 -0.98 -24.72
CA GLN A 167 29.49 -0.61 -23.47
C GLN A 167 28.11 -0.02 -23.69
N CYS A 168 27.61 -0.04 -24.91
CA CYS A 168 26.25 0.44 -25.17
C CYS A 168 25.24 -0.52 -24.56
N ILE A 169 24.05 0.02 -24.29
CA ILE A 169 23.00 -0.74 -23.62
C ILE A 169 21.78 -0.97 -24.49
N GLY A 170 21.50 -0.09 -25.45
CA GLY A 170 20.32 -0.24 -26.29
C GLY A 170 19.10 0.49 -25.81
N CYS A 171 19.22 1.31 -24.76
CA CYS A 171 18.08 2.07 -24.26
C CYS A 171 17.57 3.05 -25.31
N GLY A 172 18.48 3.68 -26.04
CA GLY A 172 18.08 4.64 -27.06
C GLY A 172 17.84 6.05 -26.55
N ALA A 173 18.41 6.41 -25.40
CA ALA A 173 18.23 7.76 -24.88
C ALA A 173 19.07 8.77 -25.65
N CYS A 174 20.21 8.34 -26.21
CA CYS A 174 21.03 9.25 -27.00
C CYS A 174 20.30 9.69 -28.25
N ALA A 175 19.57 8.77 -28.90
CA ALA A 175 18.78 9.15 -30.07
C ALA A 175 17.61 10.06 -29.67
N ASP A 176 17.05 9.85 -28.48
CA ASP A 176 15.96 10.72 -28.02
C ASP A 176 16.45 12.14 -27.78
N VAL A 177 17.62 12.28 -27.16
CA VAL A 177 18.19 13.61 -26.89
C VAL A 177 19.07 13.95 -28.08
N CYS A 178 18.44 14.46 -29.13
CA CYS A 178 19.15 14.90 -30.32
C CYS A 178 18.32 15.93 -31.08
N PRO A 179 18.77 17.18 -31.18
CA PRO A 179 17.98 18.19 -31.89
C PRO A 179 17.84 17.95 -33.38
N THR A 180 18.90 17.45 -34.03
CA THR A 180 18.92 17.32 -35.48
C THR A 180 18.52 15.94 -35.96
N GLY A 181 18.25 15.00 -35.07
CA GLY A 181 17.93 13.64 -35.49
C GLY A 181 19.06 12.97 -36.23
N TYR A 182 20.31 13.25 -35.86
CA TYR A 182 21.45 12.63 -36.53
C TYR A 182 21.58 11.16 -36.15
N ILE A 183 21.35 10.85 -34.88
CA ILE A 183 21.41 9.46 -34.42
C ILE A 183 20.10 8.77 -34.78
N GLU A 184 20.21 7.58 -35.39
CA GLU A 184 19.07 6.80 -35.79
C GLU A 184 19.02 5.51 -34.98
N CYS A 185 17.85 5.20 -34.44
CA CYS A 185 17.62 3.99 -33.67
C CYS A 185 16.44 3.26 -34.31
N VAL A 186 16.76 2.27 -35.15
CA VAL A 186 15.75 1.57 -35.95
C VAL A 186 15.47 0.22 -35.31
N ASP A 187 14.19 -0.12 -35.17
CA ASP A 187 13.75 -1.38 -34.60
C ASP A 187 12.96 -2.14 -35.64
N GLU A 188 13.40 -3.34 -35.99
CA GLU A 188 12.71 -4.22 -36.93
C GLU A 188 12.47 -5.56 -36.23
N GLY A 189 11.21 -5.81 -35.86
CA GLY A 189 10.87 -7.04 -35.16
C GLY A 189 11.47 -7.10 -33.77
N ASP A 190 12.46 -7.98 -33.59
CA ASP A 190 13.15 -8.13 -32.31
C ASP A 190 14.61 -7.69 -32.40
N GLU A 191 14.90 -6.73 -33.26
CA GLU A 191 16.26 -6.22 -33.45
C GLU A 191 16.25 -4.71 -33.33
N ARG A 192 17.27 -4.17 -32.65
CA ARG A 192 17.45 -2.73 -32.52
C ARG A 192 18.87 -2.39 -32.92
N THR A 193 19.02 -1.59 -33.97
CA THR A 193 20.32 -1.21 -34.51
C THR A 193 20.58 0.26 -34.18
N ILE A 194 21.50 0.51 -33.25
CA ILE A 194 21.91 1.84 -32.89
C ILE A 194 23.42 1.86 -32.78
N TRP A 195 24.06 2.90 -33.35
CA TRP A 195 25.51 2.98 -33.45
C TRP A 195 26.07 1.73 -34.10
N ASP A 196 25.46 1.34 -35.23
CA ASP A 196 25.77 0.14 -36.00
C ASP A 196 26.08 -1.08 -35.14
N ARG A 197 25.30 -1.27 -34.07
CA ARG A 197 25.33 -2.48 -33.27
C ARG A 197 23.91 -3.00 -33.12
N LYS A 198 23.76 -4.32 -33.16
CA LYS A 198 22.46 -4.97 -33.15
C LYS A 198 22.16 -5.47 -31.75
N PHE A 199 21.03 -5.02 -31.19
CA PHE A 199 20.58 -5.44 -29.87
C PHE A 199 19.28 -6.23 -30.00
N THR A 200 19.18 -7.32 -29.23
CA THR A 200 17.99 -8.14 -29.25
C THR A 200 16.94 -7.55 -28.32
N LEU A 201 15.74 -7.34 -28.85
CA LEU A 201 14.63 -6.81 -28.07
C LEU A 201 13.94 -7.93 -27.31
N ILE A 202 13.11 -7.54 -26.34
CA ILE A 202 12.36 -8.47 -25.50
C ILE A 202 10.90 -8.45 -25.92
N ARG A 203 10.33 -9.64 -26.14
CA ARG A 203 8.91 -9.80 -26.43
C ARG A 203 8.21 -10.40 -25.22
N CYS A 204 7.12 -9.78 -24.79
CA CYS A 204 6.36 -10.35 -23.70
C CYS A 204 5.65 -11.62 -24.15
N PRO A 205 5.56 -12.63 -23.28
CA PRO A 205 5.11 -13.96 -23.72
C PRO A 205 3.65 -14.04 -24.15
N ILE A 206 2.83 -13.03 -23.88
CA ILE A 206 1.40 -13.13 -24.16
C ILE A 206 0.93 -11.97 -25.02
N CYS A 207 1.86 -11.12 -25.43
CA CYS A 207 1.50 -9.96 -26.22
C CYS A 207 2.31 -9.82 -27.51
N GLY A 208 3.58 -10.24 -27.48
CA GLY A 208 4.46 -10.04 -28.62
C GLY A 208 4.96 -8.62 -28.80
N GLN A 209 4.75 -7.76 -27.80
CA GLN A 209 5.14 -6.36 -27.88
C GLN A 209 6.56 -6.18 -27.36
N THR A 210 7.15 -5.02 -27.67
CA THR A 210 8.51 -4.69 -27.29
C THR A 210 8.58 -3.28 -26.74
N TYR A 211 9.29 -3.12 -25.63
CA TYR A 211 9.61 -1.79 -25.11
C TYR A 211 11.06 -1.64 -24.67
N THR A 212 11.85 -2.71 -24.59
CA THR A 212 13.23 -2.61 -24.16
C THR A 212 14.02 -3.80 -24.72
N THR A 213 15.34 -3.67 -24.66
CA THR A 213 16.25 -4.72 -25.11
C THR A 213 16.62 -5.64 -23.94
N GLU A 214 17.23 -6.78 -24.29
CA GLU A 214 17.73 -7.69 -23.26
C GLU A 214 18.88 -7.06 -22.49
N GLU A 215 19.76 -6.36 -23.20
CA GLU A 215 20.93 -5.75 -22.56
C GLU A 215 20.51 -4.70 -21.52
N ALA A 216 19.48 -3.90 -21.84
CA ALA A 216 19.02 -2.89 -20.90
C ALA A 216 18.47 -3.53 -19.63
N LEU A 217 17.65 -4.57 -19.78
CA LEU A 217 17.08 -5.23 -18.62
C LEU A 217 18.15 -5.92 -17.79
N LYS A 218 19.17 -6.49 -18.43
CA LYS A 218 20.29 -7.05 -17.67
C LYS A 218 21.07 -5.96 -16.96
N PHE A 219 21.20 -4.79 -17.60
CA PHE A 219 21.92 -3.67 -16.98
C PHE A 219 21.22 -3.15 -15.74
N THR A 220 19.89 -3.05 -15.79
CA THR A 220 19.15 -2.53 -14.64
C THR A 220 19.16 -3.49 -13.45
N GLY A 221 19.51 -4.75 -13.66
CA GLY A 221 19.55 -5.71 -12.57
C GLY A 221 18.20 -6.03 -11.97
N ILE A 222 17.17 -6.10 -12.79
CA ILE A 222 15.82 -6.44 -12.34
C ILE A 222 15.60 -7.92 -12.64
N GLU A 223 15.63 -8.75 -11.61
CA GLU A 223 15.55 -10.19 -11.75
C GLU A 223 14.11 -10.71 -11.71
N ASP A 224 13.13 -9.84 -11.56
CA ASP A 224 11.74 -10.27 -11.57
C ASP A 224 11.35 -10.68 -12.98
N PRO A 225 10.86 -11.91 -13.20
CA PRO A 225 10.45 -12.32 -14.55
C PRO A 225 9.30 -11.51 -15.11
N ASP A 226 8.56 -10.77 -14.28
CA ASP A 226 7.51 -9.90 -14.79
C ASP A 226 8.07 -8.70 -15.54
N ALA A 227 9.33 -8.34 -15.32
CA ALA A 227 9.94 -7.22 -16.03
C ALA A 227 10.02 -7.47 -17.53
N ARG A 228 10.00 -8.73 -17.95
CA ARG A 228 9.98 -9.06 -19.37
C ARG A 228 8.60 -8.90 -19.99
N LEU A 229 7.56 -8.74 -19.18
CA LEU A 229 6.23 -8.44 -19.68
C LEU A 229 6.12 -6.96 -20.03
N CYS A 230 5.34 -6.66 -21.05
CA CYS A 230 5.07 -5.28 -21.40
C CYS A 230 4.15 -4.67 -20.34
N PRO A 231 4.19 -3.34 -20.17
CA PRO A 231 3.44 -2.73 -19.05
C PRO A 231 1.96 -3.09 -19.02
N THR A 232 1.31 -3.14 -20.18
CA THR A 232 -0.10 -3.51 -20.21
C THR A 232 -0.29 -4.96 -19.82
N CYS A 233 0.52 -5.86 -20.37
CA CYS A 233 0.42 -7.27 -20.02
C CYS A 233 0.76 -7.50 -18.55
N ARG A 234 1.81 -6.84 -18.05
CA ARG A 234 2.18 -6.99 -16.63
C ARG A 234 1.08 -6.46 -15.73
N LYS A 235 0.48 -5.31 -16.10
CA LYS A 235 -0.60 -4.74 -15.33
C LYS A 235 -1.82 -5.66 -15.30
N ARG A 236 -2.15 -6.27 -16.44
CA ARG A 236 -3.27 -7.21 -16.49
C ARG A 236 -2.98 -8.46 -15.66
N GLU A 237 -1.76 -8.98 -15.75
CA GLU A 237 -1.40 -10.16 -14.98
C GLU A 237 -1.46 -9.89 -13.48
N TYR A 238 -1.01 -8.72 -13.05
CA TYR A 238 -1.12 -8.38 -11.64
C TYR A 238 -2.58 -8.17 -11.23
N ALA A 239 -3.35 -7.48 -12.07
CA ALA A 239 -4.75 -7.23 -11.75
C ALA A 239 -5.57 -8.51 -11.67
N SER A 240 -5.12 -9.58 -12.32
CA SER A 240 -5.82 -10.85 -12.25
C SER A 240 -5.70 -11.51 -10.88
N LYS A 241 -4.68 -11.14 -10.10
CA LYS A 241 -4.49 -11.70 -8.77
C LYS A 241 -5.49 -11.18 -7.76
N PHE A 242 -6.25 -10.13 -8.09
CA PHE A 242 -7.23 -9.55 -7.18
C PHE A 242 -8.53 -10.34 -7.31
N ARG A 243 -8.74 -11.29 -6.41
CA ARG A 243 -9.98 -12.06 -6.40
C ARG A 243 -11.12 -11.19 -5.89
N ILE A 244 -11.83 -10.52 -6.79
CA ILE A 244 -12.98 -9.74 -6.38
C ILE A 244 -14.11 -10.69 -6.00
N PHE A 245 -14.76 -10.39 -4.88
CA PHE A 245 -15.82 -11.23 -4.33
C PHE A 245 -17.15 -10.55 -4.62
N VAL A 246 -17.89 -11.09 -5.59
CA VAL A 246 -19.14 -10.47 -6.02
C VAL A 246 -20.24 -10.58 -4.99
N HIS A 247 -20.07 -11.42 -3.97
CA HIS A 247 -21.07 -11.56 -2.91
C HIS A 247 -20.69 -10.72 -1.70
N MET B 1 74.23 13.89 -0.34
CA MET B 1 73.30 15.01 -0.48
C MET B 1 73.13 15.76 0.83
N PRO B 2 73.27 17.09 0.79
CA PRO B 2 73.08 17.89 2.01
C PRO B 2 71.61 18.19 2.23
N LEU B 3 71.07 17.69 3.35
CA LEU B 3 69.68 17.92 3.72
C LEU B 3 69.67 19.05 4.75
N PHE B 4 69.29 20.24 4.30
CA PHE B 4 69.30 21.42 5.17
C PHE B 4 68.15 21.33 6.16
N LEU B 5 68.47 20.94 7.39
CA LEU B 5 67.44 20.86 8.43
C LEU B 5 66.97 22.25 8.85
N LYS B 6 67.85 23.23 8.82
CA LYS B 6 67.59 24.58 9.31
C LYS B 6 68.00 25.59 8.26
N PRO B 7 67.40 26.79 8.27
CA PRO B 7 67.84 27.82 7.33
C PRO B 7 69.29 28.21 7.52
N ASP B 8 69.82 28.08 8.74
CA ASP B 8 71.24 28.35 8.97
C ASP B 8 72.11 27.43 8.13
N ASP B 9 71.70 26.17 7.96
CA ASP B 9 72.45 25.25 7.13
C ASP B 9 72.48 25.71 5.68
N LEU B 10 71.33 26.15 5.15
CA LEU B 10 71.30 26.66 3.79
C LEU B 10 72.21 27.89 3.64
N ARG B 11 72.14 28.81 4.60
CA ARG B 11 72.97 30.00 4.52
C ARG B 11 74.45 29.67 4.60
N ASN B 12 74.84 28.75 5.48
CA ASN B 12 76.25 28.39 5.60
C ASN B 12 76.73 27.63 4.37
N TYR B 13 75.89 26.76 3.80
CA TYR B 13 76.29 26.06 2.59
C TYR B 13 76.44 27.04 1.43
N ARG B 14 75.56 28.03 1.34
CA ARG B 14 75.74 29.07 0.33
C ARG B 14 77.00 29.88 0.58
N LEU B 15 77.34 30.12 1.85
CA LEU B 15 78.60 30.80 2.17
C LEU B 15 79.79 30.00 1.68
N LYS B 16 79.78 28.69 1.93
CA LYS B 16 80.88 27.83 1.46
C LYS B 16 80.94 27.80 -0.06
N LEU B 17 79.79 27.73 -0.73
CA LEU B 17 79.78 27.75 -2.18
C LEU B 17 80.36 29.06 -2.73
N LYS B 18 79.98 30.19 -2.12
CA LYS B 18 80.54 31.46 -2.53
C LYS B 18 82.04 31.51 -2.27
N ASP B 19 82.49 30.97 -1.14
CA ASP B 19 83.91 30.94 -0.82
C ASP B 19 84.69 30.14 -1.86
N ASP B 20 84.14 28.98 -2.27
CA ASP B 20 84.78 28.19 -3.30
C ASP B 20 84.76 28.91 -4.65
N LEU B 21 83.67 29.62 -4.94
CA LEU B 21 83.60 30.42 -6.17
C LEU B 21 84.67 31.50 -6.19
N LYS B 22 84.93 32.12 -5.03
CA LYS B 22 85.98 33.13 -4.95
C LYS B 22 87.35 32.53 -5.26
N ARG B 23 87.62 31.35 -4.71
CA ARG B 23 88.89 30.68 -5.02
C ARG B 23 88.94 30.16 -6.45
N ALA B 24 87.78 29.86 -7.02
CA ALA B 24 87.69 29.35 -8.39
C ALA B 24 87.51 30.47 -9.42
N SER B 25 87.62 31.73 -9.01
CA SER B 25 87.45 32.83 -9.95
C SER B 25 88.52 32.81 -11.04
N LEU B 26 89.72 32.34 -10.71
CA LEU B 26 90.79 32.25 -11.70
C LEU B 26 90.63 31.06 -12.64
N LEU B 27 89.79 30.09 -12.29
CA LEU B 27 89.66 28.89 -13.10
C LEU B 27 88.98 29.22 -14.43
N PRO B 28 89.57 28.81 -15.56
CA PRO B 28 88.96 29.12 -16.86
C PRO B 28 87.71 28.31 -17.15
N VAL B 29 86.57 28.75 -16.61
CA VAL B 29 85.31 28.06 -16.83
C VAL B 29 84.82 28.33 -18.25
N VAL B 30 84.36 27.27 -18.93
CA VAL B 30 83.77 27.40 -20.25
C VAL B 30 82.32 26.92 -20.14
N ARG B 31 81.39 27.80 -20.51
CA ARG B 31 79.97 27.48 -20.48
C ARG B 31 79.41 27.54 -21.89
N VAL B 32 78.63 26.53 -22.26
CA VAL B 32 78.09 26.38 -23.60
C VAL B 32 76.59 26.51 -23.54
N CYS B 33 76.02 27.36 -24.41
CA CYS B 33 74.58 27.52 -24.47
C CYS B 33 73.95 26.27 -25.03
N CYS B 34 73.20 25.54 -24.20
CA CYS B 34 72.51 24.33 -24.60
C CYS B 34 71.00 24.49 -24.50
N GLY B 35 70.51 25.67 -24.87
CA GLY B 35 69.09 25.86 -25.03
C GLY B 35 68.61 25.28 -26.34
N THR B 36 67.28 25.30 -26.53
CA THR B 36 66.71 24.63 -27.70
C THR B 36 67.23 25.24 -29.00
N GLY B 37 67.31 26.57 -29.07
CA GLY B 37 67.72 27.21 -30.30
C GLY B 37 69.14 26.89 -30.71
N CYS B 38 70.03 26.71 -29.73
CA CYS B 38 71.42 26.40 -30.01
C CYS B 38 71.71 24.90 -30.01
N VAL B 39 70.95 24.11 -29.24
CA VAL B 39 71.03 22.66 -29.38
C VAL B 39 70.62 22.25 -30.78
N SER B 40 69.55 22.86 -31.31
CA SER B 40 69.16 22.59 -32.69
C SER B 40 70.21 23.11 -33.68
N ASN B 41 70.91 24.19 -33.33
CA ASN B 41 71.95 24.74 -34.19
C ASN B 41 73.27 23.99 -34.08
N GLY B 42 73.33 22.90 -33.31
CA GLY B 42 74.53 22.11 -33.20
C GLY B 42 75.53 22.62 -32.18
N SER B 43 75.10 22.72 -30.92
CA SER B 43 75.98 23.12 -29.84
C SER B 43 76.38 21.97 -28.93
N MET B 44 75.60 20.89 -28.90
CA MET B 44 75.99 19.71 -28.13
C MET B 44 77.30 19.13 -28.64
N GLU B 45 77.51 19.14 -29.95
CA GLU B 45 78.77 18.67 -30.52
C GLU B 45 79.93 19.51 -30.02
N VAL B 46 79.74 20.84 -29.97
CA VAL B 46 80.78 21.72 -29.45
C VAL B 46 81.00 21.46 -27.96
N LEU B 47 79.94 21.17 -27.22
CA LEU B 47 80.08 20.85 -25.81
C LEU B 47 80.95 19.62 -25.61
N SER B 48 80.65 18.55 -26.36
CA SER B 48 81.43 17.32 -26.24
C SER B 48 82.88 17.53 -26.70
N ALA B 49 83.07 18.29 -27.78
CA ALA B 49 84.41 18.55 -28.28
C ALA B 49 85.23 19.34 -27.27
N LEU B 50 84.63 20.35 -26.64
CA LEU B 50 85.32 21.11 -25.61
C LEU B 50 85.63 20.24 -24.40
N GLU B 51 84.69 19.37 -24.02
CA GLU B 51 84.94 18.46 -22.91
C GLU B 51 86.14 17.56 -23.19
N GLU B 52 86.22 17.04 -24.42
CA GLU B 52 87.35 16.18 -24.79
C GLU B 52 88.65 16.97 -24.88
N ALA B 53 88.60 18.17 -25.45
CA ALA B 53 89.81 18.97 -25.65
C ALA B 53 90.40 19.43 -24.33
N LEU B 54 89.55 19.82 -23.37
CA LEU B 54 90.06 20.28 -22.08
C LEU B 54 90.73 19.18 -21.28
N LYS B 55 90.47 17.92 -21.62
CA LYS B 55 91.12 16.82 -20.93
C LYS B 55 92.61 16.82 -21.23
N GLY B 56 93.42 16.59 -20.19
CA GLY B 56 94.86 16.59 -20.36
C GLY B 56 95.50 17.95 -20.31
N ILE B 57 94.87 18.93 -19.68
CA ILE B 57 95.40 20.28 -19.57
C ILE B 57 95.77 20.50 -18.11
N GLY B 58 97.07 20.47 -17.82
CA GLY B 58 97.56 20.70 -16.48
C GLY B 58 97.13 19.59 -15.52
N LYS B 59 97.37 19.87 -14.23
CA LYS B 59 96.90 18.95 -13.19
C LYS B 59 95.40 19.07 -12.99
N VAL B 60 94.85 20.27 -13.13
CA VAL B 60 93.43 20.52 -13.03
C VAL B 60 92.95 21.02 -14.39
N GLU B 61 92.04 20.28 -15.00
CA GLU B 61 91.53 20.66 -16.31
C GLU B 61 90.57 21.85 -16.19
N PRO B 62 90.50 22.70 -17.21
CA PRO B 62 89.50 23.78 -17.20
C PRO B 62 88.09 23.22 -17.14
N VAL B 63 87.21 23.93 -16.44
CA VAL B 63 85.84 23.48 -16.25
C VAL B 63 85.03 23.77 -17.50
N VAL B 64 84.16 22.83 -17.88
CA VAL B 64 83.26 22.98 -19.01
C VAL B 64 81.87 22.57 -18.57
N LYS B 65 80.88 23.42 -18.86
CA LYS B 65 79.50 23.16 -18.48
C LYS B 65 78.57 23.68 -19.56
N PHE B 66 77.29 23.33 -19.44
CA PHE B 66 76.26 23.80 -20.36
C PHE B 66 75.25 24.65 -19.62
N THR B 67 74.67 25.61 -20.34
CA THR B 67 73.75 26.59 -19.75
C THR B 67 72.46 26.61 -20.54
N GLY B 68 71.57 27.53 -20.16
CA GLY B 68 70.34 27.77 -20.89
C GLY B 68 70.53 28.79 -21.99
N CYS B 69 69.41 29.31 -22.48
CA CYS B 69 69.45 30.30 -23.56
C CYS B 69 70.15 31.56 -23.10
N HIS B 70 71.18 31.97 -23.87
CA HIS B 70 71.91 33.18 -23.54
C HIS B 70 71.19 34.45 -23.98
N GLY B 71 70.22 34.34 -24.89
CA GLY B 71 69.44 35.48 -25.30
C GLY B 71 69.55 35.86 -26.76
N PHE B 72 70.76 35.81 -27.31
CA PHE B 72 70.98 36.15 -28.72
C PHE B 72 70.96 34.86 -29.53
N CYS B 73 69.73 34.43 -29.87
CA CYS B 73 69.57 33.18 -30.61
C CYS B 73 70.05 33.29 -32.06
N GLU B 74 70.13 34.51 -32.60
CA GLU B 74 70.63 34.69 -33.95
C GLU B 74 72.11 34.38 -34.07
N ARG B 75 72.83 34.27 -32.95
CA ARG B 75 74.26 33.99 -32.95
C ARG B 75 74.56 32.50 -33.02
N GLY B 76 73.56 31.64 -32.91
CA GLY B 76 73.78 30.21 -32.93
C GLY B 76 74.56 29.74 -31.73
N PRO B 77 75.37 28.68 -31.91
CA PRO B 77 76.14 28.13 -30.79
C PRO B 77 77.02 29.16 -30.10
N ILE B 78 76.79 29.37 -28.82
CA ILE B 78 77.49 30.38 -28.02
C ILE B 78 78.21 29.68 -26.89
N VAL B 79 79.53 29.85 -26.83
CA VAL B 79 80.35 29.37 -25.72
C VAL B 79 80.99 30.59 -25.06
N ILE B 80 80.90 30.66 -23.74
CA ILE B 80 81.47 31.76 -22.97
C ILE B 80 82.64 31.21 -22.19
N VAL B 81 83.84 31.67 -22.53
CA VAL B 81 85.05 31.31 -21.79
C VAL B 81 85.29 32.35 -20.70
N SER B 82 85.24 31.90 -19.45
CA SER B 82 85.47 32.73 -18.27
C SER B 82 86.90 33.27 -18.09
N PRO B 83 87.98 32.61 -18.62
CA PRO B 83 89.33 33.16 -18.38
C PRO B 83 89.46 34.62 -18.77
N GLY B 84 88.82 35.03 -19.87
CA GLY B 84 88.76 36.42 -20.23
C GLY B 84 87.35 36.96 -20.31
N GLU B 85 86.36 36.16 -19.89
CA GLU B 85 84.95 36.50 -20.00
C GLU B 85 84.61 36.96 -21.42
N ILE B 86 84.78 36.02 -22.35
CA ILE B 86 84.77 36.30 -23.78
C ILE B 86 83.52 35.67 -24.40
N PHE B 87 82.80 36.45 -25.21
CA PHE B 87 81.61 35.99 -25.91
C PHE B 87 82.02 35.47 -27.28
N TYR B 88 81.68 34.21 -27.56
CA TYR B 88 82.02 33.56 -28.82
C TYR B 88 80.74 33.17 -29.55
N GLN B 89 80.69 33.47 -30.86
CA GLN B 89 79.51 33.26 -31.67
C GLN B 89 79.83 32.31 -32.82
N ASN B 90 78.79 31.61 -33.29
CA ASN B 90 78.91 30.71 -34.44
C ASN B 90 80.05 29.71 -34.26
N VAL B 91 80.15 29.17 -33.05
CA VAL B 91 81.24 28.26 -32.71
C VAL B 91 80.94 26.90 -33.31
N LYS B 92 81.87 26.39 -34.12
CA LYS B 92 81.75 25.10 -34.76
C LYS B 92 82.77 24.13 -34.18
N THR B 93 82.68 22.87 -34.62
CA THR B 93 83.61 21.85 -34.15
C THR B 93 85.03 22.13 -34.63
N LYS B 94 85.18 22.76 -35.79
CA LYS B 94 86.52 23.12 -36.27
C LYS B 94 87.19 24.12 -35.33
N ASP B 95 86.41 25.01 -34.73
CA ASP B 95 86.94 26.07 -33.89
C ASP B 95 87.24 25.62 -32.46
N VAL B 96 86.87 24.39 -32.08
CA VAL B 96 87.11 23.94 -30.71
C VAL B 96 88.60 23.89 -30.36
N PRO B 97 89.46 23.21 -31.13
CA PRO B 97 90.88 23.20 -30.76
C PRO B 97 91.52 24.57 -30.79
N GLU B 98 91.11 25.43 -31.73
CA GLU B 98 91.66 26.78 -31.79
C GLU B 98 91.23 27.60 -30.60
N ILE B 99 89.96 27.49 -30.21
CA ILE B 99 89.48 28.17 -29.01
C ILE B 99 90.28 27.73 -27.81
N VAL B 100 90.43 26.41 -27.63
CA VAL B 100 91.18 25.91 -26.49
C VAL B 100 92.60 26.50 -26.51
N GLN B 101 93.36 26.21 -27.57
CA GLN B 101 94.78 26.52 -27.59
C GLN B 101 95.04 28.02 -27.49
N LYS B 102 94.26 28.84 -28.20
CA LYS B 102 94.53 30.27 -28.19
C LYS B 102 93.93 30.96 -26.97
N THR B 103 92.64 30.77 -26.71
CA THR B 103 92.00 31.52 -25.64
C THR B 103 92.25 30.89 -24.27
N ILE B 104 91.92 29.60 -24.11
CA ILE B 104 91.97 28.99 -22.79
C ILE B 104 93.42 28.83 -22.33
N LEU B 105 94.31 28.46 -23.25
CA LEU B 105 95.71 28.22 -22.92
C LEU B 105 96.58 29.45 -23.17
N ASP B 106 96.63 29.94 -24.41
CA ASP B 106 97.51 31.06 -24.74
C ASP B 106 96.93 32.41 -24.35
N GLY B 107 95.64 32.48 -24.02
CA GLY B 107 95.02 33.75 -23.68
C GLY B 107 94.73 34.64 -24.86
N GLU B 108 94.87 34.15 -26.09
CA GLU B 108 94.64 34.94 -27.29
C GLU B 108 93.16 34.90 -27.65
N VAL B 109 92.51 36.05 -27.65
CA VAL B 109 91.10 36.13 -28.01
C VAL B 109 90.99 36.04 -29.53
N ILE B 110 90.17 35.11 -30.00
CA ILE B 110 90.01 34.92 -31.44
C ILE B 110 89.15 36.06 -32.00
N GLU B 111 89.76 36.88 -32.86
CA GLU B 111 89.08 38.07 -33.37
C GLU B 111 87.90 37.70 -34.26
N ARG B 112 88.07 36.70 -35.13
CA ARG B 112 87.02 36.38 -36.09
C ARG B 112 85.81 35.72 -35.45
N LEU B 113 85.95 35.19 -34.24
CA LEU B 113 84.85 34.55 -33.53
C LEU B 113 84.05 35.53 -32.67
N LEU B 114 84.47 36.78 -32.59
CA LEU B 114 83.74 37.76 -31.80
C LEU B 114 82.61 38.36 -32.63
N TYR B 115 81.63 38.93 -31.93
CA TYR B 115 80.50 39.56 -32.60
C TYR B 115 80.93 40.89 -33.22
N ARG B 116 80.45 41.14 -34.43
CA ARG B 116 80.71 42.38 -35.14
C ARG B 116 79.38 43.09 -35.41
N ASP B 117 79.31 44.36 -35.06
CA ASP B 117 78.12 45.16 -35.33
C ASP B 117 78.03 45.41 -36.84
N PRO B 118 76.95 44.97 -37.51
CA PRO B 118 76.81 45.27 -38.93
C PRO B 118 76.56 46.74 -39.22
N VAL B 119 76.18 47.53 -38.22
CA VAL B 119 75.86 48.93 -38.42
C VAL B 119 77.11 49.80 -38.25
N THR B 120 77.69 49.77 -37.06
CA THR B 120 78.81 50.64 -36.73
C THR B 120 80.17 50.02 -37.01
N LYS B 121 80.22 48.75 -37.42
CA LYS B 121 81.46 48.04 -37.73
C LYS B 121 82.41 48.06 -36.52
N LYS B 122 81.95 47.46 -35.44
CA LYS B 122 82.70 47.39 -34.20
C LYS B 122 82.63 45.97 -33.65
N THR B 123 83.76 45.49 -33.11
CA THR B 123 83.85 44.17 -32.52
C THR B 123 83.68 44.28 -31.01
N TYR B 124 82.85 43.40 -30.44
CA TYR B 124 82.51 43.43 -29.03
C TYR B 124 83.10 42.21 -28.34
N ARG B 125 83.92 42.45 -27.31
CA ARG B 125 84.60 41.36 -26.62
C ARG B 125 83.64 40.60 -25.72
N SER B 126 82.80 41.31 -24.98
CA SER B 126 81.91 40.71 -23.98
C SER B 126 80.46 40.86 -24.41
N ASP B 127 79.58 40.15 -23.71
CA ASP B 127 78.16 40.18 -24.04
C ASP B 127 77.48 41.45 -23.57
N HIS B 128 77.95 42.06 -22.49
CA HIS B 128 77.26 43.23 -21.94
C HIS B 128 77.35 44.45 -22.85
N GLU B 129 78.33 44.49 -23.75
CA GLU B 129 78.49 45.62 -24.66
C GLU B 129 77.82 45.40 -26.02
N ILE B 130 77.23 44.22 -26.24
CA ILE B 130 76.46 43.98 -27.47
C ILE B 130 75.26 44.91 -27.50
N PRO B 131 75.02 45.65 -28.59
CA PRO B 131 73.83 46.52 -28.63
C PRO B 131 72.53 45.78 -28.37
N PHE B 132 72.39 44.57 -28.91
CA PHE B 132 71.24 43.73 -28.59
C PHE B 132 71.10 43.52 -27.08
N TYR B 133 72.22 43.28 -26.39
CA TYR B 133 72.18 43.08 -24.94
C TYR B 133 72.22 44.38 -24.17
N ALA B 134 72.89 45.41 -24.70
CA ALA B 134 73.10 46.63 -23.94
C ALA B 134 71.80 47.36 -23.63
N ASN B 135 70.77 47.16 -24.46
CA ASN B 135 69.50 47.86 -24.31
C ASN B 135 68.45 47.02 -23.60
N GLN B 136 68.87 46.01 -22.84
CA GLN B 136 67.97 45.12 -22.13
C GLN B 136 68.22 45.19 -20.63
N GLN B 137 67.20 44.80 -19.87
CA GLN B 137 67.27 44.67 -18.42
C GLN B 137 66.91 43.22 -18.08
N ARG B 138 67.90 42.34 -18.14
CA ARG B 138 67.68 40.91 -17.94
C ARG B 138 67.61 40.66 -16.43
N LEU B 139 66.39 40.68 -15.90
CA LEU B 139 66.13 40.49 -14.48
C LEU B 139 65.62 39.10 -14.16
N VAL B 140 64.57 38.64 -14.84
CA VAL B 140 64.07 37.29 -14.65
C VAL B 140 65.07 36.28 -15.18
N LEU B 141 65.72 36.60 -16.30
CA LEU B 141 66.68 35.70 -16.96
C LEU B 141 68.11 36.00 -16.55
N ARG B 142 68.34 36.47 -15.32
CA ARG B 142 69.70 36.84 -14.91
C ARG B 142 70.61 35.64 -14.84
N ARG B 143 70.09 34.49 -14.40
CA ARG B 143 70.91 33.28 -14.27
C ARG B 143 71.01 32.49 -15.56
N SER B 144 70.05 32.62 -16.46
CA SER B 144 70.10 31.88 -17.73
C SER B 144 71.32 32.30 -18.53
N GLY B 145 72.04 31.30 -19.06
CA GLY B 145 73.25 31.54 -19.80
C GLY B 145 74.50 31.67 -18.94
N HIS B 146 74.37 31.55 -17.62
CA HIS B 146 75.52 31.66 -16.72
C HIS B 146 75.63 30.52 -15.71
N ILE B 147 74.60 29.69 -15.58
CA ILE B 147 74.59 28.60 -14.61
C ILE B 147 74.25 27.30 -15.34
N ASP B 148 74.57 26.19 -14.68
CA ASP B 148 74.09 24.90 -15.14
C ASP B 148 72.68 24.69 -14.62
N PRO B 149 71.67 24.59 -15.48
CA PRO B 149 70.29 24.46 -14.98
C PRO B 149 70.04 23.21 -14.16
N THR B 150 70.82 22.15 -14.37
CA THR B 150 70.68 20.92 -13.61
C THR B 150 71.44 20.96 -12.28
N SER B 151 72.33 21.92 -12.08
CA SER B 151 73.15 22.00 -10.88
C SER B 151 72.53 23.01 -9.93
N ILE B 152 71.98 22.51 -8.82
CA ILE B 152 71.40 23.41 -7.82
C ILE B 152 72.50 24.15 -7.05
N GLU B 153 73.75 23.69 -7.13
CA GLU B 153 74.85 24.42 -6.50
C GLU B 153 75.03 25.79 -7.13
N ASP B 154 74.96 25.87 -8.46
CA ASP B 154 75.05 27.16 -9.15
C ASP B 154 73.91 28.08 -8.73
N TYR B 155 72.70 27.53 -8.61
CA TYR B 155 71.55 28.34 -8.21
C TYR B 155 71.70 28.84 -6.78
N ILE B 156 72.15 27.98 -5.86
CA ILE B 156 72.30 28.38 -4.47
C ILE B 156 73.39 29.44 -4.33
N ALA B 157 74.53 29.23 -5.00
CA ALA B 157 75.62 30.20 -4.90
C ALA B 157 75.26 31.55 -5.50
N THR B 158 74.21 31.61 -6.32
CA THR B 158 73.73 32.85 -6.92
C THR B 158 72.51 33.41 -6.18
N ASP B 159 72.49 33.26 -4.85
CA ASP B 159 71.38 33.73 -4.01
C ASP B 159 70.06 33.06 -4.39
N GLY B 160 70.11 31.76 -4.62
CA GLY B 160 68.90 31.00 -4.87
C GLY B 160 68.36 30.37 -3.60
N TYR B 161 67.03 30.31 -3.51
CA TYR B 161 66.29 29.81 -2.35
C TYR B 161 66.52 30.65 -1.10
N GLU B 162 67.20 31.78 -1.21
CA GLU B 162 67.32 32.70 -0.09
C GLU B 162 66.02 33.48 0.12
N ALA B 163 65.35 33.86 -0.97
CA ALA B 163 64.06 34.50 -0.86
C ALA B 163 63.03 33.58 -0.23
N LEU B 164 63.20 32.26 -0.35
CA LEU B 164 62.36 31.33 0.40
C LEU B 164 62.62 31.44 1.89
N CYS B 165 63.89 31.60 2.28
CA CYS B 165 64.22 31.79 3.70
C CYS B 165 63.61 33.09 4.21
N LEU B 166 63.64 34.15 3.40
CA LEU B 166 62.98 35.39 3.79
C LEU B 166 61.47 35.22 3.90
N ALA B 167 60.88 34.49 2.97
CA ALA B 167 59.43 34.27 2.98
C ALA B 167 59.00 33.48 4.20
N PHE B 168 59.81 32.51 4.63
CA PHE B 168 59.46 31.74 5.82
C PHE B 168 59.42 32.62 7.06
N LYS B 169 60.27 33.65 7.12
CA LYS B 169 60.21 34.60 8.21
C LYS B 169 59.05 35.58 8.06
N LEU B 170 58.74 35.98 6.83
CA LEU B 170 57.69 36.98 6.62
C LEU B 170 56.32 36.45 7.02
N GLY B 171 56.00 35.21 6.67
CA GLY B 171 54.71 34.64 6.97
C GLY B 171 53.74 34.78 5.82
N PRO B 172 52.74 33.88 5.76
CA PRO B 172 51.85 33.85 4.59
C PRO B 172 51.12 35.15 4.33
N ASP B 173 50.72 35.88 5.36
CA ASP B 173 50.03 37.15 5.15
C ASP B 173 50.96 38.20 4.56
N GLU B 174 52.18 38.31 5.08
CA GLU B 174 53.09 39.35 4.61
C GLU B 174 53.58 39.08 3.20
N ILE B 175 53.73 37.81 2.82
CA ILE B 175 54.15 37.50 1.45
C ILE B 175 53.11 37.97 0.46
N ILE B 176 51.83 37.68 0.73
CA ILE B 176 50.77 38.11 -0.17
C ILE B 176 50.62 39.61 -0.15
N LYS B 177 50.82 40.25 1.01
CA LYS B 177 50.77 41.71 1.05
C LYS B 177 51.87 42.32 0.20
N GLN B 178 53.08 41.75 0.24
CA GLN B 178 54.18 42.27 -0.56
C GLN B 178 53.97 41.98 -2.05
N ILE B 179 53.31 40.88 -2.39
CA ILE B 179 53.07 40.58 -3.80
C ILE B 179 52.09 41.56 -4.41
N THR B 180 51.00 41.87 -3.70
CA THR B 180 50.02 42.81 -4.23
C THR B 180 50.60 44.22 -4.34
N ASP B 181 51.38 44.64 -3.35
CA ASP B 181 51.98 45.96 -3.37
C ASP B 181 53.07 46.10 -4.42
N SER B 182 53.52 44.99 -4.99
CA SER B 182 54.51 45.02 -6.07
C SER B 182 53.88 45.22 -7.44
N TYR B 183 52.55 45.21 -7.52
CA TYR B 183 51.82 45.35 -8.79
C TYR B 183 52.28 44.32 -9.81
N LEU B 184 52.50 43.09 -9.34
CA LEU B 184 52.88 42.00 -10.21
C LEU B 184 51.64 41.52 -10.96
N ARG B 185 51.58 41.84 -12.25
CA ARG B 185 50.49 41.39 -13.10
C ARG B 185 50.94 40.16 -13.88
N GLY B 186 50.02 39.22 -14.09
CA GLY B 186 50.34 37.96 -14.70
C GLY B 186 51.00 38.07 -16.06
N ARG B 187 52.13 37.39 -16.22
CA ARG B 187 52.91 37.44 -17.45
C ARG B 187 52.43 36.48 -18.51
N GLY B 188 51.27 35.86 -18.30
CA GLY B 188 50.69 34.96 -19.27
C GLY B 188 49.82 35.64 -20.31
N GLY B 189 49.88 36.97 -20.40
CA GLY B 189 49.11 37.74 -21.35
C GLY B 189 47.85 38.36 -20.79
N GLY B 190 47.19 37.69 -19.85
CA GLY B 190 45.98 38.23 -19.27
C GLY B 190 46.22 39.54 -18.53
N GLY B 191 47.35 39.64 -17.84
CA GLY B 191 47.68 40.85 -17.11
C GLY B 191 47.00 41.01 -15.78
N PHE B 192 46.30 39.98 -15.30
CA PHE B 192 45.64 40.08 -14.00
C PHE B 192 46.68 40.13 -12.89
N ARG B 193 46.31 40.80 -11.80
CA ARG B 193 47.23 41.03 -10.69
C ARG B 193 47.46 39.73 -9.92
N THR B 194 48.73 39.34 -9.76
CA THR B 194 49.05 38.10 -9.08
C THR B 194 48.67 38.16 -7.61
N GLY B 195 48.86 39.31 -6.97
CA GLY B 195 48.53 39.44 -5.57
C GLY B 195 47.07 39.17 -5.27
N TYR B 196 46.17 39.68 -6.12
CA TYR B 196 44.75 39.41 -5.94
C TYR B 196 44.44 37.93 -6.08
N LYS B 197 45.10 37.25 -7.03
CA LYS B 197 44.88 35.83 -7.21
C LYS B 197 45.33 35.03 -5.99
N TRP B 198 46.52 35.34 -5.47
CA TRP B 198 47.01 34.65 -4.28
C TRP B 198 46.12 34.93 -3.07
N LYS B 199 45.70 36.19 -2.90
CA LYS B 199 44.86 36.53 -1.76
C LYS B 199 43.49 35.87 -1.86
N SER B 200 42.88 35.87 -3.04
CA SER B 200 41.58 35.24 -3.20
C SER B 200 41.67 33.72 -3.14
N CYS B 201 42.86 33.15 -3.31
CA CYS B 201 43.00 31.72 -3.03
C CYS B 201 43.27 31.44 -1.56
N ARG B 202 43.90 32.37 -0.85
CA ARG B 202 44.08 32.18 0.59
C ARG B 202 42.79 32.42 1.36
N GLU B 203 41.89 33.26 0.85
CA GLU B 203 40.66 33.58 1.56
C GLU B 203 39.76 32.36 1.70
N VAL B 204 39.63 31.57 0.64
CA VAL B 204 38.74 30.41 0.67
C VAL B 204 39.34 29.34 1.56
N ASP B 205 38.52 28.80 2.47
CA ASP B 205 38.98 27.85 3.48
C ASP B 205 38.88 26.40 3.02
N ASP B 206 38.42 26.14 1.80
CA ASP B 206 38.36 24.76 1.31
C ASP B 206 39.78 24.26 1.04
N PHE B 207 40.13 23.13 1.64
CA PHE B 207 41.43 22.52 1.50
C PHE B 207 41.29 21.13 0.91
N PRO B 208 42.33 20.61 0.23
CA PRO B 208 43.67 21.18 0.02
C PRO B 208 43.70 22.28 -1.05
N LYS B 209 44.88 22.88 -1.25
CA LYS B 209 45.08 23.91 -2.25
C LYS B 209 46.28 23.54 -3.11
N TYR B 210 46.34 24.13 -4.31
CA TYR B 210 47.38 23.82 -5.28
C TYR B 210 47.93 25.09 -5.89
N VAL B 211 49.16 25.00 -6.37
CA VAL B 211 49.78 26.01 -7.21
C VAL B 211 50.24 25.34 -8.49
N ILE B 212 50.03 26.02 -9.62
CA ILE B 212 50.37 25.45 -10.92
C ILE B 212 51.26 26.44 -11.65
N ALA B 213 52.16 25.89 -12.48
CA ALA B 213 52.99 26.68 -13.37
C ALA B 213 52.64 26.29 -14.79
N ASN B 214 52.18 27.25 -15.58
CA ASN B 214 51.74 26.99 -16.95
C ASN B 214 52.96 27.06 -17.85
N GLY B 215 53.68 25.95 -17.94
CA GLY B 215 54.82 25.87 -18.84
C GLY B 215 54.45 25.63 -20.28
N ASP B 216 53.18 25.37 -20.56
CA ASP B 216 52.69 25.32 -21.93
C ASP B 216 52.92 26.67 -22.60
N GLU B 217 53.47 26.64 -23.80
CA GLU B 217 53.66 27.85 -24.62
C GLU B 217 52.97 27.59 -25.94
N GLY B 218 51.66 27.85 -25.98
CA GLY B 218 50.86 27.51 -27.15
C GLY B 218 51.07 28.45 -28.32
N ASP B 219 51.53 29.66 -28.05
CA ASP B 219 51.68 30.66 -29.10
C ASP B 219 52.74 30.23 -30.11
N PRO B 220 52.40 30.12 -31.39
CA PRO B 220 53.42 29.77 -32.39
C PRO B 220 54.38 30.93 -32.60
N GLY B 221 55.67 30.62 -32.65
CA GLY B 221 56.68 31.65 -32.74
C GLY B 221 57.11 32.23 -31.41
N ALA B 222 56.74 31.60 -30.29
CA ALA B 222 57.08 32.09 -28.96
C ALA B 222 57.76 30.97 -28.20
N PHE B 223 58.87 31.30 -27.53
CA PHE B 223 59.63 30.29 -26.78
C PHE B 223 60.20 30.82 -25.46
N MET B 224 59.73 31.97 -24.97
CA MET B 224 60.35 32.55 -23.77
C MET B 224 60.04 31.72 -22.53
N ASP B 225 58.83 31.17 -22.43
CA ASP B 225 58.52 30.32 -21.27
C ASP B 225 59.34 29.05 -21.28
N ARG B 226 59.50 28.44 -22.46
CA ARG B 226 60.31 27.23 -22.56
C ARG B 226 61.78 27.53 -22.29
N SER B 227 62.28 28.65 -22.81
CA SER B 227 63.66 29.04 -22.56
C SER B 227 63.89 29.39 -21.10
N LEU B 228 62.88 29.90 -20.41
CA LEU B 228 63.00 30.13 -18.97
C LEU B 228 63.03 28.80 -18.23
N MET B 229 62.11 27.89 -18.55
CA MET B 229 62.07 26.59 -17.88
C MET B 229 63.33 25.77 -18.15
N GLU B 230 64.03 26.06 -19.24
CA GLU B 230 65.28 25.36 -19.53
C GLU B 230 66.51 26.06 -18.97
N GLY B 231 66.52 27.40 -18.95
CA GLY B 231 67.66 28.11 -18.42
C GLY B 231 67.82 27.95 -16.92
N ASP B 232 66.73 28.05 -16.17
CA ASP B 232 66.79 27.91 -14.71
C ASP B 232 65.44 27.49 -14.15
N PRO B 233 65.19 26.18 -14.03
CA PRO B 233 63.95 25.72 -13.40
C PRO B 233 63.85 26.02 -11.92
N HIS B 234 64.96 26.32 -11.26
CA HIS B 234 64.91 26.54 -9.82
C HIS B 234 64.26 27.87 -9.48
N SER B 235 64.37 28.87 -10.35
CA SER B 235 63.62 30.11 -10.16
C SER B 235 62.12 29.91 -10.32
N VAL B 236 61.69 28.80 -10.91
CA VAL B 236 60.27 28.45 -10.95
C VAL B 236 59.88 27.63 -9.73
N ILE B 237 60.76 26.71 -9.32
CA ILE B 237 60.48 25.89 -8.14
C ILE B 237 60.38 26.77 -6.89
N GLU B 238 61.32 27.71 -6.73
CA GLU B 238 61.29 28.61 -5.58
C GLU B 238 60.01 29.45 -5.59
N GLY B 239 59.62 29.95 -6.76
CA GLY B 239 58.37 30.69 -6.85
C GLY B 239 57.17 29.84 -6.45
N MET B 240 57.16 28.58 -6.89
CA MET B 240 56.07 27.69 -6.53
C MET B 240 56.07 27.32 -5.05
N ILE B 241 57.23 27.42 -4.38
CA ILE B 241 57.24 27.18 -2.94
C ILE B 241 56.80 28.42 -2.17
N ILE B 242 57.25 29.60 -2.60
CA ILE B 242 56.83 30.84 -1.94
C ILE B 242 55.32 31.03 -2.10
N GLY B 243 54.80 30.86 -3.31
CA GLY B 243 53.38 31.06 -3.55
C GLY B 243 52.51 30.00 -2.92
N ALA B 244 53.08 28.86 -2.56
CA ALA B 244 52.34 27.82 -1.85
C ALA B 244 52.35 28.06 -0.35
N TYR B 245 53.50 28.44 0.21
CA TYR B 245 53.56 28.79 1.62
C TYR B 245 52.67 30.00 1.91
N ALA B 246 52.60 30.95 0.97
CA ALA B 246 51.75 32.11 1.15
C ALA B 246 50.27 31.73 1.20
N ILE B 247 49.83 30.83 0.31
CA ILE B 247 48.42 30.45 0.24
C ILE B 247 48.12 29.15 0.98
N GLY B 248 49.13 28.48 1.51
CA GLY B 248 48.92 27.24 2.24
C GLY B 248 48.84 25.99 1.40
N ALA B 249 49.15 26.07 0.11
CA ALA B 249 49.10 24.89 -0.74
C ALA B 249 50.18 23.89 -0.34
N ASN B 250 49.84 22.60 -0.42
CA ASN B 250 50.77 21.53 -0.06
C ASN B 250 51.27 20.74 -1.26
N GLU B 251 50.64 20.88 -2.42
CA GLU B 251 51.06 20.18 -3.62
C GLU B 251 51.25 21.18 -4.76
N GLY B 252 52.17 20.86 -5.65
CA GLY B 252 52.46 21.74 -6.78
C GLY B 252 52.63 20.97 -8.08
N TYR B 253 52.14 21.55 -9.17
CA TYR B 253 52.23 20.94 -10.49
C TYR B 253 52.82 21.92 -11.48
N ILE B 254 53.66 21.41 -12.38
CA ILE B 254 54.19 22.19 -13.49
C ILE B 254 53.65 21.55 -14.77
N TYR B 255 52.79 22.28 -15.47
CA TYR B 255 52.17 21.76 -16.68
C TYR B 255 53.03 22.15 -17.87
N VAL B 256 53.61 21.15 -18.54
CA VAL B 256 54.48 21.38 -19.68
C VAL B 256 54.02 20.50 -20.83
N ARG B 257 54.75 20.56 -21.95
CA ARG B 257 54.44 19.75 -23.11
C ARG B 257 55.42 18.58 -23.21
N ASN B 258 54.92 17.45 -23.68
CA ASN B 258 55.80 16.33 -24.02
C ASN B 258 56.72 16.67 -25.18
N GLU B 259 56.37 17.68 -25.97
CA GLU B 259 57.19 18.16 -27.07
C GLU B 259 58.39 18.96 -26.61
N TYR B 260 58.57 19.14 -25.30
CA TYR B 260 59.72 19.87 -24.76
C TYR B 260 60.58 18.91 -23.93
N PRO B 261 61.26 17.96 -24.54
CA PRO B 261 62.05 17.00 -23.75
C PRO B 261 63.13 17.65 -22.92
N LEU B 262 63.73 18.73 -23.43
CA LEU B 262 64.76 19.44 -22.68
C LEU B 262 64.18 20.10 -21.43
N ALA B 263 63.05 20.80 -21.58
CA ALA B 263 62.42 21.45 -20.44
C ALA B 263 61.92 20.43 -19.44
N VAL B 264 61.30 19.35 -19.90
CA VAL B 264 60.79 18.32 -19.00
C VAL B 264 61.93 17.69 -18.23
N ARG B 265 63.01 17.31 -18.93
CA ARG B 265 64.11 16.64 -18.25
C ARG B 265 64.81 17.58 -17.27
N ARG B 266 64.97 18.86 -17.62
CA ARG B 266 65.63 19.77 -16.71
C ARG B 266 64.76 20.12 -15.50
N LEU B 267 63.44 20.25 -15.69
CA LEU B 267 62.55 20.48 -14.56
C LEU B 267 62.54 19.28 -13.63
N GLN B 268 62.47 18.07 -14.17
CA GLN B 268 62.51 16.87 -13.34
C GLN B 268 63.83 16.75 -12.60
N ILE B 269 64.94 17.04 -13.28
CA ILE B 269 66.24 17.01 -12.62
C ILE B 269 66.29 18.02 -11.48
N ALA B 270 65.78 19.22 -11.72
CA ALA B 270 65.77 20.24 -10.67
C ALA B 270 64.93 19.79 -9.47
N ILE B 271 63.77 19.20 -9.73
CA ILE B 271 62.94 18.70 -8.63
C ILE B 271 63.67 17.63 -7.84
N GLU B 272 64.31 16.69 -8.55
CA GLU B 272 65.06 15.63 -7.89
C GLU B 272 66.22 16.20 -7.07
N ARG B 273 66.82 17.29 -7.52
CA ARG B 273 67.84 17.95 -6.72
C ARG B 273 67.24 18.63 -5.51
N ALA B 274 66.03 19.17 -5.63
CA ALA B 274 65.42 19.89 -4.51
C ALA B 274 65.02 18.93 -3.40
N ARG B 275 64.39 17.80 -3.75
CA ARG B 275 63.96 16.84 -2.75
C ARG B 275 65.15 16.24 -2.00
N GLU B 276 66.29 16.09 -2.68
CA GLU B 276 67.49 15.63 -2.00
C GLU B 276 67.96 16.63 -0.96
N TYR B 277 67.83 17.93 -1.25
CA TYR B 277 68.38 18.98 -0.42
C TYR B 277 67.40 19.48 0.64
N GLY B 278 66.21 18.90 0.72
CA GLY B 278 65.23 19.29 1.72
C GLY B 278 64.39 20.48 1.36
N LEU B 279 64.65 21.13 0.22
CA LEU B 279 63.84 22.27 -0.21
C LEU B 279 62.46 21.84 -0.72
N LEU B 280 62.27 20.54 -0.97
CA LEU B 280 60.97 19.98 -1.31
C LEU B 280 60.78 18.69 -0.54
N GLY B 281 59.57 18.47 -0.06
CA GLY B 281 59.29 17.27 0.71
C GLY B 281 58.57 17.55 2.01
N LYS B 282 59.20 17.21 3.13
CA LYS B 282 58.60 17.35 4.45
C LYS B 282 59.47 18.22 5.33
N ASN B 283 58.83 19.10 6.10
CA ASN B 283 59.49 19.98 7.06
C ASN B 283 60.61 20.78 6.39
N ILE B 284 60.21 21.56 5.38
CA ILE B 284 61.18 22.31 4.58
C ILE B 284 61.84 23.37 5.45
N LEU B 285 63.16 23.24 5.60
CA LEU B 285 63.99 24.23 6.32
C LEU B 285 63.51 24.44 7.75
N GLY B 286 62.97 23.39 8.38
CA GLY B 286 62.51 23.52 9.75
C GLY B 286 61.39 24.52 9.93
N SER B 287 60.50 24.63 8.95
CA SER B 287 59.37 25.54 9.01
C SER B 287 58.04 24.82 9.18
N GLY B 288 58.03 23.50 9.18
CA GLY B 288 56.80 22.75 9.31
C GLY B 288 55.87 22.86 8.13
N PHE B 289 56.36 23.31 6.99
CA PHE B 289 55.56 23.46 5.78
C PHE B 289 56.06 22.43 4.76
N ASP B 290 55.26 21.40 4.52
CA ASP B 290 55.61 20.34 3.59
C ASP B 290 55.03 20.64 2.22
N PHE B 291 55.89 20.61 1.20
CA PHE B 291 55.47 20.93 -0.16
C PHE B 291 56.31 20.13 -1.14
N ASP B 292 55.65 19.59 -2.17
CA ASP B 292 56.32 18.76 -3.16
C ASP B 292 55.78 19.10 -4.55
N ILE B 293 56.67 19.13 -5.53
CA ILE B 293 56.33 19.51 -6.90
C ILE B 293 56.38 18.28 -7.80
N GLN B 294 55.39 18.15 -8.67
CA GLN B 294 55.39 17.15 -9.74
C GLN B 294 55.39 17.87 -11.09
N ILE B 295 55.39 17.08 -12.16
CA ILE B 295 55.39 17.61 -13.52
C ILE B 295 54.38 16.86 -14.37
N CYS B 296 53.24 17.49 -14.62
CA CYS B 296 52.29 16.98 -15.60
C CYS B 296 52.73 17.46 -16.98
N LYS B 297 53.05 16.52 -17.87
CA LYS B 297 53.49 16.83 -19.22
C LYS B 297 52.42 16.34 -20.19
N GLY B 298 51.76 17.29 -20.86
CA GLY B 298 50.76 16.95 -21.86
C GLY B 298 51.30 17.00 -23.27
N GLY B 299 50.40 16.75 -24.23
CA GLY B 299 50.73 16.88 -25.63
C GLY B 299 50.60 18.31 -26.11
N GLY B 300 50.89 18.51 -27.38
CA GLY B 300 50.83 19.84 -27.94
C GLY B 300 49.42 20.25 -28.29
N ALA B 301 48.89 21.25 -27.58
CA ALA B 301 47.55 21.74 -27.82
C ALA B 301 47.48 23.19 -27.38
N PHE B 302 47.06 24.06 -28.31
CA PHE B 302 46.97 25.49 -28.00
C PHE B 302 45.94 25.74 -26.90
N VAL B 303 44.79 25.06 -26.97
CA VAL B 303 43.73 25.30 -26.01
C VAL B 303 44.10 24.81 -24.61
N CYS B 304 44.96 23.79 -24.52
CA CYS B 304 45.35 23.27 -23.22
C CYS B 304 46.07 24.31 -22.37
N GLY B 305 46.60 25.37 -22.98
CA GLY B 305 47.15 26.47 -22.19
C GLY B 305 46.10 27.21 -21.40
N GLU B 306 44.87 27.25 -21.90
CA GLU B 306 43.77 27.89 -21.18
C GLU B 306 43.59 27.24 -19.81
N SER B 307 43.37 28.08 -18.79
CA SER B 307 43.30 27.62 -17.40
C SER B 307 42.32 26.47 -17.21
N SER B 308 41.06 26.70 -17.61
CA SER B 308 40.05 25.67 -17.42
C SER B 308 40.38 24.40 -18.21
N ALA B 309 40.99 24.55 -19.38
CA ALA B 309 41.42 23.38 -20.14
C ALA B 309 42.67 22.76 -19.52
N LEU B 310 43.55 23.58 -18.96
CA LEU B 310 44.75 23.05 -18.31
C LEU B 310 44.39 22.19 -17.11
N MET B 311 43.41 22.62 -16.31
CA MET B 311 42.98 21.81 -15.17
C MET B 311 42.46 20.45 -15.63
N ARG B 312 41.62 20.44 -16.67
CA ARG B 312 41.08 19.19 -17.18
C ARG B 312 42.19 18.30 -17.74
N SER B 313 43.16 18.89 -18.44
CA SER B 313 44.27 18.11 -18.99
C SER B 313 45.12 17.50 -17.88
N ILE B 314 45.31 18.24 -16.78
CA ILE B 314 46.02 17.68 -15.63
C ILE B 314 45.21 16.55 -15.01
N GLU B 315 43.89 16.72 -14.93
CA GLU B 315 43.05 15.73 -14.26
C GLU B 315 43.02 14.40 -15.00
N GLY B 316 43.27 14.41 -16.31
CA GLY B 316 43.24 13.19 -17.08
C GLY B 316 42.16 13.17 -18.13
N TYR B 317 41.78 14.36 -18.60
CA TYR B 317 40.73 14.56 -19.57
C TYR B 317 41.27 15.35 -20.76
N PRO B 318 40.57 15.34 -21.90
CA PRO B 318 40.97 16.25 -22.99
C PRO B 318 40.90 17.69 -22.53
N GLY B 319 41.87 18.48 -22.98
CA GLY B 319 41.95 19.86 -22.57
C GLY B 319 40.93 20.75 -23.25
N VAL B 320 39.66 20.54 -22.95
CA VAL B 320 38.56 21.30 -23.55
C VAL B 320 38.14 22.37 -22.54
N PRO B 321 38.17 23.65 -22.91
CA PRO B 321 37.75 24.70 -21.97
C PRO B 321 36.28 24.55 -21.59
N ARG B 322 35.97 24.95 -20.36
CA ARG B 322 34.62 24.89 -19.84
C ARG B 322 34.21 26.27 -19.34
N VAL B 323 32.95 26.63 -19.58
CA VAL B 323 32.43 27.92 -19.14
C VAL B 323 32.17 27.85 -17.64
N LYS B 324 32.84 28.73 -16.89
CA LYS B 324 32.68 28.79 -15.45
C LYS B 324 32.61 30.24 -15.00
N TYR B 325 31.71 30.52 -14.07
CA TYR B 325 31.55 31.85 -13.50
C TYR B 325 32.17 31.96 -12.11
N ILE B 326 32.92 30.95 -11.70
CA ILE B 326 33.69 30.97 -10.46
C ILE B 326 35.15 30.77 -10.82
N HIS B 327 36.01 31.67 -10.34
CA HIS B 327 37.40 31.66 -10.76
C HIS B 327 38.13 30.43 -10.22
N ALA B 328 39.24 30.09 -10.89
CA ALA B 328 40.00 28.91 -10.54
C ALA B 328 40.62 28.99 -9.15
N THR B 329 40.68 30.19 -8.57
CA THR B 329 41.17 30.35 -7.21
C THR B 329 40.17 29.89 -6.16
N GLU B 330 38.95 29.53 -6.57
CA GLU B 330 37.93 29.01 -5.68
C GLU B 330 37.51 27.60 -6.03
N GLN B 331 37.31 27.30 -7.33
CA GLN B 331 37.06 25.95 -7.82
C GLN B 331 37.96 25.73 -9.03
N GLY B 332 39.16 25.22 -8.79
CA GLY B 332 40.11 24.99 -9.87
C GLY B 332 40.38 23.53 -10.14
N LEU B 333 41.55 23.06 -9.72
CA LEU B 333 41.94 21.68 -9.95
C LEU B 333 41.19 20.77 -8.99
N TRP B 334 40.37 19.86 -9.54
CA TRP B 334 39.49 18.98 -8.76
C TRP B 334 38.57 19.79 -7.85
N ASP B 335 38.10 20.94 -8.37
CA ASP B 335 37.18 21.82 -7.65
C ASP B 335 37.74 22.30 -6.32
N LYS B 336 39.07 22.37 -6.22
CA LYS B 336 39.77 22.91 -5.08
C LYS B 336 40.39 24.25 -5.42
N PRO B 337 40.68 25.09 -4.43
CA PRO B 337 41.38 26.34 -4.72
C PRO B 337 42.72 26.07 -5.39
N THR B 338 43.04 26.91 -6.39
CA THR B 338 44.19 26.66 -7.24
C THR B 338 44.70 27.98 -7.81
N VAL B 339 45.98 28.25 -7.65
CA VAL B 339 46.63 29.42 -8.22
C VAL B 339 47.37 28.97 -9.46
N LEU B 340 46.96 29.45 -10.62
CA LEU B 340 47.61 29.14 -11.88
C LEU B 340 48.28 30.40 -12.41
N ASN B 341 49.61 30.37 -12.44
CA ASN B 341 50.41 31.43 -13.04
C ASN B 341 51.40 30.80 -14.00
N ASN B 342 51.77 31.53 -15.04
CA ASN B 342 52.75 30.99 -15.96
C ASN B 342 54.14 31.04 -15.33
N VAL B 343 55.08 30.35 -15.97
CA VAL B 343 56.40 30.17 -15.38
C VAL B 343 57.12 31.50 -15.20
N GLU B 344 56.85 32.48 -16.06
CA GLU B 344 57.51 33.78 -15.89
C GLU B 344 56.91 34.56 -14.73
N THR B 345 55.60 34.41 -14.47
CA THR B 345 55.02 35.04 -13.30
C THR B 345 55.59 34.47 -12.01
N TRP B 346 55.76 33.14 -11.96
CA TRP B 346 56.35 32.52 -10.79
C TRP B 346 57.79 32.94 -10.59
N ALA B 347 58.54 33.13 -11.68
CA ALA B 347 59.96 33.48 -11.57
C ALA B 347 60.17 34.89 -11.04
N ASN B 348 59.18 35.77 -11.15
CA ASN B 348 59.30 37.12 -10.62
C ASN B 348 59.13 37.17 -9.10
N VAL B 349 58.46 36.18 -8.52
CA VAL B 349 58.23 36.18 -7.07
C VAL B 349 59.53 36.18 -6.28
N PRO B 350 60.52 35.32 -6.57
CA PRO B 350 61.81 35.44 -5.86
C PRO B 350 62.46 36.79 -6.03
N ILE B 351 62.33 37.40 -7.21
CA ILE B 351 62.88 38.74 -7.40
C ILE B 351 62.17 39.75 -6.52
N ILE B 352 60.84 39.64 -6.43
CA ILE B 352 60.06 40.57 -5.62
C ILE B 352 60.45 40.47 -4.15
N LEU B 353 60.55 39.24 -3.64
CA LEU B 353 60.84 39.08 -2.22
C LEU B 353 62.32 39.18 -1.89
N MET B 354 63.20 39.12 -2.88
CA MET B 354 64.63 39.24 -2.63
C MET B 354 65.12 40.67 -2.75
N ASN B 355 64.73 41.37 -3.81
CA ASN B 355 65.17 42.74 -4.03
C ASN B 355 64.21 43.77 -3.46
N GLY B 356 63.08 43.36 -2.91
CA GLY B 356 62.17 44.27 -2.25
C GLY B 356 61.07 44.76 -3.16
N VAL B 357 59.96 45.18 -2.55
CA VAL B 357 58.81 45.69 -3.29
C VAL B 357 59.12 47.05 -3.89
N GLU B 358 59.77 47.93 -3.11
CA GLU B 358 60.05 49.28 -3.58
C GLU B 358 60.98 49.27 -4.78
N TRP B 359 61.98 48.38 -4.79
CA TRP B 359 62.86 48.27 -5.93
C TRP B 359 62.12 47.70 -7.14
N TYR B 360 61.23 46.73 -6.92
CA TYR B 360 60.49 46.15 -8.04
C TYR B 360 59.57 47.17 -8.69
N LYS B 361 58.90 48.00 -7.89
CA LYS B 361 58.01 49.00 -8.46
C LYS B 361 58.76 50.13 -9.15
N SER B 362 60.06 50.27 -8.90
CA SER B 362 60.84 51.31 -9.56
C SER B 362 61.05 51.05 -11.05
N LEU B 363 60.73 49.85 -11.52
CA LEU B 363 60.84 49.49 -12.93
C LEU B 363 59.49 49.63 -13.62
N GLY B 364 59.54 49.86 -14.93
CA GLY B 364 58.32 49.96 -15.71
C GLY B 364 57.58 51.25 -15.48
N THR B 365 56.34 51.26 -15.96
CA THR B 365 55.46 52.41 -15.84
C THR B 365 54.54 52.26 -14.63
N GLU B 366 53.60 53.18 -14.49
CA GLU B 366 52.62 53.08 -13.41
C GLU B 366 51.62 51.97 -13.73
N ARG B 367 51.31 51.17 -12.71
CA ARG B 367 50.42 50.00 -12.76
C ARG B 367 51.01 48.84 -13.56
N ASN B 368 52.17 49.02 -14.19
CA ASN B 368 52.82 47.96 -14.97
C ASN B 368 54.31 47.99 -14.57
N SER B 369 54.64 47.25 -13.53
CA SER B 369 55.99 47.23 -12.98
C SER B 369 56.75 46.00 -13.46
N GLY B 370 58.04 45.97 -13.12
CA GLY B 370 58.88 44.84 -13.47
C GLY B 370 59.30 44.86 -14.93
N THR B 371 59.69 43.68 -15.41
CA THR B 371 60.16 43.49 -16.78
C THR B 371 59.26 42.50 -17.50
N LYS B 372 59.50 42.33 -18.79
CA LYS B 372 58.77 41.39 -19.62
C LYS B 372 59.72 40.77 -20.61
N ILE B 373 59.55 39.47 -20.88
CA ILE B 373 60.39 38.74 -21.82
C ILE B 373 59.67 38.64 -23.14
N PHE B 374 60.32 39.08 -24.22
CA PHE B 374 59.75 39.06 -25.56
C PHE B 374 60.55 38.11 -26.43
N ALA B 375 59.83 37.26 -27.18
CA ALA B 375 60.47 36.37 -28.15
C ALA B 375 60.46 37.04 -29.53
N LEU B 376 61.36 38.01 -29.67
CA LEU B 376 61.43 38.82 -30.87
C LEU B 376 61.87 37.95 -32.06
N VAL B 377 60.91 37.61 -32.92
CA VAL B 377 61.17 36.78 -34.09
C VAL B 377 60.53 37.41 -35.31
N GLY B 378 60.61 36.74 -36.45
CA GLY B 378 59.99 37.24 -37.67
C GLY B 378 60.98 37.67 -38.72
N LYS B 379 60.93 38.93 -39.12
CA LYS B 379 61.83 39.47 -40.14
C LYS B 379 62.90 40.37 -39.54
N VAL B 380 63.16 40.26 -38.24
CA VAL B 380 64.15 41.10 -37.59
C VAL B 380 65.55 40.57 -37.84
N LYS B 381 66.52 41.48 -37.88
CA LYS B 381 67.92 41.07 -37.99
C LYS B 381 68.36 40.29 -36.77
N ASN B 382 67.95 40.73 -35.58
CA ASN B 382 68.31 40.09 -34.32
C ASN B 382 67.11 39.31 -33.80
N THR B 383 67.31 38.01 -33.56
CA THR B 383 66.27 37.14 -33.06
C THR B 383 66.75 36.47 -31.78
N GLY B 384 65.87 36.42 -30.78
CA GLY B 384 66.22 35.76 -29.53
C GLY B 384 65.32 36.23 -28.41
N LEU B 385 65.84 36.10 -27.18
CA LEU B 385 65.13 36.51 -25.99
C LEU B 385 65.47 37.96 -25.66
N VAL B 386 64.44 38.81 -25.63
CA VAL B 386 64.58 40.21 -25.27
C VAL B 386 63.78 40.44 -24.00
N GLU B 387 64.45 40.87 -22.94
CA GLU B 387 63.79 41.26 -21.71
C GLU B 387 63.98 42.75 -21.50
N VAL B 388 62.87 43.48 -21.40
CA VAL B 388 62.91 44.93 -21.25
C VAL B 388 61.91 45.35 -20.19
N PRO B 389 62.16 46.49 -19.55
CA PRO B 389 61.18 47.02 -18.61
C PRO B 389 59.91 47.45 -19.33
N MET B 390 58.82 47.47 -18.58
CA MET B 390 57.55 47.95 -19.12
C MET B 390 57.65 49.41 -19.51
N GLY B 391 56.89 49.81 -20.52
CA GLY B 391 56.91 51.16 -21.00
C GLY B 391 57.92 51.46 -22.09
N VAL B 392 58.75 50.48 -22.45
CA VAL B 392 59.69 50.66 -23.56
C VAL B 392 58.92 50.76 -24.86
N THR B 393 59.25 51.75 -25.68
CA THR B 393 58.59 51.92 -26.96
C THR B 393 58.91 50.75 -27.88
N LEU B 394 57.92 50.39 -28.71
CA LEU B 394 58.11 49.31 -29.68
C LEU B 394 59.25 49.62 -30.64
N ARG B 395 59.46 50.90 -30.95
CA ARG B 395 60.57 51.27 -31.83
C ARG B 395 61.89 50.82 -31.25
N LYS B 396 62.06 50.92 -29.92
CA LYS B 396 63.29 50.46 -29.31
C LYS B 396 63.49 48.96 -29.55
N ILE B 397 62.48 48.15 -29.24
CA ILE B 397 62.60 46.71 -29.35
C ILE B 397 62.87 46.30 -30.80
N ILE B 398 62.25 46.98 -31.75
CA ILE B 398 62.36 46.55 -33.14
C ILE B 398 63.61 47.10 -33.84
N TYR B 399 64.09 48.28 -33.46
CA TYR B 399 65.21 48.90 -34.16
C TYR B 399 66.49 48.93 -33.33
N GLU B 400 66.44 49.43 -32.09
CA GLU B 400 67.66 49.50 -31.29
C GLU B 400 68.08 48.11 -30.85
N ILE B 401 67.13 47.28 -30.44
CA ILE B 401 67.40 45.91 -30.04
C ILE B 401 67.33 44.96 -31.22
N GLY B 402 66.23 45.00 -31.97
CA GLY B 402 66.06 44.08 -33.07
C GLY B 402 66.95 44.38 -34.25
N GLY B 403 67.38 45.62 -34.41
CA GLY B 403 68.23 46.01 -35.50
C GLY B 403 67.52 46.33 -36.80
N GLY B 404 66.21 46.19 -36.86
CA GLY B 404 65.46 46.46 -38.06
C GLY B 404 65.03 45.18 -38.75
N THR B 405 64.47 45.37 -39.96
CA THR B 405 63.97 44.25 -40.74
C THR B 405 65.12 43.55 -41.46
N LEU B 406 64.86 42.31 -41.88
CA LEU B 406 65.85 41.54 -42.62
C LEU B 406 66.18 42.24 -43.94
N LYS B 407 67.45 42.11 -44.34
CA LYS B 407 68.02 42.85 -45.48
C LYS B 407 67.80 44.33 -45.19
N ASP B 408 67.05 45.07 -46.01
CA ASP B 408 66.75 46.45 -45.70
C ASP B 408 65.32 46.83 -46.06
N LYS B 409 64.44 45.85 -46.23
CA LYS B 409 63.07 46.12 -46.65
C LYS B 409 62.32 46.91 -45.58
N ALA B 410 61.39 47.74 -46.04
CA ALA B 410 60.71 48.67 -45.15
C ALA B 410 59.82 47.94 -44.15
N PHE B 411 59.82 48.42 -42.92
CA PHE B 411 58.98 47.85 -41.88
C PHE B 411 57.51 48.14 -42.18
N LYS B 412 56.67 47.11 -42.07
CA LYS B 412 55.25 47.24 -42.36
C LYS B 412 54.36 47.10 -41.13
N ALA B 413 54.58 46.06 -40.32
CA ALA B 413 53.74 45.83 -39.15
C ALA B 413 54.51 44.98 -38.15
N VAL B 414 53.96 44.91 -36.94
CA VAL B 414 54.51 44.07 -35.87
C VAL B 414 53.35 43.37 -35.18
N GLN B 415 53.31 42.05 -35.28
CA GLN B 415 52.25 41.26 -34.65
C GLN B 415 52.65 40.94 -33.22
N THR B 416 51.87 41.44 -32.27
CA THR B 416 52.13 41.23 -30.85
C THR B 416 51.02 40.38 -30.26
N GLY B 417 51.40 39.36 -29.50
CA GLY B 417 50.45 38.46 -28.88
C GLY B 417 50.09 37.24 -29.70
N GLY B 418 50.54 37.16 -30.95
CA GLY B 418 50.27 36.03 -31.79
C GLY B 418 48.85 35.98 -32.31
N PRO B 419 48.30 34.77 -32.43
CA PRO B 419 46.94 34.64 -32.98
C PRO B 419 45.86 35.29 -32.13
N SER B 420 46.12 35.54 -30.86
CA SER B 420 45.19 36.22 -29.98
C SER B 420 45.43 37.72 -29.93
N GLY B 421 46.39 38.22 -30.71
CA GLY B 421 46.68 39.65 -30.74
C GLY B 421 46.48 40.23 -32.12
N GLY B 422 46.93 41.47 -32.32
CA GLY B 422 46.75 42.13 -33.59
C GLY B 422 48.03 42.82 -34.05
N CYS B 423 48.07 43.10 -35.34
CA CYS B 423 49.21 43.76 -35.94
C CYS B 423 49.14 45.27 -35.73
N ILE B 424 50.31 45.89 -35.62
CA ILE B 424 50.44 47.32 -35.40
C ILE B 424 51.29 47.91 -36.52
N PRO B 425 50.77 48.86 -37.30
CA PRO B 425 51.54 49.39 -38.43
C PRO B 425 52.72 50.23 -37.98
N ALA B 426 53.54 50.60 -38.96
CA ALA B 426 54.75 51.37 -38.68
C ALA B 426 54.44 52.74 -38.10
N SER B 427 53.24 53.26 -38.31
CA SER B 427 52.89 54.57 -37.76
C SER B 427 52.89 54.54 -36.23
N LEU B 428 52.39 53.47 -35.65
CA LEU B 428 52.29 53.35 -34.19
C LEU B 428 53.48 52.57 -33.64
N LEU B 429 54.66 53.13 -33.82
CA LEU B 429 55.88 52.55 -33.28
C LEU B 429 56.39 53.27 -32.03
N ASP B 430 55.70 54.32 -31.58
CA ASP B 430 56.07 55.03 -30.37
C ASP B 430 55.20 54.63 -29.18
N LEU B 431 54.35 53.63 -29.34
CA LEU B 431 53.52 53.17 -28.24
C LEU B 431 54.37 52.46 -27.19
N SER B 432 54.07 52.72 -25.93
CA SER B 432 54.68 51.94 -24.85
C SER B 432 54.18 50.50 -24.90
N VAL B 433 55.04 49.58 -24.50
CA VAL B 433 54.76 48.15 -24.64
C VAL B 433 54.20 47.57 -23.34
N ASP B 434 53.70 48.40 -22.45
CA ASP B 434 53.09 47.92 -21.22
C ASP B 434 51.73 47.29 -21.51
N PHE B 435 51.07 46.83 -20.46
CA PHE B 435 49.84 46.05 -20.63
C PHE B 435 48.72 46.88 -21.27
N ASP B 436 48.49 48.09 -20.75
CA ASP B 436 47.30 48.84 -21.16
C ASP B 436 47.46 49.43 -22.56
N THR B 437 48.63 49.97 -22.88
CA THR B 437 48.79 50.74 -24.11
C THR B 437 48.57 49.88 -25.34
N LEU B 438 49.10 48.66 -25.36
CA LEU B 438 48.89 47.78 -26.49
C LEU B 438 47.42 47.34 -26.59
N VAL B 439 46.74 47.22 -25.45
CA VAL B 439 45.31 46.93 -25.48
C VAL B 439 44.55 48.08 -26.12
N LYS B 440 44.94 49.33 -25.81
CA LYS B 440 44.26 50.48 -26.39
C LYS B 440 44.37 50.50 -27.91
N ALA B 441 45.52 50.08 -28.44
CA ALA B 441 45.75 50.09 -29.88
C ALA B 441 44.97 49.02 -30.62
N GLY B 442 44.33 48.10 -29.92
CA GLY B 442 43.68 46.97 -30.55
C GLY B 442 44.53 45.71 -30.62
N SER B 443 45.82 45.82 -30.29
CA SER B 443 46.70 44.67 -30.21
C SER B 443 46.68 44.12 -28.79
N MET B 444 47.61 43.23 -28.47
CA MET B 444 47.66 42.61 -27.15
C MET B 444 49.08 42.18 -26.86
N MET B 445 49.53 42.41 -25.63
CA MET B 445 50.84 41.91 -25.22
C MET B 445 50.89 40.39 -25.31
N GLY B 446 49.85 39.72 -24.84
CA GLY B 446 49.70 38.29 -25.05
C GLY B 446 50.88 37.50 -24.50
N SER B 447 51.27 36.47 -25.25
CA SER B 447 52.37 35.62 -24.84
C SER B 447 53.65 36.42 -24.66
N GLY B 448 54.03 37.19 -25.68
CA GLY B 448 55.26 37.96 -25.62
C GLY B 448 56.02 37.91 -26.93
N GLY B 449 55.71 36.93 -27.77
CA GLY B 449 56.34 36.83 -29.07
C GLY B 449 55.95 38.01 -29.95
N MET B 450 56.94 38.68 -30.51
CA MET B 450 56.72 39.80 -31.42
C MET B 450 57.14 39.37 -32.81
N ILE B 451 56.20 39.39 -33.75
CA ILE B 451 56.45 39.02 -35.14
C ILE B 451 56.55 40.30 -35.95
N VAL B 452 57.66 40.47 -36.67
CA VAL B 452 57.91 41.67 -37.45
C VAL B 452 57.65 41.36 -38.92
N MET B 453 56.83 42.19 -39.56
CA MET B 453 56.52 42.06 -40.97
C MET B 453 57.19 43.17 -41.77
N ASP B 454 57.64 42.83 -42.96
CA ASP B 454 58.24 43.78 -43.90
C ASP B 454 57.38 43.84 -45.16
N GLU B 455 57.89 44.53 -46.18
CA GLU B 455 57.13 44.73 -47.40
C GLU B 455 56.86 43.44 -48.17
N ARG B 456 57.56 42.34 -47.84
CA ARG B 456 57.33 41.06 -48.48
C ARG B 456 56.37 40.17 -47.70
N SER B 457 55.58 40.74 -46.79
CA SER B 457 54.62 39.99 -46.01
C SER B 457 53.24 40.57 -46.26
N CYS B 458 52.40 39.82 -46.97
CA CYS B 458 51.03 40.26 -47.24
C CYS B 458 50.20 40.16 -45.96
N MET B 459 49.52 41.24 -45.61
CA MET B 459 48.71 41.22 -44.38
C MET B 459 47.46 40.38 -44.54
N VAL B 460 46.93 40.26 -45.76
CA VAL B 460 45.85 39.32 -46.02
C VAL B 460 46.33 37.89 -45.79
N ASP B 461 47.55 37.60 -46.25
CA ASP B 461 48.11 36.26 -46.06
C ASP B 461 48.46 36.02 -44.59
N VAL B 462 48.91 37.06 -43.88
CA VAL B 462 49.17 36.92 -42.46
C VAL B 462 47.89 36.57 -41.70
N ALA B 463 46.81 37.30 -41.99
CA ALA B 463 45.53 37.00 -41.35
C ALA B 463 45.05 35.61 -41.72
N LYS B 464 45.24 35.21 -42.98
CA LYS B 464 44.84 33.86 -43.38
C LYS B 464 45.66 32.80 -42.66
N TYR B 465 46.96 33.04 -42.46
CA TYR B 465 47.78 32.10 -41.72
C TYR B 465 47.31 31.97 -40.28
N PHE B 466 47.02 33.10 -39.63
CA PHE B 466 46.55 33.03 -38.25
C PHE B 466 45.19 32.33 -38.15
N ILE B 467 44.31 32.58 -39.13
CA ILE B 467 43.02 31.93 -39.12
C ILE B 467 43.15 30.44 -39.38
N ASP B 468 44.08 30.03 -40.26
CA ASP B 468 44.32 28.61 -40.47
C ASP B 468 44.84 27.95 -39.21
N PHE B 469 45.76 28.61 -38.51
CA PHE B 469 46.29 28.06 -37.27
C PHE B 469 45.17 27.91 -36.23
N LEU B 470 44.30 28.91 -36.12
CA LEU B 470 43.21 28.83 -35.16
C LEU B 470 42.14 27.84 -35.58
N VAL B 471 42.01 27.55 -36.88
CA VAL B 471 41.12 26.50 -37.34
C VAL B 471 41.68 25.14 -36.96
N GLU B 472 42.98 24.94 -37.12
CA GLU B 472 43.57 23.64 -36.80
C GLU B 472 43.81 23.46 -35.30
N GLU B 473 43.76 24.53 -34.51
CA GLU B 473 43.97 24.44 -33.07
C GLU B 473 42.69 24.63 -32.27
N SER B 474 41.56 24.85 -32.92
CA SER B 474 40.29 24.97 -32.21
C SER B 474 39.90 23.64 -31.59
N CYS B 475 39.35 23.69 -30.37
CA CYS B 475 38.88 22.49 -29.71
C CYS B 475 37.52 22.03 -30.22
N GLY B 476 36.80 22.89 -30.93
CA GLY B 476 35.55 22.49 -31.58
C GLY B 476 34.34 22.40 -30.68
N LYS B 477 34.43 22.87 -29.44
CA LYS B 477 33.30 22.71 -28.51
C LYS B 477 32.13 23.60 -28.89
N CYS B 478 32.38 24.87 -29.15
CA CYS B 478 31.32 25.86 -29.33
C CYS B 478 31.17 26.23 -30.80
N THR B 479 29.95 26.62 -31.17
CA THR B 479 29.64 26.91 -32.57
C THR B 479 30.49 28.03 -33.16
N PRO B 480 30.68 29.18 -32.51
CA PRO B 480 31.48 30.24 -33.15
C PRO B 480 32.87 29.80 -33.54
N CYS B 481 33.66 29.27 -32.61
CA CYS B 481 35.04 28.90 -32.96
C CYS B 481 35.07 27.73 -33.94
N ARG B 482 34.13 26.79 -33.81
CA ARG B 482 34.14 25.63 -34.68
C ARG B 482 33.83 26.01 -36.13
N GLU B 483 32.85 26.88 -36.34
CA GLU B 483 32.32 27.12 -37.68
C GLU B 483 32.64 28.51 -38.25
N GLY B 484 32.54 29.57 -37.45
CA GLY B 484 32.84 30.90 -37.97
C GLY B 484 34.31 31.04 -38.33
N LEU B 485 35.19 30.29 -37.67
CA LEU B 485 36.57 30.25 -38.11
C LEU B 485 36.69 29.64 -39.50
N LYS B 486 35.88 28.62 -39.79
CA LYS B 486 35.86 28.05 -41.14
C LYS B 486 35.32 29.06 -42.14
N VAL B 487 34.34 29.86 -41.73
CA VAL B 487 33.79 30.89 -42.60
C VAL B 487 34.84 31.95 -42.89
N LEU B 488 35.57 32.38 -41.87
CA LEU B 488 36.65 33.35 -42.06
C LEU B 488 37.76 32.78 -42.94
N GLN B 489 38.08 31.50 -42.75
CA GLN B 489 39.10 30.87 -43.59
C GLN B 489 38.65 30.81 -45.04
N LYS B 490 37.38 30.51 -45.29
CA LYS B 490 36.86 30.52 -46.65
C LYS B 490 36.95 31.91 -47.26
N LEU B 491 36.56 32.93 -46.49
CA LEU B 491 36.62 34.30 -47.00
C LEU B 491 38.06 34.72 -47.29
N LEU B 492 39.01 34.34 -46.43
CA LEU B 492 40.39 34.74 -46.62
C LEU B 492 41.07 33.94 -47.72
N HIS B 493 40.63 32.69 -47.96
CA HIS B 493 41.15 31.94 -49.09
C HIS B 493 40.59 32.46 -50.40
N ASP B 494 39.38 33.03 -50.39
CA ASP B 494 38.87 33.70 -51.58
C ASP B 494 39.71 34.93 -51.91
N LEU B 495 40.04 35.74 -50.90
CA LEU B 495 40.75 37.00 -51.15
C LEU B 495 42.16 36.76 -51.66
N THR B 496 42.86 35.75 -51.12
CA THR B 496 44.24 35.49 -51.52
C THR B 496 44.36 34.83 -52.88
N GLU B 497 43.26 34.31 -53.42
CA GLU B 497 43.26 33.67 -54.74
C GLU B 497 42.67 34.56 -55.83
N GLY B 498 42.31 35.80 -55.51
CA GLY B 498 41.71 36.70 -56.48
C GLY B 498 40.23 36.51 -56.69
N LYS B 499 39.58 35.66 -55.90
CA LYS B 499 38.16 35.38 -56.03
C LYS B 499 37.31 36.16 -55.02
N GLY B 500 37.80 37.33 -54.58
CA GLY B 500 37.12 38.11 -53.58
C GLY B 500 36.29 39.25 -54.16
N SER B 501 35.67 39.99 -53.24
CA SER B 501 34.89 41.17 -53.57
C SER B 501 34.81 42.05 -52.33
N LEU B 502 34.37 43.29 -52.52
CA LEU B 502 34.23 44.22 -51.40
C LEU B 502 33.17 43.74 -50.41
N GLN B 503 32.09 43.13 -50.90
CA GLN B 503 31.12 42.53 -50.01
C GLN B 503 31.75 41.40 -49.20
N ASP B 504 32.72 40.69 -49.78
CA ASP B 504 33.45 39.69 -49.03
C ASP B 504 34.22 40.31 -47.87
N VAL B 505 34.85 41.47 -48.10
CA VAL B 505 35.57 42.16 -47.03
C VAL B 505 34.61 42.60 -45.93
N GLY B 506 33.44 43.14 -46.34
CA GLY B 506 32.46 43.56 -45.34
C GLY B 506 31.95 42.40 -44.51
N LEU B 507 31.63 41.29 -45.17
CA LEU B 507 31.22 40.09 -44.44
C LEU B 507 32.35 39.55 -43.57
N LEU B 508 33.60 39.72 -44.00
CA LEU B 508 34.73 39.30 -43.18
C LEU B 508 34.78 40.09 -41.87
N GLU B 509 34.63 41.41 -41.97
CA GLU B 509 34.64 42.23 -40.75
C GLU B 509 33.45 41.91 -39.86
N ASP B 510 32.26 41.72 -40.45
CA ASP B 510 31.08 41.39 -39.65
C ASP B 510 31.25 40.05 -38.96
N THR B 511 31.75 39.05 -39.67
CA THR B 511 31.95 37.73 -39.10
C THR B 511 32.99 37.77 -37.98
N ALA B 512 34.06 38.53 -38.17
CA ALA B 512 35.05 38.67 -37.09
C ALA B 512 34.45 39.32 -35.86
N HIS B 513 33.66 40.39 -36.06
CA HIS B 513 33.04 41.06 -34.92
C HIS B 513 32.08 40.15 -34.19
N GLU B 514 31.29 39.36 -34.92
CA GLU B 514 30.34 38.46 -34.27
C GLU B 514 31.04 37.28 -33.61
N LEU B 515 32.17 36.84 -34.17
CA LEU B 515 32.93 35.76 -33.55
C LEU B 515 33.56 36.21 -32.24
N GLY B 516 34.01 37.46 -32.17
CA GLY B 516 34.63 37.94 -30.96
C GLY B 516 33.71 37.95 -29.75
N LYS B 517 32.45 38.33 -29.96
CA LYS B 517 31.50 38.52 -28.85
C LYS B 517 30.64 37.29 -28.57
N THR B 518 30.86 36.17 -29.27
CA THR B 518 30.00 35.00 -29.12
C THR B 518 30.75 33.73 -28.75
N ALA B 519 32.07 33.70 -28.84
CA ALA B 519 32.81 32.49 -28.55
C ALA B 519 32.80 32.19 -27.06
N LEU B 520 33.24 30.98 -26.71
CA LEU B 520 33.21 30.49 -25.33
C LEU B 520 34.46 30.89 -24.57
N CYS B 521 35.62 30.44 -25.01
CA CYS B 521 36.86 30.66 -24.29
C CYS B 521 37.66 31.77 -24.96
N GLY B 522 38.89 31.99 -24.49
CA GLY B 522 39.71 33.07 -24.99
C GLY B 522 40.27 32.85 -26.38
N LEU B 523 40.32 31.59 -26.83
CA LEU B 523 40.80 31.32 -28.18
C LEU B 523 39.88 31.96 -29.23
N GLY B 524 38.58 31.70 -29.12
CA GLY B 524 37.66 32.22 -30.11
C GLY B 524 37.41 33.71 -29.97
N LYS B 525 37.35 34.21 -28.74
CA LYS B 525 37.05 35.63 -28.53
C LYS B 525 38.13 36.51 -29.13
N THR B 526 39.38 36.10 -29.02
CA THR B 526 40.50 36.87 -29.56
C THR B 526 40.95 36.35 -30.91
N ALA B 527 40.26 35.35 -31.48
CA ALA B 527 40.65 34.81 -32.78
C ALA B 527 40.45 35.82 -33.91
N ALA B 528 39.56 36.80 -33.72
CA ALA B 528 39.29 37.79 -34.75
C ALA B 528 40.26 38.97 -34.71
N ASN B 529 41.13 39.03 -33.71
CA ASN B 529 42.02 40.17 -33.58
C ASN B 529 42.98 40.34 -34.75
N PRO B 530 43.64 39.30 -35.29
CA PRO B 530 44.46 39.53 -36.48
C PRO B 530 43.67 40.04 -37.67
N VAL B 531 42.49 39.47 -37.91
CA VAL B 531 41.66 39.90 -39.03
C VAL B 531 41.21 41.35 -38.84
N LEU B 532 40.74 41.68 -37.64
CA LEU B 532 40.28 43.03 -37.38
C LEU B 532 41.41 44.04 -37.45
N SER B 533 42.59 43.68 -36.94
CA SER B 533 43.73 44.60 -37.01
C SER B 533 44.18 44.83 -38.44
N THR B 534 44.27 43.76 -39.24
CA THR B 534 44.64 43.92 -40.64
C THR B 534 43.59 44.73 -41.40
N LEU B 535 42.31 44.52 -41.09
CA LEU B 535 41.27 45.32 -41.73
C LEU B 535 41.34 46.79 -41.33
N LYS B 536 41.63 47.06 -40.05
CA LYS B 536 41.65 48.43 -39.57
C LYS B 536 42.84 49.20 -40.12
N TYR B 537 44.03 48.61 -40.08
CA TYR B 537 45.23 49.33 -40.45
C TYR B 537 45.68 49.08 -41.88
N PHE B 538 45.29 47.97 -42.49
CA PHE B 538 45.75 47.62 -43.83
C PHE B 538 44.59 47.30 -44.76
N HIS B 539 43.56 48.14 -44.77
CA HIS B 539 42.42 47.91 -45.64
C HIS B 539 42.75 48.13 -47.11
N GLU B 540 43.77 48.92 -47.40
CA GLU B 540 44.18 49.13 -48.79
C GLU B 540 44.66 47.82 -49.42
N GLU B 541 45.36 46.99 -48.64
CA GLU B 541 45.77 45.69 -49.15
C GLU B 541 44.57 44.81 -49.44
N TYR B 542 43.54 44.86 -48.59
CA TYR B 542 42.33 44.08 -48.86
C TYR B 542 41.65 44.56 -50.14
N GLU B 543 41.56 45.86 -50.35
CA GLU B 543 40.95 46.36 -51.58
C GLU B 543 41.76 45.95 -52.81
N GLU B 544 43.08 46.04 -52.73
CA GLU B 544 43.93 45.64 -53.85
C GLU B 544 43.81 44.15 -54.14
N HIS B 545 43.75 43.33 -53.08
CA HIS B 545 43.55 41.89 -53.26
C HIS B 545 42.18 41.59 -53.83
N VAL B 546 41.18 42.43 -53.52
CA VAL B 546 39.88 42.31 -54.18
C VAL B 546 40.02 42.58 -55.67
N GLU B 547 40.78 43.63 -56.02
CA GLU B 547 41.00 43.95 -57.42
C GLU B 547 41.88 42.94 -58.14
N GLY B 548 42.54 42.04 -57.41
CA GLY B 548 43.38 41.03 -58.01
C GLY B 548 44.87 41.31 -57.99
N TYR B 549 45.32 42.24 -57.16
CA TYR B 549 46.74 42.60 -57.07
C TYR B 549 47.21 42.44 -55.63
N CYS B 550 48.36 41.78 -55.45
CA CYS B 550 48.98 41.59 -54.14
C CYS B 550 50.27 42.41 -54.13
N ARG B 551 50.26 43.52 -53.39
CA ARG B 551 51.41 44.43 -53.40
C ARG B 551 52.62 43.84 -52.69
N ALA B 552 52.44 42.84 -51.82
CA ALA B 552 53.56 42.23 -51.14
C ALA B 552 54.22 41.11 -51.94
N GLY B 553 53.56 40.63 -52.99
CA GLY B 553 54.09 39.53 -53.76
C GLY B 553 54.12 38.21 -53.01
N VAL B 554 53.06 37.89 -52.29
CA VAL B 554 52.95 36.64 -51.55
C VAL B 554 51.90 35.72 -52.16
N CYS B 555 50.70 36.24 -52.40
CA CYS B 555 49.64 35.44 -53.00
C CYS B 555 49.99 35.13 -54.44
N THR B 556 50.16 33.84 -54.74
CA THR B 556 50.67 33.43 -56.05
C THR B 556 49.67 33.77 -57.15
N GLY B 557 50.20 34.26 -58.28
CA GLY B 557 49.40 34.54 -59.44
C GLY B 557 48.64 35.86 -59.41
N LEU B 558 48.75 36.63 -58.34
CA LEU B 558 48.06 37.90 -58.22
C LEU B 558 48.97 39.10 -58.44
N PHE B 559 50.08 38.91 -59.16
CA PHE B 559 51.01 40.00 -59.39
C PHE B 559 51.91 39.64 -60.57
N ALA B 560 52.63 40.64 -61.06
CA ALA B 560 53.65 40.47 -62.08
C ALA B 560 54.88 41.24 -61.64
N ALA B 561 56.04 40.59 -61.66
CA ALA B 561 57.26 41.25 -61.22
C ALA B 561 57.65 42.36 -62.20
N LYS B 562 58.46 43.29 -61.70
CA LYS B 562 59.00 44.37 -62.51
C LYS B 562 60.47 44.54 -62.14
N ILE B 563 61.36 44.20 -63.07
CA ILE B 563 62.78 44.33 -62.84
C ILE B 563 63.21 45.78 -63.07
N ASP B 564 63.88 46.36 -62.10
CA ASP B 564 64.44 47.69 -62.26
C ASP B 564 65.57 47.65 -63.28
N LYS B 565 65.63 48.68 -64.13
CA LYS B 565 66.68 48.79 -65.14
C LYS B 565 67.80 49.73 -64.69
N ASP B 566 67.77 50.18 -63.44
CA ASP B 566 68.79 51.08 -62.91
C ASP B 566 69.61 50.41 -61.80
N SER B 567 68.96 49.87 -60.78
CA SER B 567 69.67 49.27 -59.66
C SER B 567 69.99 47.79 -59.87
N CYS B 568 69.54 47.20 -60.97
CA CYS B 568 69.89 45.82 -61.27
C CYS B 568 71.37 45.69 -61.61
N ILE B 569 72.05 44.77 -60.92
CA ILE B 569 73.46 44.54 -61.16
C ILE B 569 73.71 43.44 -62.18
N GLY B 570 72.67 42.81 -62.71
CA GLY B 570 72.85 41.77 -63.70
C GLY B 570 73.40 40.48 -63.17
N CYS B 571 73.23 40.21 -61.87
CA CYS B 571 73.70 38.95 -61.31
C CYS B 571 72.99 37.76 -61.93
N GLY B 572 71.72 37.93 -62.31
CA GLY B 572 70.98 36.88 -62.98
C GLY B 572 70.45 35.79 -62.10
N GLN B 573 70.49 35.96 -60.78
CA GLN B 573 69.95 34.94 -59.89
C GLN B 573 68.44 34.79 -60.07
N CYS B 574 67.75 35.87 -60.41
CA CYS B 574 66.32 35.78 -60.70
C CYS B 574 66.08 34.95 -61.97
N ALA B 575 66.93 35.12 -62.98
CA ALA B 575 66.77 34.36 -64.21
C ALA B 575 66.94 32.86 -63.97
N ARG B 576 67.92 32.49 -63.14
CA ARG B 576 68.12 31.09 -62.79
C ARG B 576 67.06 30.57 -61.83
N THR B 577 66.20 31.44 -61.30
CA THR B 577 65.17 31.04 -60.35
C THR B 577 63.78 30.90 -60.98
N CYS B 578 63.51 31.63 -62.06
CA CYS B 578 62.17 31.65 -62.63
C CYS B 578 61.78 30.28 -63.17
N PRO B 579 60.70 29.68 -62.68
CA PRO B 579 60.29 28.36 -63.20
C PRO B 579 59.84 28.39 -64.65
N VAL B 580 59.36 29.52 -65.15
CA VAL B 580 58.87 29.63 -66.52
C VAL B 580 59.87 30.39 -67.40
N LYS B 581 61.02 30.78 -66.84
CA LYS B 581 62.07 31.47 -67.59
C LYS B 581 61.53 32.74 -68.26
N ALA B 582 60.73 33.51 -67.52
CA ALA B 582 60.14 34.73 -68.03
C ALA B 582 60.98 35.97 -67.75
N ILE B 583 62.29 35.79 -67.59
CA ILE B 583 63.21 36.89 -67.29
C ILE B 583 64.25 36.94 -68.40
N SER B 584 64.34 38.08 -69.08
CA SER B 584 65.26 38.27 -70.20
C SER B 584 66.00 39.59 -70.00
N GLY B 585 67.30 39.51 -69.74
CA GLY B 585 68.08 40.69 -69.45
C GLY B 585 69.44 40.66 -70.10
N GLU B 586 70.06 41.84 -70.17
CA GLU B 586 71.42 41.97 -70.67
C GLU B 586 72.38 41.18 -69.78
N VAL B 587 73.32 40.48 -70.42
CA VAL B 587 74.33 39.75 -69.66
C VAL B 587 75.20 40.74 -68.89
N ARG B 588 75.32 40.53 -67.58
CA ARG B 588 76.00 41.45 -66.67
C ARG B 588 75.42 42.86 -66.81
N GLY B 589 74.09 42.95 -66.93
CA GLY B 589 73.42 44.21 -67.14
C GLY B 589 71.96 44.17 -66.70
N PRO B 590 71.25 45.27 -66.89
CA PRO B 590 69.86 45.35 -66.44
C PRO B 590 69.00 44.27 -67.09
N HIS B 591 68.05 43.75 -66.31
CA HIS B 591 67.16 42.69 -66.77
C HIS B 591 65.75 43.22 -66.98
N VAL B 592 64.96 42.47 -67.75
CA VAL B 592 63.60 42.84 -68.11
C VAL B 592 62.72 41.62 -67.98
N VAL B 593 61.53 41.80 -67.41
CA VAL B 593 60.54 40.74 -67.25
C VAL B 593 59.34 41.08 -68.12
N ASP B 594 58.83 40.07 -68.82
CA ASP B 594 57.62 40.20 -69.63
C ASP B 594 56.40 39.99 -68.74
N ALA B 595 55.50 40.97 -68.74
CA ALA B 595 54.33 40.89 -67.87
C ALA B 595 53.43 39.73 -68.26
N LEU B 596 53.18 39.56 -69.57
CA LEU B 596 52.32 38.47 -70.03
C LEU B 596 52.96 37.11 -69.79
N LYS B 597 54.27 37.00 -70.04
CA LYS B 597 54.95 35.71 -69.87
C LYS B 597 55.03 35.31 -68.40
N CYS B 598 55.22 36.27 -67.50
CA CYS B 598 55.28 35.96 -66.09
C CYS B 598 53.91 35.54 -65.56
N ILE B 599 53.92 34.58 -64.63
CA ILE B 599 52.69 34.11 -64.01
C ILE B 599 52.56 34.72 -62.62
N GLY B 600 53.69 34.85 -61.92
CA GLY B 600 53.70 35.40 -60.58
C GLY B 600 53.74 34.33 -59.51
N CYS B 601 54.92 34.12 -58.92
CA CYS B 601 55.07 33.13 -57.86
C CYS B 601 55.96 33.58 -56.72
N GLY B 602 56.75 34.65 -56.87
CA GLY B 602 57.57 35.15 -55.80
C GLY B 602 58.93 34.48 -55.65
N GLN B 603 59.26 33.51 -56.49
CA GLN B 603 60.56 32.84 -56.37
C GLN B 603 61.70 33.82 -56.64
N CYS B 604 61.55 34.69 -57.63
CA CYS B 604 62.63 35.59 -58.00
C CYS B 604 62.84 36.70 -56.96
N MET B 605 61.75 37.19 -56.36
CA MET B 605 61.82 38.41 -55.57
C MET B 605 62.62 38.22 -54.28
N ASP B 606 62.70 37.00 -53.76
CA ASP B 606 63.39 36.77 -52.49
C ASP B 606 64.89 36.59 -52.64
N VAL B 607 65.41 36.41 -53.85
CA VAL B 607 66.83 36.12 -54.06
C VAL B 607 67.58 37.29 -54.66
N CYS B 608 66.91 38.40 -54.95
CA CYS B 608 67.60 39.55 -55.51
C CYS B 608 68.44 40.23 -54.42
N PRO B 609 69.75 40.41 -54.63
CA PRO B 609 70.55 41.09 -53.60
C PRO B 609 70.29 42.59 -53.55
N THR B 610 69.91 43.21 -54.66
CA THR B 610 69.62 44.64 -54.68
C THR B 610 68.19 44.95 -54.30
N ASN B 611 67.33 43.94 -54.18
CA ASN B 611 65.91 44.12 -53.89
C ASN B 611 65.26 45.04 -54.91
N SER B 612 65.63 44.87 -56.17
CA SER B 612 65.17 45.73 -57.25
C SER B 612 63.93 45.19 -57.96
N ILE B 613 63.39 44.07 -57.51
CA ILE B 613 62.20 43.48 -58.11
C ILE B 613 61.09 43.46 -57.07
N ALA B 614 59.92 43.98 -57.44
CA ALA B 614 58.75 44.02 -56.58
C ALA B 614 57.51 43.71 -57.41
N SER B 615 56.36 43.73 -56.77
CA SER B 615 55.12 43.40 -57.44
C SER B 615 54.61 44.56 -58.28
N SER B 616 53.93 44.22 -59.37
CA SER B 616 53.25 45.20 -60.20
C SER B 616 51.88 44.64 -60.57
N ARG B 617 50.93 45.55 -60.81
CA ARG B 617 49.57 45.14 -61.13
C ARG B 617 49.53 44.43 -62.47
N ARG B 618 48.79 43.33 -62.52
CA ARG B 618 48.69 42.55 -63.75
C ARG B 618 47.93 43.32 -64.82
N VAL B 619 48.20 42.98 -66.07
CA VAL B 619 47.57 43.61 -67.23
C VAL B 619 46.41 42.71 -67.62
N LYS B 620 45.22 43.00 -67.08
CA LYS B 620 44.02 42.25 -67.40
C LYS B 620 43.43 42.62 -68.75
N ASN B 621 43.90 43.70 -69.37
CA ASN B 621 43.36 44.11 -70.66
C ASN B 621 43.63 43.06 -71.73
N ALA B 622 44.84 42.49 -71.73
CA ALA B 622 45.19 41.46 -72.70
C ALA B 622 45.95 40.32 -72.03
N ALA C 1 51.43 -11.92 -28.29
CA ALA C 1 51.79 -12.31 -26.92
C ALA C 1 52.74 -11.28 -26.29
N THR C 2 53.86 -11.03 -26.96
CA THR C 2 54.84 -10.08 -26.45
C THR C 2 54.27 -8.66 -26.38
N SER C 3 53.35 -8.33 -27.30
CA SER C 3 52.73 -7.01 -27.27
C SER C 3 51.97 -6.79 -25.98
N ASP C 4 51.21 -7.81 -25.55
CA ASP C 4 50.50 -7.71 -24.28
C ASP C 4 51.47 -7.60 -23.11
N VAL C 5 52.63 -8.24 -23.20
CA VAL C 5 53.64 -8.11 -22.15
C VAL C 5 54.15 -6.67 -22.07
N ALA C 6 54.41 -6.05 -23.23
CA ALA C 6 54.84 -4.65 -23.23
C ALA C 6 53.76 -3.74 -22.66
N ILE C 7 52.50 -3.98 -23.04
CA ILE C 7 51.41 -3.18 -22.49
C ILE C 7 51.33 -3.34 -20.99
N SER C 8 51.47 -4.58 -20.50
CA SER C 8 51.44 -4.83 -19.07
C SER C 8 52.59 -4.15 -18.35
N ASP C 9 53.78 -4.13 -18.94
CA ASP C 9 54.91 -3.44 -18.31
C ASP C 9 54.64 -1.94 -18.22
N ILE C 10 54.14 -1.35 -19.30
CA ILE C 10 53.87 0.08 -19.30
C ILE C 10 52.79 0.43 -18.30
N LEU C 11 51.74 -0.39 -18.22
CA LEU C 11 50.67 -0.14 -17.26
C LEU C 11 51.15 -0.34 -15.83
N CYS C 12 51.98 -1.34 -15.58
CA CYS C 12 52.48 -1.61 -14.24
C CYS C 12 53.49 -0.57 -13.78
N ARG C 13 54.06 0.22 -14.70
CA ARG C 13 54.94 1.30 -14.26
C ARG C 13 54.17 2.36 -13.48
N TYR C 14 53.03 2.81 -14.01
CA TYR C 14 52.28 3.91 -13.42
C TYR C 14 51.20 3.38 -12.47
N GLU C 15 50.74 4.28 -11.59
CA GLU C 15 49.72 3.93 -10.62
C GLU C 15 48.35 3.80 -11.29
N LYS C 16 47.39 3.29 -10.53
CA LYS C 16 46.02 3.18 -11.01
C LYS C 16 45.28 4.49 -10.81
N ASN C 17 45.86 5.59 -11.31
CA ASN C 17 45.27 6.91 -11.19
C ASN C 17 44.92 7.42 -12.58
N PRO C 18 43.66 7.73 -12.86
CA PRO C 18 43.29 8.11 -14.23
C PRO C 18 44.00 9.35 -14.76
N ARG C 19 44.60 10.16 -13.89
CA ARG C 19 45.36 11.32 -14.35
C ARG C 19 46.60 10.95 -15.15
N PHE C 20 47.03 9.68 -15.10
CA PHE C 20 48.17 9.21 -15.89
C PHE C 20 47.76 8.66 -17.24
N LEU C 21 46.53 8.92 -17.69
CA LEU C 21 46.05 8.36 -18.94
C LEU C 21 46.88 8.84 -20.14
N LEU C 22 47.08 10.16 -20.25
CA LEU C 22 47.80 10.70 -21.39
C LEU C 22 49.26 10.25 -21.40
N GLN C 23 49.89 10.19 -20.23
CA GLN C 23 51.29 9.77 -20.17
C GLN C 23 51.43 8.31 -20.57
N VAL C 24 50.49 7.46 -20.15
CA VAL C 24 50.50 6.06 -20.57
C VAL C 24 50.31 5.96 -22.07
N LEU C 25 49.41 6.78 -22.62
CA LEU C 25 49.20 6.78 -24.07
C LEU C 25 50.44 7.25 -24.82
N LEU C 26 51.17 8.22 -24.28
CA LEU C 26 52.42 8.65 -24.90
C LEU C 26 53.48 7.56 -24.84
N ASP C 27 53.56 6.83 -23.74
CA ASP C 27 54.50 5.72 -23.67
C ASP C 27 54.15 4.63 -24.67
N VAL C 28 52.85 4.34 -24.83
CA VAL C 28 52.41 3.36 -25.82
C VAL C 28 52.73 3.86 -27.23
N GLN C 29 52.57 5.16 -27.47
CA GLN C 29 52.91 5.73 -28.77
C GLN C 29 54.40 5.57 -29.06
N GLU C 30 55.24 5.81 -28.07
CA GLU C 30 56.67 5.63 -28.27
C GLU C 30 57.07 4.16 -28.42
N LYS C 31 56.28 3.25 -27.83
CA LYS C 31 56.59 1.82 -27.99
C LYS C 31 56.15 1.27 -29.34
N PHE C 32 55.00 1.72 -29.86
CA PHE C 32 54.41 1.12 -31.04
C PHE C 32 54.33 2.03 -32.26
N ARG C 33 54.73 3.29 -32.14
CA ARG C 33 54.63 4.33 -33.17
C ARG C 33 53.19 4.73 -33.48
N TYR C 34 52.20 4.08 -32.86
CA TYR C 34 50.80 4.44 -33.05
C TYR C 34 50.01 3.88 -31.88
N LEU C 35 48.71 4.15 -31.87
CA LEU C 35 47.85 3.69 -30.78
C LEU C 35 46.94 2.58 -31.24
N PRO C 36 47.18 1.33 -30.84
CA PRO C 36 46.30 0.24 -31.23
C PRO C 36 44.99 0.27 -30.45
N THR C 37 44.02 -0.50 -30.95
CA THR C 37 42.76 -0.66 -30.23
C THR C 37 42.93 -1.57 -29.01
N ASP C 38 43.74 -2.62 -29.14
CA ASP C 38 43.95 -3.54 -28.02
C ASP C 38 44.70 -2.89 -26.87
N ALA C 39 45.79 -2.18 -27.17
CA ALA C 39 46.54 -1.51 -26.13
C ALA C 39 45.72 -0.42 -25.48
N MET C 40 44.96 0.34 -26.27
CA MET C 40 44.12 1.38 -25.69
C MET C 40 42.98 0.79 -24.87
N ARG C 41 42.47 -0.38 -25.25
CA ARG C 41 41.48 -1.06 -24.41
C ARG C 41 42.09 -1.52 -23.10
N SER C 42 43.33 -2.00 -23.13
CA SER C 42 44.00 -2.36 -21.88
C SER C 42 44.26 -1.13 -21.02
N VAL C 43 44.56 0.01 -21.64
CA VAL C 43 44.73 1.26 -20.91
C VAL C 43 43.42 1.69 -20.27
N ALA C 44 42.32 1.57 -21.02
CA ALA C 44 41.01 1.92 -20.45
C ALA C 44 40.64 1.02 -19.29
N GLU C 45 40.91 -0.29 -19.43
CA GLU C 45 40.57 -1.21 -18.34
C GLU C 45 41.44 -0.98 -17.11
N TYR C 46 42.73 -0.65 -17.31
CA TYR C 46 43.64 -0.52 -16.18
C TYR C 46 43.23 0.62 -15.25
N PHE C 47 42.85 1.75 -15.81
CA PHE C 47 42.46 2.91 -15.02
C PHE C 47 41.00 2.88 -14.59
N GLU C 48 40.25 1.86 -15.00
CA GLU C 48 38.82 1.74 -14.69
C GLU C 48 38.08 2.98 -15.19
N ILE C 49 38.33 3.34 -16.44
CA ILE C 49 37.71 4.50 -17.07
C ILE C 49 37.05 4.04 -18.36
N PRO C 50 36.02 4.74 -18.82
CA PRO C 50 35.35 4.35 -20.06
C PRO C 50 36.28 4.43 -21.27
N GLU C 51 36.02 3.56 -22.24
CA GLU C 51 36.85 3.53 -23.44
C GLU C 51 36.77 4.83 -24.23
N SER C 52 35.58 5.43 -24.29
CA SER C 52 35.40 6.65 -25.08
C SER C 52 36.22 7.81 -24.57
N ARG C 53 36.47 7.87 -23.26
CA ARG C 53 37.35 8.92 -22.72
C ARG C 53 38.78 8.71 -23.17
N VAL C 54 39.24 7.46 -23.17
CA VAL C 54 40.58 7.16 -23.69
C VAL C 54 40.68 7.50 -25.16
N PHE C 55 39.63 7.20 -25.93
CA PHE C 55 39.66 7.51 -27.36
C PHE C 55 39.66 9.02 -27.60
N ALA C 56 38.90 9.77 -26.81
CA ALA C 56 38.90 11.22 -26.92
C ALA C 56 40.27 11.80 -26.59
N VAL C 57 40.91 11.31 -25.53
CA VAL C 57 42.26 11.78 -25.20
C VAL C 57 43.24 11.40 -26.30
N ALA C 58 43.10 10.20 -26.85
CA ALA C 58 44.04 9.73 -27.87
C ALA C 58 43.94 10.54 -29.15
N THR C 59 42.72 10.87 -29.57
CA THR C 59 42.54 11.59 -30.82
C THR C 59 42.42 13.10 -30.64
N PHE C 60 42.53 13.60 -29.42
CA PHE C 60 42.52 15.05 -29.21
C PHE C 60 43.85 15.68 -29.58
N TYR C 61 44.96 14.96 -29.47
CA TYR C 61 46.29 15.47 -29.74
C TYR C 61 46.79 14.91 -31.07
N LYS C 62 47.31 15.79 -31.93
CA LYS C 62 47.80 15.37 -33.23
C LYS C 62 49.07 14.54 -33.14
N VAL C 63 49.76 14.54 -32.00
CA VAL C 63 50.93 13.68 -31.84
C VAL C 63 50.53 12.22 -31.85
N LEU C 64 49.46 11.88 -31.14
CA LEU C 64 48.98 10.50 -31.10
C LEU C 64 48.23 10.16 -32.39
N SER C 65 48.62 9.07 -33.02
CA SER C 65 48.04 8.65 -34.30
C SER C 65 47.39 7.29 -34.16
N LEU C 66 46.38 7.05 -34.98
CA LEU C 66 45.66 5.78 -34.98
C LEU C 66 46.20 4.78 -35.99
N VAL C 67 47.08 5.21 -36.89
CA VAL C 67 47.71 4.30 -37.85
C VAL C 67 49.22 4.47 -37.73
N PRO C 68 50.02 3.44 -38.00
CA PRO C 68 51.46 3.56 -37.79
C PRO C 68 52.08 4.63 -38.67
N LYS C 69 53.07 5.32 -38.12
CA LYS C 69 53.85 6.28 -38.87
C LYS C 69 54.98 5.57 -39.61
N GLY C 70 55.82 6.35 -40.29
CA GLY C 70 57.00 5.80 -40.92
C GLY C 70 58.11 5.58 -39.91
N GLU C 71 59.23 5.05 -40.41
CA GLU C 71 60.39 4.85 -39.55
C GLU C 71 60.94 6.18 -39.05
N LYS C 72 60.95 7.19 -39.92
CA LYS C 72 61.40 8.53 -39.56
C LYS C 72 60.28 9.52 -39.82
N THR C 73 60.06 10.43 -38.87
CA THR C 73 59.01 11.43 -38.95
C THR C 73 59.62 12.77 -39.35
N ILE C 74 59.06 13.39 -40.38
CA ILE C 74 59.53 14.68 -40.88
C ILE C 74 58.63 15.76 -40.29
N LYS C 75 59.18 16.58 -39.41
CA LYS C 75 58.44 17.68 -38.78
C LYS C 75 58.90 18.99 -39.40
N VAL C 76 58.02 19.59 -40.21
CA VAL C 76 58.30 20.88 -40.85
C VAL C 76 57.58 21.95 -40.04
N CYS C 77 58.33 22.92 -39.54
CA CYS C 77 57.75 23.95 -38.68
C CYS C 77 56.80 24.83 -39.47
N GLN C 78 55.65 25.11 -38.87
CA GLN C 78 54.66 26.03 -39.44
C GLN C 78 54.41 27.21 -38.49
N GLY C 79 55.44 27.61 -37.75
CA GLY C 79 55.33 28.76 -36.88
C GLY C 79 55.29 30.05 -37.67
N THR C 80 55.01 31.13 -36.94
CA THR C 80 54.86 32.43 -37.60
C THR C 80 56.15 32.86 -38.27
N ALA C 81 57.29 32.66 -37.59
CA ALA C 81 58.57 33.03 -38.18
C ALA C 81 58.86 32.18 -39.41
N CYS C 82 58.70 30.87 -39.31
CA CYS C 82 58.98 29.99 -40.44
C CYS C 82 58.03 30.26 -41.61
N HIS C 83 56.76 30.51 -41.31
CA HIS C 83 55.81 30.87 -42.37
C HIS C 83 56.20 32.18 -43.04
N LEU C 84 56.62 33.17 -42.25
CA LEU C 84 57.06 34.43 -42.83
C LEU C 84 58.31 34.26 -43.68
N ARG C 85 59.19 33.34 -43.30
CA ARG C 85 60.40 33.10 -44.08
C ARG C 85 60.16 32.25 -45.32
N GLY C 86 59.01 31.59 -45.43
CA GLY C 86 58.74 30.75 -46.58
C GLY C 86 58.49 29.29 -46.26
N GLY C 87 57.95 29.00 -45.08
CA GLY C 87 57.68 27.62 -44.70
C GLY C 87 56.62 26.95 -45.53
N SER C 88 55.71 27.71 -46.14
CA SER C 88 54.71 27.12 -47.02
C SER C 88 55.36 26.51 -48.26
N GLN C 89 56.37 27.18 -48.80
CA GLN C 89 57.10 26.62 -49.94
C GLN C 89 57.82 25.34 -49.56
N ILE C 90 58.40 25.30 -48.36
CA ILE C 90 59.09 24.10 -47.91
C ILE C 90 58.11 22.94 -47.74
N LEU C 91 56.95 23.21 -47.13
CA LEU C 91 55.96 22.17 -46.95
C LEU C 91 55.43 21.67 -48.29
N ASN C 92 55.16 22.58 -49.23
CA ASN C 92 54.71 22.18 -50.56
C ASN C 92 55.78 21.36 -51.28
N ALA C 93 57.05 21.76 -51.15
CA ALA C 93 58.12 21.02 -51.80
C ALA C 93 58.23 19.60 -51.27
N ILE C 94 58.19 19.44 -49.93
CA ILE C 94 58.25 18.10 -49.37
C ILE C 94 57.03 17.28 -49.78
N SER C 95 55.87 17.93 -49.74
CA SER C 95 54.61 17.25 -50.12
C SER C 95 54.69 16.74 -51.56
N GLU C 96 55.16 17.58 -52.49
CA GLU C 96 55.18 17.19 -53.90
C GLU C 96 56.28 16.16 -54.17
N ARG C 97 57.43 16.29 -53.50
CA ARG C 97 58.49 15.30 -53.70
C ARG C 97 58.08 13.93 -53.18
N LEU C 98 57.41 13.89 -52.02
CA LEU C 98 56.98 12.63 -51.46
C LEU C 98 55.59 12.20 -51.92
N LYS C 99 54.91 13.04 -52.70
CA LYS C 99 53.56 12.75 -53.21
C LYS C 99 52.58 12.46 -52.08
N ILE C 100 52.74 13.14 -50.95
CA ILE C 100 51.89 12.98 -49.78
C ILE C 100 51.42 14.36 -49.33
N ARG C 101 50.59 14.37 -48.29
CA ARG C 101 50.12 15.60 -47.66
C ARG C 101 50.58 15.63 -46.21
N ALA C 102 50.28 16.73 -45.53
CA ALA C 102 50.61 16.86 -44.12
C ALA C 102 49.88 15.81 -43.30
N GLY C 103 50.60 15.17 -42.38
CA GLY C 103 50.04 14.10 -41.59
C GLY C 103 49.69 12.88 -42.41
N GLU C 104 50.52 12.54 -43.39
CA GLU C 104 50.27 11.39 -44.26
C GLU C 104 51.57 10.64 -44.48
N THR C 105 51.51 9.31 -44.39
CA THR C 105 52.67 8.46 -44.58
C THR C 105 52.84 8.11 -46.05
N THR C 106 54.09 7.94 -46.47
CA THR C 106 54.39 7.56 -47.84
C THR C 106 54.01 6.10 -48.08
N LYS C 107 54.07 5.69 -49.35
CA LYS C 107 53.73 4.30 -49.70
C LYS C 107 54.77 3.32 -49.16
N ASP C 108 56.04 3.73 -49.13
CA ASP C 108 57.09 2.86 -48.64
C ASP C 108 57.09 2.71 -47.12
N GLY C 109 56.28 3.51 -46.42
CA GLY C 109 56.26 3.45 -44.96
C GLY C 109 57.55 3.89 -44.31
N ILE C 110 58.19 4.93 -44.85
CA ILE C 110 59.45 5.43 -44.33
C ILE C 110 59.31 6.86 -43.80
N PHE C 111 58.57 7.70 -44.50
CA PHE C 111 58.45 9.12 -44.17
C PHE C 111 57.03 9.43 -43.72
N THR C 112 56.91 10.18 -42.63
CA THR C 112 55.62 10.66 -42.12
C THR C 112 55.73 12.18 -42.03
N LEU C 113 55.16 12.87 -43.01
CA LEU C 113 55.23 14.33 -43.05
C LEU C 113 54.32 14.92 -41.97
N GLU C 114 54.91 15.72 -41.09
CA GLU C 114 54.18 16.32 -39.98
C GLU C 114 54.54 17.79 -39.88
N THR C 115 53.60 18.59 -39.36
CA THR C 115 53.80 20.01 -39.14
C THR C 115 53.77 20.30 -37.65
N VAL C 116 54.73 21.08 -37.19
CA VAL C 116 54.88 21.41 -35.78
C VAL C 116 54.69 22.91 -35.60
N ASN C 117 54.06 23.30 -34.47
CA ASN C 117 53.76 24.71 -34.25
C ASN C 117 55.02 25.54 -34.13
N CYS C 118 56.02 25.05 -33.40
CA CYS C 118 57.27 25.79 -33.27
C CYS C 118 58.33 24.85 -32.70
N LEU C 119 59.59 25.16 -33.01
CA LEU C 119 60.72 24.37 -32.54
C LEU C 119 61.70 25.16 -31.69
N GLY C 120 61.50 26.47 -31.53
CA GLY C 120 62.42 27.29 -30.77
C GLY C 120 63.65 27.73 -31.52
N CYS C 121 63.76 27.39 -32.81
CA CYS C 121 64.91 27.74 -33.64
C CYS C 121 64.53 28.77 -34.69
N CYS C 122 63.73 29.76 -34.30
CA CYS C 122 63.20 30.73 -35.26
C CYS C 122 64.28 31.56 -35.92
N ALA C 123 65.49 31.61 -35.35
CA ALA C 123 66.59 32.29 -36.02
C ALA C 123 66.95 31.59 -37.32
N MET C 124 66.99 30.26 -37.30
CA MET C 124 67.26 29.47 -38.51
C MET C 124 65.94 28.95 -39.08
N ALA C 125 65.24 29.86 -39.76
CA ALA C 125 63.96 29.54 -40.37
C ALA C 125 64.02 29.76 -41.88
N PRO C 126 63.29 28.96 -42.67
CA PRO C 126 62.42 27.83 -42.28
C PRO C 126 63.22 26.64 -41.76
N VAL C 127 62.68 25.89 -40.80
CA VAL C 127 63.41 24.81 -40.14
C VAL C 127 62.61 23.53 -40.26
N MET C 128 63.32 22.41 -40.45
CA MET C 128 62.72 21.10 -40.60
C MET C 128 63.44 20.11 -39.69
N MET C 129 62.69 19.19 -39.12
CA MET C 129 63.26 18.16 -38.24
C MET C 129 62.94 16.79 -38.82
N VAL C 130 63.98 16.01 -39.10
CA VAL C 130 63.85 14.64 -39.57
C VAL C 130 64.34 13.73 -38.46
N GLY C 131 63.45 12.91 -37.91
CA GLY C 131 63.79 12.12 -36.75
C GLY C 131 64.07 13.00 -35.55
N ASP C 132 65.34 13.08 -35.16
CA ASP C 132 65.78 14.00 -34.11
C ASP C 132 66.76 15.05 -34.61
N LYS C 133 67.14 15.01 -35.88
CA LYS C 133 68.05 15.97 -36.45
C LYS C 133 67.27 17.16 -37.01
N VAL C 134 67.75 18.36 -36.72
CA VAL C 134 67.10 19.60 -37.12
C VAL C 134 67.90 20.23 -38.26
N TYR C 135 67.22 20.54 -39.35
CA TYR C 135 67.80 21.25 -40.49
C TYR C 135 67.11 22.59 -40.63
N GLY C 136 67.91 23.67 -40.71
CA GLY C 136 67.38 25.00 -40.81
C GLY C 136 68.03 25.79 -41.93
N LYS C 137 67.49 26.98 -42.16
CA LYS C 137 67.94 27.85 -43.25
C LYS C 137 67.89 27.15 -44.60
N LEU C 138 66.90 26.28 -44.79
CA LEU C 138 66.85 25.39 -45.93
C LEU C 138 65.89 25.93 -46.99
N SER C 139 66.27 25.76 -48.25
CA SER C 139 65.45 26.15 -49.39
C SER C 139 64.79 24.92 -49.99
N VAL C 140 64.13 25.10 -51.14
CA VAL C 140 63.50 23.97 -51.82
C VAL C 140 64.54 22.98 -52.30
N ALA C 141 65.66 23.47 -52.82
CA ALA C 141 66.70 22.58 -53.34
C ALA C 141 67.29 21.70 -52.25
N ASP C 142 67.49 22.26 -51.05
CA ASP C 142 68.06 21.48 -49.95
C ASP C 142 67.14 20.34 -49.54
N VAL C 143 65.84 20.46 -49.79
CA VAL C 143 64.90 19.42 -49.40
C VAL C 143 65.19 18.12 -50.14
N ALA C 144 65.48 18.21 -51.44
CA ALA C 144 65.69 17.01 -52.25
C ALA C 144 66.84 16.17 -51.70
N ARG C 145 67.95 16.82 -51.34
CA ARG C 145 69.07 16.09 -50.77
C ARG C 145 68.72 15.45 -49.44
N ILE C 146 68.07 16.21 -48.55
CA ILE C 146 67.81 15.74 -47.20
C ILE C 146 66.89 14.52 -47.21
N LEU C 147 65.81 14.57 -47.97
CA LEU C 147 64.80 13.51 -47.92
C LEU C 147 65.37 12.18 -48.40
N GLU C 148 65.97 12.17 -49.59
CA GLU C 148 66.50 10.91 -50.10
C GLU C 148 67.68 10.41 -49.27
N ALA C 149 68.53 11.32 -48.75
CA ALA C 149 69.60 10.88 -47.87
C ALA C 149 69.05 10.22 -46.62
N GLU C 150 68.01 10.82 -46.03
CA GLU C 150 67.43 10.24 -44.81
C GLU C 150 66.74 8.92 -45.09
N LYS C 151 66.11 8.77 -46.26
CA LYS C 151 65.47 7.49 -46.59
C LYS C 151 66.50 6.39 -46.80
N GLU C 152 67.54 6.67 -47.59
CA GLU C 152 68.57 5.66 -47.84
C GLU C 152 69.35 5.34 -46.57
N ASP C 153 69.46 6.29 -45.64
CA ASP C 153 70.07 5.97 -44.35
C ASP C 153 69.10 5.23 -43.44
N ALA C 154 67.79 5.49 -43.56
CA ALA C 154 66.81 4.81 -42.72
C ALA C 154 66.77 3.31 -43.02
N ILE C 155 66.78 2.96 -44.30
CA ILE C 155 66.73 1.54 -44.64
C ILE C 155 67.99 0.84 -44.15
N ILE C 156 69.13 1.52 -44.20
CA ILE C 156 70.38 0.95 -43.69
C ILE C 156 70.30 0.80 -42.17
N SER C 157 69.81 1.84 -41.48
CA SER C 157 69.79 1.84 -40.02
C SER C 157 68.87 0.74 -39.49
N LYS C 158 67.70 0.55 -40.10
CA LYS C 158 66.79 -0.47 -39.59
C LYS C 158 67.31 -1.87 -39.87
N ALA C 159 67.93 -2.09 -41.02
CA ALA C 159 68.43 -3.41 -41.38
C ALA C 159 69.82 -3.32 -41.99
N MET D 1 -9.77 15.05 -36.83
CA MET D 1 -10.71 16.15 -36.63
C MET D 1 -11.45 16.00 -35.30
N PHE D 2 -12.59 16.66 -35.17
CA PHE D 2 -13.33 16.73 -33.92
C PHE D 2 -14.54 15.81 -33.99
N GLY D 3 -14.68 14.93 -33.00
CA GLY D 3 -15.75 13.97 -32.96
C GLY D 3 -15.51 12.81 -33.89
N TYR D 4 -15.52 13.07 -35.19
CA TYR D 4 -15.26 12.05 -36.18
C TYR D 4 -13.77 11.83 -36.36
N MET D 5 -13.42 10.68 -36.95
CA MET D 5 -12.05 10.43 -37.38
C MET D 5 -11.82 10.79 -38.84
N GLY D 6 -12.88 10.87 -39.63
CA GLY D 6 -12.78 11.27 -41.02
C GLY D 6 -12.34 10.17 -41.97
N LYS D 7 -12.10 8.95 -41.48
CA LYS D 7 -11.57 7.87 -42.28
C LYS D 7 -12.59 6.74 -42.38
N VAL D 8 -12.70 6.17 -43.58
CA VAL D 8 -13.55 5.01 -43.84
C VAL D 8 -12.67 3.89 -44.37
N LEU D 9 -12.81 2.71 -43.78
CA LEU D 9 -12.07 1.53 -44.20
C LEU D 9 -12.97 0.68 -45.09
N ARG D 10 -12.56 0.47 -46.34
CA ARG D 10 -13.30 -0.33 -47.30
C ARG D 10 -12.53 -1.62 -47.54
N VAL D 11 -13.18 -2.75 -47.27
CA VAL D 11 -12.56 -4.06 -47.41
C VAL D 11 -13.35 -4.83 -48.46
N ASN D 12 -12.70 -5.14 -49.58
CA ASN D 12 -13.29 -5.97 -50.62
C ASN D 12 -12.91 -7.42 -50.36
N LEU D 13 -13.89 -8.22 -49.94
CA LEU D 13 -13.60 -9.61 -49.59
C LEU D 13 -13.36 -10.47 -50.83
N SER D 14 -13.97 -10.12 -51.96
CA SER D 14 -13.79 -10.90 -53.17
C SER D 14 -12.37 -10.78 -53.72
N THR D 15 -11.83 -9.56 -53.76
CA THR D 15 -10.52 -9.32 -54.34
C THR D 15 -9.44 -9.13 -53.29
N LYS D 16 -9.76 -9.27 -52.00
CA LYS D 16 -8.81 -9.08 -50.90
C LYS D 16 -8.15 -7.71 -50.97
N ASN D 17 -8.92 -6.71 -51.36
CA ASN D 17 -8.42 -5.34 -51.51
C ASN D 17 -8.96 -4.49 -50.37
N ILE D 18 -8.06 -3.82 -49.67
CA ILE D 18 -8.40 -2.98 -48.52
C ILE D 18 -7.92 -1.56 -48.82
N THR D 19 -8.84 -0.60 -48.76
CA THR D 19 -8.56 0.77 -49.15
C THR D 19 -9.05 1.75 -48.09
N LEU D 20 -8.41 2.91 -48.05
CA LEU D 20 -8.76 3.99 -47.13
C LEU D 20 -9.31 5.17 -47.91
N GLU D 21 -10.44 5.69 -47.48
CA GLU D 21 -11.08 6.83 -48.13
C GLU D 21 -11.60 7.78 -47.07
N PRO D 22 -11.69 9.07 -47.38
CA PRO D 22 -12.21 10.03 -46.41
C PRO D 22 -13.71 9.86 -46.21
N LEU D 23 -14.17 10.24 -45.02
CA LEU D 23 -15.59 10.23 -44.72
C LEU D 23 -16.28 11.43 -45.36
N ARG D 24 -17.45 11.20 -45.94
CA ARG D 24 -18.23 12.27 -46.56
C ARG D 24 -18.80 13.16 -45.48
N MET D 25 -18.21 14.36 -45.32
CA MET D 25 -18.58 15.23 -44.22
C MET D 25 -19.89 15.96 -44.44
N ASP D 26 -20.30 16.18 -45.69
CA ASP D 26 -21.62 16.72 -45.95
C ASP D 26 -22.71 15.73 -45.53
N TRP D 27 -22.52 14.45 -45.86
CA TRP D 27 -23.42 13.42 -45.36
C TRP D 27 -23.34 13.32 -43.84
N ALA D 28 -22.16 13.53 -43.26
CA ALA D 28 -22.03 13.53 -41.81
C ALA D 28 -22.83 14.67 -41.19
N LYS D 29 -22.82 15.85 -41.83
CA LYS D 29 -23.65 16.96 -41.36
C LYS D 29 -25.13 16.61 -41.45
N ASP D 30 -25.57 16.13 -42.62
CA ASP D 30 -26.97 15.77 -42.78
C ASP D 30 -27.32 14.52 -41.98
N PHE D 31 -26.43 13.52 -41.98
CA PHE D 31 -26.63 12.25 -41.28
C PHE D 31 -25.50 12.10 -40.28
N LEU D 32 -25.80 12.35 -39.01
CA LEU D 32 -24.78 12.49 -37.97
C LEU D 32 -23.77 11.35 -37.97
N GLY D 33 -24.23 10.11 -38.03
CA GLY D 33 -23.33 8.98 -38.01
C GLY D 33 -24.12 7.69 -37.83
N ALA D 34 -23.41 6.66 -37.38
CA ALA D 34 -23.98 5.36 -37.03
C ALA D 34 -25.09 4.94 -37.98
N ARG D 35 -26.33 4.86 -37.48
CA ARG D 35 -27.43 4.40 -38.33
C ARG D 35 -27.64 5.33 -39.51
N GLY D 36 -27.62 6.65 -39.28
CA GLY D 36 -27.92 7.58 -40.35
C GLY D 36 -26.87 7.58 -41.46
N LEU D 37 -25.61 7.71 -41.07
CA LEU D 37 -24.55 7.74 -42.08
C LEU D 37 -24.38 6.38 -42.75
N GLY D 38 -24.52 5.30 -41.98
CA GLY D 38 -24.48 3.98 -42.57
C GLY D 38 -25.59 3.76 -43.56
N SER D 39 -26.81 4.23 -43.25
CA SER D 39 -27.92 4.15 -44.18
C SER D 39 -27.64 4.97 -45.43
N ARG D 40 -27.05 6.16 -45.26
CA ARG D 40 -26.72 6.98 -46.42
C ARG D 40 -25.71 6.28 -47.33
N TYR D 41 -24.67 5.68 -46.74
CA TYR D 41 -23.68 4.95 -47.52
C TYR D 41 -24.32 3.74 -48.21
N LEU D 42 -25.18 3.02 -47.50
CA LEU D 42 -25.83 1.85 -48.09
C LEU D 42 -26.73 2.25 -49.25
N VAL D 43 -27.47 3.36 -49.10
CA VAL D 43 -28.29 3.87 -50.18
C VAL D 43 -27.44 4.26 -51.37
N GLU D 44 -26.31 4.92 -51.12
CA GLU D 44 -25.43 5.34 -52.20
C GLU D 44 -24.86 4.13 -52.95
N GLU D 45 -24.49 3.08 -52.22
CA GLU D 45 -23.75 1.96 -52.80
C GLU D 45 -24.62 0.74 -53.12
N VAL D 46 -25.39 0.27 -52.15
CA VAL D 46 -26.12 -0.98 -52.31
C VAL D 46 -27.40 -0.73 -53.08
N ASP D 47 -27.63 -1.53 -54.12
CA ASP D 47 -28.89 -1.50 -54.83
C ASP D 47 -29.99 -2.09 -53.95
N PRO D 48 -31.11 -1.39 -53.77
CA PRO D 48 -32.13 -1.87 -52.82
C PRO D 48 -32.74 -3.21 -53.17
N ASN D 49 -32.64 -3.66 -54.42
CA ASN D 49 -33.23 -4.92 -54.84
C ASN D 49 -32.22 -6.07 -54.85
N VAL D 50 -31.05 -5.88 -54.24
CA VAL D 50 -30.06 -6.95 -54.18
C VAL D 50 -30.52 -8.02 -53.20
N ASP D 51 -30.09 -9.25 -53.43
CA ASP D 51 -30.31 -10.32 -52.47
C ASP D 51 -29.40 -10.08 -51.27
N PRO D 52 -29.91 -10.22 -50.04
CA PRO D 52 -29.06 -9.93 -48.86
C PRO D 52 -27.82 -10.79 -48.77
N PHE D 53 -27.83 -12.00 -49.33
CA PHE D 53 -26.70 -12.90 -49.27
C PHE D 53 -25.80 -12.79 -50.50
N SER D 54 -26.08 -11.84 -51.39
CA SER D 54 -25.28 -11.68 -52.60
C SER D 54 -24.00 -10.90 -52.30
N PRO D 55 -22.94 -11.11 -53.07
CA PRO D 55 -21.73 -10.28 -52.91
C PRO D 55 -21.95 -8.82 -53.18
N ASP D 56 -23.01 -8.46 -53.92
CA ASP D 56 -23.28 -7.06 -54.20
C ASP D 56 -23.76 -6.33 -52.95
N ASN D 57 -24.39 -7.04 -52.02
CA ASN D 57 -24.77 -6.44 -50.75
C ASN D 57 -23.54 -6.09 -49.93
N LYS D 58 -23.68 -5.10 -49.05
CA LYS D 58 -22.57 -4.61 -48.26
C LYS D 58 -22.94 -4.59 -46.78
N LEU D 59 -21.92 -4.78 -45.95
CA LEU D 59 -22.07 -4.77 -44.49
C LEU D 59 -21.21 -3.63 -43.96
N ILE D 60 -21.83 -2.71 -43.22
CA ILE D 60 -21.17 -1.50 -42.76
C ILE D 60 -21.17 -1.47 -41.24
N PHE D 61 -19.99 -1.30 -40.66
CA PHE D 61 -19.83 -1.03 -39.23
C PHE D 61 -19.59 0.46 -39.07
N ALA D 62 -20.58 1.18 -38.53
CA ALA D 62 -20.55 2.63 -38.47
C ALA D 62 -20.62 3.10 -37.02
N THR D 63 -19.69 3.97 -36.65
CA THR D 63 -19.67 4.60 -35.34
C THR D 63 -20.24 6.02 -35.42
N GLY D 64 -20.60 6.54 -34.25
CA GLY D 64 -21.11 7.89 -34.15
C GLY D 64 -20.02 8.90 -33.83
N PRO D 65 -20.33 10.19 -34.00
CA PRO D 65 -19.34 11.22 -33.69
C PRO D 65 -18.90 11.23 -32.23
N VAL D 66 -19.79 10.91 -31.29
CA VAL D 66 -19.45 10.95 -29.87
C VAL D 66 -18.96 9.61 -29.35
N THR D 67 -19.07 8.53 -30.13
CA THR D 67 -18.61 7.22 -29.70
C THR D 67 -17.13 7.28 -29.34
N GLY D 68 -16.77 6.63 -28.23
CA GLY D 68 -15.41 6.63 -27.76
C GLY D 68 -15.01 7.82 -26.92
N THR D 69 -15.92 8.74 -26.66
CA THR D 69 -15.65 9.91 -25.83
C THR D 69 -16.24 9.72 -24.44
N LEU D 70 -15.87 10.63 -23.53
CA LEU D 70 -16.34 10.58 -22.16
C LEU D 70 -17.82 10.95 -22.04
N ALA D 71 -18.44 11.44 -23.11
CA ALA D 71 -19.86 11.78 -23.09
C ALA D 71 -20.67 10.62 -22.54
N THR D 72 -21.78 10.95 -21.90
CA THR D 72 -22.55 9.95 -21.18
C THR D 72 -22.99 8.84 -22.11
N SER D 73 -22.53 7.61 -21.81
CA SER D 73 -22.94 6.41 -22.54
C SER D 73 -22.66 6.52 -24.03
N ALA D 74 -21.49 7.06 -24.37
CA ALA D 74 -21.07 7.18 -25.77
C ALA D 74 -20.08 6.08 -26.12
N GLY D 75 -20.64 4.88 -26.33
CA GLY D 75 -19.84 3.72 -26.68
C GLY D 75 -20.53 2.84 -27.71
N ARG D 76 -21.45 3.43 -28.47
CA ARG D 76 -22.37 2.70 -29.32
C ARG D 76 -21.96 2.80 -30.80
N PHE D 77 -22.38 1.80 -31.57
CA PHE D 77 -22.14 1.76 -33.00
C PHE D 77 -23.21 0.91 -33.67
N ASN D 78 -23.31 1.04 -34.99
CA ASN D 78 -24.33 0.37 -35.77
C ASN D 78 -23.71 -0.55 -36.80
N VAL D 79 -24.45 -1.60 -37.15
CA VAL D 79 -24.11 -2.48 -38.27
C VAL D 79 -25.25 -2.37 -39.28
N VAL D 80 -24.95 -1.83 -40.46
CA VAL D 80 -25.95 -1.48 -41.45
C VAL D 80 -25.76 -2.35 -42.69
N THR D 81 -26.84 -2.94 -43.16
CA THR D 81 -26.85 -3.78 -44.37
C THR D 81 -28.29 -3.88 -44.83
N LYS D 82 -28.54 -4.76 -45.81
CA LYS D 82 -29.89 -5.11 -46.20
C LYS D 82 -30.28 -6.40 -45.48
N GLY D 83 -31.34 -6.34 -44.70
CA GLY D 83 -31.72 -7.44 -43.84
C GLY D 83 -32.22 -8.65 -44.58
N PRO D 84 -31.65 -9.82 -44.29
CA PRO D 84 -32.16 -11.06 -44.88
C PRO D 84 -33.48 -11.50 -44.29
N LEU D 85 -33.78 -11.13 -43.04
CA LEU D 85 -35.03 -11.56 -42.42
C LEU D 85 -36.22 -10.78 -42.98
N THR D 86 -36.05 -9.48 -43.20
CA THR D 86 -37.15 -8.61 -43.58
C THR D 86 -37.07 -8.09 -45.01
N GLY D 87 -35.87 -8.00 -45.58
CA GLY D 87 -35.70 -7.34 -46.87
C GLY D 87 -35.61 -5.83 -46.78
N THR D 88 -35.71 -5.27 -45.59
CA THR D 88 -35.59 -3.82 -45.38
C THR D 88 -34.14 -3.45 -45.13
N ILE D 89 -33.90 -2.18 -44.85
CA ILE D 89 -32.58 -1.73 -44.40
C ILE D 89 -32.43 -2.13 -42.94
N ALA D 90 -31.29 -2.72 -42.60
CA ALA D 90 -31.06 -3.27 -41.27
C ALA D 90 -29.95 -2.46 -40.60
N ALA D 91 -30.31 -1.66 -39.60
CA ALA D 91 -29.35 -0.87 -38.84
C ALA D 91 -29.30 -1.44 -37.43
N SER D 92 -28.21 -2.12 -37.11
CA SER D 92 -28.07 -2.85 -35.87
C SER D 92 -27.13 -2.12 -34.92
N ASN D 93 -27.66 -1.70 -33.77
CA ASN D 93 -26.90 -0.99 -32.76
C ASN D 93 -26.38 -1.95 -31.70
N SER D 94 -25.06 -1.97 -31.53
CA SER D 94 -24.42 -2.60 -30.39
C SER D 94 -23.52 -1.58 -29.71
N GLY D 95 -23.30 -1.78 -28.43
CA GLY D 95 -22.39 -0.95 -27.67
C GLY D 95 -21.20 -1.74 -27.18
N GLY D 96 -21.15 -1.99 -25.88
CA GLY D 96 -20.00 -2.68 -25.33
C GLY D 96 -18.78 -1.80 -25.40
N TYR D 97 -17.72 -2.33 -26.04
CA TYR D 97 -16.47 -1.59 -26.14
C TYR D 97 -15.85 -1.72 -27.53
N PHE D 98 -16.63 -2.09 -28.54
CA PHE D 98 -16.09 -2.31 -29.88
C PHE D 98 -16.06 -1.04 -30.72
N GLY D 99 -17.12 -0.24 -30.68
CA GLY D 99 -17.17 1.00 -31.43
C GLY D 99 -16.13 2.01 -30.99
N PRO D 100 -15.99 2.23 -29.68
CA PRO D 100 -14.87 3.04 -29.20
C PRO D 100 -13.52 2.56 -29.67
N GLU D 101 -13.28 1.24 -29.68
CA GLU D 101 -12.00 0.73 -30.13
C GLU D 101 -11.83 0.92 -31.64
N LEU D 102 -12.91 0.83 -32.39
CA LEU D 102 -12.83 1.12 -33.83
C LEU D 102 -12.44 2.56 -34.07
N LYS D 103 -13.00 3.48 -33.29
CA LYS D 103 -12.62 4.88 -33.42
C LYS D 103 -11.25 5.19 -32.84
N TYR D 104 -10.74 4.35 -31.93
CA TYR D 104 -9.39 4.53 -31.42
C TYR D 104 -8.33 4.08 -32.42
N ALA D 105 -8.68 3.13 -33.29
CA ALA D 105 -7.79 2.75 -34.37
C ALA D 105 -7.76 3.78 -35.49
N GLY D 106 -8.66 4.74 -35.47
CA GLY D 106 -8.67 5.81 -36.44
C GLY D 106 -9.69 5.68 -37.55
N TYR D 107 -10.83 5.03 -37.30
CA TYR D 107 -11.82 4.79 -38.34
C TYR D 107 -13.21 5.17 -37.84
N ASP D 108 -14.00 5.74 -38.74
CA ASP D 108 -15.43 5.98 -38.49
C ASP D 108 -16.30 4.87 -39.04
N MET D 109 -15.82 4.15 -40.06
CA MET D 109 -16.61 3.13 -40.72
C MET D 109 -15.72 1.99 -41.18
N ILE D 110 -16.34 0.82 -41.32
CA ILE D 110 -15.79 -0.29 -42.09
C ILE D 110 -16.87 -0.74 -43.07
N ILE D 111 -16.49 -0.92 -44.34
CA ILE D 111 -17.41 -1.37 -45.37
C ILE D 111 -16.91 -2.72 -45.90
N PHE D 112 -17.79 -3.71 -45.88
CA PHE D 112 -17.47 -5.05 -46.39
C PHE D 112 -18.29 -5.31 -47.64
N GLU D 113 -17.60 -5.68 -48.72
CA GLU D 113 -18.24 -5.89 -50.00
C GLU D 113 -17.73 -7.19 -50.61
N GLY D 114 -18.61 -7.91 -51.29
CA GLY D 114 -18.24 -9.17 -51.88
C GLY D 114 -18.34 -10.31 -50.90
N LYS D 115 -17.74 -11.44 -51.29
CA LYS D 115 -17.73 -12.64 -50.46
C LYS D 115 -16.34 -13.28 -50.54
N SER D 116 -15.72 -13.48 -49.38
CA SER D 116 -14.43 -14.16 -49.35
C SER D 116 -14.59 -15.62 -49.74
N ALA D 117 -13.64 -16.11 -50.55
CA ALA D 117 -13.70 -17.50 -50.99
C ALA D 117 -13.58 -18.46 -49.81
N ASN D 118 -12.66 -18.17 -48.89
CA ASN D 118 -12.47 -18.95 -47.67
C ASN D 118 -12.84 -18.13 -46.45
N PRO D 119 -13.24 -18.77 -45.35
CA PRO D 119 -13.54 -18.03 -44.12
C PRO D 119 -12.34 -17.23 -43.64
N VAL D 120 -12.53 -15.91 -43.53
CA VAL D 120 -11.48 -15.00 -43.11
C VAL D 120 -12.02 -14.08 -42.03
N TYR D 121 -11.09 -13.45 -41.30
CA TYR D 121 -11.44 -12.44 -40.33
C TYR D 121 -10.53 -11.23 -40.50
N LEU D 122 -11.03 -10.06 -40.13
CA LEU D 122 -10.31 -8.80 -40.29
C LEU D 122 -9.60 -8.44 -39.00
N TRP D 123 -8.31 -8.12 -39.09
CA TRP D 123 -7.49 -7.74 -37.96
C TRP D 123 -6.99 -6.32 -38.17
N ILE D 124 -7.36 -5.42 -37.26
CA ILE D 124 -7.04 -4.01 -37.36
C ILE D 124 -6.20 -3.61 -36.15
N TYR D 125 -5.01 -3.07 -36.40
CA TYR D 125 -4.15 -2.50 -35.36
C TYR D 125 -3.77 -1.10 -35.85
N ASN D 126 -4.54 -0.10 -35.43
CA ASN D 126 -4.36 1.29 -35.86
C ASN D 126 -4.49 1.32 -37.37
N ASP D 127 -3.49 1.78 -38.12
CA ASP D 127 -3.57 1.84 -39.57
C ASP D 127 -3.15 0.53 -40.24
N HIS D 128 -2.78 -0.49 -39.47
CA HIS D 128 -2.38 -1.77 -40.03
C HIS D 128 -3.62 -2.67 -40.12
N VAL D 129 -4.13 -2.84 -41.32
CA VAL D 129 -5.33 -3.65 -41.56
C VAL D 129 -4.96 -4.79 -42.49
N GLU D 130 -5.31 -6.01 -42.10
CA GLU D 130 -4.99 -7.19 -42.90
C GLU D 130 -6.07 -8.24 -42.71
N LEU D 131 -6.33 -8.98 -43.78
CA LEU D 131 -7.23 -10.14 -43.72
C LEU D 131 -6.42 -11.39 -43.40
N ARG D 132 -6.99 -12.26 -42.56
CA ARG D 132 -6.32 -13.46 -42.11
C ARG D 132 -7.24 -14.65 -42.23
N ASP D 133 -6.64 -15.82 -42.38
CA ASP D 133 -7.41 -17.06 -42.50
C ASP D 133 -8.11 -17.36 -41.19
N ALA D 134 -9.41 -17.67 -41.27
CA ALA D 134 -10.23 -17.96 -40.10
C ALA D 134 -10.81 -19.37 -40.16
N SER D 135 -10.09 -20.30 -40.79
CA SER D 135 -10.60 -21.66 -40.91
C SER D 135 -10.58 -22.40 -39.58
N HIS D 136 -9.64 -22.06 -38.69
CA HIS D 136 -9.57 -22.73 -37.41
C HIS D 136 -10.68 -22.29 -36.47
N VAL D 137 -11.03 -21.00 -36.50
CA VAL D 137 -12.10 -20.49 -35.64
C VAL D 137 -13.48 -20.62 -36.27
N TRP D 138 -13.57 -20.96 -37.55
CA TRP D 138 -14.85 -21.13 -38.20
C TRP D 138 -15.58 -22.34 -37.63
N GLY D 139 -16.72 -22.11 -36.98
CA GLY D 139 -17.48 -23.15 -36.33
C GLY D 139 -17.52 -23.04 -34.82
N LYS D 140 -16.66 -22.23 -34.22
CA LYS D 140 -16.69 -22.03 -32.78
C LYS D 140 -17.74 -20.99 -32.41
N ASP D 141 -18.17 -21.03 -31.15
CA ASP D 141 -19.12 -20.05 -30.66
C ASP D 141 -18.43 -18.72 -30.41
N SER D 142 -19.20 -17.73 -29.94
CA SER D 142 -18.65 -16.39 -29.75
C SER D 142 -17.54 -16.39 -28.71
N TYR D 143 -17.70 -17.13 -27.62
CA TYR D 143 -16.70 -17.12 -26.55
C TYR D 143 -15.40 -17.72 -27.03
N GLU D 144 -15.46 -18.90 -27.66
CA GLU D 144 -14.26 -19.57 -28.14
C GLU D 144 -13.57 -18.75 -29.24
N THR D 145 -14.37 -18.21 -30.17
CA THR D 145 -13.79 -17.39 -31.23
C THR D 145 -13.09 -16.16 -30.66
N THR D 146 -13.74 -15.49 -29.71
CA THR D 146 -13.13 -14.31 -29.09
C THR D 146 -11.83 -14.70 -28.39
N ASP D 147 -11.84 -15.78 -27.62
CA ASP D 147 -10.65 -16.19 -26.90
C ASP D 147 -9.50 -16.52 -27.85
N ALA D 148 -9.79 -17.28 -28.91
CA ALA D 148 -8.74 -17.67 -29.85
C ALA D 148 -8.18 -16.46 -30.59
N LEU D 149 -9.06 -15.58 -31.07
CA LEU D 149 -8.58 -14.42 -31.83
C LEU D 149 -7.82 -13.44 -30.95
N LEU D 150 -8.23 -13.28 -29.69
CA LEU D 150 -7.44 -12.47 -28.77
C LEU D 150 -6.09 -13.11 -28.49
N SER D 151 -6.06 -14.44 -28.37
CA SER D 151 -4.81 -15.13 -28.13
C SER D 151 -3.88 -15.08 -29.34
N GLU D 152 -4.40 -14.83 -30.53
CA GLU D 152 -3.56 -14.80 -31.72
C GLU D 152 -3.35 -13.41 -32.32
N THR D 153 -4.10 -12.39 -31.88
CA THR D 153 -3.89 -11.03 -32.39
C THR D 153 -3.39 -10.07 -31.33
N ASP D 154 -4.14 -9.87 -30.25
CA ASP D 154 -3.75 -8.94 -29.19
C ASP D 154 -4.67 -9.13 -27.98
N PRO D 155 -4.12 -9.21 -26.77
CA PRO D 155 -4.98 -9.41 -25.60
C PRO D 155 -5.95 -8.27 -25.34
N GLU D 156 -5.60 -7.04 -25.72
CA GLU D 156 -6.43 -5.87 -25.44
C GLU D 156 -7.37 -5.53 -26.59
N ALA D 157 -7.42 -6.34 -27.65
CA ALA D 157 -8.26 -6.05 -28.79
C ALA D 157 -9.72 -6.38 -28.48
N LYS D 158 -10.61 -5.87 -29.33
CA LYS D 158 -12.03 -6.15 -29.24
C LYS D 158 -12.47 -6.92 -30.48
N VAL D 159 -13.37 -7.88 -30.29
CA VAL D 159 -13.78 -8.81 -31.34
C VAL D 159 -15.28 -8.64 -31.58
N ALA D 160 -15.64 -8.43 -32.83
CA ALA D 160 -17.04 -8.48 -33.28
C ALA D 160 -17.16 -9.68 -34.20
N CYS D 161 -17.87 -10.71 -33.74
CA CYS D 161 -17.88 -12.00 -34.43
C CYS D 161 -19.30 -12.54 -34.51
N ILE D 162 -19.49 -13.44 -35.46
CA ILE D 162 -20.71 -14.24 -35.53
C ILE D 162 -20.42 -15.60 -34.91
N GLY D 163 -21.49 -16.30 -34.53
CA GLY D 163 -21.35 -17.64 -34.02
C GLY D 163 -21.70 -18.65 -35.09
N PRO D 164 -21.93 -19.90 -34.68
CA PRO D 164 -22.37 -20.91 -35.66
C PRO D 164 -23.67 -20.56 -36.36
N ALA D 165 -24.57 -19.84 -35.68
CA ALA D 165 -25.85 -19.49 -36.29
C ALA D 165 -25.66 -18.61 -37.52
N GLY D 166 -24.73 -17.65 -37.44
CA GLY D 166 -24.45 -16.81 -38.58
C GLY D 166 -23.83 -17.58 -39.73
N GLU D 167 -22.98 -18.56 -39.41
CA GLU D 167 -22.31 -19.35 -40.45
C GLU D 167 -23.30 -20.24 -41.17
N ARG D 168 -24.30 -20.77 -40.47
CA ARG D 168 -25.34 -21.59 -41.08
C ARG D 168 -26.40 -20.76 -41.79
N LEU D 169 -26.19 -19.45 -41.89
CA LEU D 169 -27.13 -18.54 -42.56
C LEU D 169 -28.52 -18.59 -41.95
N VAL D 170 -28.57 -18.61 -40.61
CA VAL D 170 -29.85 -18.46 -39.92
C VAL D 170 -30.35 -17.02 -40.12
N LEU D 171 -31.61 -16.89 -40.55
CA LEU D 171 -32.11 -15.60 -40.98
C LEU D 171 -32.15 -14.56 -39.85
N PHE D 172 -32.11 -14.99 -38.59
CA PHE D 172 -32.05 -14.08 -37.46
C PHE D 172 -30.75 -14.24 -36.67
N ALA D 173 -29.64 -14.40 -37.38
CA ALA D 173 -28.33 -14.46 -36.76
C ALA D 173 -27.93 -13.08 -36.24
N CYS D 174 -26.69 -12.96 -35.74
CA CYS D 174 -26.29 -11.69 -35.15
C CYS D 174 -24.77 -11.57 -35.13
N VAL D 175 -24.31 -10.34 -35.01
CA VAL D 175 -22.90 -10.04 -34.76
C VAL D 175 -22.71 -9.86 -33.26
N MET D 176 -21.73 -10.58 -32.70
CA MET D 176 -21.46 -10.56 -31.27
C MET D 176 -20.16 -9.83 -31.00
N ASN D 177 -20.23 -8.76 -30.19
CA ASN D 177 -19.04 -8.08 -29.70
C ASN D 177 -18.94 -8.23 -28.20
N ASP D 178 -17.72 -8.43 -27.70
CA ASP D 178 -17.45 -8.62 -26.27
C ASP D 178 -18.17 -9.84 -25.71
N LYS D 179 -18.53 -10.78 -26.58
CA LYS D 179 -19.05 -12.11 -26.24
C LYS D 179 -20.45 -12.03 -25.65
N HIS D 180 -20.95 -10.83 -25.41
CA HIS D 180 -22.25 -10.69 -24.77
C HIS D 180 -23.06 -9.57 -25.41
N ARG D 181 -22.38 -8.59 -25.99
CA ARG D 181 -23.07 -7.53 -26.70
C ARG D 181 -23.35 -7.98 -28.13
N ALA D 182 -24.55 -7.68 -28.60
CA ALA D 182 -25.03 -8.23 -29.86
C ALA D 182 -25.58 -7.07 -30.66
N ALA D 183 -25.18 -6.97 -31.93
CA ALA D 183 -25.88 -6.13 -32.90
C ALA D 183 -26.84 -7.00 -33.69
N GLY D 184 -27.84 -7.52 -32.99
CA GLY D 184 -28.68 -8.56 -33.53
C GLY D 184 -30.11 -8.16 -33.84
N ARG D 185 -30.48 -8.19 -35.13
CA ARG D 185 -31.86 -8.22 -35.62
C ARG D 185 -31.83 -8.23 -37.14
N THR D 186 -32.96 -8.61 -37.75
CA THR D 186 -33.15 -8.68 -39.21
C THR D 186 -31.89 -9.19 -39.91
N GLY D 187 -31.44 -10.36 -39.45
CA GLY D 187 -30.20 -10.94 -39.94
C GLY D 187 -28.96 -10.23 -39.45
N VAL D 188 -28.23 -9.58 -40.36
CA VAL D 188 -27.01 -8.83 -40.08
C VAL D 188 -25.87 -9.81 -39.84
N GLY D 189 -26.04 -10.70 -38.86
CA GLY D 189 -25.06 -11.76 -38.68
C GLY D 189 -25.06 -12.75 -39.83
N ALA D 190 -26.25 -13.03 -40.39
CA ALA D 190 -26.33 -13.89 -41.56
C ALA D 190 -25.63 -13.25 -42.76
N VAL D 191 -25.74 -11.94 -42.92
CA VAL D 191 -25.04 -11.24 -43.98
C VAL D 191 -23.53 -11.36 -43.79
N MET D 192 -23.06 -11.19 -42.54
CA MET D 192 -21.64 -11.33 -42.26
C MET D 192 -21.16 -12.74 -42.57
N GLY D 193 -21.95 -13.75 -42.21
CA GLY D 193 -21.57 -15.12 -42.51
C GLY D 193 -21.57 -15.43 -43.99
N SER D 194 -22.55 -14.90 -44.73
CA SER D 194 -22.62 -15.16 -46.17
C SER D 194 -21.41 -14.59 -46.91
N LYS D 195 -20.76 -13.59 -46.34
CA LYS D 195 -19.54 -13.03 -46.89
C LYS D 195 -18.30 -13.78 -46.42
N ASN D 196 -18.47 -14.89 -45.69
CA ASN D 196 -17.36 -15.66 -45.13
C ASN D 196 -16.48 -14.80 -44.22
N LEU D 197 -17.09 -13.86 -43.51
CA LEU D 197 -16.39 -13.01 -42.57
C LEU D 197 -16.68 -13.53 -41.16
N LYS D 198 -15.69 -14.18 -40.55
CA LYS D 198 -15.90 -14.77 -39.24
C LYS D 198 -15.95 -13.70 -38.15
N ALA D 199 -15.03 -12.74 -38.18
CA ALA D 199 -14.95 -11.75 -37.12
C ALA D 199 -14.17 -10.54 -37.60
N VAL D 200 -14.31 -9.45 -36.85
CA VAL D 200 -13.48 -8.26 -37.00
C VAL D 200 -12.81 -7.99 -35.66
N VAL D 201 -11.49 -8.02 -35.65
CA VAL D 201 -10.71 -7.79 -34.44
C VAL D 201 -9.96 -6.48 -34.62
N VAL D 202 -10.21 -5.54 -33.71
CA VAL D 202 -9.64 -4.20 -33.79
C VAL D 202 -8.92 -3.89 -32.48
N ARG D 203 -7.77 -3.23 -32.58
CA ARG D 203 -7.02 -2.76 -31.44
C ARG D 203 -6.62 -1.31 -31.71
N GLY D 204 -7.19 -0.38 -30.96
CA GLY D 204 -6.98 1.04 -31.17
C GLY D 204 -6.14 1.64 -30.06
N THR D 205 -5.13 2.43 -30.47
CA THR D 205 -4.24 3.10 -29.53
C THR D 205 -4.24 4.60 -29.75
N GLY D 206 -5.06 5.12 -30.67
CA GLY D 206 -5.19 6.54 -30.88
C GLY D 206 -6.32 7.15 -30.07
N GLY D 207 -6.43 8.47 -30.18
CA GLY D 207 -7.40 9.23 -29.42
C GLY D 207 -8.46 9.89 -30.27
N ILE D 208 -9.43 10.48 -29.58
CA ILE D 208 -10.53 11.22 -30.20
C ILE D 208 -10.48 12.64 -29.69
N LYS D 209 -10.27 13.59 -30.60
CA LYS D 209 -10.10 14.99 -30.23
C LYS D 209 -11.44 15.70 -30.18
N LEU D 210 -11.61 16.52 -29.14
CA LEU D 210 -12.79 17.37 -28.99
C LEU D 210 -12.44 18.79 -29.41
N ALA D 211 -13.47 19.62 -29.53
CA ALA D 211 -13.28 21.03 -29.88
C ALA D 211 -13.09 21.88 -28.62
N ASP D 212 -14.04 21.81 -27.69
CA ASP D 212 -14.00 22.56 -26.44
C ASP D 212 -14.12 21.57 -25.29
N LYS D 213 -13.01 21.34 -24.59
CA LYS D 213 -13.02 20.37 -23.50
C LYS D 213 -13.78 20.90 -22.29
N GLU D 214 -13.65 22.20 -22.00
CA GLU D 214 -14.26 22.75 -20.79
C GLU D 214 -15.78 22.77 -20.88
N ALA D 215 -16.32 23.24 -22.02
CA ALA D 215 -17.76 23.23 -22.20
C ALA D 215 -18.31 21.82 -22.18
N PHE D 216 -17.59 20.88 -22.80
CA PHE D 216 -18.00 19.48 -22.75
C PHE D 216 -18.01 18.95 -21.32
N LEU D 217 -17.01 19.31 -20.52
CA LEU D 217 -16.98 18.86 -19.14
C LEU D 217 -18.15 19.45 -18.34
N GLU D 218 -18.48 20.72 -18.56
CA GLU D 218 -19.62 21.31 -17.87
C GLU D 218 -20.92 20.60 -18.25
N ALA D 219 -21.14 20.39 -19.54
CA ALA D 219 -22.35 19.71 -19.99
C ALA D 219 -22.38 18.27 -19.47
N LEU D 220 -21.21 17.62 -19.43
CA LEU D 220 -21.13 16.25 -18.93
C LEU D 220 -21.47 16.18 -17.45
N ARG D 221 -21.00 17.14 -16.66
CA ARG D 221 -21.35 17.17 -15.24
C ARG D 221 -22.85 17.37 -15.06
N LYS D 222 -23.45 18.28 -15.83
CA LYS D 222 -24.89 18.48 -15.74
C LYS D 222 -25.65 17.20 -16.11
N ALA D 223 -25.23 16.55 -17.19
CA ALA D 223 -25.91 15.33 -17.64
C ALA D 223 -25.73 14.19 -16.65
N ARG D 224 -24.54 14.07 -16.04
CA ARG D 224 -24.33 13.04 -15.04
C ARG D 224 -25.19 13.27 -13.81
N LYS D 225 -25.31 14.54 -13.38
CA LYS D 225 -26.24 14.84 -12.28
C LYS D 225 -27.66 14.41 -12.64
N LYS D 226 -28.12 14.77 -13.84
CA LYS D 226 -29.48 14.43 -14.24
C LYS D 226 -29.69 12.92 -14.30
N ILE D 227 -28.70 12.19 -14.82
CA ILE D 227 -28.81 10.74 -14.93
C ILE D 227 -28.86 10.10 -13.54
N ALA D 228 -27.95 10.52 -12.65
CA ALA D 228 -27.91 9.94 -11.31
C ALA D 228 -29.17 10.25 -10.51
N GLU D 229 -29.73 11.45 -10.68
CA GLU D 229 -30.95 11.79 -9.94
C GLU D 229 -32.17 11.03 -10.43
N HIS D 230 -32.21 10.70 -11.72
CA HIS D 230 -33.41 10.09 -12.30
C HIS D 230 -33.63 8.71 -11.69
N PRO D 231 -34.89 8.34 -11.42
CA PRO D 231 -35.15 7.02 -10.83
C PRO D 231 -34.71 5.86 -11.70
N VAL D 232 -34.91 5.93 -13.02
CA VAL D 232 -34.69 4.79 -13.89
C VAL D 232 -33.20 4.64 -14.18
N THR D 233 -32.59 5.66 -14.76
CA THR D 233 -31.17 5.61 -15.08
C THR D 233 -30.29 5.72 -13.83
N GLY D 234 -30.86 6.06 -12.68
CA GLY D 234 -30.08 6.19 -11.47
C GLY D 234 -30.16 5.00 -10.54
N GLY D 235 -31.37 4.51 -10.28
CA GLY D 235 -31.53 3.37 -9.40
C GLY D 235 -32.13 2.15 -10.09
N GLY D 236 -32.96 2.37 -11.10
CA GLY D 236 -33.66 1.29 -11.74
C GLY D 236 -32.79 0.40 -12.61
N LEU D 237 -32.17 0.98 -13.63
CA LEU D 237 -31.31 0.21 -14.52
C LEU D 237 -30.10 -0.40 -13.80
N PRO D 238 -29.32 0.34 -13.00
CA PRO D 238 -28.16 -0.30 -12.35
C PRO D 238 -28.51 -1.43 -11.40
N ALA D 239 -29.72 -1.45 -10.84
CA ALA D 239 -30.09 -2.45 -9.86
C ALA D 239 -30.90 -3.61 -10.42
N TYR D 240 -31.68 -3.39 -11.49
CA TYR D 240 -32.47 -4.47 -12.04
C TYR D 240 -32.33 -4.57 -13.56
N GLY D 241 -31.34 -3.90 -14.14
CA GLY D 241 -31.16 -3.94 -15.57
C GLY D 241 -32.39 -3.42 -16.31
N THR D 242 -32.52 -3.86 -17.55
CA THR D 242 -33.72 -3.61 -18.32
C THR D 242 -34.84 -4.57 -17.97
N ASN D 243 -34.54 -5.64 -17.24
CA ASN D 243 -35.54 -6.61 -16.82
C ASN D 243 -36.48 -6.06 -15.76
N VAL D 244 -36.19 -4.87 -15.21
CA VAL D 244 -37.10 -4.21 -14.28
C VAL D 244 -38.47 -3.99 -14.93
N LEU D 245 -38.52 -3.92 -16.25
CA LEU D 245 -39.75 -3.64 -16.97
C LEU D 245 -40.76 -4.80 -16.91
N VAL D 246 -40.36 -5.98 -16.43
CA VAL D 246 -41.26 -7.12 -16.46
C VAL D 246 -42.49 -6.87 -15.60
N ASN D 247 -42.29 -6.43 -14.37
CA ASN D 247 -43.43 -6.14 -13.50
C ASN D 247 -44.17 -4.89 -13.95
N VAL D 248 -43.45 -3.88 -14.43
CA VAL D 248 -44.10 -2.64 -14.87
C VAL D 248 -45.00 -2.90 -16.07
N ILE D 249 -44.52 -3.66 -17.05
CA ILE D 249 -45.31 -3.92 -18.24
C ILE D 249 -46.48 -4.86 -17.93
N ASN D 250 -46.23 -5.87 -17.10
CA ASN D 250 -47.29 -6.84 -16.79
C ASN D 250 -48.37 -6.22 -15.92
N ALA D 251 -47.99 -5.30 -15.01
CA ALA D 251 -48.98 -4.64 -14.18
C ALA D 251 -49.95 -3.80 -15.00
N ALA D 252 -49.48 -3.27 -16.13
CA ALA D 252 -50.35 -2.55 -17.06
C ALA D 252 -51.09 -3.48 -18.01
N GLY D 253 -50.83 -4.78 -17.93
CA GLY D 253 -51.47 -5.73 -18.83
C GLY D 253 -51.06 -5.58 -20.27
N ALA D 254 -49.77 -5.31 -20.52
CA ALA D 254 -49.27 -5.10 -21.87
C ALA D 254 -48.08 -6.02 -22.17
N LEU D 255 -48.01 -7.16 -21.48
CA LEU D 255 -46.95 -8.12 -21.71
C LEU D 255 -47.50 -9.28 -22.52
N PRO D 256 -47.14 -9.41 -23.80
CA PRO D 256 -47.71 -10.49 -24.62
C PRO D 256 -47.39 -11.86 -24.03
N THR D 257 -48.38 -12.74 -24.06
CA THR D 257 -48.28 -14.05 -23.44
C THR D 257 -48.88 -15.10 -24.36
N ARG D 258 -48.19 -16.24 -24.47
CA ARG D 258 -48.63 -17.37 -25.28
C ARG D 258 -48.86 -16.94 -26.74
N ASN D 259 -47.79 -16.38 -27.32
CA ASN D 259 -47.81 -15.89 -28.71
C ASN D 259 -48.91 -14.85 -28.92
N PHE D 260 -48.90 -13.83 -28.06
CA PHE D 260 -49.81 -12.69 -28.12
C PHE D 260 -51.28 -13.09 -27.97
N LYS D 261 -51.55 -14.28 -27.44
CA LYS D 261 -52.93 -14.67 -27.17
C LYS D 261 -53.44 -13.99 -25.90
N GLU D 262 -52.56 -13.78 -24.92
CA GLU D 262 -52.92 -13.13 -23.67
C GLU D 262 -51.94 -11.98 -23.41
N ALA D 263 -52.40 -11.01 -22.64
CA ALA D 263 -51.58 -9.85 -22.30
C ALA D 263 -51.13 -9.83 -20.86
N TRP D 264 -51.54 -10.80 -20.04
CA TRP D 264 -51.16 -10.87 -18.64
C TRP D 264 -50.57 -12.24 -18.36
N PHE D 265 -49.36 -12.26 -17.78
CA PHE D 265 -48.63 -13.49 -17.49
C PHE D 265 -48.51 -13.64 -15.98
N GLU D 266 -49.11 -14.71 -15.44
CA GLU D 266 -49.12 -14.91 -14.00
C GLU D 266 -47.79 -15.41 -13.46
N GLY D 267 -46.86 -15.82 -14.32
CA GLY D 267 -45.55 -16.23 -13.89
C GLY D 267 -44.53 -15.12 -13.96
N ALA D 268 -45.02 -13.88 -14.03
CA ALA D 268 -44.13 -12.73 -14.19
C ALA D 268 -43.21 -12.55 -13.00
N ASP D 269 -43.72 -12.82 -11.79
CA ASP D 269 -42.93 -12.57 -10.58
C ASP D 269 -41.66 -13.41 -10.56
N LYS D 270 -41.74 -14.66 -11.03
CA LYS D 270 -40.58 -15.53 -11.03
C LYS D 270 -39.51 -15.09 -12.01
N ILE D 271 -39.89 -14.35 -13.06
CA ILE D 271 -38.96 -13.93 -14.11
C ILE D 271 -38.65 -12.44 -14.06
N SER D 272 -39.15 -11.73 -13.05
CA SER D 272 -38.98 -10.29 -12.99
C SER D 272 -37.53 -9.93 -12.68
N GLY D 273 -37.20 -8.66 -12.90
CA GLY D 273 -35.85 -8.18 -12.62
C GLY D 273 -35.49 -8.25 -11.16
N GLU D 274 -36.45 -8.00 -10.27
CA GLU D 274 -36.20 -8.10 -8.84
C GLU D 274 -35.83 -9.52 -8.44
N THR D 275 -36.56 -10.52 -8.95
CA THR D 275 -36.26 -11.91 -8.64
C THR D 275 -34.88 -12.30 -9.16
N MET D 276 -34.54 -11.87 -10.38
CA MET D 276 -33.23 -12.18 -10.95
C MET D 276 -32.12 -11.52 -10.13
N ALA D 277 -32.35 -10.28 -9.67
CA ALA D 277 -31.36 -9.62 -8.84
C ALA D 277 -31.19 -10.36 -7.51
N GLU D 278 -32.28 -10.86 -6.94
CA GLU D 278 -32.20 -11.59 -5.68
C GLU D 278 -31.47 -12.91 -5.85
N THR D 279 -31.74 -13.65 -6.93
CA THR D 279 -31.36 -15.06 -7.01
C THR D 279 -30.08 -15.30 -7.80
N ILE D 280 -30.02 -14.91 -9.06
CA ILE D 280 -28.96 -15.34 -9.96
C ILE D 280 -28.03 -14.22 -10.40
N LEU D 281 -28.32 -12.97 -10.06
CA LEU D 281 -27.50 -11.85 -10.51
C LEU D 281 -26.18 -11.84 -9.76
N LEU D 282 -25.08 -12.09 -10.48
CA LEU D 282 -23.76 -11.96 -9.87
C LEU D 282 -23.36 -10.51 -9.67
N LYS D 283 -23.59 -9.68 -10.68
CA LYS D 283 -23.12 -8.30 -10.67
C LYS D 283 -23.80 -7.56 -11.82
N ASN D 284 -23.56 -6.25 -11.88
CA ASN D 284 -24.03 -5.42 -12.98
C ASN D 284 -22.84 -4.95 -13.80
N LYS D 285 -23.06 -4.77 -15.10
CA LYS D 285 -22.00 -4.43 -16.04
C LYS D 285 -22.41 -3.23 -16.86
N ALA D 286 -21.45 -2.35 -17.13
CA ALA D 286 -21.70 -1.12 -17.85
C ALA D 286 -21.01 -1.15 -19.21
N CYS D 287 -21.67 -0.58 -20.22
CA CYS D 287 -21.06 -0.40 -21.52
C CYS D 287 -20.02 0.73 -21.44
N ALA D 288 -19.43 1.05 -22.58
CA ALA D 288 -18.40 2.09 -22.61
C ALA D 288 -18.98 3.43 -22.15
N SER D 289 -18.35 4.00 -21.11
CA SER D 289 -18.68 5.33 -20.60
C SER D 289 -20.13 5.43 -20.14
N CYS D 290 -20.69 4.36 -19.58
CA CYS D 290 -22.10 4.34 -19.18
C CYS D 290 -22.19 4.58 -17.67
N ALA D 291 -22.93 5.62 -17.29
CA ALA D 291 -23.16 5.87 -15.87
C ALA D 291 -24.08 4.82 -15.28
N SER D 292 -25.15 4.48 -15.99
CA SER D 292 -25.96 3.33 -15.61
C SER D 292 -25.21 2.04 -15.94
N ALA D 293 -25.61 0.96 -15.30
CA ALA D 293 -25.10 -0.37 -15.62
C ALA D 293 -26.30 -1.28 -15.82
N CYS D 294 -26.85 -1.25 -17.03
CA CYS D 294 -28.01 -2.07 -17.37
C CYS D 294 -27.63 -3.51 -17.69
N GLY D 295 -26.35 -3.79 -17.93
CA GLY D 295 -25.93 -5.14 -18.24
C GLY D 295 -25.95 -6.03 -17.00
N ARG D 296 -26.52 -7.22 -17.16
CA ARG D 296 -26.63 -8.19 -16.09
C ARG D 296 -25.52 -9.22 -16.26
N VAL D 297 -24.86 -9.57 -15.16
CA VAL D 297 -23.96 -10.70 -15.11
C VAL D 297 -24.58 -11.72 -14.16
N THR D 298 -25.04 -12.85 -14.71
CA THR D 298 -25.80 -13.83 -13.95
C THR D 298 -25.16 -15.20 -14.06
N LYS D 299 -25.55 -16.09 -13.14
CA LYS D 299 -25.11 -17.48 -13.14
C LYS D 299 -26.34 -18.37 -13.01
N ALA D 300 -26.67 -19.08 -14.09
CA ALA D 300 -27.81 -19.98 -14.09
C ALA D 300 -27.40 -21.34 -14.64
N MET D 301 -27.93 -22.39 -14.02
CA MET D 301 -27.69 -23.78 -14.44
C MET D 301 -26.20 -24.10 -14.50
N GLY D 302 -25.45 -23.58 -13.53
CA GLY D 302 -24.03 -23.86 -13.44
C GLY D 302 -23.17 -23.12 -14.44
N GLU D 303 -23.74 -22.22 -15.23
CA GLU D 303 -22.99 -21.45 -16.21
C GLU D 303 -23.12 -19.97 -15.90
N ILE D 304 -22.12 -19.20 -16.33
CA ILE D 304 -22.06 -17.76 -16.08
C ILE D 304 -22.07 -17.04 -17.42
N GLY D 305 -22.97 -16.08 -17.57
CA GLY D 305 -23.01 -15.26 -18.77
C GLY D 305 -23.81 -14.01 -18.51
N GLU D 306 -23.83 -13.14 -19.51
CA GLU D 306 -24.59 -11.90 -19.39
C GLU D 306 -26.07 -12.21 -19.31
N GLY D 307 -26.71 -11.79 -18.22
CA GLY D 307 -28.05 -12.18 -17.92
C GLY D 307 -29.04 -11.75 -18.99
N PRO D 308 -30.19 -12.43 -19.04
CA PRO D 308 -31.15 -12.13 -20.11
C PRO D 308 -31.78 -10.77 -19.90
N GLU D 309 -31.80 -9.96 -20.97
CA GLU D 309 -32.46 -8.67 -20.91
C GLU D 309 -33.95 -8.85 -21.17
N TYR D 310 -34.72 -7.79 -20.89
CA TYR D 310 -36.18 -7.85 -20.81
C TYR D 310 -36.85 -8.53 -22.00
N GLU D 311 -36.44 -8.18 -23.22
CA GLU D 311 -37.03 -8.82 -24.40
C GLU D 311 -36.68 -10.30 -24.46
N ALA D 312 -35.44 -10.66 -24.09
CA ALA D 312 -35.06 -12.07 -24.04
C ALA D 312 -35.87 -12.82 -23.00
N VAL D 313 -36.07 -12.21 -21.83
CA VAL D 313 -36.85 -12.83 -20.76
C VAL D 313 -38.28 -13.06 -21.24
N TRP D 314 -38.87 -12.08 -21.92
CA TRP D 314 -40.23 -12.26 -22.43
C TRP D 314 -40.28 -13.33 -23.51
N ALA D 315 -39.33 -13.31 -24.44
CA ALA D 315 -39.36 -14.23 -25.57
C ALA D 315 -39.23 -15.67 -25.11
N TYR D 316 -38.34 -15.92 -24.15
CA TYR D 316 -38.24 -17.25 -23.57
C TYR D 316 -39.18 -17.45 -22.38
N GLY D 317 -39.89 -16.40 -21.96
CA GLY D 317 -40.81 -16.48 -20.84
C GLY D 317 -42.26 -16.38 -21.24
N ALA D 318 -42.84 -15.18 -21.10
CA ALA D 318 -44.26 -14.99 -21.36
C ALA D 318 -44.64 -15.41 -22.77
N GLN D 319 -43.75 -15.18 -23.74
CA GLN D 319 -44.03 -15.58 -25.12
C GLN D 319 -44.22 -17.08 -25.23
N CYS D 320 -43.36 -17.85 -24.58
CA CYS D 320 -43.46 -19.30 -24.58
C CYS D 320 -44.20 -19.86 -23.36
N GLY D 321 -44.57 -19.01 -22.40
CA GLY D 321 -45.24 -19.46 -21.19
C GLY D 321 -44.31 -20.03 -20.14
N VAL D 322 -43.00 -19.96 -20.33
CA VAL D 322 -42.05 -20.54 -19.40
C VAL D 322 -41.85 -19.59 -18.22
N ASP D 323 -42.05 -20.10 -17.00
CA ASP D 323 -41.79 -19.35 -15.79
C ASP D 323 -40.48 -19.74 -15.12
N ASN D 324 -39.66 -20.53 -15.79
CA ASN D 324 -38.38 -20.99 -15.26
C ASN D 324 -37.31 -19.98 -15.62
N LEU D 325 -36.95 -19.12 -14.66
CA LEU D 325 -35.99 -18.07 -14.92
C LEU D 325 -34.62 -18.63 -15.30
N GLU D 326 -34.23 -19.74 -14.67
CA GLU D 326 -32.94 -20.34 -14.98
C GLU D 326 -32.89 -20.88 -16.39
N ALA D 327 -33.99 -21.49 -16.86
CA ALA D 327 -34.04 -21.97 -18.24
C ALA D 327 -34.00 -20.81 -19.24
N ILE D 328 -34.69 -19.71 -18.93
CA ILE D 328 -34.63 -18.53 -19.77
C ILE D 328 -33.20 -18.00 -19.84
N CYS D 329 -32.52 -17.96 -18.69
CA CYS D 329 -31.14 -17.50 -18.65
C CYS D 329 -30.23 -18.40 -19.47
N LYS D 330 -30.43 -19.72 -19.37
CA LYS D 330 -29.64 -20.66 -20.15
C LYS D 330 -29.88 -20.49 -21.65
N ALA D 331 -31.14 -20.29 -22.04
CA ALA D 331 -31.44 -20.07 -23.46
C ALA D 331 -30.81 -18.77 -23.95
N ASN D 332 -30.81 -17.73 -23.12
CA ASN D 332 -30.13 -16.50 -23.48
C ASN D 332 -28.63 -16.71 -23.63
N PHE D 333 -28.05 -17.52 -22.75
CA PHE D 333 -26.63 -17.86 -22.89
C PHE D 333 -26.35 -18.58 -24.20
N ILE D 334 -27.23 -19.52 -24.56
CA ILE D 334 -27.04 -20.27 -25.81
C ILE D 334 -27.15 -19.33 -27.01
N CYS D 335 -28.11 -18.40 -26.97
CA CYS D 335 -28.18 -17.39 -28.02
C CYS D 335 -26.89 -16.59 -28.10
N ASN D 336 -26.37 -16.15 -26.96
CA ASN D 336 -25.15 -15.35 -26.94
C ASN D 336 -23.99 -16.13 -27.56
N LYS D 337 -23.88 -17.42 -27.23
CA LYS D 337 -22.79 -18.23 -27.75
C LYS D 337 -22.93 -18.44 -29.26
N LEU D 338 -24.12 -18.82 -29.72
CA LEU D 338 -24.31 -19.18 -31.12
C LEU D 338 -24.54 -17.98 -32.03
N GLY D 339 -24.86 -16.81 -31.47
CA GLY D 339 -25.10 -15.62 -32.28
C GLY D 339 -26.49 -15.58 -32.89
N MET D 340 -27.51 -15.74 -32.06
CA MET D 340 -28.89 -15.79 -32.49
C MET D 340 -29.71 -14.69 -31.85
N ASP D 341 -30.95 -14.58 -32.31
CA ASP D 341 -31.88 -13.57 -31.84
C ASP D 341 -32.78 -14.18 -30.78
N PRO D 342 -32.61 -13.86 -29.50
CA PRO D 342 -33.56 -14.36 -28.49
C PRO D 342 -34.99 -13.89 -28.70
N ILE D 343 -35.20 -12.68 -29.22
CA ILE D 343 -36.56 -12.26 -29.55
C ILE D 343 -37.13 -13.13 -30.66
N THR D 344 -36.43 -13.21 -31.80
CA THR D 344 -36.93 -13.98 -32.91
C THR D 344 -36.95 -15.47 -32.60
N MET D 345 -35.92 -15.96 -31.90
CA MET D 345 -35.92 -17.36 -31.49
C MET D 345 -37.10 -17.67 -30.58
N GLY D 346 -37.34 -16.83 -29.57
CA GLY D 346 -38.44 -17.07 -28.66
C GLY D 346 -39.80 -16.95 -29.33
N SER D 347 -39.95 -15.96 -30.21
CA SER D 347 -41.21 -15.80 -30.92
C SER D 347 -41.46 -16.95 -31.88
N THR D 348 -40.40 -17.45 -32.53
CA THR D 348 -40.55 -18.60 -33.42
C THR D 348 -40.87 -19.86 -32.61
N ILE D 349 -40.27 -20.01 -31.43
CA ILE D 349 -40.59 -21.14 -30.57
C ILE D 349 -42.04 -21.07 -30.12
N GLY D 350 -42.51 -19.88 -29.76
CA GLY D 350 -43.91 -19.71 -29.39
C GLY D 350 -44.86 -19.98 -30.54
N CYS D 351 -44.48 -19.55 -31.74
CA CYS D 351 -45.28 -19.85 -32.93
C CYS D 351 -45.33 -21.34 -33.20
N ALA D 352 -44.21 -22.04 -33.02
CA ALA D 352 -44.19 -23.48 -33.17
C ALA D 352 -45.07 -24.15 -32.12
N MET D 353 -45.04 -23.63 -30.88
CA MET D 353 -45.92 -24.16 -29.84
C MET D 353 -47.38 -23.98 -30.20
N GLU D 354 -47.74 -22.82 -30.72
CA GLU D 354 -49.14 -22.60 -31.11
C GLU D 354 -49.53 -23.45 -32.31
N LEU D 355 -48.61 -23.67 -33.25
CA LEU D 355 -48.88 -24.59 -34.35
C LEU D 355 -49.08 -26.01 -33.85
N ALA D 356 -48.28 -26.44 -32.89
CA ALA D 356 -48.48 -27.75 -32.27
C ALA D 356 -49.82 -27.80 -31.52
N GLU D 357 -50.27 -26.66 -30.99
CA GLU D 357 -51.59 -26.61 -30.38
C GLU D 357 -52.68 -26.92 -31.39
N LEU D 358 -52.50 -26.47 -32.63
CA LEU D 358 -53.41 -26.81 -33.71
C LEU D 358 -53.15 -28.19 -34.30
N GLY D 359 -52.08 -28.86 -33.87
CA GLY D 359 -51.75 -30.18 -34.36
C GLY D 359 -50.96 -30.21 -35.66
N LEU D 360 -50.54 -29.05 -36.17
CA LEU D 360 -49.82 -29.02 -37.44
C LEU D 360 -48.38 -29.50 -37.31
N ILE D 361 -47.83 -29.55 -36.10
CA ILE D 361 -46.45 -29.97 -35.87
C ILE D 361 -46.48 -31.21 -35.00
N ASP D 362 -45.85 -32.28 -35.46
CA ASP D 362 -45.75 -33.51 -34.69
C ASP D 362 -44.65 -33.38 -33.65
N GLU D 363 -44.93 -33.83 -32.42
CA GLU D 363 -43.95 -33.75 -31.35
C GLU D 363 -42.71 -34.59 -31.64
N LYS D 364 -42.85 -35.65 -32.43
CA LYS D 364 -41.68 -36.42 -32.85
C LYS D 364 -40.87 -35.68 -33.91
N LYS D 365 -41.53 -34.90 -34.76
CA LYS D 365 -40.82 -34.08 -35.74
C LYS D 365 -39.99 -33.01 -35.05
N ALA D 366 -40.53 -32.38 -34.01
CA ALA D 366 -39.79 -31.36 -33.27
C ALA D 366 -38.67 -31.97 -32.45
N GLY D 367 -38.86 -33.19 -31.95
CA GLY D 367 -37.89 -33.82 -31.07
C GLY D 367 -38.08 -33.51 -29.60
N VAL D 368 -39.09 -32.72 -29.24
CA VAL D 368 -39.36 -32.39 -27.84
C VAL D 368 -40.82 -31.99 -27.75
N SER D 369 -41.38 -32.06 -26.55
CA SER D 369 -42.78 -31.72 -26.34
C SER D 369 -42.98 -30.22 -26.50
N LEU D 370 -43.79 -29.84 -27.49
CA LEU D 370 -44.08 -28.42 -27.75
C LEU D 370 -45.33 -27.95 -27.02
N HIS D 371 -45.39 -28.15 -25.71
CA HIS D 371 -46.47 -27.62 -24.90
C HIS D 371 -46.02 -26.33 -24.23
N TRP D 372 -46.98 -25.45 -23.97
CA TRP D 372 -46.68 -24.15 -23.40
C TRP D 372 -46.01 -24.30 -22.04
N GLY D 373 -44.93 -23.53 -21.82
CA GLY D 373 -44.21 -23.56 -20.57
C GLY D 373 -43.16 -24.64 -20.46
N ASN D 374 -42.84 -25.35 -21.54
CA ASN D 374 -41.83 -26.40 -21.49
C ASN D 374 -40.45 -25.76 -21.44
N ALA D 375 -39.81 -25.82 -20.27
CA ALA D 375 -38.50 -25.20 -20.10
C ALA D 375 -37.42 -25.92 -20.88
N GLU D 376 -37.56 -27.24 -21.08
CA GLU D 376 -36.60 -27.97 -21.89
C GLU D 376 -36.68 -27.58 -23.36
N ALA D 377 -37.90 -27.25 -23.83
CA ALA D 377 -38.11 -27.00 -25.25
C ALA D 377 -37.33 -25.78 -25.72
N ILE D 378 -37.30 -24.71 -24.93
CA ILE D 378 -36.63 -23.50 -25.37
C ILE D 378 -35.14 -23.75 -25.58
N VAL D 379 -34.51 -24.44 -24.61
CA VAL D 379 -33.08 -24.73 -24.72
C VAL D 379 -32.80 -25.67 -25.89
N LYS D 380 -33.59 -26.74 -26.01
CA LYS D 380 -33.37 -27.72 -27.07
C LYS D 380 -33.52 -27.07 -28.44
N LEU D 381 -34.60 -26.31 -28.64
CA LEU D 381 -34.85 -25.69 -29.93
C LEU D 381 -33.85 -24.57 -30.21
N THR D 382 -33.39 -23.86 -29.18
CA THR D 382 -32.38 -22.84 -29.39
C THR D 382 -31.08 -23.47 -29.92
N GLU D 383 -30.64 -24.57 -29.29
CA GLU D 383 -29.45 -25.25 -29.79
C GLU D 383 -29.66 -25.80 -31.20
N ASP D 384 -30.82 -26.41 -31.44
CA ASP D 384 -31.08 -26.99 -32.76
C ASP D 384 -31.14 -25.93 -33.84
N THR D 385 -31.74 -24.78 -33.55
CA THR D 385 -31.79 -23.70 -34.52
C THR D 385 -30.42 -23.07 -34.73
N GLY D 386 -29.63 -22.99 -33.66
CA GLY D 386 -28.28 -22.48 -33.80
C GLY D 386 -27.40 -23.34 -34.68
N TYR D 387 -27.58 -24.66 -34.63
CA TYR D 387 -26.82 -25.56 -35.48
C TYR D 387 -27.63 -26.13 -36.64
N ARG D 388 -28.90 -25.76 -36.78
CA ARG D 388 -29.77 -26.24 -37.86
C ARG D 388 -29.81 -27.77 -37.88
N ARG D 389 -30.27 -28.33 -36.77
CA ARG D 389 -30.38 -29.78 -36.57
C ARG D 389 -31.85 -30.17 -36.62
N GLY D 390 -32.25 -30.81 -37.72
CA GLY D 390 -33.60 -31.33 -37.84
C GLY D 390 -34.68 -30.27 -37.86
N PHE D 391 -35.45 -30.19 -36.78
CA PHE D 391 -36.52 -29.19 -36.69
C PHE D 391 -35.96 -27.78 -36.71
N GLY D 392 -34.70 -27.61 -36.26
CA GLY D 392 -34.06 -26.31 -36.34
C GLY D 392 -33.96 -25.77 -37.75
N GLU D 393 -33.91 -26.65 -38.75
CA GLU D 393 -33.90 -26.22 -40.14
C GLU D 393 -35.12 -25.39 -40.49
N GLU D 394 -36.25 -25.66 -39.85
CA GLU D 394 -37.45 -24.87 -40.04
C GLU D 394 -37.48 -23.65 -39.12
N LEU D 395 -37.06 -23.81 -37.87
CA LEU D 395 -37.01 -22.69 -36.95
C LEU D 395 -36.00 -21.62 -37.37
N ALA D 396 -35.02 -21.98 -38.19
CA ALA D 396 -34.01 -21.03 -38.64
C ALA D 396 -34.52 -20.13 -39.76
N LEU D 397 -35.80 -20.21 -40.10
CA LEU D 397 -36.39 -19.33 -41.10
C LEU D 397 -37.26 -18.24 -40.50
N GLY D 398 -37.35 -18.17 -39.17
CA GLY D 398 -38.19 -17.20 -38.52
C GLY D 398 -39.64 -17.64 -38.43
N SER D 399 -40.41 -16.92 -37.61
CA SER D 399 -41.79 -17.32 -37.36
C SER D 399 -42.68 -17.11 -38.57
N TYR D 400 -42.41 -16.08 -39.37
CA TYR D 400 -43.26 -15.82 -40.53
C TYR D 400 -43.13 -16.93 -41.57
N ARG D 401 -41.90 -17.31 -41.90
CA ARG D 401 -41.70 -18.38 -42.87
C ARG D 401 -42.08 -19.73 -42.27
N LEU D 402 -41.92 -19.92 -40.96
CA LEU D 402 -42.38 -21.15 -40.33
C LEU D 402 -43.89 -21.28 -40.43
N GLY D 403 -44.63 -20.19 -40.20
CA GLY D 403 -46.08 -20.23 -40.37
C GLY D 403 -46.49 -20.40 -41.82
N GLU D 404 -45.74 -19.78 -42.75
CA GLU D 404 -46.04 -19.95 -44.16
C GLU D 404 -45.87 -21.40 -44.59
N LYS D 405 -44.83 -22.08 -44.08
CA LYS D 405 -44.60 -23.46 -44.46
C LYS D 405 -45.75 -24.37 -44.06
N TYR D 406 -46.45 -24.03 -42.97
CA TYR D 406 -47.61 -24.80 -42.53
C TYR D 406 -48.93 -24.14 -42.90
N GLY D 407 -48.90 -23.13 -43.76
CA GLY D 407 -50.12 -22.51 -44.23
C GLY D 407 -50.80 -21.58 -43.24
N HIS D 408 -50.12 -21.20 -42.16
CA HIS D 408 -50.68 -20.30 -41.15
C HIS D 408 -49.71 -19.16 -40.89
N PRO D 409 -49.61 -18.21 -41.82
CA PRO D 409 -48.75 -17.04 -41.58
C PRO D 409 -49.35 -16.05 -40.60
N GLU D 410 -50.66 -16.10 -40.37
CA GLU D 410 -51.30 -15.18 -39.44
C GLU D 410 -50.93 -15.47 -37.99
N LEU D 411 -50.40 -16.66 -37.70
CA LEU D 411 -49.98 -17.00 -36.35
C LEU D 411 -48.61 -16.42 -36.01
N SER D 412 -47.92 -15.84 -36.98
CA SER D 412 -46.61 -15.22 -36.75
C SER D 412 -46.82 -13.77 -36.35
N MET D 413 -46.51 -13.44 -35.10
CA MET D 413 -46.66 -12.08 -34.58
C MET D 413 -45.45 -11.28 -35.04
N SER D 414 -45.51 -10.81 -36.28
CA SER D 414 -44.41 -10.08 -36.89
C SER D 414 -44.95 -8.99 -37.80
N ALA D 415 -44.27 -7.85 -37.81
CA ALA D 415 -44.54 -6.78 -38.74
C ALA D 415 -43.36 -6.66 -39.70
N LYS D 416 -43.64 -6.67 -41.00
CA LYS D 416 -42.61 -6.67 -42.04
C LYS D 416 -41.63 -7.83 -41.84
N LYS D 417 -42.18 -9.00 -41.50
CA LYS D 417 -41.46 -10.26 -41.36
C LYS D 417 -40.48 -10.28 -40.18
N GLN D 418 -40.53 -9.30 -39.29
CA GLN D 418 -39.71 -9.30 -38.09
C GLN D 418 -40.61 -9.39 -36.86
N GLU D 419 -40.32 -10.35 -35.99
CA GLU D 419 -41.19 -10.66 -34.87
C GLU D 419 -41.24 -9.50 -33.88
N MET D 420 -42.40 -9.37 -33.23
CA MET D 420 -42.63 -8.23 -32.34
C MET D 420 -42.07 -8.49 -30.94
N PRO D 421 -41.63 -7.43 -30.28
CA PRO D 421 -41.11 -7.55 -28.90
C PRO D 421 -42.19 -7.52 -27.83
N ALA D 422 -41.77 -7.42 -26.58
CA ALA D 422 -42.64 -7.59 -25.41
C ALA D 422 -43.52 -6.39 -25.11
N TYR D 423 -44.34 -5.96 -26.08
CA TYR D 423 -45.31 -4.90 -25.83
C TYR D 423 -46.54 -5.16 -26.68
N ASP D 424 -47.67 -5.39 -26.04
CA ASP D 424 -48.89 -5.75 -26.74
C ASP D 424 -49.50 -4.51 -27.38
N PRO D 425 -49.62 -4.45 -28.72
CA PRO D 425 -50.23 -3.27 -29.35
C PRO D 425 -51.67 -3.03 -28.94
N ARG D 426 -52.40 -4.10 -28.60
CA ARG D 426 -53.79 -3.94 -28.17
C ARG D 426 -53.91 -3.16 -26.87
N ALA D 427 -52.87 -3.18 -26.03
CA ALA D 427 -52.85 -2.39 -24.81
C ALA D 427 -52.16 -1.04 -24.96
N LEU D 428 -51.23 -0.92 -25.91
CA LEU D 428 -50.50 0.31 -26.15
C LEU D 428 -50.69 0.69 -27.62
N GLN D 429 -51.53 1.71 -27.86
CA GLN D 429 -51.79 2.14 -29.24
C GLN D 429 -50.54 2.70 -29.90
N GLY D 430 -49.76 3.48 -29.15
CA GLY D 430 -48.53 4.03 -29.70
C GLY D 430 -47.55 2.96 -30.12
N MET D 431 -47.46 1.88 -29.34
CA MET D 431 -46.60 0.77 -29.72
C MET D 431 -47.12 0.06 -30.97
N GLY D 432 -48.43 -0.03 -31.13
CA GLY D 432 -48.97 -0.59 -32.37
C GLY D 432 -48.62 0.26 -33.58
N LEU D 433 -48.76 1.57 -33.47
CA LEU D 433 -48.37 2.46 -34.56
C LEU D 433 -46.88 2.35 -34.85
N GLU D 434 -46.06 2.25 -33.79
CA GLU D 434 -44.62 2.12 -33.97
C GLU D 434 -44.27 0.81 -34.67
N TYR D 435 -44.92 -0.29 -34.29
CA TYR D 435 -44.68 -1.57 -34.97
C TYR D 435 -45.08 -1.49 -36.43
N ALA D 436 -46.21 -0.86 -36.72
CA ALA D 436 -46.65 -0.73 -38.11
C ALA D 436 -45.69 0.12 -38.93
N THR D 437 -45.20 1.21 -38.35
CA THR D 437 -44.45 2.22 -39.10
C THR D 437 -42.94 2.12 -38.94
N SER D 438 -42.44 1.12 -38.20
CA SER D 438 -41.00 0.98 -38.03
C SER D 438 -40.35 0.65 -39.38
N ASN D 439 -39.19 1.27 -39.62
CA ASN D 439 -38.54 1.19 -40.93
C ASN D 439 -37.70 -0.06 -41.13
N ARG D 440 -37.76 -1.03 -40.20
CA ARG D 440 -37.08 -2.30 -40.39
C ARG D 440 -37.90 -3.50 -39.92
N GLY D 441 -39.13 -3.31 -39.48
CA GLY D 441 -39.94 -4.43 -39.06
C GLY D 441 -40.78 -4.17 -37.81
N GLY D 442 -40.79 -5.12 -36.88
CA GLY D 442 -41.60 -4.97 -35.69
C GLY D 442 -40.85 -4.35 -34.53
N CYS D 443 -39.74 -3.68 -34.82
CA CYS D 443 -38.90 -3.12 -33.78
C CYS D 443 -39.67 -2.11 -32.94
N HIS D 444 -39.31 -2.03 -31.65
CA HIS D 444 -39.97 -1.12 -30.72
C HIS D 444 -39.08 0.03 -30.26
N VAL D 445 -37.76 -0.12 -30.32
CA VAL D 445 -36.87 0.97 -29.94
C VAL D 445 -36.53 1.87 -31.13
N ARG D 446 -37.11 1.62 -32.30
CA ARG D 446 -37.10 2.63 -33.35
C ARG D 446 -37.86 3.87 -32.89
N GLY D 447 -38.99 3.66 -32.22
CA GLY D 447 -39.61 4.71 -31.42
C GLY D 447 -40.25 4.09 -30.20
N TYR D 448 -39.82 4.49 -29.01
CA TYR D 448 -40.20 3.81 -27.77
C TYR D 448 -41.39 4.53 -27.16
N LEU D 449 -42.58 4.22 -27.71
CA LEU D 449 -43.83 4.78 -27.21
C LEU D 449 -44.19 4.23 -25.83
N THR D 450 -43.53 3.17 -25.37
CA THR D 450 -43.82 2.65 -24.05
C THR D 450 -43.35 3.60 -22.96
N SER D 451 -42.31 4.39 -23.22
CA SER D 451 -41.79 5.30 -22.20
C SER D 451 -42.84 6.29 -21.70
N PRO D 452 -43.53 7.08 -22.55
CA PRO D 452 -44.53 8.02 -22.02
C PRO D 452 -45.84 7.34 -21.64
N GLU D 453 -46.16 6.24 -22.30
CA GLU D 453 -47.43 5.56 -22.05
C GLU D 453 -47.42 4.80 -20.73
N VAL D 454 -46.28 4.27 -20.33
CA VAL D 454 -46.17 3.43 -19.14
C VAL D 454 -45.24 4.06 -18.11
N LEU D 455 -44.01 4.39 -18.50
CA LEU D 455 -43.08 5.01 -17.58
C LEU D 455 -43.39 6.48 -17.36
N GLY D 456 -44.10 7.12 -18.29
CA GLY D 456 -44.43 8.52 -18.20
C GLY D 456 -43.20 9.41 -18.09
N ILE D 457 -42.17 9.11 -18.86
CA ILE D 457 -40.90 9.82 -18.76
C ILE D 457 -41.03 11.23 -19.32
N PRO D 458 -41.41 11.43 -20.60
CA PRO D 458 -41.63 12.81 -21.04
C PRO D 458 -42.96 13.36 -20.55
N GLU D 459 -44.01 12.54 -20.59
CA GLU D 459 -45.33 12.92 -20.09
C GLU D 459 -46.16 11.65 -19.96
N LYS D 460 -46.82 11.48 -18.83
CA LYS D 460 -47.69 10.32 -18.65
C LYS D 460 -48.86 10.40 -19.62
N LEU D 461 -48.91 9.44 -20.55
CA LEU D 461 -49.94 9.40 -21.58
C LEU D 461 -50.91 8.24 -21.32
N ASP D 462 -52.12 8.41 -21.81
CA ASP D 462 -53.13 7.37 -21.68
C ASP D 462 -52.89 6.31 -22.76
N PRO D 463 -52.63 5.05 -22.38
CA PRO D 463 -52.39 4.02 -23.41
C PRO D 463 -53.57 3.77 -24.33
N THR D 464 -54.78 4.15 -23.92
CA THR D 464 -55.95 3.91 -24.77
C THR D 464 -56.16 5.00 -25.81
N ASP D 465 -55.65 6.20 -25.56
CA ASP D 465 -55.85 7.32 -26.46
C ASP D 465 -55.15 7.08 -27.79
N ILE D 466 -55.76 7.59 -28.87
CA ILE D 466 -55.22 7.43 -30.22
C ILE D 466 -55.13 8.78 -30.91
N ALA D 467 -55.31 9.86 -30.14
CA ALA D 467 -55.34 11.20 -30.72
C ALA D 467 -53.95 11.81 -30.80
N SER D 468 -53.26 11.93 -29.67
CA SER D 468 -51.92 12.49 -29.65
C SER D 468 -50.85 11.48 -30.02
N LYS D 469 -51.22 10.22 -30.23
CA LYS D 469 -50.23 9.18 -30.49
C LYS D 469 -49.43 9.38 -31.77
N PRO D 470 -50.00 9.76 -32.92
CA PRO D 470 -49.16 9.89 -34.12
C PRO D 470 -48.03 10.91 -33.97
N GLN D 471 -48.28 12.06 -33.37
CA GLN D 471 -47.23 13.07 -33.24
C GLN D 471 -46.15 12.62 -32.27
N TRP D 472 -46.55 12.00 -31.15
CA TRP D 472 -45.56 11.46 -30.22
C TRP D 472 -44.72 10.37 -30.88
N THR D 473 -45.37 9.52 -31.69
CA THR D 473 -44.62 8.47 -32.38
C THR D 473 -43.62 9.05 -33.36
N LYS D 474 -44.03 10.06 -34.14
CA LYS D 474 -43.11 10.69 -35.07
C LYS D 474 -41.95 11.36 -34.34
N THR D 475 -42.24 12.08 -33.26
CA THR D 475 -41.19 12.74 -32.50
C THR D 475 -40.22 11.73 -31.91
N PHE D 476 -40.76 10.64 -31.34
CA PHE D 476 -39.90 9.61 -30.76
C PHE D 476 -39.04 8.93 -31.83
N GLN D 477 -39.61 8.66 -33.00
CA GLN D 477 -38.84 8.03 -34.06
C GLN D 477 -37.72 8.93 -34.55
N ASP D 478 -38.00 10.22 -34.75
CA ASP D 478 -36.96 11.14 -35.21
C ASP D 478 -35.89 11.35 -34.15
N LEU D 479 -36.30 11.53 -32.89
CA LEU D 479 -35.35 11.69 -31.81
C LEU D 479 -34.49 10.45 -31.66
N THR D 480 -35.09 9.26 -31.78
CA THR D 480 -34.34 8.03 -31.72
C THR D 480 -33.36 7.91 -32.86
N ALA D 481 -33.76 8.30 -34.07
CA ALA D 481 -32.84 8.25 -35.20
C ALA D 481 -31.63 9.15 -34.96
N ALA D 482 -31.88 10.37 -34.47
CA ALA D 482 -30.77 11.28 -34.16
C ALA D 482 -29.87 10.71 -33.08
N VAL D 483 -30.46 10.13 -32.02
CA VAL D 483 -29.66 9.60 -30.92
C VAL D 483 -28.84 8.40 -31.40
N ASP D 484 -29.42 7.54 -32.24
CA ASP D 484 -28.67 6.44 -32.81
C ASP D 484 -27.50 6.94 -33.62
N SER D 485 -27.74 7.95 -34.46
CA SER D 485 -26.66 8.48 -35.29
C SER D 485 -25.56 9.10 -34.45
N LEU D 486 -25.90 9.75 -33.34
CA LEU D 486 -24.88 10.34 -32.49
C LEU D 486 -24.04 9.26 -31.81
N GLY D 487 -24.67 8.21 -31.30
CA GLY D 487 -23.94 7.15 -30.64
C GLY D 487 -24.09 7.15 -29.14
N PHE D 488 -25.30 7.44 -28.65
CA PHE D 488 -25.61 7.48 -27.24
C PHE D 488 -26.46 6.27 -26.84
N CYS D 489 -26.49 6.01 -25.53
CA CYS D 489 -27.52 5.13 -25.00
C CYS D 489 -28.89 5.75 -25.30
N LEU D 490 -29.78 4.95 -25.86
CA LEU D 490 -31.15 5.41 -26.05
C LEU D 490 -31.89 5.45 -24.72
N PHE D 491 -31.36 4.74 -23.71
CA PHE D 491 -31.82 4.85 -22.33
C PHE D 491 -31.57 6.24 -21.75
N LEU D 492 -30.66 7.01 -22.34
CA LEU D 492 -30.47 8.41 -21.94
C LEU D 492 -31.71 9.25 -22.20
N THR D 493 -32.57 8.82 -23.11
CA THR D 493 -33.83 9.53 -23.33
C THR D 493 -34.77 9.42 -22.14
N PHE D 494 -34.49 8.52 -21.20
CA PHE D 494 -35.28 8.46 -19.96
C PHE D 494 -34.93 9.61 -19.02
N ALA D 495 -33.69 10.10 -19.07
CA ALA D 495 -33.25 11.16 -18.18
C ALA D 495 -32.91 12.46 -18.88
N LEU D 496 -32.55 12.42 -20.16
CA LEU D 496 -32.13 13.59 -20.90
C LEU D 496 -33.00 13.78 -22.13
N ASP D 497 -33.37 15.03 -22.39
CA ASP D 497 -33.99 15.37 -23.66
C ASP D 497 -32.90 15.75 -24.66
N ALA D 498 -33.31 16.16 -25.87
CA ALA D 498 -32.33 16.49 -26.89
C ALA D 498 -31.46 17.68 -26.50
N GLY D 499 -31.89 18.49 -25.54
CA GLY D 499 -31.07 19.62 -25.12
C GLY D 499 -29.75 19.20 -24.49
N ASP D 500 -29.80 18.22 -23.58
CA ASP D 500 -28.58 17.74 -22.93
C ASP D 500 -27.67 17.06 -23.94
N LEU D 501 -28.24 16.23 -24.82
CA LEU D 501 -27.43 15.56 -25.82
C LEU D 501 -26.77 16.55 -26.77
N ALA D 502 -27.50 17.58 -27.17
CA ALA D 502 -26.91 18.62 -28.01
C ALA D 502 -25.83 19.40 -27.26
N ALA D 503 -26.06 19.69 -25.98
CA ALA D 503 -25.08 20.40 -25.18
C ALA D 503 -23.81 19.58 -25.00
N GLN D 504 -23.92 18.26 -25.07
CA GLN D 504 -22.72 17.43 -25.05
C GLN D 504 -22.06 17.32 -26.42
N VAL D 505 -22.87 17.21 -27.48
CA VAL D 505 -22.33 16.98 -28.82
C VAL D 505 -21.63 18.23 -29.36
N ALA D 506 -22.23 19.40 -29.14
CA ALA D 506 -21.70 20.63 -29.75
C ALA D 506 -20.25 20.91 -29.40
N PRO D 507 -19.80 20.81 -28.14
CA PRO D 507 -18.37 20.98 -27.87
C PRO D 507 -17.51 19.80 -28.28
N ILE D 508 -18.10 18.72 -28.79
CA ILE D 508 -17.34 17.56 -29.24
C ILE D 508 -16.98 17.73 -30.71
N ILE D 509 -18.00 17.88 -31.55
CA ILE D 509 -17.77 17.94 -33.00
C ILE D 509 -17.36 19.32 -33.48
N GLY D 510 -17.59 20.37 -32.68
CA GLY D 510 -17.08 21.69 -32.99
C GLY D 510 -18.02 22.64 -33.67
N ARG D 511 -19.32 22.33 -33.74
CA ARG D 511 -20.28 23.23 -34.35
C ARG D 511 -21.51 23.34 -33.46
N GLU D 512 -22.25 24.43 -33.63
CA GLU D 512 -23.45 24.69 -32.85
C GLU D 512 -24.51 23.67 -33.18
N VAL D 513 -24.81 22.79 -32.23
CA VAL D 513 -25.81 21.73 -32.39
C VAL D 513 -26.97 22.01 -31.45
N THR D 514 -28.18 22.02 -32.00
CA THR D 514 -29.39 22.30 -31.24
C THR D 514 -30.33 21.10 -31.32
N ALA D 515 -31.36 21.13 -30.47
CA ALA D 515 -32.35 20.06 -30.47
C ALA D 515 -33.14 20.04 -31.77
N GLU D 516 -33.47 21.21 -32.31
CA GLU D 516 -34.21 21.27 -33.56
C GLU D 516 -33.42 20.66 -34.71
N GLU D 517 -32.11 20.94 -34.75
CA GLU D 517 -31.26 20.35 -35.78
C GLU D 517 -31.23 18.84 -35.67
N LEU D 518 -31.12 18.32 -34.44
CA LEU D 518 -31.11 16.87 -34.25
C LEU D 518 -32.44 16.25 -34.68
N LEU D 519 -33.55 16.89 -34.35
CA LEU D 519 -34.86 16.37 -34.78
C LEU D 519 -34.98 16.36 -36.29
N LEU D 520 -34.54 17.44 -36.95
CA LEU D 520 -34.59 17.48 -38.41
C LEU D 520 -33.71 16.41 -39.02
N ALA D 521 -32.51 16.20 -38.46
CA ALA D 521 -31.64 15.16 -38.98
C ALA D 521 -32.24 13.77 -38.79
N GLY D 522 -32.88 13.54 -37.64
CA GLY D 522 -33.54 12.26 -37.43
C GLY D 522 -34.68 12.01 -38.40
N GLU D 523 -35.47 13.05 -38.68
CA GLU D 523 -36.53 12.90 -39.68
C GLU D 523 -35.94 12.64 -41.06
N ARG D 524 -34.84 13.30 -41.39
CA ARG D 524 -34.16 13.05 -42.66
C ARG D 524 -33.69 11.61 -42.76
N ILE D 525 -33.11 11.08 -41.68
CA ILE D 525 -32.65 9.69 -41.67
C ILE D 525 -33.82 8.74 -41.84
N TRP D 526 -34.92 8.99 -41.13
CA TRP D 526 -36.09 8.12 -41.23
C TRP D 526 -36.66 8.11 -42.65
N ASN D 527 -36.75 9.30 -43.27
CA ASN D 527 -37.27 9.35 -44.63
C ASN D 527 -36.31 8.72 -45.64
N LEU D 528 -35.01 8.83 -45.42
CA LEU D 528 -34.05 8.13 -46.28
C LEU D 528 -34.24 6.62 -46.18
N GLU D 529 -34.41 6.12 -44.95
CA GLU D 529 -34.64 4.68 -44.78
C GLU D 529 -35.95 4.26 -45.44
N ARG D 530 -36.98 5.09 -45.35
CA ARG D 530 -38.25 4.76 -45.99
C ARG D 530 -38.12 4.74 -47.51
N LEU D 531 -37.36 5.68 -48.08
CA LEU D 531 -37.12 5.66 -49.52
C LEU D 531 -36.40 4.38 -49.93
N PHE D 532 -35.37 3.99 -49.17
CA PHE D 532 -34.66 2.74 -49.46
C PHE D 532 -35.61 1.55 -49.40
N ASN D 533 -36.45 1.49 -48.36
CA ASN D 533 -37.37 0.37 -48.22
C ASN D 533 -38.39 0.33 -49.35
N LEU D 534 -38.92 1.50 -49.74
CA LEU D 534 -39.90 1.54 -50.82
C LEU D 534 -39.28 1.08 -52.14
N LYS D 535 -38.05 1.50 -52.42
CA LYS D 535 -37.38 1.02 -53.61
C LYS D 535 -37.10 -0.48 -53.52
N ALA D 536 -36.75 -0.96 -52.32
CA ALA D 536 -36.40 -2.36 -52.14
C ALA D 536 -37.57 -3.31 -52.35
N GLY D 537 -38.79 -2.80 -52.34
CA GLY D 537 -39.97 -3.62 -52.57
C GLY D 537 -40.91 -3.75 -51.39
N ILE D 538 -40.61 -3.15 -50.24
CA ILE D 538 -41.51 -3.19 -49.09
C ILE D 538 -42.62 -2.17 -49.36
N SER D 539 -43.75 -2.65 -49.85
CA SER D 539 -44.85 -1.77 -50.22
C SER D 539 -45.44 -1.10 -48.98
N PRO D 540 -46.04 0.08 -49.14
CA PRO D 540 -46.69 0.73 -47.99
C PRO D 540 -47.86 -0.07 -47.43
N LYS D 541 -48.41 -1.01 -48.18
CA LYS D 541 -49.49 -1.85 -47.67
C LYS D 541 -49.03 -2.79 -46.55
N GLU D 542 -47.72 -2.92 -46.35
CA GLU D 542 -47.17 -3.76 -45.30
C GLU D 542 -47.02 -3.03 -43.97
N ASP D 543 -47.48 -1.77 -43.90
CA ASP D 543 -47.45 -1.03 -42.64
C ASP D 543 -48.67 -1.39 -41.80
N THR D 544 -48.86 -2.69 -41.55
CA THR D 544 -50.00 -3.17 -40.78
C THR D 544 -49.55 -4.05 -39.64
N LEU D 545 -50.51 -4.70 -38.98
CA LEU D 545 -50.27 -5.61 -37.88
C LEU D 545 -51.01 -6.90 -38.15
N PRO D 546 -50.60 -8.00 -37.51
CA PRO D 546 -51.33 -9.25 -37.70
C PRO D 546 -52.78 -9.11 -37.25
N PRO D 547 -53.70 -9.81 -37.90
CA PRO D 547 -55.13 -9.65 -37.57
C PRO D 547 -55.48 -10.01 -36.14
N ARG D 548 -54.64 -10.79 -35.45
CA ARG D 548 -54.91 -11.11 -34.06
C ARG D 548 -54.90 -9.85 -33.20
N LEU D 549 -53.98 -8.93 -33.48
CA LEU D 549 -53.88 -7.69 -32.73
C LEU D 549 -54.84 -6.62 -33.20
N LEU D 550 -55.61 -6.88 -34.26
CA LEU D 550 -56.56 -5.92 -34.80
C LEU D 550 -58.01 -6.30 -34.60
N ASN D 551 -58.33 -7.59 -34.53
CA ASN D 551 -59.70 -8.04 -34.42
C ASN D 551 -60.01 -8.84 -33.16
N GLU D 552 -58.99 -9.39 -32.48
CA GLU D 552 -59.24 -10.18 -31.28
C GLU D 552 -58.90 -9.35 -30.05
N PRO D 553 -59.88 -9.02 -29.20
CA PRO D 553 -59.58 -8.26 -27.99
C PRO D 553 -58.85 -9.12 -26.96
N ILE D 554 -58.19 -8.42 -26.04
CA ILE D 554 -57.47 -9.12 -24.96
C ILE D 554 -58.47 -9.86 -24.09
N PRO D 555 -58.26 -11.15 -23.81
CA PRO D 555 -59.28 -11.93 -23.09
C PRO D 555 -59.35 -11.63 -21.59
N ALA D 556 -58.20 -11.38 -20.96
CA ALA D 556 -58.16 -11.19 -19.52
C ALA D 556 -56.97 -10.30 -19.16
N GLY D 557 -57.03 -9.76 -17.94
CA GLY D 557 -55.97 -8.93 -17.43
C GLY D 557 -56.39 -7.48 -17.24
N PRO D 558 -55.46 -6.65 -16.78
CA PRO D 558 -55.77 -5.22 -16.62
C PRO D 558 -56.13 -4.51 -17.91
N SER D 559 -55.71 -5.05 -19.06
CA SER D 559 -56.03 -4.49 -20.37
C SER D 559 -57.06 -5.34 -21.11
N LYS D 560 -57.89 -6.06 -20.38
CA LYS D 560 -58.86 -6.96 -20.98
C LYS D 560 -59.85 -6.21 -21.87
N GLY D 561 -60.16 -6.81 -23.02
CA GLY D 561 -61.16 -6.26 -23.91
C GLY D 561 -60.71 -5.07 -24.74
N ARG D 562 -59.43 -5.00 -25.08
CA ARG D 562 -58.89 -3.89 -25.84
C ARG D 562 -58.28 -4.39 -27.15
N VAL D 563 -58.52 -3.64 -28.22
CA VAL D 563 -57.95 -3.93 -29.53
C VAL D 563 -57.08 -2.76 -29.95
N ASN D 564 -56.44 -2.86 -31.11
CA ASN D 564 -55.59 -1.80 -31.64
C ASN D 564 -56.34 -1.04 -32.72
N LYS D 565 -56.26 0.29 -32.67
CA LYS D 565 -56.98 1.18 -33.57
C LYS D 565 -56.05 1.76 -34.64
N LEU D 566 -55.14 0.95 -35.16
CA LEU D 566 -54.16 1.42 -36.13
C LEU D 566 -54.79 2.09 -37.34
N HIS D 567 -55.98 1.62 -37.75
CA HIS D 567 -56.64 2.20 -38.91
C HIS D 567 -57.01 3.66 -38.70
N GLU D 568 -57.08 4.12 -37.45
CA GLU D 568 -57.40 5.51 -37.15
C GLU D 568 -56.16 6.36 -36.90
N MET D 569 -55.04 5.76 -36.51
CA MET D 569 -53.82 6.51 -36.26
C MET D 569 -52.90 6.60 -37.47
N LEU D 570 -52.89 5.58 -38.33
CA LEU D 570 -51.96 5.55 -39.46
C LEU D 570 -52.15 6.72 -40.42
N PRO D 571 -53.36 7.07 -40.86
CA PRO D 571 -53.48 8.24 -41.76
C PRO D 571 -52.96 9.52 -41.14
N LYS D 572 -53.18 9.73 -39.84
CA LYS D 572 -52.66 10.91 -39.17
C LYS D 572 -51.14 10.89 -39.14
N TYR D 573 -50.54 9.71 -38.92
CA TYR D 573 -49.09 9.60 -38.97
C TYR D 573 -48.55 9.92 -40.35
N TYR D 574 -49.23 9.46 -41.40
CA TYR D 574 -48.82 9.79 -42.76
C TYR D 574 -48.92 11.29 -43.02
N GLU D 575 -50.00 11.92 -42.55
CA GLU D 575 -50.15 13.35 -42.73
C GLU D 575 -49.06 14.13 -42.00
N LEU D 576 -48.74 13.72 -40.77
CA LEU D 576 -47.69 14.40 -40.02
C LEU D 576 -46.31 14.17 -40.61
N ARG D 577 -46.08 12.99 -41.19
CA ARG D 577 -44.80 12.67 -41.80
C ARG D 577 -44.54 13.44 -43.09
N GLY D 578 -45.54 14.14 -43.62
CA GLY D 578 -45.42 14.75 -44.92
C GLY D 578 -45.62 13.80 -46.08
N TRP D 579 -46.06 12.58 -45.80
CA TRP D 579 -46.29 11.57 -46.83
C TRP D 579 -47.77 11.58 -47.21
N GLY D 580 -48.05 11.13 -48.43
CA GLY D 580 -49.41 11.06 -48.90
C GLY D 580 -50.20 9.97 -48.19
N LYS D 581 -51.47 9.85 -48.60
CA LYS D 581 -52.32 8.81 -48.05
C LYS D 581 -51.86 7.41 -48.45
N ASN D 582 -50.96 7.31 -49.42
CA ASN D 582 -50.37 6.04 -49.82
C ASN D 582 -49.06 5.75 -49.10
N GLY D 583 -48.67 6.59 -48.15
CA GLY D 583 -47.50 6.35 -47.33
C GLY D 583 -46.17 6.66 -47.99
N ILE D 584 -46.17 7.20 -49.21
CA ILE D 584 -44.95 7.50 -49.93
C ILE D 584 -44.55 8.94 -49.65
N PRO D 585 -43.29 9.22 -49.36
CA PRO D 585 -42.87 10.62 -49.12
C PRO D 585 -43.16 11.50 -50.32
N THR D 586 -43.61 12.72 -50.04
CA THR D 586 -43.96 13.67 -51.08
C THR D 586 -42.74 14.48 -51.50
N LYS D 587 -42.86 15.12 -52.67
CA LYS D 587 -41.75 15.91 -53.19
C LYS D 587 -41.45 17.11 -52.30
N GLU D 588 -42.48 17.75 -51.76
CA GLU D 588 -42.28 18.90 -50.89
C GLU D 588 -41.54 18.51 -49.62
N ARG D 589 -41.92 17.39 -49.00
CA ARG D 589 -41.25 16.93 -47.79
C ARG D 589 -39.80 16.58 -48.06
N LEU D 590 -39.53 15.91 -49.19
CA LEU D 590 -38.15 15.59 -49.54
C LEU D 590 -37.34 16.85 -49.81
N GLU D 591 -37.94 17.84 -50.46
CA GLU D 591 -37.26 19.12 -50.67
C GLU D 591 -36.93 19.78 -49.34
N SER D 592 -37.87 19.75 -48.39
CA SER D 592 -37.60 20.30 -47.06
C SER D 592 -36.47 19.55 -46.36
N LEU D 593 -36.48 18.22 -46.47
CA LEU D 593 -35.45 17.40 -45.83
C LEU D 593 -34.17 17.28 -46.65
N GLY D 594 -34.19 17.67 -47.92
CA GLY D 594 -33.00 17.58 -48.74
C GLY D 594 -32.75 16.21 -49.34
N LEU D 595 -33.80 15.41 -49.57
CA LEU D 595 -33.67 14.07 -50.09
C LEU D 595 -34.18 13.95 -51.53
N LEU D 596 -34.12 15.04 -52.29
CA LEU D 596 -34.64 15.02 -53.65
C LEU D 596 -33.79 14.15 -54.57
N ASP D 597 -32.47 14.18 -54.41
CA ASP D 597 -31.61 13.39 -55.28
C ASP D 597 -31.85 11.90 -55.08
N ILE D 598 -32.06 11.47 -53.85
CA ILE D 598 -32.33 10.06 -53.58
C ILE D 598 -33.64 9.63 -54.22
N ALA D 599 -34.69 10.45 -54.08
CA ALA D 599 -35.97 10.11 -54.65
C ALA D 599 -35.90 10.07 -56.18
N ALA D 600 -35.17 11.01 -56.78
CA ALA D 600 -34.98 10.97 -58.23
C ALA D 600 -34.20 9.73 -58.65
N LYS D 601 -33.20 9.33 -57.86
CA LYS D 601 -32.45 8.13 -58.16
C LYS D 601 -33.34 6.90 -58.12
N TYR D 602 -34.22 6.80 -57.13
CA TYR D 602 -35.10 5.65 -57.02
C TYR D 602 -36.33 5.74 -57.91
N SER D 603 -36.63 6.93 -58.43
CA SER D 603 -37.76 7.13 -59.35
C SER D 603 -39.06 6.61 -58.75
N LEU D 604 -39.28 6.89 -57.48
CA LEU D 604 -40.50 6.46 -56.79
C LEU D 604 -41.71 7.25 -57.28
N MET E 1 1.35 11.13 3.15
CA MET E 1 0.37 11.55 2.16
C MET E 1 -0.88 12.08 2.86
N GLU E 2 -1.40 13.22 2.38
CA GLU E 2 -2.65 13.74 2.94
C GLU E 2 -3.84 12.92 2.48
N LYS E 3 -3.92 12.62 1.18
CA LYS E 3 -4.99 11.83 0.61
C LYS E 3 -4.43 10.80 -0.34
N VAL E 4 -5.14 9.68 -0.48
CA VAL E 4 -4.68 8.56 -1.28
C VAL E 4 -5.79 8.09 -2.20
N LEU E 5 -5.39 7.44 -3.29
CA LEU E 5 -6.33 6.79 -4.19
C LEU E 5 -6.67 5.40 -3.67
N VAL E 6 -7.96 5.12 -3.50
CA VAL E 6 -8.43 3.85 -2.98
C VAL E 6 -9.25 3.18 -4.07
N ILE E 7 -8.88 1.95 -4.42
CA ILE E 7 -9.55 1.17 -5.45
C ILE E 7 -10.35 0.07 -4.79
N SER E 8 -11.62 -0.03 -5.15
CA SER E 8 -12.50 -1.11 -4.70
C SER E 8 -12.97 -1.86 -5.95
N PRO E 9 -12.26 -2.91 -6.36
CA PRO E 9 -12.64 -3.62 -7.58
C PRO E 9 -14.03 -4.24 -7.54
N GLU E 10 -14.56 -4.51 -6.34
CA GLU E 10 -15.89 -5.08 -6.22
C GLU E 10 -16.96 -4.13 -6.75
N LYS E 11 -16.72 -2.82 -6.64
CA LYS E 11 -17.68 -1.83 -7.10
C LYS E 11 -17.58 -1.52 -8.58
N CYS E 12 -16.47 -1.88 -9.22
CA CYS E 12 -16.24 -1.48 -10.61
C CYS E 12 -17.22 -2.17 -11.54
N VAL E 13 -17.76 -1.40 -12.49
CA VAL E 13 -18.69 -1.90 -13.49
C VAL E 13 -18.07 -1.96 -14.88
N GLY E 14 -16.80 -1.57 -15.02
CA GLY E 14 -16.12 -1.71 -16.29
C GLY E 14 -16.53 -0.72 -17.36
N CYS E 15 -17.12 0.41 -16.98
CA CYS E 15 -17.52 1.40 -17.98
C CYS E 15 -16.32 2.05 -18.64
N GLY E 16 -15.19 2.14 -17.94
CA GLY E 16 -14.00 2.76 -18.49
C GLY E 16 -13.99 4.27 -18.45
N SER E 17 -14.93 4.89 -17.72
CA SER E 17 -14.96 6.34 -17.66
C SER E 17 -13.72 6.91 -17.00
N CYS E 18 -13.08 6.13 -16.12
CA CYS E 18 -11.85 6.60 -15.49
C CYS E 18 -10.74 6.82 -16.49
N GLU E 19 -10.59 5.89 -17.45
CA GLU E 19 -9.57 6.06 -18.48
C GLU E 19 -9.84 7.29 -19.34
N LEU E 20 -11.10 7.48 -19.75
CA LEU E 20 -11.43 8.62 -20.58
C LEU E 20 -11.23 9.94 -19.83
N ALA E 21 -11.63 9.99 -18.56
CA ALA E 21 -11.41 11.20 -17.78
C ALA E 21 -9.92 11.49 -17.60
N CYS E 22 -9.13 10.47 -17.29
CA CYS E 22 -7.69 10.68 -17.11
C CYS E 22 -7.05 11.15 -18.41
N SER E 23 -7.40 10.54 -19.53
CA SER E 23 -6.83 10.94 -20.81
C SER E 23 -7.28 12.33 -21.22
N LEU E 24 -8.54 12.69 -20.95
CA LEU E 24 -9.02 14.03 -21.26
C LEU E 24 -8.29 15.07 -20.44
N GLU E 25 -8.03 14.78 -19.15
CA GLU E 25 -7.32 15.72 -18.32
C GLU E 25 -5.86 15.84 -18.70
N LYS E 26 -5.21 14.73 -19.06
CA LYS E 26 -3.77 14.73 -19.28
C LYS E 26 -3.40 15.07 -20.72
N GLU E 27 -3.88 14.28 -21.68
CA GLU E 27 -3.51 14.44 -23.07
C GLU E 27 -4.43 15.36 -23.85
N GLY E 28 -5.48 15.88 -23.22
CA GLY E 28 -6.39 16.78 -23.88
C GLY E 28 -7.38 16.12 -24.83
N GLU E 29 -7.42 14.80 -24.88
CA GLU E 29 -8.33 14.08 -25.76
C GLU E 29 -8.65 12.73 -25.15
N CYS E 30 -9.75 12.15 -25.60
CA CYS E 30 -10.18 10.83 -25.13
C CYS E 30 -9.30 9.77 -25.78
N ARG E 31 -8.29 9.30 -25.04
CA ARG E 31 -7.36 8.29 -25.53
C ARG E 31 -7.03 7.35 -24.38
N PRO E 32 -7.81 6.27 -24.22
CA PRO E 32 -7.64 5.41 -23.04
C PRO E 32 -6.27 4.78 -22.93
N SER E 33 -5.53 4.62 -24.03
CA SER E 33 -4.22 4.00 -23.97
C SER E 33 -3.20 4.86 -23.24
N LEU E 34 -3.41 6.17 -23.19
CA LEU E 34 -2.52 7.07 -22.47
C LEU E 34 -3.06 7.46 -21.10
N ALA E 35 -4.12 6.82 -20.65
CA ALA E 35 -4.59 7.03 -19.29
C ALA E 35 -3.62 6.41 -18.30
N ARG E 36 -3.58 6.97 -17.10
CA ARG E 36 -2.73 6.47 -16.04
C ARG E 36 -3.42 5.39 -15.21
N VAL E 37 -4.71 5.17 -15.44
CA VAL E 37 -5.48 4.11 -14.81
C VAL E 37 -5.99 3.20 -15.92
N THR E 38 -5.89 1.89 -15.72
CA THR E 38 -6.38 0.91 -16.66
C THR E 38 -7.33 -0.04 -15.95
N VAL E 39 -8.52 -0.22 -16.51
CA VAL E 39 -9.50 -1.16 -15.97
C VAL E 39 -9.45 -2.43 -16.80
N TYR E 40 -9.31 -3.56 -16.13
CA TYR E 40 -9.22 -4.86 -16.77
C TYR E 40 -10.46 -5.67 -16.44
N ARG E 41 -11.14 -6.16 -17.47
CA ARG E 41 -12.42 -6.84 -17.33
C ARG E 41 -12.19 -8.34 -17.54
N PHE E 42 -12.39 -9.11 -16.48
CA PHE E 42 -12.19 -10.55 -16.49
C PHE E 42 -13.54 -11.25 -16.58
N GLU E 43 -13.52 -12.58 -16.44
CA GLU E 43 -14.74 -13.37 -16.55
C GLU E 43 -15.67 -13.10 -15.37
N ALA E 44 -16.95 -13.41 -15.58
CA ALA E 44 -17.99 -13.28 -14.56
C ALA E 44 -18.15 -11.84 -14.09
N GLY E 45 -17.85 -10.88 -14.96
CA GLY E 45 -18.04 -9.48 -14.62
C GLY E 45 -17.10 -8.93 -13.58
N ALA E 46 -15.94 -9.55 -13.41
CA ALA E 46 -14.96 -9.11 -12.41
C ALA E 46 -14.03 -8.09 -13.07
N ASN E 47 -14.32 -6.81 -12.88
CA ASN E 47 -13.49 -5.73 -13.39
C ASN E 47 -12.70 -5.12 -12.24
N VAL E 48 -11.40 -4.97 -12.44
CA VAL E 48 -10.56 -4.33 -11.43
C VAL E 48 -9.77 -3.21 -12.09
N PRO E 49 -9.80 -2.00 -11.54
CA PRO E 49 -8.94 -0.93 -12.02
C PRO E 49 -7.56 -1.01 -11.40
N MET E 50 -6.57 -0.54 -12.14
CA MET E 50 -5.19 -0.54 -11.67
C MET E 50 -4.54 0.79 -12.02
N THR E 51 -3.91 1.41 -11.03
CA THR E 51 -3.18 2.65 -11.24
C THR E 51 -2.06 2.72 -10.21
N CYS E 52 -1.21 3.73 -10.36
CA CYS E 52 -0.10 3.91 -9.43
C CYS E 52 -0.63 4.23 -8.04
N GLN E 53 -0.08 3.57 -7.04
CA GLN E 53 -0.49 3.75 -5.65
C GLN E 53 0.53 4.54 -4.84
N GLN E 54 1.54 5.10 -5.49
CA GLN E 54 2.58 5.91 -4.83
C GLN E 54 3.26 5.12 -3.72
N CYS E 55 3.97 4.06 -4.14
CA CYS E 55 4.66 3.20 -3.19
C CYS E 55 5.65 4.00 -2.35
N ASP E 56 5.60 3.80 -1.02
CA ASP E 56 6.48 4.53 -0.13
C ASP E 56 7.95 4.14 -0.32
N ASP E 57 8.22 2.93 -0.79
CA ASP E 57 9.55 2.51 -1.22
C ASP E 57 9.41 2.17 -2.70
N ALA E 58 9.54 3.18 -3.55
CA ALA E 58 9.21 3.04 -4.96
C ALA E 58 10.40 2.53 -5.75
N PRO E 59 10.29 1.36 -6.39
CA PRO E 59 11.37 0.92 -7.29
C PRO E 59 11.62 1.88 -8.44
N CYS E 60 10.58 2.54 -8.94
CA CYS E 60 10.75 3.47 -10.06
C CYS E 60 11.69 4.61 -9.70
N ILE E 61 11.52 5.18 -8.51
CA ILE E 61 12.44 6.21 -8.05
C ILE E 61 13.84 5.65 -7.88
N SER E 62 13.94 4.45 -7.31
CA SER E 62 15.24 3.84 -7.07
C SER E 62 16.00 3.53 -8.35
N VAL E 63 15.30 3.38 -9.48
CA VAL E 63 15.96 3.01 -10.73
C VAL E 63 16.30 4.22 -11.61
N CYS E 64 15.67 5.37 -11.39
CA CYS E 64 15.88 6.52 -12.24
C CYS E 64 17.18 7.23 -11.88
N LYS E 65 17.98 7.57 -12.90
CA LYS E 65 19.24 8.27 -12.70
C LYS E 65 19.26 9.67 -13.29
N ALA E 66 18.25 10.06 -14.06
CA ALA E 66 18.15 11.42 -14.58
C ALA E 66 17.53 12.38 -13.58
N GLY E 67 17.08 11.89 -12.42
CA GLY E 67 16.46 12.74 -11.44
C GLY E 67 15.07 13.22 -11.81
N ALA E 68 14.40 12.54 -12.73
CA ALA E 68 13.07 12.93 -13.15
C ALA E 68 11.97 12.40 -12.25
N LEU E 69 12.29 11.46 -11.35
CA LEU E 69 11.32 10.89 -10.44
C LEU E 69 11.64 11.32 -9.02
N ALA E 70 10.66 11.89 -8.33
CA ALA E 70 10.86 12.37 -6.97
C ALA E 70 9.51 12.49 -6.28
N ARG E 71 9.53 12.36 -4.96
CA ARG E 71 8.32 12.53 -4.15
C ARG E 71 8.12 14.00 -3.83
N ASP E 72 6.90 14.50 -4.04
CA ASP E 72 6.58 15.88 -3.73
C ASP E 72 6.21 15.99 -2.25
N GLU E 73 5.74 17.18 -1.84
CA GLU E 73 5.33 17.39 -0.46
C GLU E 73 4.11 16.56 -0.08
N LYS E 74 3.29 16.18 -1.06
CA LYS E 74 2.09 15.40 -0.82
C LYS E 74 2.31 13.91 -1.01
N ASN E 75 3.56 13.46 -0.91
CA ASN E 75 3.90 12.03 -0.97
C ASN E 75 3.41 11.37 -2.25
N VAL E 76 3.52 12.09 -3.36
CA VAL E 76 3.15 11.58 -4.68
C VAL E 76 4.40 11.55 -5.53
N VAL E 77 4.67 10.40 -6.16
CA VAL E 77 5.83 10.29 -7.04
C VAL E 77 5.53 11.04 -8.32
N GLN E 78 6.33 12.06 -8.60
CA GLN E 78 6.11 12.96 -9.73
C GLN E 78 7.19 12.76 -10.78
N VAL E 79 6.80 12.84 -12.04
CA VAL E 79 7.73 12.78 -13.16
C VAL E 79 7.97 14.21 -13.65
N ASP E 80 9.23 14.62 -13.70
CA ASP E 80 9.61 15.88 -14.31
C ASP E 80 9.86 15.59 -15.78
N SER E 81 8.88 15.89 -16.63
CA SER E 81 8.94 15.51 -18.03
C SER E 81 10.11 16.18 -18.76
N SER E 82 10.59 17.32 -18.27
CA SER E 82 11.75 17.95 -18.87
C SER E 82 13.05 17.22 -18.54
N LYS E 83 13.08 16.45 -17.46
CA LYS E 83 14.26 15.71 -17.05
C LYS E 83 14.27 14.27 -17.55
N CYS E 84 13.26 13.85 -18.30
CA CYS E 84 13.17 12.47 -18.76
C CYS E 84 13.89 12.33 -20.09
N ILE E 85 14.85 11.40 -20.14
CA ILE E 85 15.62 11.16 -21.36
C ILE E 85 15.16 9.92 -22.11
N GLY E 86 14.23 9.14 -21.56
CA GLY E 86 13.65 8.03 -22.29
C GLY E 86 14.36 6.71 -22.15
N CYS E 87 15.06 6.46 -21.05
CA CYS E 87 15.72 5.17 -20.86
C CYS E 87 14.72 4.06 -20.57
N ARG E 88 13.54 4.41 -20.06
CA ARG E 88 12.46 3.48 -19.75
C ARG E 88 12.82 2.49 -18.66
N MET E 89 13.81 2.82 -17.82
CA MET E 89 14.16 1.92 -16.71
C MET E 89 13.07 1.89 -15.64
N CYS E 90 12.40 3.03 -15.41
CA CYS E 90 11.28 3.04 -14.49
C CYS E 90 10.14 2.16 -14.97
N VAL E 91 10.02 2.00 -16.29
CA VAL E 91 8.99 1.11 -16.83
C VAL E 91 9.28 -0.33 -16.47
N MET E 92 10.55 -0.74 -16.52
CA MET E 92 10.91 -2.09 -16.11
C MET E 92 10.82 -2.27 -14.61
N ALA E 93 11.18 -1.22 -13.85
CA ALA E 93 11.31 -1.37 -12.40
C ALA E 93 9.97 -1.46 -11.69
N CYS E 94 8.91 -0.90 -12.25
CA CYS E 94 7.61 -0.95 -11.60
C CYS E 94 7.11 -2.38 -11.61
N PRO E 95 6.85 -3.00 -10.44
CA PRO E 95 6.42 -4.41 -10.44
C PRO E 95 4.98 -4.61 -10.85
N PHE E 96 4.19 -3.55 -10.97
CA PHE E 96 2.77 -3.67 -11.32
C PHE E 96 2.45 -3.14 -12.69
N GLY E 97 3.44 -2.61 -13.42
CA GLY E 97 3.17 -2.00 -14.71
C GLY E 97 2.33 -0.74 -14.62
N ASN E 98 2.51 0.05 -13.57
CA ASN E 98 1.80 1.31 -13.40
C ASN E 98 2.55 2.48 -14.01
N MET E 99 3.74 2.26 -14.54
CA MET E 99 4.52 3.29 -15.20
C MET E 99 4.61 2.95 -16.69
N SER E 100 4.14 3.87 -17.53
CA SER E 100 4.19 3.73 -18.97
C SER E 100 5.10 4.81 -19.55
N TYR E 101 5.26 4.79 -20.86
CA TYR E 101 6.09 5.77 -21.56
C TYR E 101 5.26 6.41 -22.66
N HIS E 102 5.16 7.74 -22.63
CA HIS E 102 4.51 8.49 -23.69
C HIS E 102 5.54 8.76 -24.78
N TRP E 103 5.48 7.99 -25.87
CA TRP E 103 6.51 8.08 -26.90
C TRP E 103 6.43 9.38 -27.68
N GLU E 104 5.21 9.88 -27.93
CA GLU E 104 5.06 11.12 -28.68
C GLU E 104 5.60 12.31 -27.87
N GLN E 105 5.33 12.36 -26.57
CA GLN E 105 5.85 13.40 -25.71
C GLN E 105 7.22 13.07 -25.13
N SER E 106 7.69 11.83 -25.30
CA SER E 106 9.02 11.40 -24.83
C SER E 106 9.18 11.63 -23.33
N THR E 107 8.31 10.96 -22.56
CA THR E 107 8.35 11.07 -21.11
C THR E 107 7.65 9.86 -20.50
N ALA E 108 8.15 9.44 -19.35
CA ALA E 108 7.46 8.44 -18.55
C ALA E 108 6.19 9.05 -17.96
N ILE E 109 5.11 8.27 -17.94
CA ILE E 109 3.82 8.74 -17.45
C ILE E 109 3.36 7.82 -16.34
N LYS E 110 2.89 8.43 -15.24
CA LYS E 110 2.36 7.69 -14.10
C LYS E 110 1.33 8.57 -13.41
N CYS E 111 0.50 7.95 -12.58
CA CYS E 111 -0.51 8.70 -11.86
C CYS E 111 0.14 9.72 -10.93
N ASP E 112 -0.43 10.92 -10.90
CA ASP E 112 0.04 11.98 -10.02
C ASP E 112 -1.09 12.53 -9.16
N GLN E 113 -2.20 11.79 -9.05
CA GLN E 113 -3.40 12.20 -8.32
C GLN E 113 -3.97 13.52 -8.83
N CYS E 114 -3.59 13.92 -10.05
CA CYS E 114 -4.02 15.17 -10.66
C CYS E 114 -3.72 16.37 -9.78
N ASN E 115 -2.63 16.28 -9.01
CA ASN E 115 -2.23 17.33 -8.08
C ASN E 115 -3.33 17.65 -7.06
N GLY E 116 -4.13 16.65 -6.71
CA GLY E 116 -5.12 16.78 -5.66
C GLY E 116 -6.57 16.72 -6.10
N SER E 117 -6.84 16.74 -7.40
CA SER E 117 -8.21 16.72 -7.92
C SER E 117 -8.35 15.64 -8.97
N PRO E 118 -8.40 14.37 -8.56
CA PRO E 118 -8.47 13.27 -9.53
C PRO E 118 -9.76 13.32 -10.35
N TYR E 119 -9.58 13.29 -11.68
CA TYR E 119 -10.74 13.25 -12.57
C TYR E 119 -11.35 11.87 -12.65
N CYS E 120 -10.54 10.82 -12.51
CA CYS E 120 -11.08 9.46 -12.49
C CYS E 120 -12.04 9.26 -11.31
N VAL E 121 -11.68 9.79 -10.14
CA VAL E 121 -12.58 9.74 -9.00
C VAL E 121 -13.82 10.59 -9.27
N GLU E 122 -13.64 11.74 -9.91
CA GLU E 122 -14.75 12.64 -10.15
C GLU E 122 -15.80 12.01 -11.06
N PHE E 123 -15.35 11.31 -12.11
CA PHE E 123 -16.25 10.74 -13.10
C PHE E 123 -16.47 9.25 -12.95
N CYS E 124 -16.03 8.66 -11.82
CA CYS E 124 -16.37 7.28 -11.54
C CYS E 124 -17.81 7.20 -11.04
N PRO E 125 -18.68 6.42 -11.67
CA PRO E 125 -20.09 6.39 -11.27
C PRO E 125 -20.39 5.48 -10.09
N THR E 126 -19.46 4.61 -9.69
CA THR E 126 -19.72 3.63 -8.64
C THR E 126 -18.79 3.77 -7.44
N LYS E 127 -17.96 4.80 -7.40
CA LYS E 127 -16.99 5.01 -6.31
C LYS E 127 -15.99 3.86 -6.20
N ALA E 128 -15.80 3.08 -7.26
CA ALA E 128 -14.72 2.10 -7.27
C ALA E 128 -13.36 2.77 -7.18
N LEU E 129 -13.26 4.02 -7.63
CA LEU E 129 -12.11 4.86 -7.39
C LEU E 129 -12.53 5.99 -6.46
N ASP E 130 -11.82 6.12 -5.33
CA ASP E 130 -12.16 7.12 -4.33
C ASP E 130 -10.89 7.81 -3.88
N TYR E 131 -11.07 9.02 -3.35
CA TYR E 131 -9.96 9.86 -2.88
C TYR E 131 -10.23 10.15 -1.40
N VAL E 132 -9.55 9.44 -0.52
CA VAL E 132 -9.80 9.52 0.91
C VAL E 132 -8.53 9.95 1.63
N PRO E 133 -8.63 10.57 2.81
CA PRO E 133 -7.41 10.86 3.58
C PRO E 133 -6.67 9.58 3.94
N ALA E 134 -5.34 9.69 4.00
CA ALA E 134 -4.52 8.50 4.25
C ALA E 134 -4.79 7.89 5.60
N ASP E 135 -5.17 8.70 6.60
CA ASP E 135 -5.43 8.19 7.94
C ASP E 135 -6.71 7.36 8.01
N ALA E 136 -7.49 7.31 6.94
CA ALA E 136 -8.70 6.50 6.85
C ALA E 136 -8.73 5.73 5.54
N ILE E 137 -7.63 5.06 5.22
CA ILE E 137 -7.49 4.42 3.92
C ILE E 137 -8.45 3.24 3.77
N SER E 138 -8.70 2.49 4.85
CA SER E 138 -9.53 1.29 4.79
C SER E 138 -10.74 1.36 5.72
N LEU E 139 -11.05 2.53 6.28
CA LEU E 139 -12.17 2.63 7.20
C LEU E 139 -13.50 2.41 6.50
N GLN E 140 -13.64 2.89 5.27
CA GLN E 140 -14.94 2.81 4.59
C GLN E 140 -15.27 1.39 4.20
N LYS E 141 -14.31 0.65 3.64
CA LYS E 141 -14.56 -0.75 3.31
C LYS E 141 -14.86 -1.56 4.55
N LYS E 142 -14.12 -1.32 5.63
CA LYS E 142 -14.34 -2.04 6.88
C LYS E 142 -15.72 -1.75 7.45
N LYS E 143 -16.17 -0.50 7.37
CA LYS E 143 -17.50 -0.16 7.85
C LYS E 143 -18.58 -0.78 6.96
N GLU E 144 -18.35 -0.81 5.64
CA GLU E 144 -19.31 -1.42 4.74
C GLU E 144 -19.46 -2.91 5.03
N PHE E 145 -18.35 -3.60 5.27
CA PHE E 145 -18.46 -5.03 5.60
C PHE E 145 -19.03 -5.23 7.00
N SER E 146 -18.66 -4.36 7.96
CA SER E 146 -19.17 -4.51 9.31
C SER E 146 -20.66 -4.26 9.39
N ALA E 147 -21.22 -3.48 8.46
CA ALA E 147 -22.66 -3.25 8.43
C ALA E 147 -23.44 -4.51 8.12
N ARG E 148 -22.79 -5.51 7.52
CA ARG E 148 -23.46 -6.79 7.28
C ARG E 148 -23.78 -7.52 8.58
N PHE E 149 -23.02 -7.24 9.64
CA PHE E 149 -23.29 -7.86 10.93
C PHE E 149 -24.31 -7.07 11.74
N ALA E 150 -24.44 -5.77 11.48
CA ALA E 150 -25.40 -4.95 12.21
C ALA E 150 -26.83 -5.20 11.76
N LYS E 151 -27.04 -5.51 10.48
CA LYS E 151 -28.36 -5.84 9.98
C LYS E 151 -28.89 -7.15 10.55
N ILE E 152 -28.04 -7.93 11.21
CA ILE E 152 -28.44 -9.19 11.81
C ILE E 152 -29.30 -8.93 13.05
N MET F 1 4.69 17.16 28.60
CA MET F 1 3.52 16.79 29.39
C MET F 1 2.68 15.76 28.65
N PHE F 2 2.16 14.78 29.40
CA PHE F 2 1.32 13.72 28.89
C PHE F 2 -0.11 13.92 29.38
N GLY F 3 -1.01 13.08 28.89
CA GLY F 3 -2.40 13.15 29.28
C GLY F 3 -3.12 14.32 28.64
N TYR F 4 -2.69 15.54 28.98
CA TYR F 4 -3.20 16.73 28.32
C TYR F 4 -2.64 16.82 26.90
N MET F 5 -3.47 17.31 25.98
CA MET F 5 -2.97 17.60 24.64
C MET F 5 -2.15 18.88 24.62
N GLY F 6 -2.51 19.85 25.46
CA GLY F 6 -1.73 21.07 25.59
C GLY F 6 -2.07 22.16 24.59
N LYS F 7 -3.24 22.11 23.97
CA LYS F 7 -3.64 23.11 22.99
C LYS F 7 -5.07 23.55 23.24
N VAL F 8 -5.33 24.84 23.06
CA VAL F 8 -6.64 25.43 23.20
C VAL F 8 -7.05 26.02 21.85
N LEU F 9 -8.25 25.69 21.40
CA LEU F 9 -8.76 26.15 20.10
C LEU F 9 -9.75 27.28 20.37
N ARG F 10 -9.28 28.51 20.26
CA ARG F 10 -10.11 29.68 20.49
C ARG F 10 -10.75 30.10 19.17
N VAL F 11 -12.08 30.23 19.18
CA VAL F 11 -12.85 30.56 17.98
C VAL F 11 -13.65 31.81 18.27
N ASN F 12 -13.37 32.88 17.53
CA ASN F 12 -14.12 34.13 17.65
C ASN F 12 -15.19 34.14 16.56
N LEU F 13 -16.44 33.92 16.94
CA LEU F 13 -17.52 33.81 15.97
C LEU F 13 -17.88 35.15 15.35
N SER F 14 -17.44 36.27 15.93
CA SER F 14 -17.75 37.58 15.35
C SER F 14 -16.81 37.90 14.20
N THR F 15 -15.51 37.76 14.39
CA THR F 15 -14.51 38.09 13.38
C THR F 15 -14.07 36.88 12.57
N LYS F 16 -14.66 35.71 12.80
CA LYS F 16 -14.30 34.46 12.12
C LYS F 16 -12.84 34.08 12.33
N ASN F 17 -12.19 34.64 13.34
CA ASN F 17 -10.77 34.39 13.58
C ASN F 17 -10.62 33.16 14.46
N ILE F 18 -9.89 32.16 13.96
CA ILE F 18 -9.63 30.92 14.68
C ILE F 18 -8.15 30.89 15.04
N THR F 19 -7.86 30.78 16.33
CA THR F 19 -6.48 30.80 16.82
C THR F 19 -6.23 29.59 17.70
N LEU F 20 -4.96 29.18 17.73
CA LEU F 20 -4.51 28.05 18.53
C LEU F 20 -3.45 28.55 19.51
N GLU F 21 -3.69 28.32 20.79
CA GLU F 21 -2.84 28.83 21.86
C GLU F 21 -2.49 27.72 22.84
N PRO F 22 -1.36 27.82 23.52
CA PRO F 22 -0.99 26.81 24.50
C PRO F 22 -1.92 26.79 25.69
N LEU F 23 -2.08 25.60 26.27
CA LEU F 23 -2.88 25.45 27.47
C LEU F 23 -2.12 25.97 28.68
N ARG F 24 -2.84 26.62 29.59
CA ARG F 24 -2.24 27.08 30.85
C ARG F 24 -1.96 25.90 31.75
N MET F 25 -0.68 25.54 31.87
CA MET F 25 -0.32 24.33 32.62
C MET F 25 -0.40 24.56 34.13
N ASP F 26 -0.13 25.78 34.60
CA ASP F 26 -0.29 26.06 36.03
C ASP F 26 -1.74 25.94 36.46
N TRP F 27 -2.67 26.42 35.64
CA TRP F 27 -4.09 26.22 35.93
C TRP F 27 -4.48 24.75 35.84
N ALA F 28 -3.81 23.99 34.97
CA ALA F 28 -4.09 22.56 34.90
C ALA F 28 -3.58 21.84 36.14
N LYS F 29 -2.48 22.32 36.73
CA LYS F 29 -2.00 21.74 37.98
C LYS F 29 -2.93 22.10 39.14
N ASP F 30 -3.32 23.37 39.22
CA ASP F 30 -4.24 23.79 40.28
C ASP F 30 -5.62 23.20 40.06
N PHE F 31 -6.15 23.32 38.85
CA PHE F 31 -7.46 22.81 38.48
C PHE F 31 -7.25 21.68 37.48
N LEU F 32 -7.56 20.45 37.89
CA LEU F 32 -7.21 19.24 37.15
C LEU F 32 -7.52 19.34 35.66
N GLY F 33 -8.76 19.69 35.33
CA GLY F 33 -9.15 19.80 33.92
C GLY F 33 -10.64 19.99 33.80
N ALA F 34 -11.15 19.71 32.60
CA ALA F 34 -12.58 19.68 32.30
C ALA F 34 -13.36 20.78 33.02
N ARG F 35 -14.22 20.38 33.97
CA ARG F 35 -15.01 21.35 34.71
C ARG F 35 -14.13 22.41 35.37
N GLY F 36 -13.13 21.99 36.14
CA GLY F 36 -12.33 22.94 36.89
C GLY F 36 -11.52 23.87 36.01
N LEU F 37 -10.82 23.30 35.01
CA LEU F 37 -9.97 24.13 34.14
C LEU F 37 -10.82 25.05 33.28
N GLY F 38 -11.93 24.55 32.74
CA GLY F 38 -12.82 25.40 31.97
C GLY F 38 -13.42 26.52 32.80
N SER F 39 -13.78 26.21 34.05
CA SER F 39 -14.30 27.24 34.95
C SER F 39 -13.24 28.28 35.26
N ARG F 40 -11.98 27.86 35.43
CA ARG F 40 -10.91 28.81 35.65
C ARG F 40 -10.72 29.72 34.44
N TYR F 41 -10.75 29.15 33.24
CA TYR F 41 -10.66 29.96 32.03
C TYR F 41 -11.82 30.95 31.95
N LEU F 42 -13.03 30.50 32.26
CA LEU F 42 -14.20 31.38 32.21
C LEU F 42 -14.07 32.51 33.23
N VAL F 43 -13.61 32.19 34.45
CA VAL F 43 -13.41 33.21 35.47
C VAL F 43 -12.38 34.22 35.00
N GLU F 44 -11.33 33.76 34.33
CA GLU F 44 -10.31 34.67 33.82
C GLU F 44 -10.87 35.58 32.73
N GLU F 45 -11.71 35.04 31.83
CA GLU F 45 -12.04 35.73 30.60
C GLU F 45 -13.47 36.23 30.51
N VAL F 46 -14.33 35.94 31.49
CA VAL F 46 -15.72 36.36 31.45
C VAL F 46 -16.06 37.12 32.72
N ASP F 47 -16.61 38.32 32.57
CA ASP F 47 -17.11 39.07 33.71
C ASP F 47 -18.36 38.39 34.25
N PRO F 48 -18.43 38.13 35.56
CA PRO F 48 -19.58 37.37 36.09
C PRO F 48 -20.93 38.05 35.90
N ASN F 49 -20.97 39.37 35.70
CA ASN F 49 -22.23 40.08 35.61
C ASN F 49 -22.74 40.24 34.18
N VAL F 50 -22.05 39.67 33.19
CA VAL F 50 -22.52 39.77 31.82
C VAL F 50 -23.80 38.97 31.64
N ASP F 51 -24.58 39.36 30.63
CA ASP F 51 -25.76 38.60 30.30
C ASP F 51 -25.36 37.27 29.67
N PRO F 52 -26.07 36.18 29.97
CA PRO F 52 -25.69 34.88 29.38
C PRO F 52 -25.77 34.85 27.88
N PHE F 53 -26.69 35.58 27.27
CA PHE F 53 -26.84 35.62 25.82
C PHE F 53 -26.04 36.75 25.17
N SER F 54 -25.31 37.53 25.95
CA SER F 54 -24.47 38.57 25.39
C SER F 54 -23.30 37.95 24.63
N PRO F 55 -22.79 38.61 23.59
CA PRO F 55 -21.61 38.09 22.89
C PRO F 55 -20.37 38.00 23.77
N ASP F 56 -20.34 38.72 24.89
CA ASP F 56 -19.20 38.65 25.80
C ASP F 56 -19.16 37.34 26.58
N ASN F 57 -20.28 36.63 26.69
CA ASN F 57 -20.27 35.31 27.30
C ASN F 57 -19.54 34.32 26.39
N LYS F 58 -18.89 33.35 27.01
CA LYS F 58 -18.08 32.38 26.29
C LYS F 58 -18.59 30.96 26.55
N LEU F 59 -18.51 30.13 25.51
CA LEU F 59 -18.88 28.73 25.59
C LEU F 59 -17.61 27.90 25.45
N ILE F 60 -17.36 27.03 26.43
CA ILE F 60 -16.10 26.32 26.55
C ILE F 60 -16.36 24.83 26.53
N PHE F 61 -15.71 24.12 25.60
CA PHE F 61 -15.70 22.66 25.55
C PHE F 61 -14.36 22.19 26.10
N ALA F 62 -14.36 21.61 27.29
CA ALA F 62 -13.13 21.24 27.99
C ALA F 62 -13.09 19.75 28.26
N THR F 63 -11.90 19.17 28.11
CA THR F 63 -11.67 17.75 28.36
C THR F 63 -10.67 17.58 29.49
N GLY F 64 -10.80 16.49 30.23
CA GLY F 64 -9.89 16.19 31.31
C GLY F 64 -8.61 15.57 30.81
N PRO F 65 -7.63 15.46 31.72
CA PRO F 65 -6.35 14.84 31.35
C PRO F 65 -6.46 13.38 30.94
N VAL F 66 -7.47 12.67 31.41
CA VAL F 66 -7.60 11.24 31.14
C VAL F 66 -8.63 10.93 30.06
N THR F 67 -9.42 11.92 29.63
CA THR F 67 -10.43 11.70 28.61
C THR F 67 -9.79 11.14 27.34
N GLY F 68 -10.43 10.12 26.76
CA GLY F 68 -9.94 9.52 25.54
C GLY F 68 -8.87 8.47 25.72
N THR F 69 -8.46 8.17 26.96
CA THR F 69 -7.49 7.14 27.23
C THR F 69 -8.20 5.85 27.62
N LEU F 70 -7.42 4.81 27.93
CA LEU F 70 -7.96 3.52 28.31
C LEU F 70 -8.35 3.47 29.78
N ALA F 71 -8.13 4.55 30.54
CA ALA F 71 -8.55 4.60 31.93
C ALA F 71 -10.05 4.33 32.04
N THR F 72 -10.45 3.75 33.16
CA THR F 72 -11.83 3.31 33.32
C THR F 72 -12.79 4.47 33.15
N SER F 73 -13.70 4.34 32.18
CA SER F 73 -14.76 5.31 31.94
C SER F 73 -14.21 6.73 31.73
N ALA F 74 -13.11 6.82 30.99
CA ALA F 74 -12.46 8.10 30.72
C ALA F 74 -12.84 8.64 29.33
N GLY F 75 -14.12 8.98 29.18
CA GLY F 75 -14.61 9.50 27.92
C GLY F 75 -15.49 10.73 28.08
N ARG F 76 -15.16 11.59 29.04
CA ARG F 76 -16.06 12.64 29.49
C ARG F 76 -15.48 14.02 29.26
N PHE F 77 -16.36 14.98 29.04
CA PHE F 77 -15.97 16.37 28.81
C PHE F 77 -17.03 17.29 29.39
N ASN F 78 -16.64 18.54 29.62
CA ASN F 78 -17.51 19.54 30.23
C ASN F 78 -17.78 20.69 29.25
N VAL F 79 -18.96 21.29 29.38
CA VAL F 79 -19.32 22.51 28.67
C VAL F 79 -19.47 23.60 29.73
N VAL F 80 -18.57 24.58 29.70
CA VAL F 80 -18.47 25.58 30.75
C VAL F 80 -18.86 26.94 30.18
N THR F 81 -19.77 27.62 30.86
CA THR F 81 -20.24 28.95 30.45
C THR F 81 -20.98 29.55 31.65
N LYS F 82 -21.62 30.69 31.44
CA LYS F 82 -22.53 31.26 32.42
C LYS F 82 -23.95 30.91 32.01
N GLY F 83 -24.64 30.13 32.84
CA GLY F 83 -25.93 29.59 32.50
C GLY F 83 -27.03 30.62 32.48
N PRO F 84 -27.84 30.60 31.42
CA PRO F 84 -29.00 31.51 31.35
C PRO F 84 -30.12 31.13 32.30
N LEU F 85 -30.24 29.85 32.65
CA LEU F 85 -31.35 29.42 33.48
C LEU F 85 -31.20 29.90 34.92
N THR F 86 -30.01 29.74 35.49
CA THR F 86 -29.79 30.11 36.89
C THR F 86 -29.03 31.41 37.06
N GLY F 87 -28.19 31.79 36.09
CA GLY F 87 -27.30 32.91 36.25
C GLY F 87 -25.99 32.58 36.92
N THR F 88 -25.81 31.34 37.37
CA THR F 88 -24.57 30.90 37.98
C THR F 88 -23.62 30.44 36.87
N ILE F 89 -22.49 29.85 37.27
CA ILE F 89 -21.58 29.26 36.30
C ILE F 89 -22.04 27.84 36.00
N ALA F 90 -22.16 27.52 34.72
CA ALA F 90 -22.69 26.24 34.27
C ALA F 90 -21.53 25.36 33.79
N ALA F 91 -21.40 24.19 34.40
CA ALA F 91 -20.37 23.22 34.04
C ALA F 91 -21.09 21.94 33.62
N SER F 92 -21.25 21.75 32.31
CA SER F 92 -22.06 20.67 31.78
C SER F 92 -21.17 19.55 31.25
N ASN F 93 -21.31 18.37 31.84
CA ASN F 93 -20.55 17.20 31.46
C ASN F 93 -21.39 16.27 30.60
N SER F 94 -20.79 15.82 29.49
CA SER F 94 -21.35 14.77 28.65
C SER F 94 -20.24 13.79 28.33
N GLY F 95 -20.61 12.56 28.02
CA GLY F 95 -19.61 11.58 27.64
C GLY F 95 -19.70 11.16 26.18
N GLY F 96 -20.14 9.93 25.95
CA GLY F 96 -20.19 9.43 24.59
C GLY F 96 -18.78 9.29 24.03
N TYR F 97 -18.55 9.89 22.86
CA TYR F 97 -17.26 9.76 22.19
C TYR F 97 -16.77 11.08 21.60
N PHE F 98 -17.37 12.21 21.99
CA PHE F 98 -17.00 13.50 21.41
C PHE F 98 -15.71 14.05 22.03
N GLY F 99 -15.59 14.02 23.34
CA GLY F 99 -14.41 14.51 24.02
C GLY F 99 -13.14 13.75 23.68
N PRO F 100 -13.21 12.42 23.69
CA PRO F 100 -12.07 11.64 23.18
C PRO F 100 -11.68 12.02 21.76
N GLU F 101 -12.66 12.25 20.88
CA GLU F 101 -12.35 12.64 19.51
C GLU F 101 -11.72 14.03 19.46
N LEU F 102 -12.17 14.94 20.32
CA LEU F 102 -11.56 16.27 20.38
C LEU F 102 -10.11 16.18 20.81
N LYS F 103 -9.81 15.30 21.78
CA LYS F 103 -8.41 15.13 22.19
C LYS F 103 -7.61 14.38 21.13
N TYR F 104 -8.25 13.52 20.34
CA TYR F 104 -7.56 12.87 19.23
C TYR F 104 -7.23 13.86 18.13
N ALA F 105 -8.09 14.86 17.91
CA ALA F 105 -7.75 15.92 16.97
C ALA F 105 -6.55 16.72 17.45
N GLY F 106 -6.39 16.87 18.76
CA GLY F 106 -5.21 17.51 19.31
C GLY F 106 -5.49 18.72 20.18
N TYR F 107 -6.73 18.84 20.68
CA TYR F 107 -7.14 20.00 21.46
C TYR F 107 -7.71 19.55 22.80
N ASP F 108 -7.22 20.17 23.87
CA ASP F 108 -7.83 19.98 25.18
C ASP F 108 -9.11 20.78 25.34
N MET F 109 -9.19 21.96 24.73
CA MET F 109 -10.25 22.91 25.01
C MET F 109 -10.65 23.64 23.73
N ILE F 110 -11.92 24.02 23.67
CA ILE F 110 -12.44 24.92 22.65
C ILE F 110 -13.16 26.05 23.36
N ILE F 111 -12.88 27.29 22.97
CA ILE F 111 -13.52 28.47 23.53
C ILE F 111 -14.20 29.21 22.40
N PHE F 112 -15.53 29.29 22.46
CA PHE F 112 -16.30 30.08 21.51
C PHE F 112 -16.61 31.44 22.15
N GLU F 113 -16.19 32.51 21.48
CA GLU F 113 -16.38 33.86 21.99
C GLU F 113 -17.00 34.72 20.91
N GLY F 114 -17.95 35.58 21.30
CA GLY F 114 -18.67 36.41 20.37
C GLY F 114 -19.83 35.66 19.73
N LYS F 115 -20.60 36.40 18.94
CA LYS F 115 -21.74 35.87 18.22
C LYS F 115 -21.46 35.86 16.73
N SER F 116 -21.89 34.78 16.07
CA SER F 116 -21.76 34.67 14.62
C SER F 116 -22.95 35.33 13.94
N ALA F 117 -22.67 36.07 12.87
CA ALA F 117 -23.74 36.76 12.14
C ALA F 117 -24.71 35.75 11.52
N ASN F 118 -24.18 34.68 10.96
CA ASN F 118 -24.99 33.65 10.31
C ASN F 118 -24.85 32.32 11.03
N PRO F 119 -25.84 31.44 10.91
CA PRO F 119 -25.71 30.09 11.50
C PRO F 119 -24.54 29.34 10.90
N VAL F 120 -23.56 29.03 11.75
CA VAL F 120 -22.35 28.34 11.32
C VAL F 120 -22.10 27.15 12.24
N TYR F 121 -21.29 26.22 11.73
CA TYR F 121 -20.82 25.09 12.53
C TYR F 121 -19.31 24.93 12.34
N LEU F 122 -18.65 24.49 13.40
CA LEU F 122 -17.21 24.30 13.38
C LEU F 122 -16.87 22.90 12.90
N TRP F 123 -15.88 22.80 12.01
CA TRP F 123 -15.43 21.53 11.46
C TRP F 123 -13.94 21.38 11.74
N ILE F 124 -13.58 20.32 12.45
CA ILE F 124 -12.20 20.07 12.88
C ILE F 124 -11.77 18.70 12.36
N TYR F 125 -10.72 18.69 11.56
CA TYR F 125 -10.06 17.46 11.14
C TYR F 125 -8.59 17.61 11.52
N ASN F 126 -8.24 17.11 12.71
CA ASN F 126 -6.91 17.29 13.29
C ASN F 126 -6.54 18.76 13.35
N ASP F 127 -5.52 19.16 12.60
CA ASP F 127 -5.04 20.54 12.62
C ASP F 127 -5.74 21.43 11.61
N HIS F 128 -6.73 20.92 10.88
CA HIS F 128 -7.49 21.71 9.92
C HIS F 128 -8.82 22.09 10.56
N VAL F 129 -8.95 23.37 10.92
CA VAL F 129 -10.17 23.91 11.53
C VAL F 129 -10.73 24.98 10.62
N GLU F 130 -12.04 24.91 10.38
CA GLU F 130 -12.70 25.91 9.56
C GLU F 130 -14.14 26.08 10.00
N LEU F 131 -14.64 27.31 9.94
CA LEU F 131 -16.05 27.59 10.17
C LEU F 131 -16.82 27.45 8.88
N ARG F 132 -17.88 26.65 8.89
CA ARG F 132 -18.68 26.39 7.71
C ARG F 132 -20.10 26.87 7.92
N ASP F 133 -20.73 27.28 6.82
CA ASP F 133 -22.11 27.75 6.88
C ASP F 133 -23.04 26.61 7.27
N ALA F 134 -23.97 26.90 8.18
CA ALA F 134 -24.87 25.89 8.72
C ALA F 134 -26.33 26.31 8.55
N SER F 135 -26.65 27.01 7.47
CA SER F 135 -28.02 27.43 7.23
C SER F 135 -28.91 26.28 6.77
N HIS F 136 -28.32 25.27 6.11
CA HIS F 136 -29.12 24.14 5.65
C HIS F 136 -29.51 23.21 6.79
N VAL F 137 -28.69 23.13 7.84
CA VAL F 137 -28.97 22.27 8.99
C VAL F 137 -29.66 23.02 10.12
N TRP F 138 -29.74 24.35 10.05
CA TRP F 138 -30.40 25.13 11.10
C TRP F 138 -31.89 24.81 11.12
N GLY F 139 -32.42 24.53 12.31
CA GLY F 139 -33.81 24.16 12.47
C GLY F 139 -34.05 22.67 12.56
N LYS F 140 -33.05 21.84 12.25
CA LYS F 140 -33.18 20.40 12.34
C LYS F 140 -32.82 19.92 13.74
N ASP F 141 -33.33 18.73 14.07
CA ASP F 141 -33.06 18.15 15.38
C ASP F 141 -31.68 17.51 15.39
N SER F 142 -31.34 16.88 16.53
CA SER F 142 -29.98 16.36 16.70
C SER F 142 -29.67 15.25 15.72
N TYR F 143 -30.63 14.35 15.48
CA TYR F 143 -30.38 13.20 14.60
C TYR F 143 -30.11 13.66 13.17
N GLU F 144 -30.99 14.50 12.63
CA GLU F 144 -30.85 14.98 11.26
C GLU F 144 -29.60 15.84 11.11
N THR F 145 -29.32 16.70 12.10
CA THR F 145 -28.13 17.53 12.04
C THR F 145 -26.87 16.68 12.02
N THR F 146 -26.82 15.66 12.89
CA THR F 146 -25.67 14.78 12.93
C THR F 146 -25.49 14.06 11.60
N ASP F 147 -26.59 13.54 11.04
CA ASP F 147 -26.50 12.80 9.78
C ASP F 147 -26.00 13.71 8.65
N ALA F 148 -26.61 14.88 8.49
CA ALA F 148 -26.21 15.78 7.41
C ALA F 148 -24.77 16.24 7.57
N LEU F 149 -24.37 16.61 8.79
CA LEU F 149 -23.02 17.13 8.99
C LEU F 149 -21.98 16.02 8.84
N LEU F 150 -22.31 14.78 9.20
CA LEU F 150 -21.43 13.67 8.90
C LEU F 150 -21.33 13.43 7.40
N SER F 151 -22.45 13.58 6.69
CA SER F 151 -22.43 13.41 5.25
C SER F 151 -21.55 14.44 4.56
N GLU F 152 -21.54 15.67 5.07
CA GLU F 152 -20.77 16.73 4.43
C GLU F 152 -19.40 16.99 5.07
N THR F 153 -19.05 16.27 6.14
CA THR F 153 -17.71 16.44 6.71
C THR F 153 -16.88 15.16 6.68
N ASP F 154 -17.38 14.10 7.31
CA ASP F 154 -16.65 12.84 7.43
C ASP F 154 -17.58 11.79 8.01
N PRO F 155 -17.56 10.55 7.49
CA PRO F 155 -18.42 9.51 8.07
C PRO F 155 -18.11 9.18 9.51
N GLU F 156 -16.84 9.27 9.93
CA GLU F 156 -16.43 8.86 11.27
C GLU F 156 -16.12 10.03 12.18
N ALA F 157 -16.80 11.16 11.98
CA ALA F 157 -16.63 12.32 12.84
C ALA F 157 -17.63 12.29 13.99
N LYS F 158 -17.37 13.10 15.01
CA LYS F 158 -18.23 13.24 16.17
C LYS F 158 -18.83 14.63 16.19
N VAL F 159 -20.13 14.73 16.42
CA VAL F 159 -20.87 15.97 16.31
C VAL F 159 -21.44 16.33 17.68
N ALA F 160 -21.12 17.53 18.15
CA ALA F 160 -21.76 18.12 19.32
C ALA F 160 -22.65 19.26 18.83
N CYS F 161 -23.96 19.05 18.87
CA CYS F 161 -24.90 19.95 18.22
C CYS F 161 -25.97 20.41 19.20
N ILE F 162 -26.85 21.28 18.72
CA ILE F 162 -28.05 21.71 19.43
C ILE F 162 -29.25 21.47 18.55
N GLY F 163 -30.40 21.23 19.18
CA GLY F 163 -31.63 21.04 18.45
C GLY F 163 -32.34 22.35 18.22
N PRO F 164 -33.60 22.28 17.78
CA PRO F 164 -34.39 23.51 17.62
C PRO F 164 -34.53 24.31 18.90
N ALA F 165 -34.56 23.66 20.06
CA ALA F 165 -34.76 24.37 21.32
C ALA F 165 -33.59 25.31 21.62
N GLY F 166 -32.36 24.85 21.39
CA GLY F 166 -31.21 25.71 21.61
C GLY F 166 -31.18 26.91 20.67
N GLU F 167 -31.64 26.72 19.43
CA GLU F 167 -31.70 27.81 18.48
C GLU F 167 -32.74 28.85 18.90
N ARG F 168 -33.84 28.42 19.48
CA ARG F 168 -34.91 29.30 19.92
C ARG F 168 -34.67 29.87 21.31
N LEU F 169 -33.50 29.60 21.90
CA LEU F 169 -33.10 30.16 23.18
C LEU F 169 -34.02 29.73 24.32
N VAL F 170 -34.40 28.45 24.32
CA VAL F 170 -35.06 27.88 25.48
C VAL F 170 -34.06 27.84 26.63
N LEU F 171 -34.50 28.30 27.81
CA LEU F 171 -33.57 28.52 28.91
C LEU F 171 -32.93 27.24 29.43
N PHE F 172 -33.54 26.08 29.17
CA PHE F 172 -32.99 24.79 29.58
C PHE F 172 -32.63 23.92 28.39
N ALA F 173 -32.06 24.55 27.35
CA ALA F 173 -31.55 23.81 26.20
C ALA F 173 -30.22 23.14 26.55
N CYS F 174 -29.66 22.40 25.59
CA CYS F 174 -28.44 21.66 25.85
C CYS F 174 -27.62 21.49 24.58
N VAL F 175 -26.37 21.05 24.80
CA VAL F 175 -25.46 20.67 23.73
C VAL F 175 -25.54 19.16 23.57
N MET F 176 -25.69 18.70 22.33
CA MET F 176 -25.97 17.30 22.05
C MET F 176 -24.80 16.66 21.31
N ASN F 177 -24.25 15.59 21.87
CA ASN F 177 -23.19 14.81 21.22
C ASN F 177 -23.63 13.37 21.05
N ASP F 178 -23.34 12.81 19.86
CA ASP F 178 -23.69 11.43 19.49
C ASP F 178 -25.20 11.19 19.48
N LYS F 179 -25.97 12.27 19.35
CA LYS F 179 -27.41 12.26 19.14
C LYS F 179 -28.19 11.82 20.38
N HIS F 180 -27.47 11.30 21.38
CA HIS F 180 -28.11 10.81 22.59
C HIS F 180 -27.40 11.21 23.88
N ARG F 181 -26.13 11.61 23.84
CA ARG F 181 -25.46 12.13 25.00
C ARG F 181 -25.66 13.64 25.03
N ALA F 182 -25.90 14.19 26.21
CA ALA F 182 -26.29 15.59 26.32
C ALA F 182 -25.60 16.23 27.50
N ALA F 183 -25.07 17.45 27.30
CA ALA F 183 -24.55 18.26 28.40
C ALA F 183 -25.66 19.21 28.85
N GLY F 184 -26.71 18.62 29.42
CA GLY F 184 -27.92 19.37 29.72
C GLY F 184 -28.20 19.77 31.16
N ARG F 185 -27.98 21.03 31.50
CA ARG F 185 -28.49 21.73 32.67
C ARG F 185 -28.05 23.18 32.54
N THR F 186 -28.91 24.12 32.96
CA THR F 186 -28.67 25.55 33.08
C THR F 186 -28.70 26.26 31.73
N GLY F 187 -28.88 25.54 30.62
CA GLY F 187 -29.02 26.18 29.33
C GLY F 187 -27.73 26.48 28.58
N VAL F 188 -26.77 25.55 28.58
CA VAL F 188 -25.58 25.75 27.76
C VAL F 188 -25.92 25.64 26.28
N GLY F 189 -26.95 24.87 25.93
CA GLY F 189 -27.42 24.86 24.55
C GLY F 189 -28.05 26.17 24.15
N ALA F 190 -28.70 26.86 25.11
CA ALA F 190 -29.18 28.20 24.84
C ALA F 190 -28.03 29.15 24.53
N VAL F 191 -26.93 29.04 25.28
CA VAL F 191 -25.75 29.85 25.01
C VAL F 191 -25.19 29.51 23.64
N MET F 192 -25.14 28.22 23.30
CA MET F 192 -24.64 27.81 21.98
C MET F 192 -25.51 28.37 20.86
N GLY F 193 -26.83 28.38 21.06
CA GLY F 193 -27.73 28.91 20.04
C GLY F 193 -27.80 30.41 19.98
N SER F 194 -27.42 31.11 21.06
CA SER F 194 -27.36 32.56 21.01
C SER F 194 -26.14 33.05 20.24
N LYS F 195 -25.09 32.24 20.19
CA LYS F 195 -23.91 32.54 19.39
C LYS F 195 -24.08 32.17 17.92
N ASN F 196 -25.26 31.68 17.52
CA ASN F 196 -25.51 31.21 16.16
C ASN F 196 -24.54 30.10 15.77
N LEU F 197 -24.24 29.22 16.73
CA LEU F 197 -23.41 28.05 16.51
C LEU F 197 -24.31 26.83 16.49
N LYS F 198 -24.38 26.16 15.34
CA LYS F 198 -25.29 25.03 15.21
C LYS F 198 -24.69 23.76 15.79
N ALA F 199 -23.42 23.49 15.50
CA ALA F 199 -22.79 22.25 15.94
C ALA F 199 -21.28 22.39 15.89
N VAL F 200 -20.61 21.47 16.57
CA VAL F 200 -19.17 21.30 16.45
C VAL F 200 -18.91 19.88 15.96
N VAL F 201 -18.26 19.76 14.82
CA VAL F 201 -17.93 18.46 14.22
C VAL F 201 -16.42 18.31 14.28
N VAL F 202 -15.96 17.23 14.92
CA VAL F 202 -14.55 16.99 15.12
C VAL F 202 -14.20 15.61 14.59
N ARG F 203 -13.07 15.52 13.89
CA ARG F 203 -12.50 14.25 13.44
C ARG F 203 -11.02 14.25 13.80
N GLY F 204 -10.58 13.20 14.48
CA GLY F 204 -9.21 13.15 14.94
C GLY F 204 -8.57 11.78 14.80
N THR F 205 -7.35 11.75 14.28
CA THR F 205 -6.58 10.52 14.11
C THR F 205 -5.27 10.54 14.88
N GLY F 206 -5.13 11.48 15.82
CA GLY F 206 -3.96 11.54 16.67
C GLY F 206 -4.10 10.66 17.89
N GLY F 207 -3.02 10.62 18.68
CA GLY F 207 -2.98 9.77 19.86
C GLY F 207 -2.67 10.56 21.11
N ILE F 208 -3.07 9.98 22.24
CA ILE F 208 -2.84 10.56 23.55
C ILE F 208 -1.71 9.79 24.21
N LYS F 209 -0.67 10.51 24.63
CA LYS F 209 0.53 9.90 25.17
C LYS F 209 0.41 9.69 26.66
N LEU F 210 0.92 8.56 27.13
CA LEU F 210 0.95 8.22 28.55
C LEU F 210 2.40 8.18 29.02
N ALA F 211 2.64 8.68 30.22
CA ALA F 211 4.01 8.71 30.74
C ALA F 211 4.50 7.32 31.12
N ASP F 212 3.64 6.51 31.71
CA ASP F 212 4.01 5.17 32.15
C ASP F 212 2.90 4.21 31.75
N LYS F 213 3.16 3.38 30.72
CA LYS F 213 2.15 2.48 30.22
C LYS F 213 1.91 1.29 31.15
N GLU F 214 2.98 0.73 31.70
CA GLU F 214 2.84 -0.51 32.47
C GLU F 214 2.17 -0.26 33.82
N ALA F 215 2.56 0.81 34.51
CA ALA F 215 1.91 1.17 35.77
C ALA F 215 0.44 1.49 35.55
N PHE F 216 0.14 2.22 34.46
CA PHE F 216 -1.25 2.50 34.13
C PHE F 216 -2.02 1.22 33.85
N LEU F 217 -1.40 0.27 33.15
CA LEU F 217 -2.09 -0.98 32.86
C LEU F 217 -2.36 -1.78 34.13
N GLU F 218 -1.43 -1.80 35.07
CA GLU F 218 -1.68 -2.50 36.33
C GLU F 218 -2.79 -1.83 37.13
N ALA F 219 -2.74 -0.50 37.23
CA ALA F 219 -3.80 0.22 37.93
C ALA F 219 -5.15 0.01 37.25
N LEU F 220 -5.15 -0.02 35.91
CA LEU F 220 -6.37 -0.25 35.16
C LEU F 220 -6.92 -1.65 35.41
N ARG F 221 -6.04 -2.65 35.48
CA ARG F 221 -6.50 -4.01 35.78
C ARG F 221 -7.14 -4.08 37.16
N LYS F 222 -6.50 -3.45 38.15
CA LYS F 222 -7.09 -3.43 39.49
C LYS F 222 -8.44 -2.71 39.51
N ALA F 223 -8.52 -1.56 38.83
CA ALA F 223 -9.76 -0.80 38.80
C ALA F 223 -10.87 -1.57 38.09
N ARG F 224 -10.54 -2.23 36.98
CA ARG F 224 -11.53 -3.01 36.26
C ARG F 224 -12.02 -4.18 37.11
N LYS F 225 -11.12 -4.83 37.83
CA LYS F 225 -11.53 -5.90 38.73
C LYS F 225 -12.49 -5.38 39.80
N LYS F 226 -12.16 -4.24 40.40
CA LYS F 226 -13.03 -3.66 41.43
C LYS F 226 -14.40 -3.29 40.84
N ILE F 227 -14.41 -2.71 39.65
CA ILE F 227 -15.66 -2.30 39.02
C ILE F 227 -16.52 -3.52 38.70
N ALA F 228 -15.91 -4.58 38.17
CA ALA F 228 -16.65 -5.79 37.85
C ALA F 228 -17.22 -6.45 39.09
N GLU F 229 -16.46 -6.44 40.19
CA GLU F 229 -16.93 -7.09 41.41
C GLU F 229 -18.08 -6.35 42.09
N HIS F 230 -18.19 -5.03 41.89
CA HIS F 230 -19.15 -4.26 42.64
C HIS F 230 -20.58 -4.54 42.16
N PRO F 231 -21.54 -4.62 43.08
CA PRO F 231 -22.93 -4.89 42.67
C PRO F 231 -23.53 -3.84 41.75
N VAL F 232 -23.17 -2.57 41.91
CA VAL F 232 -23.82 -1.49 41.18
C VAL F 232 -23.16 -1.31 39.82
N THR F 233 -21.86 -1.00 39.83
CA THR F 233 -21.15 -0.80 38.57
C THR F 233 -21.04 -2.10 37.78
N GLY F 234 -20.88 -3.23 38.47
CA GLY F 234 -20.72 -4.50 37.80
C GLY F 234 -22.02 -5.11 37.29
N GLY F 235 -23.02 -5.21 38.16
CA GLY F 235 -24.30 -5.77 37.77
C GLY F 235 -25.41 -4.77 37.55
N GLY F 236 -25.58 -3.84 38.49
CA GLY F 236 -26.78 -3.01 38.50
C GLY F 236 -26.84 -2.04 37.33
N LEU F 237 -25.77 -1.29 37.11
CA LEU F 237 -25.74 -0.38 35.97
C LEU F 237 -25.80 -1.11 34.63
N PRO F 238 -25.01 -2.16 34.36
CA PRO F 238 -25.17 -2.87 33.09
C PRO F 238 -26.54 -3.51 32.92
N ALA F 239 -27.21 -3.87 34.01
CA ALA F 239 -28.46 -4.58 33.89
C ALA F 239 -29.65 -3.63 33.71
N TYR F 240 -29.71 -2.56 34.49
CA TYR F 240 -30.89 -1.70 34.50
C TYR F 240 -30.54 -0.22 34.37
N GLY F 241 -29.34 0.07 33.90
CA GLY F 241 -28.92 1.44 33.69
C GLY F 241 -28.97 2.27 34.97
N THR F 242 -29.16 3.58 34.76
CA THR F 242 -29.39 4.47 35.90
C THR F 242 -30.79 4.33 36.46
N ASN F 243 -31.72 3.76 35.69
CA ASN F 243 -33.12 3.65 36.11
C ASN F 243 -33.33 2.63 37.22
N VAL F 244 -32.30 1.88 37.58
CA VAL F 244 -32.36 0.87 38.65
C VAL F 244 -32.73 1.53 39.97
N LEU F 245 -32.58 2.86 40.04
CA LEU F 245 -32.81 3.59 41.28
C LEU F 245 -34.27 3.86 41.58
N VAL F 246 -35.19 3.54 40.67
CA VAL F 246 -36.60 3.85 40.88
C VAL F 246 -37.13 3.12 42.11
N ASN F 247 -36.92 1.81 42.16
CA ASN F 247 -37.38 1.04 43.31
C ASN F 247 -36.54 1.35 44.55
N VAL F 248 -35.23 1.57 44.37
CA VAL F 248 -34.36 1.83 45.51
C VAL F 248 -34.72 3.16 46.17
N ILE F 249 -35.12 4.16 45.39
CA ILE F 249 -35.48 5.45 45.96
C ILE F 249 -36.94 5.47 46.44
N ASN F 250 -37.84 4.80 45.73
CA ASN F 250 -39.24 4.80 46.15
C ASN F 250 -39.44 3.97 47.41
N ALA F 251 -38.66 2.89 47.58
CA ALA F 251 -38.76 2.10 48.80
C ALA F 251 -38.20 2.84 50.01
N ALA F 252 -37.34 3.83 49.79
CA ALA F 252 -36.82 4.66 50.87
C ALA F 252 -37.74 5.84 51.20
N GLY F 253 -38.86 5.98 50.49
CA GLY F 253 -39.74 7.11 50.71
C GLY F 253 -39.11 8.44 50.37
N ALA F 254 -38.26 8.47 49.33
CA ALA F 254 -37.54 9.68 48.95
C ALA F 254 -37.68 9.97 47.47
N LEU F 255 -38.75 9.49 46.85
CA LEU F 255 -38.99 9.74 45.43
C LEU F 255 -40.03 10.83 45.29
N PRO F 256 -39.67 12.05 44.89
CA PRO F 256 -40.66 13.12 44.79
C PRO F 256 -41.76 12.77 43.82
N THR F 257 -43.00 13.05 44.22
CA THR F 257 -44.18 12.71 43.44
C THR F 257 -45.11 13.89 43.37
N ARG F 258 -45.55 14.23 42.15
CA ARG F 258 -46.52 15.29 41.92
C ARG F 258 -46.03 16.63 42.49
N ASN F 259 -44.92 17.10 41.92
CA ASN F 259 -44.32 18.38 42.29
C ASN F 259 -43.97 18.42 43.78
N PHE F 260 -43.35 17.34 44.24
CA PHE F 260 -42.85 17.21 45.61
C PHE F 260 -43.97 17.26 46.65
N LYS F 261 -45.22 17.07 46.23
CA LYS F 261 -46.32 17.02 47.20
C LYS F 261 -46.32 15.70 47.97
N GLU F 262 -45.78 14.63 47.37
CA GLU F 262 -45.61 13.36 48.05
C GLU F 262 -44.21 12.83 47.77
N ALA F 263 -43.75 11.94 48.65
CA ALA F 263 -42.44 11.32 48.51
C ALA F 263 -42.52 9.84 48.15
N TRP F 264 -43.72 9.33 47.89
CA TRP F 264 -43.91 7.93 47.52
C TRP F 264 -44.83 7.86 46.31
N PHE F 265 -44.44 7.05 45.33
CA PHE F 265 -45.17 6.93 44.06
C PHE F 265 -45.73 5.53 43.95
N GLU F 266 -47.05 5.43 43.78
CA GLU F 266 -47.70 4.13 43.72
C GLU F 266 -47.51 3.42 42.38
N GLY F 267 -47.23 4.17 41.32
CA GLY F 267 -47.02 3.57 40.02
C GLY F 267 -45.56 3.39 39.68
N ALA F 268 -44.71 3.30 40.71
CA ALA F 268 -43.27 3.24 40.50
C ALA F 268 -42.85 1.93 39.83
N ASP F 269 -43.52 0.83 40.16
CA ASP F 269 -43.12 -0.47 39.62
C ASP F 269 -43.24 -0.52 38.11
N LYS F 270 -44.21 0.19 37.53
CA LYS F 270 -44.41 0.17 36.09
C LYS F 270 -43.38 0.98 35.32
N ILE F 271 -42.55 1.77 36.01
CA ILE F 271 -41.54 2.60 35.38
C ILE F 271 -40.14 2.30 35.87
N SER F 272 -39.97 1.23 36.63
CA SER F 272 -38.66 0.91 37.19
C SER F 272 -37.72 0.40 36.11
N GLY F 273 -36.44 0.27 36.47
CA GLY F 273 -35.45 -0.23 35.53
C GLY F 273 -35.68 -1.68 35.15
N GLU F 274 -36.17 -2.49 36.09
CA GLU F 274 -36.47 -3.89 35.79
C GLU F 274 -37.59 -4.01 34.76
N THR F 275 -38.64 -3.21 34.92
CA THR F 275 -39.73 -3.22 33.95
C THR F 275 -39.24 -2.79 32.57
N MET F 276 -38.41 -1.75 32.51
CA MET F 276 -37.86 -1.30 31.23
C MET F 276 -37.01 -2.39 30.60
N ALA F 277 -36.19 -3.08 31.40
CA ALA F 277 -35.38 -4.17 30.88
C ALA F 277 -36.24 -5.31 30.34
N GLU F 278 -37.34 -5.61 31.04
CA GLU F 278 -38.19 -6.72 30.65
C GLU F 278 -39.14 -6.38 29.50
N THR F 279 -39.36 -5.11 29.20
CA THR F 279 -40.37 -4.71 28.22
C THR F 279 -39.79 -4.10 26.97
N ILE F 280 -39.01 -3.01 27.09
CA ILE F 280 -38.67 -2.17 25.95
C ILE F 280 -37.17 -2.02 25.74
N LEU F 281 -36.34 -2.58 26.61
CA LEU F 281 -34.90 -2.41 26.47
C LEU F 281 -34.38 -3.27 25.33
N LEU F 282 -33.95 -2.63 24.25
CA LEU F 282 -33.34 -3.37 23.14
C LEU F 282 -31.95 -3.87 23.52
N LYS F 283 -31.13 -3.01 24.11
CA LYS F 283 -29.74 -3.31 24.36
C LYS F 283 -29.19 -2.26 25.33
N ASN F 284 -27.93 -2.44 25.73
CA ASN F 284 -27.23 -1.47 26.55
C ASN F 284 -26.01 -0.97 25.78
N LYS F 285 -25.63 0.28 26.05
CA LYS F 285 -24.55 0.92 25.33
C LYS F 285 -23.60 1.59 26.33
N ALA F 286 -22.32 1.64 25.97
CA ALA F 286 -21.27 2.12 26.85
C ALA F 286 -20.67 3.40 26.32
N CYS F 287 -20.24 4.26 27.25
CA CYS F 287 -19.48 5.45 26.88
C CYS F 287 -18.07 5.03 26.46
N ALA F 288 -17.23 6.02 26.16
CA ALA F 288 -15.86 5.72 25.75
C ALA F 288 -15.11 5.05 26.89
N SER F 289 -14.69 3.80 26.64
CA SER F 289 -13.91 2.99 27.58
C SER F 289 -14.65 2.76 28.89
N CYS F 290 -15.99 2.75 28.85
CA CYS F 290 -16.81 2.50 30.04
C CYS F 290 -17.14 1.02 30.11
N ALA F 291 -16.76 0.39 31.22
CA ALA F 291 -17.00 -1.03 31.43
C ALA F 291 -18.35 -1.31 32.09
N SER F 292 -19.09 -0.27 32.46
CA SER F 292 -20.38 -0.46 33.11
C SER F 292 -21.55 -0.42 32.12
N ALA F 293 -21.39 0.22 30.97
CA ALA F 293 -22.38 0.25 29.90
C ALA F 293 -23.77 0.61 30.45
N CYS F 294 -23.83 1.74 31.15
CA CYS F 294 -25.07 2.18 31.78
C CYS F 294 -26.10 2.70 30.79
N GLY F 295 -25.70 2.94 29.53
CA GLY F 295 -26.61 3.53 28.56
C GLY F 295 -27.71 2.57 28.14
N ARG F 296 -28.90 3.11 27.92
CA ARG F 296 -30.07 2.34 27.51
C ARG F 296 -30.35 2.57 26.03
N VAL F 297 -30.57 1.48 25.30
CA VAL F 297 -31.07 1.54 23.94
C VAL F 297 -32.46 0.93 23.97
N THR F 298 -33.49 1.75 23.79
CA THR F 298 -34.87 1.34 23.97
C THR F 298 -35.70 1.63 22.73
N LYS F 299 -36.88 1.01 22.68
CA LYS F 299 -37.85 1.24 21.64
C LYS F 299 -39.21 1.45 22.29
N ALA F 300 -39.82 2.62 22.04
CA ALA F 300 -41.13 2.92 22.60
C ALA F 300 -41.90 3.79 21.61
N MET F 301 -43.21 3.59 21.57
CA MET F 301 -44.11 4.28 20.65
C MET F 301 -43.70 4.06 19.19
N GLY F 302 -42.99 2.98 18.91
CA GLY F 302 -42.53 2.69 17.57
C GLY F 302 -41.23 3.35 17.16
N GLU F 303 -40.55 4.04 18.07
CA GLU F 303 -39.31 4.74 17.75
C GLU F 303 -38.17 4.20 18.61
N ILE F 304 -36.99 4.11 18.01
CA ILE F 304 -35.77 3.73 18.71
C ILE F 304 -35.11 4.98 19.27
N GLY F 305 -34.41 4.83 20.39
CA GLY F 305 -33.67 5.94 20.97
C GLY F 305 -32.97 5.50 22.22
N GLU F 306 -32.25 6.45 22.82
CA GLU F 306 -31.59 6.19 24.09
C GLU F 306 -32.61 6.28 25.22
N GLY F 307 -32.69 5.22 26.03
CA GLY F 307 -33.70 5.11 27.04
C GLY F 307 -33.63 6.18 28.10
N PRO F 308 -34.76 6.46 28.73
CA PRO F 308 -34.78 7.52 29.76
C PRO F 308 -34.03 7.07 31.01
N GLU F 309 -33.05 7.87 31.42
CA GLU F 309 -32.36 7.56 32.67
C GLU F 309 -33.18 8.02 33.87
N TYR F 310 -32.67 7.74 35.07
CA TYR F 310 -33.49 7.77 36.28
C TYR F 310 -34.20 9.11 36.47
N GLU F 311 -33.48 10.23 36.35
CA GLU F 311 -34.14 11.52 36.55
C GLU F 311 -35.12 11.86 35.44
N ALA F 312 -34.87 11.42 34.21
CA ALA F 312 -35.86 11.62 33.16
C ALA F 312 -37.13 10.85 33.46
N VAL F 313 -36.97 9.60 33.89
CA VAL F 313 -38.12 8.79 34.30
C VAL F 313 -38.88 9.46 35.42
N TRP F 314 -38.16 10.00 36.42
CA TRP F 314 -38.84 10.66 37.53
C TRP F 314 -39.60 11.89 37.06
N ALA F 315 -38.94 12.75 36.28
CA ALA F 315 -39.54 14.02 35.88
C ALA F 315 -40.78 13.81 35.02
N TYR F 316 -40.71 12.89 34.06
CA TYR F 316 -41.88 12.67 33.23
C TYR F 316 -42.90 11.72 33.85
N GLY F 317 -42.52 10.99 34.90
CA GLY F 317 -43.42 10.13 35.63
C GLY F 317 -43.80 10.67 36.99
N ALA F 318 -43.03 10.27 38.01
CA ALA F 318 -43.38 10.56 39.39
C ALA F 318 -43.61 12.05 39.62
N GLN F 319 -42.76 12.89 39.02
CA GLN F 319 -42.97 14.33 39.12
C GLN F 319 -44.29 14.75 38.49
N CYS F 320 -44.62 14.18 37.34
CA CYS F 320 -45.87 14.47 36.66
C CYS F 320 -46.99 13.49 37.00
N GLY F 321 -46.69 12.45 37.78
CA GLY F 321 -47.72 11.52 38.21
C GLY F 321 -48.15 10.50 37.20
N VAL F 322 -47.38 10.30 36.12
CA VAL F 322 -47.72 9.32 35.10
C VAL F 322 -46.91 8.06 35.34
N ASP F 323 -47.48 6.92 34.97
CA ASP F 323 -46.80 5.63 35.08
C ASP F 323 -46.66 4.94 33.73
N ASN F 324 -46.98 5.62 32.63
CA ASN F 324 -46.86 5.05 31.29
C ASN F 324 -45.41 5.18 30.86
N LEU F 325 -44.68 4.07 30.89
CA LEU F 325 -43.26 4.10 30.53
C LEU F 325 -43.07 4.42 29.06
N GLU F 326 -44.00 4.01 28.19
CA GLU F 326 -43.90 4.33 26.77
C GLU F 326 -43.92 5.83 26.55
N ALA F 327 -44.82 6.54 27.24
CA ALA F 327 -44.90 7.99 27.10
C ALA F 327 -43.65 8.66 27.66
N ILE F 328 -43.11 8.15 28.76
CA ILE F 328 -41.89 8.71 29.33
C ILE F 328 -40.74 8.56 28.33
N CYS F 329 -40.63 7.37 27.73
CA CYS F 329 -39.58 7.14 26.75
C CYS F 329 -39.75 8.03 25.52
N LYS F 330 -40.99 8.20 25.06
CA LYS F 330 -41.21 9.07 23.90
C LYS F 330 -40.87 10.51 24.21
N ALA F 331 -41.23 10.99 25.41
CA ALA F 331 -40.88 12.36 25.79
C ALA F 331 -39.36 12.51 25.90
N ASN F 332 -38.68 11.49 26.40
CA ASN F 332 -37.22 11.52 26.46
C ASN F 332 -36.62 11.54 25.05
N PHE F 333 -37.21 10.80 24.11
CA PHE F 333 -36.74 10.84 22.73
C PHE F 333 -36.94 12.22 22.12
N ILE F 334 -38.08 12.86 22.42
CA ILE F 334 -38.34 14.20 21.92
C ILE F 334 -37.33 15.19 22.49
N CYS F 335 -37.03 15.07 23.79
CA CYS F 335 -35.99 15.90 24.39
C CYS F 335 -34.64 15.69 23.71
N ASN F 336 -34.28 14.43 23.45
CA ASN F 336 -33.01 14.15 22.80
C ASN F 336 -32.95 14.76 21.40
N LYS F 337 -34.05 14.69 20.66
CA LYS F 337 -34.10 15.30 19.32
C LYS F 337 -33.94 16.81 19.41
N LEU F 338 -34.75 17.47 20.25
CA LEU F 338 -34.85 18.91 20.24
C LEU F 338 -33.79 19.61 21.08
N GLY F 339 -33.06 18.87 21.93
CA GLY F 339 -32.06 19.47 22.80
C GLY F 339 -32.64 20.21 23.98
N MET F 340 -33.37 19.50 24.84
CA MET F 340 -34.02 20.09 25.99
C MET F 340 -33.69 19.29 27.24
N ASP F 341 -34.09 19.83 28.38
CA ASP F 341 -33.78 19.26 29.68
C ASP F 341 -34.97 18.46 30.15
N PRO F 342 -34.91 17.13 30.15
CA PRO F 342 -36.03 16.32 30.67
C PRO F 342 -36.31 16.57 32.15
N ILE F 343 -35.30 16.85 32.97
CA ILE F 343 -35.58 17.21 34.36
C ILE F 343 -36.33 18.53 34.42
N THR F 344 -35.79 19.56 33.77
CA THR F 344 -36.44 20.86 33.81
C THR F 344 -37.76 20.85 33.06
N MET F 345 -37.81 20.16 31.91
CA MET F 345 -39.07 20.04 31.18
C MET F 345 -40.13 19.35 32.04
N GLY F 346 -39.77 18.23 32.65
CA GLY F 346 -40.74 17.49 33.46
C GLY F 346 -41.16 18.27 34.69
N SER F 347 -40.21 18.96 35.34
CA SER F 347 -40.55 19.74 36.51
C SER F 347 -41.41 20.95 36.15
N THR F 348 -41.14 21.58 35.00
CA THR F 348 -41.99 22.67 34.54
C THR F 348 -43.39 22.17 34.22
N ILE F 349 -43.50 20.99 33.60
CA ILE F 349 -44.80 20.40 33.31
C ILE F 349 -45.54 20.11 34.61
N GLY F 350 -44.84 19.56 35.61
CA GLY F 350 -45.47 19.31 36.90
C GLY F 350 -45.91 20.56 37.60
N CYS F 351 -45.10 21.63 37.53
CA CYS F 351 -45.49 22.91 38.10
C CYS F 351 -46.71 23.48 37.39
N ALA F 352 -46.78 23.33 36.07
CA ALA F 352 -47.97 23.75 35.34
C ALA F 352 -49.18 22.94 35.74
N MET F 353 -49.00 21.63 35.97
CA MET F 353 -50.10 20.79 36.44
C MET F 353 -50.59 21.25 37.80
N GLU F 354 -49.67 21.58 38.71
CA GLU F 354 -50.06 22.08 40.02
C GLU F 354 -50.78 23.43 39.92
N LEU F 355 -50.29 24.31 39.04
CA LEU F 355 -50.97 25.58 38.81
C LEU F 355 -52.37 25.36 38.25
N ALA F 356 -52.51 24.42 37.32
CA ALA F 356 -53.83 24.11 36.77
C ALA F 356 -54.71 23.44 37.82
N GLU F 357 -54.11 22.78 38.81
CA GLU F 357 -54.89 22.19 39.89
C GLU F 357 -55.58 23.26 40.73
N LEU F 358 -55.02 24.46 40.76
CA LEU F 358 -55.60 25.59 41.49
C LEU F 358 -56.62 26.37 40.67
N GLY F 359 -56.94 25.90 39.47
CA GLY F 359 -57.80 26.67 38.58
C GLY F 359 -57.15 27.96 38.13
N LEU F 360 -55.84 27.96 37.93
CA LEU F 360 -55.08 29.16 37.62
C LEU F 360 -54.59 29.20 36.18
N ILE F 361 -54.35 28.04 35.55
CA ILE F 361 -53.95 27.96 34.15
C ILE F 361 -55.12 27.41 33.36
N ASP F 362 -55.59 28.18 32.38
CA ASP F 362 -56.71 27.76 31.56
C ASP F 362 -56.26 26.67 30.60
N GLU F 363 -56.78 25.45 30.79
CA GLU F 363 -56.38 24.32 29.96
C GLU F 363 -56.83 24.46 28.52
N LYS F 364 -57.78 25.36 28.22
CA LYS F 364 -58.09 25.69 26.84
C LYS F 364 -56.91 26.39 26.18
N LYS F 365 -56.23 27.28 26.91
CA LYS F 365 -55.05 27.95 26.38
C LYS F 365 -53.94 26.95 26.09
N ALA F 366 -53.73 25.99 26.99
CA ALA F 366 -52.68 25.00 26.79
C ALA F 366 -53.00 24.05 25.65
N GLY F 367 -54.29 23.81 25.39
CA GLY F 367 -54.69 22.88 24.36
C GLY F 367 -54.66 21.42 24.76
N VAL F 368 -54.33 21.12 26.02
CA VAL F 368 -54.24 19.75 26.50
C VAL F 368 -54.53 19.75 28.00
N SER F 369 -55.13 18.65 28.47
CA SER F 369 -55.42 18.53 29.89
C SER F 369 -54.14 18.51 30.71
N LEU F 370 -54.15 19.24 31.83
CA LEU F 370 -53.01 19.30 32.73
C LEU F 370 -53.26 18.56 34.03
N HIS F 371 -54.22 17.65 34.05
CA HIS F 371 -54.44 16.82 35.24
C HIS F 371 -53.26 15.89 35.46
N TRP F 372 -53.03 15.54 36.73
CA TRP F 372 -51.92 14.66 37.07
C TRP F 372 -52.08 13.30 36.40
N GLY F 373 -51.00 12.82 35.78
CA GLY F 373 -51.03 11.54 35.12
C GLY F 373 -51.55 11.55 33.71
N ASN F 374 -51.35 12.65 32.98
CA ASN F 374 -51.79 12.76 31.59
C ASN F 374 -50.59 12.46 30.70
N ALA F 375 -50.51 11.22 30.21
CA ALA F 375 -49.36 10.78 29.43
C ALA F 375 -49.26 11.50 28.08
N GLU F 376 -50.37 12.01 27.55
CA GLU F 376 -50.31 12.80 26.33
C GLU F 376 -49.77 14.20 26.59
N ALA F 377 -50.01 14.73 27.80
CA ALA F 377 -49.60 16.09 28.11
C ALA F 377 -48.09 16.24 28.06
N ILE F 378 -47.35 15.27 28.60
CA ILE F 378 -45.89 15.39 28.63
C ILE F 378 -45.34 15.45 27.22
N VAL F 379 -45.84 14.58 26.33
CA VAL F 379 -45.34 14.54 24.95
C VAL F 379 -45.69 15.84 24.23
N LYS F 380 -46.96 16.25 24.30
CA LYS F 380 -47.39 17.43 23.57
C LYS F 380 -46.67 18.69 24.06
N LEU F 381 -46.54 18.85 25.38
CA LEU F 381 -45.88 20.02 25.93
C LEU F 381 -44.39 19.98 25.67
N THR F 382 -43.78 18.79 25.65
CA THR F 382 -42.37 18.71 25.30
C THR F 382 -42.15 19.19 23.87
N GLU F 383 -43.00 18.77 22.93
CA GLU F 383 -42.87 19.25 21.56
C GLU F 383 -43.09 20.77 21.48
N ASP F 384 -44.14 21.26 22.15
CA ASP F 384 -44.45 22.69 22.06
C ASP F 384 -43.32 23.54 22.66
N THR F 385 -42.77 23.11 23.79
CA THR F 385 -41.65 23.83 24.39
C THR F 385 -40.41 23.74 23.51
N GLY F 386 -40.20 22.59 22.87
CA GLY F 386 -39.07 22.46 21.95
C GLY F 386 -39.19 23.39 20.77
N TYR F 387 -40.41 23.74 20.37
CA TYR F 387 -40.59 24.71 19.29
C TYR F 387 -41.14 26.06 19.77
N ARG F 388 -41.34 26.23 21.07
CA ARG F 388 -41.78 27.50 21.66
C ARG F 388 -43.06 28.00 20.99
N ARG F 389 -43.99 27.09 20.71
CA ARG F 389 -45.27 27.41 20.12
C ARG F 389 -46.39 27.07 21.08
N GLY F 390 -47.38 27.96 21.16
CA GLY F 390 -48.48 27.73 22.09
C GLY F 390 -48.05 27.95 23.52
N PHE F 391 -48.59 27.11 24.42
CA PHE F 391 -48.23 27.18 25.83
C PHE F 391 -46.74 26.86 26.06
N GLY F 392 -46.09 26.22 25.09
CA GLY F 392 -44.66 25.97 25.21
C GLY F 392 -43.84 27.24 25.32
N GLU F 393 -44.38 28.37 24.84
CA GLU F 393 -43.71 29.65 25.04
C GLU F 393 -43.53 29.97 26.51
N GLU F 394 -44.53 29.63 27.33
CA GLU F 394 -44.42 29.81 28.77
C GLU F 394 -43.49 28.77 29.38
N LEU F 395 -43.63 27.51 28.96
CA LEU F 395 -42.83 26.43 29.52
C LEU F 395 -41.35 26.54 29.18
N ALA F 396 -40.99 27.36 28.20
CA ALA F 396 -39.58 27.54 27.84
C ALA F 396 -38.83 28.41 28.84
N LEU F 397 -39.54 29.03 29.79
CA LEU F 397 -38.91 29.88 30.80
C LEU F 397 -38.49 29.12 32.06
N GLY F 398 -38.85 27.84 32.16
CA GLY F 398 -38.58 27.08 33.37
C GLY F 398 -39.65 27.24 34.42
N SER F 399 -39.58 26.39 35.44
CA SER F 399 -40.63 26.35 36.45
C SER F 399 -40.61 27.57 37.35
N TYR F 400 -39.43 28.09 37.70
CA TYR F 400 -39.35 29.25 38.58
C TYR F 400 -39.94 30.48 37.92
N ARG F 401 -39.58 30.72 36.66
CA ARG F 401 -40.14 31.87 35.95
C ARG F 401 -41.61 31.65 35.62
N LEU F 402 -42.02 30.41 35.37
CA LEU F 402 -43.44 30.13 35.15
C LEU F 402 -44.25 30.46 36.39
N GLY F 403 -43.76 30.07 37.57
CA GLY F 403 -44.45 30.43 38.80
C GLY F 403 -44.41 31.91 39.10
N GLU F 404 -43.28 32.57 38.80
CA GLU F 404 -43.16 34.00 39.05
C GLU F 404 -44.13 34.79 38.18
N LYS F 405 -44.32 34.36 36.92
CA LYS F 405 -45.29 35.02 36.05
C LYS F 405 -46.70 34.90 36.63
N TYR F 406 -47.05 33.74 37.15
CA TYR F 406 -48.39 33.48 37.66
C TYR F 406 -48.53 33.78 39.15
N GLY F 407 -47.55 34.45 39.75
CA GLY F 407 -47.65 34.86 41.14
C GLY F 407 -47.42 33.79 42.16
N HIS F 408 -46.93 32.62 41.76
CA HIS F 408 -46.65 31.52 42.68
C HIS F 408 -45.22 31.01 42.45
N PRO F 409 -44.20 31.81 42.83
CA PRO F 409 -42.83 31.32 42.73
C PRO F 409 -42.51 30.18 43.68
N GLU F 410 -43.27 30.04 44.76
CA GLU F 410 -43.00 28.99 45.75
C GLU F 410 -43.47 27.62 45.28
N LEU F 411 -44.32 27.56 44.26
CA LEU F 411 -44.75 26.27 43.72
C LEU F 411 -43.70 25.63 42.83
N SER F 412 -42.63 26.35 42.51
CA SER F 412 -41.53 25.79 41.73
C SER F 412 -40.53 25.12 42.68
N MET F 413 -40.27 23.84 42.44
CA MET F 413 -39.31 23.10 43.25
C MET F 413 -37.91 23.23 42.65
N SER F 414 -37.36 24.43 42.82
CA SER F 414 -36.06 24.78 42.25
C SER F 414 -35.21 25.50 43.28
N ALA F 415 -33.92 25.21 43.27
CA ALA F 415 -32.93 25.93 44.06
C ALA F 415 -32.03 26.72 43.13
N LYS F 416 -31.89 28.02 43.39
CA LYS F 416 -31.18 28.93 42.50
C LYS F 416 -31.74 28.86 41.07
N LYS F 417 -33.06 28.73 40.98
CA LYS F 417 -33.82 28.70 39.73
C LYS F 417 -33.59 27.45 38.90
N GLN F 418 -32.87 26.46 39.42
CA GLN F 418 -32.70 25.17 38.76
C GLN F 418 -33.47 24.12 39.54
N GLU F 419 -34.25 23.31 38.83
CA GLU F 419 -35.17 22.38 39.46
C GLU F 419 -34.43 21.25 40.17
N MET F 420 -35.00 20.81 41.29
CA MET F 420 -34.36 19.79 42.12
C MET F 420 -34.60 18.41 41.53
N PRO F 421 -33.55 17.65 41.26
CA PRO F 421 -33.61 16.41 40.46
C PRO F 421 -33.81 15.07 41.19
N ALA F 422 -35.06 14.78 41.54
CA ALA F 422 -35.58 13.43 41.78
C ALA F 422 -35.19 12.78 43.11
N TYR F 423 -34.63 13.51 44.06
CA TYR F 423 -34.40 12.99 45.40
C TYR F 423 -35.05 13.93 46.39
N ASP F 424 -35.98 13.41 47.19
CA ASP F 424 -36.75 14.26 48.07
C ASP F 424 -35.90 14.71 49.24
N PRO F 425 -35.67 16.01 49.43
CA PRO F 425 -34.82 16.45 50.55
C PRO F 425 -35.46 16.25 51.91
N ARG F 426 -36.79 16.12 51.99
CA ARG F 426 -37.43 15.88 53.28
C ARG F 426 -37.12 14.49 53.83
N ALA F 427 -36.75 13.54 52.97
CA ALA F 427 -36.36 12.21 53.41
C ALA F 427 -34.85 12.02 53.47
N LEU F 428 -34.09 12.80 52.73
CA LEU F 428 -32.63 12.75 52.74
C LEU F 428 -32.10 14.13 53.09
N GLN F 429 -31.61 14.28 54.32
CA GLN F 429 -31.13 15.57 54.78
C GLN F 429 -29.92 16.03 53.98
N GLY F 430 -28.97 15.12 53.73
CA GLY F 430 -27.80 15.47 52.96
C GLY F 430 -28.13 15.91 51.55
N MET F 431 -29.17 15.33 50.95
CA MET F 431 -29.59 15.78 49.63
C MET F 431 -30.16 17.19 49.68
N GLY F 432 -30.88 17.53 50.76
CA GLY F 432 -31.35 18.90 50.91
C GLY F 432 -30.21 19.89 51.07
N LEU F 433 -29.20 19.53 51.87
CA LEU F 433 -28.03 20.40 52.00
C LEU F 433 -27.31 20.55 50.67
N GLU F 434 -27.19 19.46 49.91
CA GLU F 434 -26.57 19.53 48.59
C GLU F 434 -27.37 20.43 47.64
N TYR F 435 -28.70 20.30 47.66
CA TYR F 435 -29.53 21.14 46.80
C TYR F 435 -29.36 22.62 47.15
N ALA F 436 -29.31 22.92 48.45
CA ALA F 436 -29.17 24.32 48.86
C ALA F 436 -27.79 24.87 48.51
N THR F 437 -26.74 24.09 48.73
CA THR F 437 -25.37 24.59 48.67
C THR F 437 -24.67 24.31 47.34
N SER F 438 -25.37 23.73 46.37
CA SER F 438 -24.73 23.41 45.09
C SER F 438 -24.32 24.68 44.35
N ASN F 439 -23.29 24.56 43.53
CA ASN F 439 -22.69 25.71 42.88
C ASN F 439 -23.41 26.12 41.59
N ARG F 440 -24.36 25.32 41.10
CA ARG F 440 -25.07 25.65 39.87
C ARG F 440 -26.59 25.57 40.03
N GLY F 441 -27.12 25.44 41.24
CA GLY F 441 -28.54 25.45 41.47
C GLY F 441 -29.00 24.17 42.17
N GLY F 442 -30.19 23.72 41.77
CA GLY F 442 -30.77 22.52 42.34
C GLY F 442 -30.17 21.27 41.72
N CYS F 443 -28.96 20.91 42.14
CA CYS F 443 -28.20 19.83 41.55
C CYS F 443 -27.98 18.72 42.57
N HIS F 444 -28.04 17.47 42.10
CA HIS F 444 -27.81 16.31 42.96
C HIS F 444 -26.50 15.59 42.68
N VAL F 445 -25.81 15.91 41.58
CA VAL F 445 -24.56 15.24 41.25
C VAL F 445 -23.33 16.03 41.69
N ARG F 446 -23.47 17.33 41.97
CA ARG F 446 -22.35 18.08 42.53
C ARG F 446 -21.87 17.44 43.83
N GLY F 447 -22.80 16.90 44.61
CA GLY F 447 -22.48 15.97 45.66
C GLY F 447 -23.62 14.96 45.76
N TYR F 448 -23.30 13.67 45.62
CA TYR F 448 -24.34 12.64 45.54
C TYR F 448 -24.47 12.00 46.91
N LEU F 449 -25.26 12.64 47.77
CA LEU F 449 -25.51 12.15 49.12
C LEU F 449 -26.50 11.00 49.15
N THR F 450 -27.15 10.68 48.03
CA THR F 450 -27.99 9.49 47.97
C THR F 450 -27.17 8.22 48.13
N SER F 451 -25.91 8.24 47.69
CA SER F 451 -25.08 7.04 47.75
C SER F 451 -24.90 6.50 49.17
N PRO F 452 -24.58 7.31 50.20
CA PRO F 452 -24.51 6.73 51.55
C PRO F 452 -25.87 6.56 52.21
N GLU F 453 -26.79 7.49 51.95
CA GLU F 453 -28.07 7.48 52.66
C GLU F 453 -29.02 6.40 52.19
N VAL F 454 -28.91 5.97 50.92
CA VAL F 454 -29.80 4.98 50.35
C VAL F 454 -29.03 3.73 49.89
N LEU F 455 -27.93 3.94 49.17
CA LEU F 455 -27.16 2.81 48.66
C LEU F 455 -26.09 2.33 49.64
N GLY F 456 -25.73 3.16 50.63
CA GLY F 456 -24.71 2.80 51.59
C GLY F 456 -23.39 2.40 50.97
N ILE F 457 -23.08 2.97 49.81
CA ILE F 457 -21.91 2.56 49.04
C ILE F 457 -20.62 3.04 49.71
N PRO F 458 -20.43 4.34 50.03
CA PRO F 458 -19.23 4.71 50.80
C PRO F 458 -19.32 4.19 52.21
N GLU F 459 -20.44 4.48 52.87
CA GLU F 459 -20.74 4.02 54.21
C GLU F 459 -22.22 4.30 54.50
N LYS F 460 -22.95 3.31 54.99
CA LYS F 460 -24.37 3.49 55.22
C LYS F 460 -24.61 4.57 56.28
N LEU F 461 -25.38 5.59 55.91
CA LEU F 461 -25.72 6.69 56.79
C LEU F 461 -27.21 6.73 57.02
N ASP F 462 -27.61 7.19 58.20
CA ASP F 462 -29.02 7.34 58.51
C ASP F 462 -29.59 8.49 57.68
N PRO F 463 -30.63 8.26 56.87
CA PRO F 463 -31.18 9.36 56.06
C PRO F 463 -31.75 10.49 56.88
N THR F 464 -32.08 10.28 58.15
CA THR F 464 -32.61 11.32 59.01
C THR F 464 -31.54 12.02 59.85
N ASP F 465 -30.34 11.45 59.94
CA ASP F 465 -29.27 12.08 60.70
C ASP F 465 -28.84 13.39 60.05
N ILE F 466 -28.48 14.36 60.87
CA ILE F 466 -28.00 15.65 60.40
C ILE F 466 -26.64 16.03 60.95
N ALA F 467 -26.11 15.28 61.91
CA ALA F 467 -24.87 15.71 62.58
C ALA F 467 -23.67 15.58 61.64
N SER F 468 -23.55 14.45 60.95
CA SER F 468 -22.41 14.19 60.08
C SER F 468 -22.67 14.60 58.63
N LYS F 469 -23.86 15.12 58.33
CA LYS F 469 -24.18 15.47 56.95
C LYS F 469 -23.31 16.57 56.36
N PRO F 470 -23.02 17.69 57.04
CA PRO F 470 -22.18 18.72 56.39
C PRO F 470 -20.81 18.24 55.97
N GLN F 471 -20.14 17.44 56.80
CA GLN F 471 -18.80 16.96 56.44
C GLN F 471 -18.86 16.02 55.25
N TRP F 472 -19.83 15.11 55.23
CA TRP F 472 -19.97 14.21 54.10
C TRP F 472 -20.33 14.97 52.83
N THR F 473 -21.18 15.99 52.96
CA THR F 473 -21.54 16.81 51.80
C THR F 473 -20.32 17.53 51.24
N LYS F 474 -19.49 18.11 52.11
CA LYS F 474 -18.29 18.78 51.65
C LYS F 474 -17.33 17.81 50.99
N THR F 475 -17.14 16.62 51.59
CA THR F 475 -16.26 15.63 51.00
C THR F 475 -16.77 15.18 49.64
N PHE F 476 -18.07 14.92 49.53
CA PHE F 476 -18.66 14.49 48.27
C PHE F 476 -18.51 15.57 47.21
N GLN F 477 -18.76 16.83 47.57
CA GLN F 477 -18.64 17.91 46.59
C GLN F 477 -17.21 18.08 46.11
N ASP F 478 -16.24 18.03 47.02
CA ASP F 478 -14.85 18.15 46.61
C ASP F 478 -14.42 16.96 45.74
N LEU F 479 -14.80 15.75 46.13
CA LEU F 479 -14.44 14.56 45.37
C LEU F 479 -15.09 14.61 43.98
N THR F 480 -16.35 15.03 43.91
CA THR F 480 -17.02 15.12 42.62
C THR F 480 -16.40 16.20 41.74
N ALA F 481 -16.01 17.33 42.33
CA ALA F 481 -15.33 18.35 41.54
C ALA F 481 -14.04 17.81 40.95
N ALA F 482 -13.26 17.09 41.76
CA ALA F 482 -12.02 16.49 41.26
C ALA F 482 -12.29 15.46 40.16
N VAL F 483 -13.30 14.60 40.36
CA VAL F 483 -13.62 13.58 39.37
C VAL F 483 -14.10 14.23 38.06
N ASP F 484 -14.96 15.24 38.17
CA ASP F 484 -15.42 15.98 37.00
C ASP F 484 -14.25 16.58 36.25
N SER F 485 -13.29 17.15 36.97
CA SER F 485 -12.14 17.75 36.32
C SER F 485 -11.24 16.70 35.67
N LEU F 486 -11.15 15.50 36.26
CA LEU F 486 -10.30 14.48 35.69
C LEU F 486 -10.88 13.90 34.40
N GLY F 487 -12.20 13.70 34.34
CA GLY F 487 -12.83 13.13 33.16
C GLY F 487 -13.36 11.73 33.31
N PHE F 488 -13.53 11.22 34.53
CA PHE F 488 -14.06 9.90 34.76
C PHE F 488 -15.58 9.92 34.88
N CYS F 489 -16.17 8.73 34.80
CA CYS F 489 -17.54 8.55 35.26
C CYS F 489 -17.61 8.90 36.75
N LEU F 490 -18.65 9.63 37.14
CA LEU F 490 -18.95 9.80 38.55
C LEU F 490 -19.61 8.56 39.13
N PHE F 491 -20.22 7.74 38.25
CA PHE F 491 -20.62 6.39 38.63
C PHE F 491 -19.44 5.53 39.06
N LEU F 492 -18.23 5.89 38.63
CA LEU F 492 -17.03 5.19 39.07
C LEU F 492 -16.83 5.32 40.58
N THR F 493 -17.36 6.38 41.18
CA THR F 493 -17.27 6.55 42.63
C THR F 493 -18.03 5.47 43.38
N PHE F 494 -18.96 4.77 42.71
CA PHE F 494 -19.66 3.67 43.35
C PHE F 494 -18.70 2.53 43.69
N ALA F 495 -17.77 2.23 42.80
CA ALA F 495 -16.84 1.12 43.01
C ALA F 495 -15.44 1.56 43.40
N LEU F 496 -15.02 2.76 42.99
CA LEU F 496 -13.67 3.25 43.25
C LEU F 496 -13.72 4.50 44.11
N ASP F 497 -12.65 4.72 44.86
CA ASP F 497 -12.46 5.94 45.63
C ASP F 497 -11.33 6.76 45.02
N ALA F 498 -11.01 7.88 45.67
CA ALA F 498 -10.03 8.80 45.10
C ALA F 498 -8.66 8.15 44.93
N GLY F 499 -8.34 7.16 45.77
CA GLY F 499 -7.05 6.50 45.66
C GLY F 499 -6.89 5.77 44.34
N ASP F 500 -7.93 5.02 43.92
CA ASP F 500 -7.85 4.27 42.67
C ASP F 500 -7.81 5.21 41.47
N LEU F 501 -8.62 6.28 41.49
CA LEU F 501 -8.60 7.23 40.40
C LEU F 501 -7.25 7.93 40.29
N ALA F 502 -6.65 8.27 41.44
CA ALA F 502 -5.31 8.87 41.42
C ALA F 502 -4.27 7.86 40.93
N ALA F 503 -4.42 6.59 41.30
CA ALA F 503 -3.50 5.56 40.84
C ALA F 503 -3.59 5.36 39.34
N GLN F 504 -4.77 5.61 38.76
CA GLN F 504 -4.88 5.60 37.29
C GLN F 504 -4.32 6.87 36.67
N VAL F 505 -4.56 8.03 37.30
CA VAL F 505 -4.18 9.30 36.70
C VAL F 505 -2.67 9.49 36.70
N ALA F 506 -2.00 9.12 37.79
CA ALA F 506 -0.58 9.44 37.95
C ALA F 506 0.29 8.88 36.84
N PRO F 507 0.15 7.62 36.41
CA PRO F 507 0.97 7.15 35.28
C PRO F 507 0.57 7.74 33.94
N ILE F 508 -0.55 8.46 33.86
CA ILE F 508 -0.97 9.07 32.61
C ILE F 508 -0.33 10.44 32.46
N ILE F 509 -0.62 11.34 33.40
CA ILE F 509 -0.15 12.72 33.29
C ILE F 509 1.34 12.85 33.61
N GLY F 510 1.91 11.88 34.34
CA GLY F 510 3.33 11.85 34.57
C GLY F 510 3.83 12.43 35.87
N ARG F 511 2.95 12.73 36.82
CA ARG F 511 3.37 13.27 38.10
C ARG F 511 2.62 12.56 39.21
N GLU F 512 3.20 12.61 40.41
CA GLU F 512 2.63 11.89 41.56
C GLU F 512 1.32 12.54 41.97
N VAL F 513 0.24 11.76 41.95
CA VAL F 513 -1.10 12.23 42.26
C VAL F 513 -1.65 11.38 43.40
N THR F 514 -2.14 12.04 44.45
CA THR F 514 -2.69 11.37 45.61
C THR F 514 -4.15 11.76 45.78
N ALA F 515 -4.82 11.03 46.68
CA ALA F 515 -6.22 11.33 46.98
C ALA F 515 -6.37 12.70 47.63
N GLU F 516 -5.43 13.06 48.51
CA GLU F 516 -5.49 14.35 49.18
C GLU F 516 -5.30 15.50 48.19
N GLU F 517 -4.40 15.32 47.21
CA GLU F 517 -4.24 16.34 46.17
C GLU F 517 -5.52 16.52 45.38
N LEU F 518 -6.19 15.42 45.03
CA LEU F 518 -7.45 15.52 44.29
C LEU F 518 -8.52 16.20 45.13
N LEU F 519 -8.60 15.88 46.42
CA LEU F 519 -9.59 16.53 47.28
C LEU F 519 -9.31 18.03 47.41
N LEU F 520 -8.03 18.42 47.54
CA LEU F 520 -7.69 19.83 47.60
C LEU F 520 -8.04 20.54 46.30
N ALA F 521 -7.77 19.89 45.16
CA ALA F 521 -8.13 20.48 43.87
C ALA F 521 -9.64 20.65 43.75
N GLY F 522 -10.41 19.65 44.19
CA GLY F 522 -11.85 19.78 44.14
C GLY F 522 -12.38 20.89 45.02
N GLU F 523 -11.81 21.03 46.22
CA GLU F 523 -12.19 22.13 47.10
C GLU F 523 -11.85 23.48 46.46
N ARG F 524 -10.68 23.57 45.82
CA ARG F 524 -10.30 24.80 45.13
C ARG F 524 -11.28 25.12 44.00
N ILE F 525 -11.68 24.11 43.23
CA ILE F 525 -12.63 24.32 42.15
C ILE F 525 -13.97 24.79 42.69
N TRP F 526 -14.44 24.16 43.77
CA TRP F 526 -15.71 24.55 44.37
C TRP F 526 -15.67 25.98 44.87
N ASN F 527 -14.56 26.37 45.50
CA ASN F 527 -14.45 27.74 45.99
C ASN F 527 -14.35 28.74 44.85
N LEU F 528 -13.66 28.38 43.76
CA LEU F 528 -13.61 29.26 42.60
C LEU F 528 -15.00 29.48 42.00
N GLU F 529 -15.78 28.41 41.88
CA GLU F 529 -17.14 28.54 41.34
C GLU F 529 -18.02 29.34 42.29
N ARG F 530 -17.83 29.16 43.60
CA ARG F 530 -18.57 29.96 44.58
C ARG F 530 -18.23 31.44 44.44
N LEU F 531 -16.94 31.76 44.26
CA LEU F 531 -16.55 33.15 44.06
C LEU F 531 -17.19 33.72 42.80
N PHE F 532 -17.19 32.96 41.71
CA PHE F 532 -17.81 33.43 40.48
C PHE F 532 -19.30 33.69 40.70
N ASN F 533 -20.00 32.78 41.38
CA ASN F 533 -21.42 32.96 41.60
C ASN F 533 -21.70 34.17 42.50
N LEU F 534 -20.89 34.36 43.53
CA LEU F 534 -21.07 35.51 44.41
C LEU F 534 -20.84 36.83 43.68
N LYS F 535 -19.83 36.88 42.81
CA LYS F 535 -19.61 38.07 42.01
C LYS F 535 -20.66 38.23 40.91
N ALA F 536 -21.34 37.15 40.54
CA ALA F 536 -22.37 37.20 39.50
C ALA F 536 -23.72 37.64 40.02
N GLY F 537 -23.85 37.91 41.32
CA GLY F 537 -25.10 38.36 41.89
C GLY F 537 -25.90 37.30 42.62
N ILE F 538 -25.34 36.09 42.82
CA ILE F 538 -26.01 35.03 43.54
C ILE F 538 -25.70 35.23 45.02
N SER F 539 -26.62 35.89 45.73
CA SER F 539 -26.42 36.14 47.14
C SER F 539 -26.50 34.84 47.93
N PRO F 540 -25.78 34.74 49.06
CA PRO F 540 -25.85 33.51 49.86
C PRO F 540 -27.23 33.18 50.39
N LYS F 541 -28.16 34.14 50.40
CA LYS F 541 -29.54 33.83 50.77
C LYS F 541 -30.20 32.88 49.79
N GLU F 542 -29.61 32.68 48.60
CA GLU F 542 -30.13 31.70 47.65
C GLU F 542 -29.91 30.27 48.13
N ASP F 543 -29.01 30.06 49.10
CA ASP F 543 -28.76 28.73 49.62
C ASP F 543 -29.89 28.28 50.52
N THR F 544 -31.08 28.12 49.96
CA THR F 544 -32.25 27.68 50.69
C THR F 544 -33.02 26.68 49.83
N LEU F 545 -34.18 26.29 50.32
CA LEU F 545 -35.08 25.37 49.65
C LEU F 545 -36.48 25.97 49.62
N PRO F 546 -37.33 25.55 48.70
CA PRO F 546 -38.71 26.03 48.68
C PRO F 546 -39.40 25.72 50.00
N PRO F 547 -40.28 26.61 50.47
CA PRO F 547 -40.89 26.42 51.79
C PRO F 547 -41.70 25.14 51.91
N ARG F 548 -42.13 24.55 50.79
CA ARG F 548 -42.84 23.27 50.85
C ARG F 548 -41.99 22.20 51.52
N LEU F 549 -40.69 22.16 51.20
CA LEU F 549 -39.81 21.17 51.79
C LEU F 549 -39.48 21.50 53.25
N LEU F 550 -39.22 22.77 53.54
CA LEU F 550 -38.79 23.16 54.89
C LEU F 550 -39.93 23.14 55.89
N ASN F 551 -41.18 23.22 55.43
CA ASN F 551 -42.32 23.32 56.35
C ASN F 551 -43.28 22.16 56.23
N GLU F 552 -43.72 21.82 55.02
CA GLU F 552 -44.72 20.77 54.85
C GLU F 552 -44.09 19.40 55.06
N PRO F 553 -44.58 18.59 56.00
CA PRO F 553 -44.05 17.23 56.16
C PRO F 553 -44.51 16.34 55.02
N ILE F 554 -43.80 15.22 54.87
CA ILE F 554 -44.21 14.21 53.89
C ILE F 554 -45.55 13.62 54.30
N PRO F 555 -46.56 13.59 53.41
CA PRO F 555 -47.89 13.16 53.86
C PRO F 555 -47.99 11.66 54.12
N ALA F 556 -47.34 10.84 53.30
CA ALA F 556 -47.45 9.40 53.45
C ALA F 556 -46.20 8.73 52.87
N GLY F 557 -46.02 7.46 53.24
CA GLY F 557 -44.89 6.69 52.76
C GLY F 557 -44.00 6.21 53.89
N PRO F 558 -42.89 5.57 53.53
CA PRO F 558 -41.95 5.12 54.56
C PRO F 558 -41.33 6.24 55.37
N SER F 559 -41.34 7.47 54.85
CA SER F 559 -40.76 8.63 55.52
C SER F 559 -41.83 9.65 55.85
N LYS F 560 -42.95 9.19 56.38
CA LYS F 560 -44.09 10.06 56.67
C LYS F 560 -43.75 11.07 57.76
N GLY F 561 -44.20 12.30 57.57
CA GLY F 561 -44.07 13.32 58.60
C GLY F 561 -42.70 13.92 58.77
N ARG F 562 -41.85 13.86 57.76
CA ARG F 562 -40.49 14.38 57.85
C ARG F 562 -40.35 15.66 57.01
N VAL F 563 -39.48 16.56 57.50
CA VAL F 563 -39.13 17.78 56.80
C VAL F 563 -37.62 17.86 56.70
N ASN F 564 -37.15 18.88 55.99
CA ASN F 564 -35.72 19.09 55.82
C ASN F 564 -35.23 20.09 56.87
N LYS F 565 -34.09 19.77 57.48
CA LYS F 565 -33.53 20.55 58.60
C LYS F 565 -32.36 21.41 58.16
N LEU F 566 -32.47 22.03 56.98
CA LEU F 566 -31.36 22.79 56.40
C LEU F 566 -30.82 23.86 57.34
N HIS F 567 -31.70 24.47 58.16
CA HIS F 567 -31.26 25.53 59.06
C HIS F 567 -30.37 25.01 60.18
N GLU F 568 -30.33 23.70 60.41
CA GLU F 568 -29.45 23.11 61.41
C GLU F 568 -28.17 22.54 60.82
N MET F 569 -28.07 22.49 59.49
CA MET F 569 -26.90 21.95 58.81
C MET F 569 -26.14 23.00 58.01
N LEU F 570 -26.81 24.05 57.55
CA LEU F 570 -26.15 25.07 56.75
C LEU F 570 -25.06 25.82 57.50
N PRO F 571 -25.27 26.30 58.73
CA PRO F 571 -24.16 26.96 59.45
C PRO F 571 -22.96 26.05 59.66
N LYS F 572 -23.21 24.78 59.98
CA LYS F 572 -22.10 23.83 60.13
C LYS F 572 -21.38 23.60 58.81
N TYR F 573 -22.14 23.55 57.71
CA TYR F 573 -21.53 23.41 56.40
C TYR F 573 -20.67 24.62 56.07
N TYR F 574 -21.16 25.83 56.38
CA TYR F 574 -20.36 27.03 56.16
C TYR F 574 -19.10 27.01 57.00
N GLU F 575 -19.19 26.56 58.26
CA GLU F 575 -18.02 26.48 59.12
C GLU F 575 -17.00 25.49 58.56
N LEU F 576 -17.46 24.32 58.09
CA LEU F 576 -16.54 23.33 57.54
C LEU F 576 -15.93 23.80 56.23
N ARG F 577 -16.70 24.54 55.42
CA ARG F 577 -16.22 25.01 54.13
C ARG F 577 -15.11 26.05 54.24
N GLY F 578 -14.87 26.57 55.43
CA GLY F 578 -13.96 27.70 55.57
C GLY F 578 -14.59 29.04 55.30
N TRP F 579 -15.91 29.08 55.12
CA TRP F 579 -16.63 30.32 54.87
C TRP F 579 -17.13 30.90 56.19
N GLY F 580 -17.59 32.14 56.14
CA GLY F 580 -18.13 32.81 57.30
C GLY F 580 -19.56 32.40 57.58
N LYS F 581 -20.13 33.03 58.61
CA LYS F 581 -21.55 32.81 58.91
C LYS F 581 -22.45 33.33 57.80
N ASN F 582 -21.93 34.23 56.95
CA ASN F 582 -22.68 34.79 55.84
C ASN F 582 -22.56 33.97 54.57
N GLY F 583 -21.77 32.90 54.56
CA GLY F 583 -21.65 32.06 53.40
C GLY F 583 -20.67 32.54 52.36
N ILE F 584 -19.82 33.50 52.68
CA ILE F 584 -18.83 34.06 51.76
C ILE F 584 -17.46 33.54 52.17
N PRO F 585 -16.63 33.06 51.23
CA PRO F 585 -15.33 32.52 51.61
C PRO F 585 -14.46 33.54 52.34
N THR F 586 -13.73 33.05 53.33
CA THR F 586 -12.85 33.88 54.14
C THR F 586 -11.49 34.02 53.47
N LYS F 587 -10.73 35.03 53.93
CA LYS F 587 -9.41 35.28 53.36
C LYS F 587 -8.45 34.13 53.64
N GLU F 588 -8.52 33.55 54.83
CA GLU F 588 -7.60 32.47 55.20
C GLU F 588 -7.82 31.24 54.31
N ARG F 589 -9.09 30.88 54.07
CA ARG F 589 -9.39 29.72 53.23
C ARG F 589 -8.89 29.94 51.80
N LEU F 590 -9.21 31.09 51.22
CA LEU F 590 -8.76 31.39 49.86
C LEU F 590 -7.25 31.45 49.77
N GLU F 591 -6.58 31.86 50.85
CA GLU F 591 -5.13 31.78 50.90
C GLU F 591 -4.66 30.32 50.89
N SER F 592 -5.34 29.46 51.65
CA SER F 592 -4.96 28.06 51.70
C SER F 592 -5.18 27.36 50.36
N LEU F 593 -6.15 27.82 49.57
CA LEU F 593 -6.45 27.24 48.27
C LEU F 593 -5.77 27.98 47.13
N GLY F 594 -5.01 29.02 47.41
CA GLY F 594 -4.36 29.79 46.37
C GLY F 594 -5.31 30.54 45.46
N LEU F 595 -6.40 31.09 46.01
CA LEU F 595 -7.39 31.82 45.24
C LEU F 595 -7.44 33.29 45.66
N LEU F 596 -6.34 33.82 46.20
CA LEU F 596 -6.32 35.21 46.63
C LEU F 596 -6.36 36.17 45.46
N ASP F 597 -5.68 35.83 44.35
CA ASP F 597 -5.69 36.70 43.18
C ASP F 597 -7.07 36.79 42.56
N ILE F 598 -7.84 35.70 42.58
CA ILE F 598 -9.20 35.74 42.05
C ILE F 598 -10.07 36.68 42.88
N ALA F 599 -9.96 36.58 44.22
CA ALA F 599 -10.72 37.45 45.09
C ALA F 599 -10.30 38.91 44.93
N ALA F 600 -9.01 39.15 44.71
CA ALA F 600 -8.55 40.51 44.42
C ALA F 600 -9.13 41.02 43.11
N LYS F 601 -9.20 40.15 42.10
CA LYS F 601 -9.80 40.54 40.83
C LYS F 601 -11.27 40.90 41.00
N TYR F 602 -12.02 40.09 41.75
CA TYR F 602 -13.44 40.34 41.93
C TYR F 602 -13.74 41.41 42.98
N SER F 603 -12.73 41.86 43.73
CA SER F 603 -12.90 42.90 44.74
C SER F 603 -13.97 42.54 45.75
N LEU F 604 -14.04 41.26 46.10
CA LEU F 604 -15.02 40.77 47.07
C LEU F 604 -14.48 40.87 48.50
N MET G 1 -2.79 -23.95 13.40
CA MET G 1 -3.59 -22.96 14.12
C MET G 1 -3.88 -23.43 15.54
N GLU G 2 -3.43 -22.66 16.53
CA GLU G 2 -3.64 -23.00 17.94
C GLU G 2 -4.88 -22.32 18.51
N LYS G 3 -4.92 -20.99 18.49
CA LYS G 3 -6.04 -20.24 19.04
C LYS G 3 -6.52 -19.22 18.01
N VAL G 4 -7.79 -18.84 18.14
CA VAL G 4 -8.46 -17.99 17.18
C VAL G 4 -9.19 -16.86 17.90
N LEU G 5 -9.08 -15.66 17.37
CA LEU G 5 -9.88 -14.54 17.86
C LEU G 5 -11.32 -14.71 17.41
N VAL G 6 -12.25 -14.63 18.36
CA VAL G 6 -13.67 -14.85 18.10
C VAL G 6 -14.43 -13.59 18.45
N ILE G 7 -15.30 -13.16 17.54
CA ILE G 7 -16.05 -11.92 17.68
C ILE G 7 -17.53 -12.27 17.84
N SER G 8 -18.17 -11.66 18.83
CA SER G 8 -19.60 -11.81 19.08
C SER G 8 -20.21 -10.41 19.09
N PRO G 9 -20.58 -9.88 17.92
CA PRO G 9 -21.03 -8.48 17.86
C PRO G 9 -22.29 -8.20 18.67
N GLU G 10 -23.10 -9.22 18.98
CA GLU G 10 -24.28 -8.99 19.80
C GLU G 10 -23.93 -8.65 21.25
N LYS G 11 -22.71 -8.96 21.68
CA LYS G 11 -22.28 -8.66 23.05
C LYS G 11 -21.57 -7.32 23.15
N CYS G 12 -21.18 -6.72 22.03
CA CYS G 12 -20.44 -5.46 22.06
C CYS G 12 -21.33 -4.32 22.54
N VAL G 13 -20.78 -3.49 23.42
CA VAL G 13 -21.49 -2.32 23.94
C VAL G 13 -20.95 -1.02 23.38
N GLY G 14 -19.93 -1.06 22.53
CA GLY G 14 -19.44 0.14 21.90
C GLY G 14 -18.53 1.00 22.73
N CYS G 15 -17.98 0.46 23.82
CA CYS G 15 -17.08 1.25 24.65
C CYS G 15 -15.81 1.64 23.91
N GLY G 16 -15.38 0.83 22.95
CA GLY G 16 -14.18 1.12 22.20
C GLY G 16 -12.89 0.84 22.94
N SER G 17 -12.95 0.10 24.05
CA SER G 17 -11.74 -0.20 24.80
C SER G 17 -10.79 -1.09 24.02
N CYS G 18 -11.32 -1.90 23.10
CA CYS G 18 -10.47 -2.76 22.30
C CYS G 18 -9.54 -1.96 21.41
N GLU G 19 -10.05 -0.90 20.77
CA GLU G 19 -9.21 -0.05 19.94
C GLU G 19 -8.12 0.61 20.77
N LEU G 20 -8.47 1.10 21.96
CA LEU G 20 -7.49 1.75 22.82
C LEU G 20 -6.41 0.78 23.28
N ALA G 21 -6.81 -0.44 23.66
CA ALA G 21 -5.84 -1.44 24.07
C ALA G 21 -4.92 -1.82 22.93
N CYS G 22 -5.48 -2.02 21.73
CA CYS G 22 -4.66 -2.41 20.58
C CYS G 22 -3.67 -1.29 20.23
N SER G 23 -4.14 -0.05 20.20
CA SER G 23 -3.27 1.06 19.87
C SER G 23 -2.23 1.30 20.97
N LEU G 24 -2.58 1.01 22.22
CA LEU G 24 -1.61 1.16 23.30
C LEU G 24 -0.53 0.10 23.20
N GLU G 25 -0.90 -1.13 22.82
CA GLU G 25 0.10 -2.18 22.65
C GLU G 25 0.97 -1.94 21.42
N LYS G 26 0.41 -1.40 20.34
CA LYS G 26 1.16 -1.28 19.10
C LYS G 26 1.95 0.03 19.00
N GLU G 27 1.29 1.16 19.24
CA GLU G 27 1.92 2.47 19.09
C GLU G 27 2.37 3.08 20.40
N GLY G 28 2.06 2.46 21.53
CA GLY G 28 2.42 3.01 22.82
C GLY G 28 1.54 4.12 23.31
N GLU G 29 0.44 4.42 22.62
CA GLU G 29 -0.43 5.52 22.99
C GLU G 29 -1.86 5.19 22.57
N CYS G 30 -2.80 5.86 23.21
CA CYS G 30 -4.23 5.66 22.92
C CYS G 30 -4.55 6.36 21.61
N ARG G 31 -4.63 5.58 20.53
CA ARG G 31 -4.82 6.13 19.19
C ARG G 31 -5.70 5.19 18.39
N PRO G 32 -7.03 5.31 18.52
CA PRO G 32 -7.93 4.34 17.88
C PRO G 32 -7.82 4.30 16.37
N SER G 33 -7.27 5.34 15.74
CA SER G 33 -7.13 5.33 14.29
C SER G 33 -6.13 4.28 13.82
N LEU G 34 -5.10 4.02 14.63
CA LEU G 34 -4.06 3.05 14.28
C LEU G 34 -4.26 1.69 14.95
N ALA G 35 -5.43 1.46 15.54
CA ALA G 35 -5.72 0.14 16.08
C ALA G 35 -6.01 -0.84 14.96
N ARG G 36 -5.73 -2.11 15.23
CA ARG G 36 -6.00 -3.18 14.27
C ARG G 36 -7.42 -3.70 14.34
N VAL G 37 -8.17 -3.34 15.39
CA VAL G 37 -9.58 -3.66 15.53
C VAL G 37 -10.34 -2.35 15.57
N THR G 38 -11.45 -2.29 14.82
CA THR G 38 -12.30 -1.10 14.78
C THR G 38 -13.72 -1.52 15.08
N VAL G 39 -14.34 -0.83 16.03
CA VAL G 39 -15.75 -1.04 16.35
C VAL G 39 -16.57 0.05 15.68
N TYR G 40 -17.63 -0.34 15.00
CA TYR G 40 -18.53 0.58 14.33
C TYR G 40 -19.89 0.54 15.01
N ARG G 41 -20.38 1.70 15.42
CA ARG G 41 -21.61 1.83 16.19
C ARG G 41 -22.73 2.21 15.24
N PHE G 42 -23.62 1.27 14.96
CA PHE G 42 -24.73 1.49 14.04
C PHE G 42 -25.99 1.80 14.84
N GLU G 43 -27.10 1.96 14.12
CA GLU G 43 -28.35 2.36 14.76
C GLU G 43 -28.94 1.20 15.56
N ALA G 44 -29.89 1.55 16.43
CA ALA G 44 -30.54 0.60 17.34
C ALA G 44 -29.54 -0.09 18.25
N GLY G 45 -28.45 0.59 18.58
CA GLY G 45 -27.49 0.06 19.52
C GLY G 45 -26.69 -1.14 19.04
N ALA G 46 -26.61 -1.35 17.73
CA ALA G 46 -25.90 -2.50 17.16
C ALA G 46 -24.45 -2.10 16.91
N ASN G 47 -23.53 -2.64 17.70
CA ASN G 47 -22.11 -2.35 17.59
C ASN G 47 -21.38 -3.57 17.05
N VAL G 48 -20.51 -3.35 16.07
CA VAL G 48 -19.79 -4.44 15.42
C VAL G 48 -18.29 -4.19 15.51
N PRO G 49 -17.55 -4.95 16.31
CA PRO G 49 -16.08 -4.90 16.22
C PRO G 49 -15.59 -5.78 15.08
N MET G 50 -14.59 -5.28 14.36
CA MET G 50 -14.07 -5.97 13.18
C MET G 50 -12.55 -5.98 13.23
N THR G 51 -11.97 -7.15 12.97
CA THR G 51 -10.53 -7.30 12.91
C THR G 51 -10.21 -8.47 12.00
N CYS G 52 -8.92 -8.62 11.68
CA CYS G 52 -8.48 -9.67 10.78
C CYS G 52 -8.73 -11.04 11.40
N GLN G 53 -9.35 -11.92 10.61
CA GLN G 53 -9.64 -13.29 11.06
C GLN G 53 -8.67 -14.31 10.48
N GLN G 54 -7.59 -13.86 9.85
CA GLN G 54 -6.52 -14.72 9.35
C GLN G 54 -7.06 -15.75 8.34
N CYS G 55 -7.53 -15.21 7.22
CA CYS G 55 -8.07 -16.06 6.16
C CYS G 55 -7.03 -17.07 5.70
N ASP G 56 -7.47 -18.32 5.52
CA ASP G 56 -6.55 -19.37 5.10
C ASP G 56 -6.10 -19.20 3.65
N ASP G 57 -6.95 -18.64 2.80
CA ASP G 57 -6.50 -18.25 1.46
C ASP G 57 -5.81 -16.89 1.48
N ALA G 58 -6.30 -15.97 2.33
CA ALA G 58 -5.69 -14.67 2.55
C ALA G 58 -5.46 -13.91 1.24
N PRO G 59 -6.52 -13.38 0.63
CA PRO G 59 -6.35 -12.59 -0.61
C PRO G 59 -5.27 -11.52 -0.52
N CYS G 60 -4.94 -11.04 0.68
CA CYS G 60 -3.87 -10.07 0.83
C CYS G 60 -2.52 -10.64 0.41
N ILE G 61 -2.26 -11.90 0.78
CA ILE G 61 -0.98 -12.52 0.44
C ILE G 61 -0.82 -12.68 -1.07
N SER G 62 -1.92 -12.91 -1.79
CA SER G 62 -1.83 -13.20 -3.21
C SER G 62 -1.27 -12.03 -4.02
N VAL G 63 -1.46 -10.80 -3.53
CA VAL G 63 -1.08 -9.62 -4.30
C VAL G 63 0.21 -8.99 -3.82
N CYS G 64 0.79 -9.48 -2.72
CA CYS G 64 2.05 -8.93 -2.23
C CYS G 64 3.19 -9.47 -3.07
N LYS G 65 3.88 -8.57 -3.78
CA LYS G 65 5.00 -8.98 -4.64
C LYS G 65 6.34 -8.92 -3.92
N ALA G 66 6.43 -8.23 -2.79
CA ALA G 66 7.67 -8.13 -2.05
C ALA G 66 7.88 -9.27 -1.06
N GLY G 67 6.89 -10.16 -0.91
CA GLY G 67 7.01 -11.24 0.03
C GLY G 67 6.91 -10.81 1.48
N ALA G 68 6.35 -9.63 1.75
CA ALA G 68 6.22 -9.14 3.11
C ALA G 68 5.04 -9.75 3.85
N LEU G 69 4.12 -10.41 3.14
CA LEU G 69 2.98 -11.08 3.76
C LEU G 69 3.23 -12.58 3.74
N ALA G 70 3.24 -13.19 4.92
CA ALA G 70 3.51 -14.61 5.05
C ALA G 70 2.79 -15.14 6.28
N ARG G 71 2.33 -16.38 6.19
CA ARG G 71 1.65 -17.03 7.30
C ARG G 71 2.67 -17.65 8.24
N ASP G 72 2.42 -17.53 9.54
CA ASP G 72 3.33 -18.02 10.56
C ASP G 72 3.02 -19.48 10.90
N GLU G 73 3.81 -20.04 11.82
CA GLU G 73 3.57 -21.38 12.33
C GLU G 73 2.30 -21.46 13.16
N LYS G 74 1.83 -20.34 13.68
CA LYS G 74 0.58 -20.27 14.43
C LYS G 74 -0.61 -19.94 13.56
N ASN G 75 -0.45 -19.99 12.23
CA ASN G 75 -1.52 -19.74 11.27
C ASN G 75 -2.03 -18.30 11.39
N VAL G 76 -1.09 -17.37 11.46
CA VAL G 76 -1.39 -15.94 11.50
C VAL G 76 -0.65 -15.26 10.38
N VAL G 77 -1.38 -14.51 9.55
CA VAL G 77 -0.76 -13.75 8.48
C VAL G 77 0.01 -12.58 9.09
N GLN G 78 1.29 -12.45 8.75
CA GLN G 78 2.17 -11.48 9.36
C GLN G 78 2.77 -10.58 8.31
N VAL G 79 3.07 -9.34 8.70
CA VAL G 79 3.69 -8.36 7.82
C VAL G 79 5.16 -8.23 8.21
N ASP G 80 6.05 -8.44 7.25
CA ASP G 80 7.47 -8.19 7.45
C ASP G 80 7.73 -6.75 7.04
N SER G 81 7.73 -5.85 8.02
CA SER G 81 7.84 -4.42 7.74
C SER G 81 9.17 -4.07 7.07
N SER G 82 10.18 -4.91 7.22
CA SER G 82 11.46 -4.67 6.55
C SER G 82 11.40 -4.98 5.05
N LYS G 83 10.39 -5.73 4.60
CA LYS G 83 10.23 -6.03 3.19
C LYS G 83 9.06 -5.31 2.54
N CYS G 84 8.22 -4.63 3.33
CA CYS G 84 7.11 -3.89 2.78
C CYS G 84 7.61 -2.65 2.03
N ILE G 85 7.16 -2.49 0.78
CA ILE G 85 7.55 -1.35 -0.04
C ILE G 85 6.51 -0.24 -0.01
N GLY G 86 5.37 -0.45 0.64
CA GLY G 86 4.37 0.59 0.75
C GLY G 86 3.47 0.75 -0.45
N CYS G 87 3.31 -0.29 -1.26
CA CYS G 87 2.45 -0.19 -2.44
C CYS G 87 0.98 -0.14 -2.08
N ARG G 88 0.60 -0.54 -0.86
CA ARG G 88 -0.79 -0.48 -0.38
C ARG G 88 -1.72 -1.36 -1.22
N MET G 89 -1.17 -2.37 -1.89
CA MET G 89 -1.99 -3.27 -2.70
C MET G 89 -2.70 -4.30 -1.85
N CYS G 90 -2.20 -4.60 -0.66
CA CYS G 90 -2.89 -5.53 0.23
C CYS G 90 -4.13 -4.89 0.85
N VAL G 91 -4.10 -3.58 1.09
CA VAL G 91 -5.30 -2.88 1.53
C VAL G 91 -6.38 -2.96 0.45
N MET G 92 -5.97 -2.85 -0.82
CA MET G 92 -6.91 -2.98 -1.92
C MET G 92 -7.40 -4.42 -2.07
N ALA G 93 -6.54 -5.41 -1.79
CA ALA G 93 -6.91 -6.81 -1.98
C ALA G 93 -7.79 -7.34 -0.85
N CYS G 94 -7.63 -6.83 0.36
CA CYS G 94 -8.43 -7.34 1.47
C CYS G 94 -9.89 -6.96 1.27
N PRO G 95 -10.81 -7.92 1.22
CA PRO G 95 -12.22 -7.59 0.96
C PRO G 95 -12.99 -7.11 2.17
N PHE G 96 -12.37 -7.02 3.34
CA PHE G 96 -13.06 -6.63 4.56
C PHE G 96 -12.51 -5.36 5.20
N GLY G 97 -11.49 -4.75 4.63
CA GLY G 97 -10.89 -3.60 5.25
C GLY G 97 -10.10 -3.91 6.51
N ASN G 98 -9.74 -5.17 6.71
CA ASN G 98 -8.97 -5.59 7.87
C ASN G 98 -7.48 -5.35 7.71
N MET G 99 -7.06 -4.91 6.53
CA MET G 99 -5.67 -4.51 6.28
C MET G 99 -5.65 -3.00 6.11
N SER G 100 -4.87 -2.32 6.93
CA SER G 100 -4.68 -0.89 6.85
C SER G 100 -3.21 -0.60 6.57
N TYR G 101 -2.87 0.69 6.48
CA TYR G 101 -1.52 1.12 6.19
C TYR G 101 -1.10 2.14 7.25
N HIS G 102 0.04 1.88 7.89
CA HIS G 102 0.61 2.84 8.84
C HIS G 102 1.39 3.88 8.06
N TRP G 103 0.99 5.15 8.21
CA TRP G 103 1.52 6.21 7.36
C TRP G 103 2.76 6.86 7.94
N GLU G 104 2.86 6.97 9.27
CA GLU G 104 4.05 7.52 9.88
C GLU G 104 5.22 6.54 9.86
N GLN G 105 4.94 5.23 9.71
CA GLN G 105 5.97 4.22 9.65
C GLN G 105 6.09 3.56 8.27
N SER G 106 5.15 3.83 7.36
CA SER G 106 5.20 3.33 5.99
C SER G 106 5.23 1.81 5.94
N THR G 107 4.19 1.21 6.47
CA THR G 107 4.06 -0.25 6.48
C THR G 107 2.58 -0.63 6.49
N ALA G 108 2.33 -1.87 6.11
CA ALA G 108 0.99 -2.45 6.21
C ALA G 108 0.78 -2.98 7.62
N ILE G 109 -0.40 -2.73 8.16
CA ILE G 109 -0.72 -3.11 9.54
C ILE G 109 -1.97 -3.99 9.54
N LYS G 110 -1.90 -5.09 10.26
CA LYS G 110 -3.02 -6.01 10.40
C LYS G 110 -2.92 -6.69 11.75
N CYS G 111 -4.03 -7.26 12.19
CA CYS G 111 -4.04 -7.96 13.46
C CYS G 111 -3.15 -9.19 13.39
N ASP G 112 -2.25 -9.32 14.36
CA ASP G 112 -1.37 -10.49 14.47
C ASP G 112 -1.66 -11.29 15.73
N GLN G 113 -2.85 -11.12 16.31
CA GLN G 113 -3.27 -11.77 17.54
C GLN G 113 -2.35 -11.47 18.72
N CYS G 114 -1.54 -10.42 18.60
CA CYS G 114 -0.60 -10.00 19.65
C CYS G 114 0.32 -11.14 20.07
N ASN G 115 0.63 -12.03 19.12
CA ASN G 115 1.49 -13.18 19.36
C ASN G 115 0.97 -14.04 20.52
N GLY G 116 -0.35 -14.21 20.57
CA GLY G 116 -0.97 -15.08 21.54
C GLY G 116 -1.52 -14.41 22.78
N SER G 117 -1.36 -13.10 22.92
CA SER G 117 -1.84 -12.37 24.10
C SER G 117 -2.64 -11.15 23.65
N PRO G 118 -3.84 -11.37 23.08
CA PRO G 118 -4.65 -10.24 22.60
C PRO G 118 -5.01 -9.25 23.69
N TYR G 119 -4.51 -8.02 23.58
CA TYR G 119 -4.86 -6.98 24.54
C TYR G 119 -6.29 -6.49 24.35
N CYS G 120 -6.84 -6.62 23.15
CA CYS G 120 -8.25 -6.29 22.94
C CYS G 120 -9.15 -7.23 23.70
N VAL G 121 -8.78 -8.52 23.77
CA VAL G 121 -9.58 -9.50 24.50
C VAL G 121 -9.48 -9.26 26.00
N GLU G 122 -8.28 -8.91 26.48
CA GLU G 122 -8.09 -8.74 27.92
C GLU G 122 -8.94 -7.60 28.47
N PHE G 123 -8.99 -6.48 27.76
CA PHE G 123 -9.70 -5.30 28.23
C PHE G 123 -11.08 -5.15 27.58
N CYS G 124 -11.66 -6.25 27.09
CA CYS G 124 -13.04 -6.22 26.64
C CYS G 124 -13.95 -6.60 27.79
N PRO G 125 -14.84 -5.70 28.25
CA PRO G 125 -15.64 -6.01 29.43
C PRO G 125 -16.81 -6.96 29.18
N THR G 126 -17.24 -7.13 27.94
CA THR G 126 -18.42 -7.91 27.63
C THR G 126 -18.11 -9.25 26.96
N LYS G 127 -16.83 -9.61 26.84
CA LYS G 127 -16.40 -10.85 26.19
C LYS G 127 -16.86 -10.91 24.73
N ALA G 128 -17.11 -9.75 24.12
CA ALA G 128 -17.39 -9.70 22.69
C ALA G 128 -16.17 -10.08 21.88
N LEU G 129 -14.97 -9.90 22.43
CA LEU G 129 -13.73 -10.37 21.83
C LEU G 129 -13.16 -11.46 22.73
N ASP G 130 -12.95 -12.64 22.16
CA ASP G 130 -12.44 -13.78 22.91
C ASP G 130 -11.32 -14.45 22.12
N TYR G 131 -10.49 -15.21 22.83
CA TYR G 131 -9.34 -15.89 22.25
C TYR G 131 -9.45 -17.35 22.65
N VAL G 132 -10.05 -18.16 21.78
CA VAL G 132 -10.38 -19.55 22.09
C VAL G 132 -9.55 -20.47 21.20
N PRO G 133 -9.31 -21.72 21.60
CA PRO G 133 -8.60 -22.66 20.73
C PRO G 133 -9.36 -22.91 19.44
N ALA G 134 -8.62 -23.15 18.36
CA ALA G 134 -9.22 -23.33 17.05
C ALA G 134 -10.11 -24.58 17.01
N ASP G 135 -9.75 -25.62 17.75
CA ASP G 135 -10.56 -26.85 17.76
C ASP G 135 -11.92 -26.64 18.41
N ALA G 136 -12.09 -25.57 19.19
CA ALA G 136 -13.39 -25.19 19.75
C ALA G 136 -13.58 -23.70 19.47
N ILE G 137 -14.11 -23.38 18.29
CA ILE G 137 -14.18 -21.99 17.83
C ILE G 137 -15.57 -21.43 18.09
N SER G 138 -16.60 -22.27 17.97
CA SER G 138 -17.97 -21.84 18.18
C SER G 138 -18.64 -22.54 19.35
N LEU G 139 -17.87 -23.27 20.17
CA LEU G 139 -18.49 -24.07 21.23
C LEU G 139 -19.06 -23.19 22.34
N GLN G 140 -18.44 -22.04 22.61
CA GLN G 140 -18.93 -21.18 23.69
C GLN G 140 -20.23 -20.49 23.30
N LYS G 141 -20.29 -19.95 22.08
CA LYS G 141 -21.53 -19.33 21.61
C LYS G 141 -22.64 -20.37 21.50
N LYS G 142 -22.31 -21.55 20.99
CA LYS G 142 -23.28 -22.64 20.89
C LYS G 142 -23.78 -23.05 22.27
N LYS G 143 -22.88 -23.12 23.25
CA LYS G 143 -23.27 -23.46 24.61
C LYS G 143 -24.17 -22.39 25.21
N GLU G 144 -23.86 -21.12 24.96
CA GLU G 144 -24.70 -20.04 25.45
C GLU G 144 -26.10 -20.12 24.85
N PHE G 145 -26.18 -20.39 23.55
CA PHE G 145 -27.50 -20.50 22.91
C PHE G 145 -28.25 -21.74 23.40
N SER G 146 -27.53 -22.83 23.67
CA SER G 146 -28.18 -24.04 24.17
C SER G 146 -28.70 -23.84 25.59
N ALA G 147 -27.95 -23.12 26.42
CA ALA G 147 -28.41 -22.84 27.78
C ALA G 147 -29.70 -22.03 27.78
N ARG G 148 -29.94 -21.27 26.71
CA ARG G 148 -31.23 -20.60 26.56
C ARG G 148 -32.38 -21.59 26.49
N PHE G 149 -32.09 -22.83 26.08
CA PHE G 149 -33.11 -23.87 25.99
C PHE G 149 -33.13 -24.78 27.22
N ALA G 150 -32.10 -24.75 28.05
CA ALA G 150 -32.01 -25.65 29.20
C ALA G 150 -33.12 -25.37 30.21
N MET H 1 -3.31 -48.64 16.89
CA MET H 1 -3.93 -48.85 15.58
C MET H 1 -5.38 -48.37 15.58
N PHE H 2 -6.25 -49.12 14.91
CA PHE H 2 -7.67 -48.83 14.95
C PHE H 2 -8.26 -49.19 16.31
N GLY H 3 -9.26 -48.43 16.74
CA GLY H 3 -9.87 -48.65 18.04
C GLY H 3 -8.99 -48.17 19.17
N TYR H 4 -7.77 -48.72 19.26
CA TYR H 4 -6.79 -48.25 20.22
C TYR H 4 -6.24 -46.89 19.79
N MET H 5 -5.55 -46.23 20.73
CA MET H 5 -4.79 -45.04 20.40
C MET H 5 -3.28 -45.29 20.37
N GLY H 6 -2.81 -46.36 21.01
CA GLY H 6 -1.41 -46.72 20.94
C GLY H 6 -0.48 -45.84 21.73
N LYS H 7 -0.98 -45.11 22.72
CA LYS H 7 -0.16 -44.23 23.52
C LYS H 7 -0.51 -44.40 25.00
N VAL H 8 0.51 -44.35 25.85
CA VAL H 8 0.36 -44.46 27.30
C VAL H 8 1.01 -43.24 27.93
N LEU H 9 0.27 -42.56 28.81
CA LEU H 9 0.74 -41.36 29.48
C LEU H 9 1.25 -41.73 30.86
N ARG H 10 2.56 -41.83 31.01
CA ARG H 10 3.18 -42.16 32.28
C ARG H 10 3.52 -40.87 33.03
N VAL H 11 2.88 -40.67 34.18
CA VAL H 11 3.09 -39.48 35.00
C VAL H 11 3.79 -39.92 36.27
N ASN H 12 5.01 -39.42 36.48
CA ASN H 12 5.78 -39.70 37.69
C ASN H 12 5.57 -38.52 38.64
N LEU H 13 4.69 -38.71 39.62
CA LEU H 13 4.29 -37.60 40.49
C LEU H 13 5.42 -37.17 41.41
N SER H 14 6.29 -38.09 41.81
CA SER H 14 7.36 -37.74 42.75
C SER H 14 8.35 -36.77 42.11
N THR H 15 8.85 -37.09 40.93
CA THR H 15 9.81 -36.25 40.24
C THR H 15 9.16 -35.28 39.26
N LYS H 16 7.83 -35.29 39.16
CA LYS H 16 7.09 -34.46 38.21
C LYS H 16 7.60 -34.65 36.80
N ASN H 17 7.77 -35.92 36.42
CA ASN H 17 8.23 -36.30 35.09
C ASN H 17 7.07 -36.88 34.31
N ILE H 18 6.86 -36.40 33.09
CA ILE H 18 5.77 -36.83 32.23
C ILE H 18 6.37 -37.32 30.92
N THR H 19 5.97 -38.52 30.50
CA THR H 19 6.52 -39.13 29.29
C THR H 19 5.42 -39.88 28.55
N LEU H 20 5.65 -40.08 27.26
CA LEU H 20 4.75 -40.84 26.40
C LEU H 20 5.48 -42.09 25.92
N GLU H 21 4.81 -43.24 26.02
CA GLU H 21 5.37 -44.49 25.54
C GLU H 21 4.33 -45.26 24.75
N PRO H 22 4.75 -46.02 23.73
CA PRO H 22 3.79 -46.78 22.93
C PRO H 22 3.11 -47.86 23.76
N LEU H 23 1.84 -48.12 23.43
CA LEU H 23 1.10 -49.15 24.13
C LEU H 23 1.60 -50.54 23.73
N ARG H 24 1.65 -51.45 24.70
CA ARG H 24 2.06 -52.82 24.45
C ARG H 24 0.96 -53.54 23.70
N MET H 25 1.11 -53.66 22.37
CA MET H 25 0.11 -54.33 21.56
C MET H 25 0.17 -55.85 21.75
N ASP H 26 1.32 -56.39 22.11
CA ASP H 26 1.41 -57.81 22.42
C ASP H 26 0.52 -58.16 23.62
N TRP H 27 0.51 -57.30 24.64
CA TRP H 27 -0.42 -57.48 25.75
C TRP H 27 -1.85 -57.18 25.33
N ALA H 28 -2.04 -56.24 24.39
CA ALA H 28 -3.38 -55.89 23.96
C ALA H 28 -4.05 -57.02 23.21
N LYS H 29 -3.27 -57.84 22.48
CA LYS H 29 -3.85 -59.00 21.81
C LYS H 29 -4.39 -60.02 22.81
N ASP H 30 -3.65 -60.27 23.88
CA ASP H 30 -4.08 -61.25 24.88
C ASP H 30 -5.10 -60.64 25.84
N PHE H 31 -4.72 -59.57 26.52
CA PHE H 31 -5.64 -58.84 27.39
C PHE H 31 -6.22 -57.69 26.58
N LEU H 32 -7.55 -57.74 26.36
CA LEU H 32 -8.22 -56.82 25.47
C LEU H 32 -7.91 -55.36 25.75
N GLY H 33 -8.02 -54.95 27.01
CA GLY H 33 -7.76 -53.57 27.38
C GLY H 33 -8.35 -53.28 28.75
N ALA H 34 -8.58 -51.99 29.01
CA ALA H 34 -9.24 -51.51 30.22
C ALA H 34 -8.84 -52.30 31.45
N ARG H 35 -9.76 -53.10 31.98
CA ARG H 35 -9.47 -53.93 33.15
C ARG H 35 -8.29 -54.87 32.88
N GLY H 36 -8.32 -55.59 31.76
CA GLY H 36 -7.27 -56.57 31.49
C GLY H 36 -5.91 -55.94 31.29
N LEU H 37 -5.83 -54.92 30.43
CA LEU H 37 -4.54 -54.28 30.17
C LEU H 37 -4.02 -53.55 31.40
N GLY H 38 -4.90 -52.88 32.13
CA GLY H 38 -4.48 -52.24 33.37
C GLY H 38 -3.93 -53.23 34.38
N SER H 39 -4.62 -54.38 34.52
CA SER H 39 -4.14 -55.42 35.42
C SER H 39 -2.79 -55.95 34.95
N ARG H 40 -2.61 -56.13 33.64
CA ARG H 40 -1.33 -56.62 33.13
C ARG H 40 -0.21 -55.63 33.42
N TYR H 41 -0.45 -54.34 33.19
CA TYR H 41 0.56 -53.33 33.50
C TYR H 41 0.86 -53.30 35.00
N LEU H 42 -0.16 -53.43 35.84
CA LEU H 42 0.04 -53.46 37.28
C LEU H 42 0.90 -54.64 37.69
N VAL H 43 0.58 -55.83 37.16
CA VAL H 43 1.37 -57.03 37.45
C VAL H 43 2.82 -56.82 37.01
N GLU H 44 3.02 -56.21 35.84
CA GLU H 44 4.38 -55.99 35.35
C GLU H 44 5.15 -55.04 36.25
N GLU H 45 4.51 -53.96 36.72
CA GLU H 45 5.23 -52.85 37.32
C GLU H 45 5.05 -52.70 38.82
N VAL H 46 4.12 -53.43 39.44
CA VAL H 46 3.84 -53.28 40.87
C VAL H 46 4.10 -54.62 41.57
N ASP H 47 4.92 -54.57 42.60
CA ASP H 47 5.11 -55.75 43.44
C ASP H 47 3.83 -56.01 44.24
N PRO H 48 3.31 -57.24 44.22
CA PRO H 48 2.03 -57.50 44.91
C PRO H 48 2.08 -57.29 46.41
N ASN H 49 3.27 -57.30 47.02
CA ASN H 49 3.39 -57.16 48.46
C ASN H 49 3.54 -55.71 48.91
N VAL H 50 3.38 -54.76 47.99
CA VAL H 50 3.58 -53.35 48.34
C VAL H 50 2.43 -52.86 49.22
N ASP H 51 2.73 -51.87 50.06
CA ASP H 51 1.71 -51.19 50.82
C ASP H 51 0.80 -50.43 49.85
N PRO H 52 -0.52 -50.60 49.94
CA PRO H 52 -1.42 -49.89 49.00
C PRO H 52 -1.29 -48.37 49.07
N PHE H 53 -0.91 -47.82 50.22
CA PHE H 53 -0.71 -46.39 50.35
C PHE H 53 0.73 -45.97 50.09
N SER H 54 1.62 -46.91 49.79
CA SER H 54 3.00 -46.57 49.51
C SER H 54 3.13 -45.93 48.13
N PRO H 55 4.12 -45.06 47.93
CA PRO H 55 4.33 -44.48 46.60
C PRO H 55 4.65 -45.52 45.53
N ASP H 56 5.20 -46.67 45.91
CA ASP H 56 5.51 -47.70 44.92
C ASP H 56 4.26 -48.27 44.27
N ASN H 57 3.09 -48.08 44.86
CA ASN H 57 1.84 -48.42 44.19
C ASN H 57 1.65 -47.52 42.98
N LYS H 58 0.90 -48.01 42.00
CA LYS H 58 0.68 -47.28 40.76
C LYS H 58 -0.81 -47.23 40.44
N LEU H 59 -1.30 -46.04 40.13
CA LEU H 59 -2.70 -45.82 39.78
C LEU H 59 -2.82 -45.75 38.26
N ILE H 60 -3.68 -46.59 37.70
CA ILE H 60 -3.79 -46.77 36.26
C ILE H 60 -5.21 -46.41 35.83
N PHE H 61 -5.32 -45.45 34.92
CA PHE H 61 -6.56 -45.17 34.21
C PHE H 61 -6.49 -45.83 32.85
N ALA H 62 -7.37 -46.78 32.57
CA ALA H 62 -7.32 -47.57 31.36
C ALA H 62 -8.65 -47.56 30.65
N THR H 63 -8.60 -47.43 29.31
CA THR H 63 -9.78 -47.47 28.47
C THR H 63 -9.69 -48.65 27.51
N GLY H 64 -10.84 -49.22 27.19
CA GLY H 64 -10.91 -50.32 26.26
C GLY H 64 -10.78 -49.86 24.82
N PRO H 65 -10.58 -50.83 23.93
CA PRO H 65 -10.45 -50.49 22.50
C PRO H 65 -11.69 -49.83 21.92
N VAL H 66 -12.89 -50.18 22.39
CA VAL H 66 -14.12 -49.61 21.85
C VAL H 66 -14.57 -48.37 22.61
N THR H 67 -13.84 -47.96 23.64
CA THR H 67 -14.20 -46.75 24.39
C THR H 67 -14.16 -45.54 23.47
N GLY H 68 -15.12 -44.64 23.64
CA GLY H 68 -15.14 -43.42 22.86
C GLY H 68 -15.66 -43.57 21.45
N THR H 69 -16.18 -44.73 21.09
CA THR H 69 -16.72 -44.99 19.76
C THR H 69 -18.24 -45.02 19.82
N LEU H 70 -18.85 -45.19 18.65
CA LEU H 70 -20.30 -45.26 18.53
C LEU H 70 -20.85 -46.63 18.93
N ALA H 71 -19.98 -47.58 19.27
CA ALA H 71 -20.43 -48.90 19.70
C ALA H 71 -21.40 -48.78 20.86
N THR H 72 -22.26 -49.79 20.99
CA THR H 72 -23.34 -49.74 21.97
C THR H 72 -22.79 -49.56 23.38
N SER H 73 -23.10 -48.43 23.99
CA SER H 73 -22.77 -48.16 25.40
C SER H 73 -21.29 -48.33 25.69
N ALA H 74 -20.45 -47.89 24.74
CA ALA H 74 -19.00 -48.00 24.89
C ALA H 74 -18.42 -46.65 25.30
N GLY H 75 -18.55 -46.34 26.59
CA GLY H 75 -17.95 -45.15 27.16
C GLY H 75 -17.31 -45.42 28.51
N ARG H 76 -16.80 -46.63 28.70
CA ARG H 76 -16.44 -47.15 30.00
C ARG H 76 -14.93 -47.34 30.15
N PHE H 77 -14.41 -46.97 31.32
CA PHE H 77 -12.99 -47.11 31.63
C PHE H 77 -12.83 -47.68 33.03
N ASN H 78 -11.60 -48.08 33.35
CA ASN H 78 -11.28 -48.73 34.62
C ASN H 78 -10.13 -48.02 35.30
N VAL H 79 -10.17 -48.01 36.63
CA VAL H 79 -9.08 -47.52 37.46
C VAL H 79 -8.49 -48.72 38.19
N VAL H 80 -7.21 -48.98 37.98
CA VAL H 80 -6.57 -50.21 38.42
C VAL H 80 -5.50 -49.86 39.46
N THR H 81 -5.57 -50.52 40.61
CA THR H 81 -4.61 -50.33 41.70
C THR H 81 -4.59 -51.59 42.54
N LYS H 82 -3.86 -51.54 43.65
CA LYS H 82 -3.95 -52.54 44.70
C LYS H 82 -4.82 -51.94 45.80
N GLY H 83 -6.07 -52.41 45.88
CA GLY H 83 -7.04 -51.82 46.76
C GLY H 83 -6.67 -51.93 48.23
N PRO H 84 -6.56 -50.78 48.90
CA PRO H 84 -6.25 -50.80 50.34
C PRO H 84 -7.32 -51.48 51.18
N LEU H 85 -8.58 -51.42 50.76
CA LEU H 85 -9.65 -52.02 51.55
C LEU H 85 -9.49 -53.54 51.64
N THR H 86 -9.13 -54.18 50.52
CA THR H 86 -9.05 -55.63 50.46
C THR H 86 -7.63 -56.17 50.36
N GLY H 87 -6.67 -55.37 49.89
CA GLY H 87 -5.34 -55.86 49.63
C GLY H 87 -5.20 -56.63 48.34
N THR H 88 -6.29 -56.86 47.63
CA THR H 88 -6.27 -57.56 46.36
C THR H 88 -6.06 -56.57 45.23
N ILE H 89 -6.12 -57.04 43.99
CA ILE H 89 -6.04 -56.15 42.83
C ILE H 89 -7.40 -55.55 42.57
N ALA H 90 -7.46 -54.23 42.47
CA ALA H 90 -8.69 -53.50 42.28
C ALA H 90 -8.74 -52.93 40.87
N ALA H 91 -9.83 -53.22 40.15
CA ALA H 91 -10.08 -52.65 38.83
C ALA H 91 -11.50 -52.08 38.86
N SER H 92 -11.62 -50.84 39.29
CA SER H 92 -12.92 -50.20 39.47
C SER H 92 -13.34 -49.54 38.17
N ASN H 93 -14.61 -49.73 37.79
CA ASN H 93 -15.11 -49.33 36.48
C ASN H 93 -16.00 -48.10 36.60
N SER H 94 -15.72 -47.13 35.74
CA SER H 94 -16.57 -45.93 35.69
C SER H 94 -16.87 -45.62 34.22
N GLY H 95 -18.03 -45.07 33.94
CA GLY H 95 -18.43 -44.67 32.61
C GLY H 95 -18.53 -43.17 32.47
N GLY H 96 -19.73 -42.67 32.25
CA GLY H 96 -19.90 -41.23 32.06
C GLY H 96 -19.29 -40.81 30.73
N TYR H 97 -18.42 -39.80 30.78
CA TYR H 97 -17.81 -39.27 29.56
C TYR H 97 -16.31 -39.02 29.72
N PHE H 98 -15.67 -39.58 30.73
CA PHE H 98 -14.25 -39.30 30.96
C PHE H 98 -13.35 -40.15 30.07
N GLY H 99 -13.63 -41.44 29.95
CA GLY H 99 -12.83 -42.33 29.14
C GLY H 99 -12.82 -41.99 27.67
N PRO H 100 -14.00 -41.75 27.09
CA PRO H 100 -14.03 -41.23 25.71
C PRO H 100 -13.23 -39.95 25.53
N GLU H 101 -13.30 -39.03 26.48
CA GLU H 101 -12.54 -37.78 26.35
C GLU H 101 -11.05 -38.03 26.47
N LEU H 102 -10.63 -38.98 27.30
CA LEU H 102 -9.23 -39.34 27.38
C LEU H 102 -8.74 -39.95 26.07
N LYS H 103 -9.60 -40.74 25.42
CA LYS H 103 -9.22 -41.31 24.14
C LYS H 103 -9.24 -40.26 23.03
N TYR H 104 -10.07 -39.22 23.16
CA TYR H 104 -10.05 -38.13 22.19
C TYR H 104 -8.80 -37.28 22.34
N ALA H 105 -8.22 -37.23 23.54
CA ALA H 105 -6.94 -36.56 23.74
C ALA H 105 -5.78 -37.33 23.15
N GLY H 106 -5.99 -38.57 22.75
CA GLY H 106 -4.96 -39.37 22.10
C GLY H 106 -4.27 -40.39 22.97
N TYR H 107 -4.84 -40.74 24.11
CA TYR H 107 -4.20 -41.66 25.05
C TYR H 107 -5.10 -42.85 25.34
N ASP H 108 -4.47 -44.01 25.53
CA ASP H 108 -5.16 -45.21 25.95
C ASP H 108 -5.09 -45.43 27.46
N MET H 109 -4.07 -44.89 28.13
CA MET H 109 -3.83 -45.23 29.52
C MET H 109 -3.00 -44.13 30.18
N ILE H 110 -3.29 -43.89 31.46
CA ILE H 110 -2.51 -42.99 32.29
C ILE H 110 -1.94 -43.79 33.45
N ILE H 111 -0.64 -43.68 33.66
CA ILE H 111 0.04 -44.38 34.76
C ILE H 111 0.56 -43.32 35.72
N PHE H 112 0.07 -43.35 36.96
CA PHE H 112 0.54 -42.47 38.02
C PHE H 112 1.46 -43.27 38.94
N GLU H 113 2.71 -42.86 39.03
CA GLU H 113 3.68 -43.52 39.88
C GLU H 113 4.34 -42.50 40.81
N GLY H 114 4.67 -42.95 42.01
CA GLY H 114 5.23 -42.07 43.01
C GLY H 114 4.17 -41.26 43.72
N LYS H 115 4.64 -40.31 44.52
CA LYS H 115 3.77 -39.44 45.30
C LYS H 115 4.21 -37.99 45.13
N SER H 116 3.26 -37.12 44.79
CA SER H 116 3.57 -35.71 44.66
C SER H 116 3.78 -35.08 46.03
N ALA H 117 4.78 -34.20 46.11
CA ALA H 117 5.07 -33.52 47.38
C ALA H 117 3.89 -32.63 47.79
N ASN H 118 3.30 -31.92 46.84
CA ASN H 118 2.17 -31.04 47.09
C ASN H 118 0.95 -31.50 46.29
N PRO H 119 -0.26 -31.18 46.76
CA PRO H 119 -1.45 -31.57 46.00
C PRO H 119 -1.46 -30.97 44.61
N VAL H 120 -1.51 -31.84 43.60
CA VAL H 120 -1.50 -31.43 42.20
C VAL H 120 -2.62 -32.14 41.47
N TYR H 121 -2.99 -31.58 40.31
CA TYR H 121 -3.94 -32.21 39.41
C TYR H 121 -3.38 -32.19 38.00
N LEU H 122 -3.74 -33.20 37.22
CA LEU H 122 -3.24 -33.36 35.86
C LEU H 122 -4.22 -32.73 34.88
N TRP H 123 -3.67 -31.95 33.94
CA TRP H 123 -4.47 -31.25 32.95
C TRP H 123 -3.99 -31.68 31.56
N ILE H 124 -4.92 -32.17 30.74
CA ILE H 124 -4.61 -32.72 29.43
C ILE H 124 -5.45 -32.01 28.40
N TYR H 125 -4.80 -31.38 27.42
CA TYR H 125 -5.47 -30.84 26.24
C TYR H 125 -4.73 -31.39 25.03
N ASN H 126 -5.24 -32.50 24.48
CA ASN H 126 -4.63 -33.22 23.36
C ASN H 126 -3.21 -33.60 23.76
N ASP H 127 -2.17 -33.14 23.06
CA ASP H 127 -0.79 -33.54 23.36
C ASP H 127 -0.14 -32.65 24.41
N HIS H 128 -0.88 -31.72 25.01
CA HIS H 128 -0.36 -30.87 26.07
C HIS H 128 -0.79 -31.44 27.42
N VAL H 129 0.19 -31.79 28.24
CA VAL H 129 -0.06 -32.36 29.56
C VAL H 129 0.82 -31.63 30.57
N GLU H 130 0.23 -31.21 31.68
CA GLU H 130 0.96 -30.47 32.70
C GLU H 130 0.39 -30.76 34.07
N LEU H 131 1.26 -30.74 35.08
CA LEU H 131 0.85 -30.85 36.47
C LEU H 131 0.73 -29.46 37.07
N ARG H 132 -0.39 -29.20 37.73
CA ARG H 132 -0.69 -27.89 38.30
C ARG H 132 -1.01 -28.04 39.78
N ASP H 133 -0.57 -27.07 40.57
CA ASP H 133 -0.85 -27.08 42.00
C ASP H 133 -2.35 -27.05 42.26
N ALA H 134 -2.81 -27.96 43.11
CA ALA H 134 -4.23 -28.08 43.45
C ALA H 134 -4.52 -27.72 44.91
N SER H 135 -3.64 -26.95 45.54
CA SER H 135 -3.83 -26.56 46.93
C SER H 135 -5.06 -25.69 47.13
N HIS H 136 -5.50 -24.97 46.10
CA HIS H 136 -6.70 -24.15 46.21
C HIS H 136 -7.98 -24.97 46.18
N VAL H 137 -7.96 -26.15 45.58
CA VAL H 137 -9.13 -27.03 45.54
C VAL H 137 -9.01 -28.23 46.46
N TRP H 138 -7.85 -28.46 47.06
CA TRP H 138 -7.63 -29.61 47.94
C TRP H 138 -8.48 -29.44 49.20
N GLY H 139 -9.56 -30.21 49.29
CA GLY H 139 -10.46 -30.11 50.43
C GLY H 139 -11.92 -30.04 50.02
N LYS H 140 -12.18 -29.44 48.87
CA LYS H 140 -13.54 -29.29 48.38
C LYS H 140 -14.10 -30.62 47.89
N ASP H 141 -15.43 -30.72 47.89
CA ASP H 141 -16.09 -31.94 47.44
C ASP H 141 -16.02 -32.03 45.91
N SER H 142 -16.60 -33.10 45.37
CA SER H 142 -16.46 -33.38 43.94
C SER H 142 -17.08 -32.28 43.08
N TYR H 143 -18.26 -31.80 43.46
CA TYR H 143 -18.93 -30.77 42.66
C TYR H 143 -18.12 -29.49 42.62
N GLU H 144 -17.65 -29.04 43.79
CA GLU H 144 -16.93 -27.78 43.88
C GLU H 144 -15.61 -27.84 43.11
N THR H 145 -14.85 -28.93 43.29
CA THR H 145 -13.58 -29.05 42.59
C THR H 145 -13.79 -29.20 41.09
N THR H 146 -14.85 -29.90 40.69
CA THR H 146 -15.16 -30.03 39.27
C THR H 146 -15.43 -28.67 38.65
N ASP H 147 -16.28 -27.88 39.31
CA ASP H 147 -16.60 -26.54 38.78
C ASP H 147 -15.38 -25.65 38.76
N ALA H 148 -14.56 -25.69 39.82
CA ALA H 148 -13.37 -24.84 39.89
C ALA H 148 -12.38 -25.20 38.79
N LEU H 149 -12.15 -26.49 38.57
CA LEU H 149 -11.21 -26.91 37.54
C LEU H 149 -11.75 -26.66 36.14
N LEU H 150 -13.07 -26.76 35.95
CA LEU H 150 -13.64 -26.40 34.66
C LEU H 150 -13.49 -24.92 34.39
N SER H 151 -13.66 -24.08 35.42
CA SER H 151 -13.41 -22.65 35.24
C SER H 151 -11.94 -22.38 34.95
N GLU H 152 -11.04 -23.12 35.61
CA GLU H 152 -9.61 -22.92 35.39
C GLU H 152 -9.16 -23.50 34.05
N THR H 153 -9.63 -24.70 33.72
CA THR H 153 -9.27 -25.36 32.47
C THR H 153 -10.32 -25.05 31.40
N ASP H 154 -10.31 -25.80 30.30
CA ASP H 154 -11.30 -25.63 29.26
C ASP H 154 -12.69 -25.94 29.82
N PRO H 155 -13.72 -25.15 29.47
CA PRO H 155 -15.06 -25.41 30.00
C PRO H 155 -15.65 -26.75 29.57
N GLU H 156 -15.14 -27.36 28.50
CA GLU H 156 -15.66 -28.62 28.00
C GLU H 156 -14.82 -29.82 28.44
N ALA H 157 -13.89 -29.62 29.36
CA ALA H 157 -13.06 -30.71 29.84
C ALA H 157 -13.86 -31.65 30.73
N LYS H 158 -13.30 -32.83 30.97
CA LYS H 158 -13.89 -33.83 31.85
C LYS H 158 -12.98 -34.04 33.06
N VAL H 159 -13.58 -34.14 34.24
CA VAL H 159 -12.84 -34.21 35.49
C VAL H 159 -13.15 -35.53 36.18
N ALA H 160 -12.10 -36.24 36.58
CA ALA H 160 -12.20 -37.41 37.44
C ALA H 160 -11.46 -37.07 38.74
N CYS H 161 -12.23 -36.83 39.80
CA CYS H 161 -11.70 -36.21 41.01
C CYS H 161 -11.98 -37.08 42.24
N ILE H 162 -11.37 -36.68 43.34
CA ILE H 162 -11.61 -37.28 44.65
C ILE H 162 -12.24 -36.22 45.54
N GLY H 163 -13.10 -36.68 46.46
CA GLY H 163 -13.68 -35.81 47.45
C GLY H 163 -12.82 -35.74 48.69
N PRO H 164 -13.34 -35.15 49.76
CA PRO H 164 -12.60 -35.13 51.02
C PRO H 164 -12.27 -36.51 51.56
N ALA H 165 -13.13 -37.50 51.32
CA ALA H 165 -12.86 -38.86 51.79
C ALA H 165 -11.61 -39.43 51.14
N GLY H 166 -11.42 -39.16 49.85
CA GLY H 166 -10.21 -39.62 49.18
C GLY H 166 -8.96 -38.95 49.72
N GLU H 167 -9.06 -37.66 50.04
CA GLU H 167 -7.92 -36.94 50.61
C GLU H 167 -7.63 -37.39 52.04
N ARG H 168 -8.64 -37.87 52.75
CA ARG H 168 -8.50 -38.33 54.13
C ARG H 168 -8.15 -39.80 54.22
N LEU H 169 -7.82 -40.44 53.09
CA LEU H 169 -7.37 -41.84 53.05
C LEU H 169 -8.42 -42.79 53.60
N VAL H 170 -9.71 -42.50 53.34
CA VAL H 170 -10.76 -43.43 53.72
C VAL H 170 -10.63 -44.70 52.91
N LEU H 171 -10.67 -45.84 53.59
CA LEU H 171 -10.36 -47.11 52.94
C LEU H 171 -11.31 -47.46 51.81
N PHE H 172 -12.50 -46.88 51.78
CA PHE H 172 -13.45 -47.09 50.68
C PHE H 172 -13.71 -45.80 49.94
N ALA H 173 -12.65 -45.03 49.70
CA ALA H 173 -12.72 -43.83 48.88
C ALA H 173 -12.70 -44.21 47.40
N CYS H 174 -13.08 -43.26 46.57
CA CYS H 174 -13.31 -43.53 45.16
C CYS H 174 -12.82 -42.38 44.29
N VAL H 175 -12.84 -42.62 42.99
CA VAL H 175 -12.49 -41.65 41.95
C VAL H 175 -13.79 -41.22 41.28
N MET H 176 -14.12 -39.94 41.37
CA MET H 176 -15.39 -39.42 40.86
C MET H 176 -15.18 -38.71 39.52
N ASN H 177 -15.77 -39.31 38.49
CA ASN H 177 -15.74 -38.68 37.15
C ASN H 177 -17.12 -38.07 36.91
N ASP H 178 -17.15 -36.92 36.23
CA ASP H 178 -18.39 -36.20 35.94
C ASP H 178 -19.20 -35.90 37.20
N LYS H 179 -18.56 -36.01 38.37
CA LYS H 179 -19.07 -35.61 39.68
C LYS H 179 -20.21 -36.52 40.16
N HIS H 180 -20.67 -37.41 39.29
CA HIS H 180 -21.74 -38.34 39.64
C HIS H 180 -21.28 -39.79 39.47
N ARG H 181 -20.63 -40.08 38.34
CA ARG H 181 -20.11 -41.42 38.10
C ARG H 181 -18.81 -41.64 38.87
N ALA H 182 -18.61 -42.86 39.35
CA ALA H 182 -17.49 -43.16 40.23
C ALA H 182 -16.88 -44.50 39.85
N ALA H 183 -15.55 -44.57 39.86
CA ALA H 183 -14.89 -45.86 39.72
C ALA H 183 -15.30 -46.78 40.86
N GLY H 184 -15.02 -46.38 42.09
CA GLY H 184 -15.72 -46.98 43.22
C GLY H 184 -14.93 -47.87 44.16
N ARG H 185 -15.24 -49.16 44.17
CA ARG H 185 -14.95 -50.04 45.28
C ARG H 185 -13.45 -50.21 45.52
N THR H 186 -13.15 -50.89 46.61
CA THR H 186 -11.80 -51.30 46.99
C THR H 186 -10.88 -50.10 47.23
N GLY H 187 -11.44 -48.92 47.44
CA GLY H 187 -10.66 -47.76 47.81
C GLY H 187 -9.66 -47.23 46.80
N VAL H 188 -10.08 -47.11 45.54
CA VAL H 188 -9.20 -46.52 44.52
C VAL H 188 -8.98 -45.04 44.82
N GLY H 189 -10.01 -44.35 45.29
CA GLY H 189 -9.85 -42.97 45.69
C GLY H 189 -8.88 -42.78 46.84
N ALA H 190 -8.80 -43.78 47.72
CA ALA H 190 -7.82 -43.72 48.79
C ALA H 190 -6.40 -43.69 48.24
N VAL H 191 -6.14 -44.52 47.23
CA VAL H 191 -4.82 -44.51 46.60
C VAL H 191 -4.60 -43.20 45.84
N MET H 192 -5.64 -42.70 45.15
CA MET H 192 -5.50 -41.46 44.42
C MET H 192 -5.16 -40.30 45.36
N GLY H 193 -5.82 -40.23 46.51
CA GLY H 193 -5.46 -39.24 47.52
C GLY H 193 -4.10 -39.49 48.13
N SER H 194 -3.70 -40.76 48.26
CA SER H 194 -2.40 -41.09 48.86
C SER H 194 -1.26 -40.51 48.04
N LYS H 195 -1.40 -40.44 46.72
CA LYS H 195 -0.37 -39.87 45.85
C LYS H 195 -0.49 -38.35 45.73
N ASN H 196 -1.35 -37.72 46.52
CA ASN H 196 -1.58 -36.27 46.47
C ASN H 196 -2.02 -35.83 45.08
N LEU H 197 -2.89 -36.64 44.46
CA LEU H 197 -3.49 -36.32 43.18
C LEU H 197 -4.95 -35.94 43.44
N LYS H 198 -5.29 -34.67 43.19
CA LYS H 198 -6.64 -34.20 43.50
C LYS H 198 -7.63 -34.59 42.42
N ALA H 199 -7.26 -34.46 41.15
CA ALA H 199 -8.17 -34.74 40.05
C ALA H 199 -7.38 -34.91 38.77
N VAL H 200 -8.04 -35.52 37.78
CA VAL H 200 -7.52 -35.61 36.43
C VAL H 200 -8.50 -34.89 35.51
N VAL H 201 -8.02 -33.86 34.82
CA VAL H 201 -8.84 -33.06 33.92
C VAL H 201 -8.31 -33.28 32.51
N VAL H 202 -9.19 -33.75 31.62
CA VAL H 202 -8.79 -34.11 30.26
C VAL H 202 -9.69 -33.38 29.27
N ARG H 203 -9.09 -32.91 28.18
CA ARG H 203 -9.82 -32.28 27.08
C ARG H 203 -9.23 -32.79 25.79
N GLY H 204 -10.06 -33.40 24.96
CA GLY H 204 -9.59 -33.99 23.71
C GLY H 204 -10.47 -33.64 22.54
N THR H 205 -9.83 -33.32 21.41
CA THR H 205 -10.54 -33.01 20.18
C THR H 205 -10.17 -33.96 19.05
N GLY H 206 -9.28 -34.91 19.28
CA GLY H 206 -8.94 -35.88 18.27
C GLY H 206 -10.03 -36.91 18.08
N GLY H 207 -9.75 -37.87 17.20
CA GLY H 207 -10.73 -38.88 16.84
C GLY H 207 -10.16 -40.28 16.98
N ILE H 208 -11.07 -41.25 16.95
CA ILE H 208 -10.74 -42.67 17.04
C ILE H 208 -11.06 -43.31 15.70
N LYS H 209 -10.06 -43.98 15.11
CA LYS H 209 -10.24 -44.57 13.79
C LYS H 209 -10.91 -45.93 13.90
N LEU H 210 -11.73 -46.23 12.90
CA LEU H 210 -12.36 -47.54 12.75
C LEU H 210 -11.86 -48.19 11.45
N ALA H 211 -11.59 -49.49 11.52
CA ALA H 211 -11.07 -50.18 10.35
C ALA H 211 -12.12 -50.32 9.26
N ASP H 212 -13.33 -50.75 9.64
CA ASP H 212 -14.44 -50.92 8.70
C ASP H 212 -15.64 -50.15 9.25
N LYS H 213 -16.01 -49.06 8.57
CA LYS H 213 -17.13 -48.26 9.04
C LYS H 213 -18.46 -48.92 8.73
N GLU H 214 -18.61 -49.51 7.54
CA GLU H 214 -19.89 -50.07 7.14
C GLU H 214 -20.24 -51.32 7.93
N ALA H 215 -19.27 -52.23 8.12
CA ALA H 215 -19.53 -53.42 8.92
C ALA H 215 -19.85 -53.04 10.36
N PHE H 216 -19.12 -52.07 10.92
CA PHE H 216 -19.43 -51.60 12.26
C PHE H 216 -20.83 -51.02 12.34
N LEU H 217 -21.23 -50.26 11.33
CA LEU H 217 -22.58 -49.66 11.34
C LEU H 217 -23.65 -50.74 11.26
N GLU H 218 -23.45 -51.76 10.43
CA GLU H 218 -24.43 -52.84 10.34
C GLU H 218 -24.55 -53.59 11.67
N ALA H 219 -23.41 -53.95 12.26
CA ALA H 219 -23.43 -54.63 13.55
C ALA H 219 -24.05 -53.76 14.63
N LEU H 220 -23.75 -52.45 14.58
CA LEU H 220 -24.32 -51.51 15.55
C LEU H 220 -25.83 -51.43 15.40
N ARG H 221 -26.34 -51.38 14.18
CA ARG H 221 -27.79 -51.35 13.99
C ARG H 221 -28.44 -52.61 14.54
N LYS H 222 -27.84 -53.77 14.26
CA LYS H 222 -28.37 -55.02 14.80
C LYS H 222 -28.38 -55.00 16.32
N ALA H 223 -27.27 -54.56 16.93
CA ALA H 223 -27.17 -54.54 18.38
C ALA H 223 -28.15 -53.55 19.00
N ARG H 224 -28.33 -52.38 18.36
CA ARG H 224 -29.27 -51.40 18.87
C ARG H 224 -30.70 -51.92 18.81
N LYS H 225 -31.05 -52.61 17.72
CA LYS H 225 -32.37 -53.24 17.65
C LYS H 225 -32.55 -54.27 18.75
N LYS H 226 -31.53 -55.09 18.98
CA LYS H 226 -31.62 -56.11 20.04
C LYS H 226 -31.78 -55.47 21.41
N ILE H 227 -31.04 -54.39 21.67
CA ILE H 227 -31.13 -53.70 22.96
C ILE H 227 -32.51 -53.10 23.15
N ALA H 228 -33.03 -52.44 22.10
CA ALA H 228 -34.33 -51.79 22.20
C ALA H 228 -35.45 -52.81 22.37
N GLU H 229 -35.34 -53.99 21.74
CA GLU H 229 -36.39 -54.98 21.83
C GLU H 229 -36.43 -55.69 23.17
N HIS H 230 -35.29 -55.84 23.83
CA HIS H 230 -35.24 -56.58 25.08
C HIS H 230 -35.99 -55.84 26.17
N PRO H 231 -36.78 -56.54 27.00
CA PRO H 231 -37.55 -55.85 28.04
C PRO H 231 -36.70 -55.10 29.05
N VAL H 232 -35.56 -55.63 29.45
CA VAL H 232 -34.79 -55.04 30.55
C VAL H 232 -34.05 -53.79 30.08
N THR H 233 -33.17 -53.94 29.09
CA THR H 233 -32.43 -52.79 28.57
C THR H 233 -33.30 -51.89 27.71
N GLY H 234 -34.53 -52.30 27.38
CA GLY H 234 -35.40 -51.49 26.55
C GLY H 234 -36.40 -50.68 27.35
N GLY H 235 -37.07 -51.29 28.32
CA GLY H 235 -38.07 -50.60 29.09
C GLY H 235 -37.75 -50.48 30.57
N GLY H 236 -37.02 -51.45 31.11
CA GLY H 236 -36.73 -51.48 32.53
C GLY H 236 -35.67 -50.49 32.97
N LEU H 237 -34.47 -50.59 32.39
CA LEU H 237 -33.40 -49.66 32.71
C LEU H 237 -33.75 -48.21 32.40
N PRO H 238 -34.28 -47.85 31.22
CA PRO H 238 -34.60 -46.44 30.96
C PRO H 238 -35.65 -45.87 31.90
N ALA H 239 -36.50 -46.71 32.49
CA ALA H 239 -37.58 -46.22 33.32
C ALA H 239 -37.21 -46.17 34.80
N TYR H 240 -36.57 -47.23 35.32
CA TYR H 240 -36.31 -47.33 36.75
C TYR H 240 -34.84 -47.43 37.11
N GLY H 241 -33.93 -47.41 36.13
CA GLY H 241 -32.54 -47.58 36.47
C GLY H 241 -32.28 -49.00 36.99
N THR H 242 -31.26 -49.10 37.84
CA THR H 242 -30.98 -50.38 38.48
C THR H 242 -31.88 -50.63 39.69
N ASN H 243 -32.63 -49.62 40.15
CA ASN H 243 -33.53 -49.78 41.29
C ASN H 243 -34.72 -50.66 40.97
N VAL H 244 -34.93 -51.02 39.70
CA VAL H 244 -35.99 -51.95 39.33
C VAL H 244 -35.76 -53.32 39.95
N LEU H 245 -34.53 -53.61 40.39
CA LEU H 245 -34.21 -54.92 40.96
C LEU H 245 -34.93 -55.14 42.29
N VAL H 246 -35.19 -54.06 43.04
CA VAL H 246 -35.60 -54.20 44.45
C VAL H 246 -36.81 -55.11 44.57
N ASN H 247 -37.86 -54.85 43.80
CA ASN H 247 -39.07 -55.67 43.88
C ASN H 247 -38.81 -57.10 43.42
N VAL H 248 -38.04 -57.26 42.34
CA VAL H 248 -37.76 -58.59 41.82
C VAL H 248 -36.95 -59.40 42.82
N ILE H 249 -35.93 -58.79 43.43
CA ILE H 249 -35.10 -59.50 44.39
C ILE H 249 -35.88 -59.82 45.65
N ASN H 250 -36.70 -58.87 46.13
CA ASN H 250 -37.48 -59.11 47.34
C ASN H 250 -38.53 -60.19 47.12
N ALA H 251 -39.14 -60.23 45.93
CA ALA H 251 -40.09 -61.28 45.62
C ALA H 251 -39.45 -62.65 45.56
N ALA H 252 -38.13 -62.72 45.34
CA ALA H 252 -37.40 -63.97 45.35
C ALA H 252 -36.81 -64.31 46.70
N GLY H 253 -37.04 -63.47 47.71
CA GLY H 253 -36.48 -63.70 49.03
C GLY H 253 -34.96 -63.65 49.07
N ALA H 254 -34.35 -62.83 48.22
CA ALA H 254 -32.91 -62.72 48.15
C ALA H 254 -32.40 -61.34 48.54
N LEU H 255 -33.28 -60.45 49.01
CA LEU H 255 -32.87 -59.10 49.38
C LEU H 255 -32.41 -59.10 50.83
N PRO H 256 -31.13 -58.87 51.12
CA PRO H 256 -30.68 -58.85 52.52
C PRO H 256 -31.29 -57.68 53.27
N THR H 257 -31.58 -57.91 54.55
CA THR H 257 -32.16 -56.89 55.40
C THR H 257 -31.55 -56.99 56.79
N ARG H 258 -31.19 -55.83 57.34
CA ARG H 258 -30.63 -55.71 58.68
C ARG H 258 -29.36 -56.55 58.84
N ASN H 259 -28.36 -56.21 58.03
CA ASN H 259 -27.05 -56.87 58.04
C ASN H 259 -27.19 -58.37 57.82
N PHE H 260 -27.99 -58.73 56.82
CA PHE H 260 -28.20 -60.11 56.37
C PHE H 260 -28.92 -60.99 57.39
N LYS H 261 -29.45 -60.40 58.47
CA LYS H 261 -30.21 -61.20 59.42
C LYS H 261 -31.51 -61.70 58.81
N GLU H 262 -32.16 -60.88 57.98
CA GLU H 262 -33.39 -61.24 57.31
C GLU H 262 -33.24 -61.05 55.81
N ALA H 263 -33.89 -61.94 55.04
CA ALA H 263 -33.83 -61.90 53.59
C ALA H 263 -35.12 -61.39 52.96
N TRP H 264 -35.88 -60.59 53.71
CA TRP H 264 -37.11 -60.00 53.21
C TRP H 264 -37.32 -58.66 53.90
N PHE H 265 -37.76 -57.66 53.14
CA PHE H 265 -37.93 -56.30 53.66
C PHE H 265 -39.35 -55.84 53.40
N GLU H 266 -40.02 -55.39 54.46
CA GLU H 266 -41.40 -54.92 54.34
C GLU H 266 -41.47 -53.53 53.71
N GLY H 267 -40.43 -52.72 53.86
CA GLY H 267 -40.37 -51.40 53.31
C GLY H 267 -39.75 -51.31 51.93
N ALA H 268 -39.56 -52.46 51.26
CA ALA H 268 -38.94 -52.44 49.93
C ALA H 268 -39.78 -51.68 48.93
N ASP H 269 -41.11 -51.87 48.97
CA ASP H 269 -41.99 -51.14 48.07
C ASP H 269 -41.91 -49.64 48.31
N LYS H 270 -41.66 -49.23 49.56
CA LYS H 270 -41.49 -47.81 49.85
C LYS H 270 -40.27 -47.24 49.15
N ILE H 271 -39.18 -48.02 49.10
CA ILE H 271 -37.94 -47.57 48.49
C ILE H 271 -37.67 -48.31 47.17
N SER H 272 -38.72 -48.85 46.54
CA SER H 272 -38.54 -49.56 45.29
C SER H 272 -38.28 -48.57 44.16
N GLY H 273 -37.86 -49.13 43.01
CA GLY H 273 -37.59 -48.28 41.85
C GLY H 273 -38.81 -47.56 41.33
N GLU H 274 -39.97 -48.21 41.41
CA GLU H 274 -41.19 -47.59 40.90
C GLU H 274 -41.55 -46.32 41.70
N THR H 275 -41.45 -46.38 43.02
CA THR H 275 -41.73 -45.21 43.84
C THR H 275 -40.72 -44.10 43.58
N MET H 276 -39.44 -44.46 43.41
CA MET H 276 -38.43 -43.46 43.09
C MET H 276 -38.73 -42.79 41.76
N ALA H 277 -39.13 -43.57 40.75
CA ALA H 277 -39.48 -43.01 39.46
C ALA H 277 -40.70 -42.10 39.55
N GLU H 278 -41.70 -42.49 40.32
CA GLU H 278 -42.96 -41.75 40.37
C GLU H 278 -42.92 -40.56 41.32
N THR H 279 -41.94 -40.47 42.22
CA THR H 279 -41.93 -39.43 43.24
C THR H 279 -40.77 -38.46 43.10
N ILE H 280 -39.53 -38.95 43.09
CA ILE H 280 -38.36 -38.07 43.20
C ILE H 280 -37.50 -38.06 41.95
N LEU H 281 -37.80 -38.88 40.96
CA LEU H 281 -36.99 -38.95 39.75
C LEU H 281 -37.26 -37.74 38.88
N LEU H 282 -36.27 -36.84 38.77
CA LEU H 282 -36.42 -35.70 37.87
C LEU H 282 -36.37 -36.15 36.42
N LYS H 283 -35.39 -36.98 36.06
CA LYS H 283 -35.22 -37.45 34.69
C LYS H 283 -34.18 -38.57 34.72
N ASN H 284 -33.90 -39.14 33.56
CA ASN H 284 -32.89 -40.17 33.40
C ASN H 284 -31.78 -39.66 32.51
N LYS H 285 -30.57 -40.16 32.74
CA LYS H 285 -29.38 -39.73 32.01
C LYS H 285 -28.61 -40.95 31.52
N ALA H 286 -27.87 -40.76 30.44
CA ALA H 286 -27.16 -41.85 29.77
C ALA H 286 -25.65 -41.62 29.81
N CYS H 287 -24.92 -42.72 29.88
CA CYS H 287 -23.47 -42.67 29.73
C CYS H 287 -23.11 -42.38 28.27
N ALA H 288 -21.82 -42.26 28.00
CA ALA H 288 -21.38 -42.02 26.63
C ALA H 288 -21.78 -43.17 25.72
N SER H 289 -22.57 -42.85 24.69
CA SER H 289 -23.02 -43.79 23.68
C SER H 289 -23.93 -44.88 24.23
N CYS H 290 -24.58 -44.64 25.38
CA CYS H 290 -25.44 -45.61 26.02
C CYS H 290 -26.88 -45.37 25.59
N ALA H 291 -27.50 -46.37 24.99
CA ALA H 291 -28.88 -46.28 24.55
C ALA H 291 -29.87 -46.69 25.62
N SER H 292 -29.39 -47.24 26.75
CA SER H 292 -30.28 -47.67 27.81
C SER H 292 -30.64 -46.57 28.79
N ALA H 293 -29.74 -45.62 29.02
CA ALA H 293 -29.97 -44.47 29.90
C ALA H 293 -30.40 -44.92 31.30
N CYS H 294 -29.51 -45.71 31.93
CA CYS H 294 -29.82 -46.24 33.25
C CYS H 294 -29.64 -45.19 34.35
N GLY H 295 -28.80 -44.19 34.13
CA GLY H 295 -28.50 -43.23 35.17
C GLY H 295 -29.72 -42.43 35.59
N ARG H 296 -29.75 -42.08 36.87
CA ARG H 296 -30.88 -41.38 37.48
C ARG H 296 -30.47 -39.97 37.86
N VAL H 297 -31.39 -39.02 37.68
CA VAL H 297 -31.25 -37.67 38.20
C VAL H 297 -32.48 -37.39 39.06
N THR H 298 -32.26 -37.21 40.35
CA THR H 298 -33.34 -37.10 41.32
C THR H 298 -33.13 -35.90 42.22
N LYS H 299 -34.17 -35.58 43.00
CA LYS H 299 -34.13 -34.51 43.98
C LYS H 299 -34.72 -35.01 45.29
N ALA H 300 -34.04 -34.71 46.39
CA ALA H 300 -34.51 -35.12 47.71
C ALA H 300 -33.87 -34.23 48.77
N MET H 301 -34.65 -33.90 49.80
CA MET H 301 -34.21 -33.03 50.88
C MET H 301 -33.69 -31.70 50.35
N GLY H 302 -34.32 -31.20 49.30
CA GLY H 302 -33.91 -29.93 48.72
C GLY H 302 -32.58 -29.95 48.00
N GLU H 303 -32.11 -31.12 47.58
CA GLU H 303 -30.85 -31.25 46.88
C GLU H 303 -31.05 -32.11 45.63
N ILE H 304 -30.31 -31.78 44.58
CA ILE H 304 -30.38 -32.46 43.30
C ILE H 304 -29.07 -33.19 43.05
N GLY H 305 -29.15 -34.43 42.59
CA GLY H 305 -27.95 -35.20 42.30
C GLY H 305 -28.30 -36.46 41.56
N GLU H 306 -27.27 -37.23 41.24
CA GLU H 306 -27.44 -38.50 40.53
C GLU H 306 -28.15 -39.48 41.45
N GLY H 307 -29.37 -39.86 41.09
CA GLY H 307 -30.18 -40.72 41.90
C GLY H 307 -29.52 -42.06 42.20
N PRO H 308 -29.64 -42.51 43.45
CA PRO H 308 -29.03 -43.80 43.82
C PRO H 308 -29.70 -44.96 43.09
N GLU H 309 -28.88 -45.93 42.69
CA GLU H 309 -29.35 -47.13 42.04
C GLU H 309 -29.51 -48.24 43.09
N TYR H 310 -29.58 -49.49 42.64
CA TYR H 310 -30.04 -50.58 43.51
C TYR H 310 -29.14 -50.79 44.71
N GLU H 311 -27.83 -50.92 44.50
CA GLU H 311 -26.96 -51.33 45.60
C GLU H 311 -26.80 -50.24 46.64
N ALA H 312 -26.74 -48.98 46.22
CA ALA H 312 -26.70 -47.88 47.18
C ALA H 312 -27.99 -47.82 47.99
N VAL H 313 -29.13 -48.02 47.33
CA VAL H 313 -30.41 -48.03 48.02
C VAL H 313 -30.45 -49.15 49.04
N TRP H 314 -29.94 -50.32 48.69
CA TRP H 314 -29.87 -51.43 49.64
C TRP H 314 -28.96 -51.08 50.82
N ALA H 315 -27.80 -50.48 50.53
CA ALA H 315 -26.83 -50.20 51.58
C ALA H 315 -27.37 -49.20 52.59
N TYR H 316 -28.05 -48.15 52.11
CA TYR H 316 -28.66 -47.19 53.02
C TYR H 316 -30.11 -47.50 53.32
N GLY H 317 -30.65 -48.59 52.77
CA GLY H 317 -32.03 -48.96 53.00
C GLY H 317 -32.21 -50.25 53.77
N ALA H 318 -32.45 -51.34 53.04
CA ALA H 318 -32.73 -52.63 53.68
C ALA H 318 -31.58 -53.09 54.57
N GLN H 319 -30.33 -52.76 54.19
CA GLN H 319 -29.20 -53.15 55.03
C GLN H 319 -29.29 -52.50 56.41
N CYS H 320 -29.68 -51.23 56.46
CA CYS H 320 -29.93 -50.54 57.72
C CYS H 320 -31.40 -50.54 58.12
N GLY H 321 -32.26 -51.19 57.35
CA GLY H 321 -33.68 -51.22 57.63
C GLY H 321 -34.42 -49.95 57.31
N VAL H 322 -33.76 -48.95 56.73
CA VAL H 322 -34.40 -47.67 56.47
C VAL H 322 -35.37 -47.80 55.30
N ASP H 323 -36.60 -47.33 55.49
CA ASP H 323 -37.60 -47.29 54.44
C ASP H 323 -37.87 -45.87 53.95
N ASN H 324 -36.98 -44.93 54.26
CA ASN H 324 -37.11 -43.55 53.83
C ASN H 324 -36.30 -43.37 52.55
N LEU H 325 -37.00 -43.12 51.44
CA LEU H 325 -36.33 -42.98 50.15
C LEU H 325 -35.46 -41.74 50.10
N GLU H 326 -35.95 -40.62 50.65
CA GLU H 326 -35.20 -39.37 50.57
C GLU H 326 -33.95 -39.41 51.44
N ALA H 327 -33.99 -40.12 52.57
CA ALA H 327 -32.77 -40.28 53.38
C ALA H 327 -31.70 -41.05 52.62
N ILE H 328 -32.09 -42.12 51.93
CA ILE H 328 -31.15 -42.87 51.10
C ILE H 328 -30.61 -41.98 49.98
N CYS H 329 -31.49 -41.20 49.36
CA CYS H 329 -31.07 -40.31 48.28
C CYS H 329 -30.05 -39.29 48.79
N LYS H 330 -30.30 -38.71 49.96
CA LYS H 330 -29.37 -37.74 50.53
C LYS H 330 -28.04 -38.39 50.90
N ALA H 331 -28.09 -39.60 51.48
CA ALA H 331 -26.85 -40.29 51.82
C ALA H 331 -26.03 -40.59 50.57
N ASN H 332 -26.70 -41.00 49.49
CA ASN H 332 -26.00 -41.24 48.24
C ASN H 332 -25.42 -39.95 47.66
N PHE H 333 -26.15 -38.84 47.79
CA PHE H 333 -25.63 -37.56 47.33
C PHE H 333 -24.37 -37.17 48.11
N ILE H 334 -24.38 -37.42 49.42
CA ILE H 334 -23.20 -37.14 50.24
C ILE H 334 -22.04 -38.03 49.82
N CYS H 335 -22.32 -39.31 49.52
CA CYS H 335 -21.27 -40.18 48.99
C CYS H 335 -20.73 -39.66 47.66
N ASN H 336 -21.61 -39.11 46.82
CA ASN H 336 -21.17 -38.51 45.56
C ASN H 336 -20.23 -37.34 45.81
N LYS H 337 -20.62 -36.43 46.71
CA LYS H 337 -19.82 -35.23 46.94
C LYS H 337 -18.50 -35.54 47.60
N LEU H 338 -18.52 -36.35 48.67
CA LEU H 338 -17.31 -36.62 49.44
C LEU H 338 -16.44 -37.70 48.82
N GLY H 339 -16.91 -38.42 47.81
CA GLY H 339 -16.12 -39.49 47.27
C GLY H 339 -16.08 -40.68 48.21
N MET H 340 -17.26 -41.22 48.52
CA MET H 340 -17.40 -42.35 49.43
C MET H 340 -18.09 -43.52 48.74
N ASP H 341 -17.69 -44.72 49.12
CA ASP H 341 -18.36 -45.94 48.68
C ASP H 341 -19.66 -46.11 49.44
N PRO H 342 -20.82 -46.08 48.78
CA PRO H 342 -22.08 -46.22 49.53
C PRO H 342 -22.38 -47.65 49.96
N ILE H 343 -21.94 -48.66 49.22
CA ILE H 343 -22.12 -50.04 49.67
C ILE H 343 -21.31 -50.30 50.94
N THR H 344 -20.02 -49.97 50.90
CA THR H 344 -19.18 -50.21 52.06
C THR H 344 -19.64 -49.38 53.25
N MET H 345 -19.99 -48.12 53.00
CA MET H 345 -20.48 -47.26 54.07
C MET H 345 -21.80 -47.78 54.65
N GLY H 346 -22.72 -48.20 53.78
CA GLY H 346 -24.00 -48.70 54.26
C GLY H 346 -23.87 -50.00 55.05
N SER H 347 -23.02 -50.91 54.56
CA SER H 347 -22.79 -52.16 55.29
C SER H 347 -22.08 -51.90 56.61
N THR H 348 -21.16 -50.94 56.64
CA THR H 348 -20.51 -50.57 57.89
C THR H 348 -21.51 -49.98 58.87
N ILE H 349 -22.43 -49.13 58.38
CA ILE H 349 -23.47 -48.58 59.24
C ILE H 349 -24.37 -49.69 59.77
N GLY H 350 -24.72 -50.66 58.92
CA GLY H 350 -25.54 -51.78 59.37
C GLY H 350 -24.84 -52.64 60.40
N CYS H 351 -23.52 -52.85 60.22
CA CYS H 351 -22.75 -53.56 61.22
C CYS H 351 -22.71 -52.80 62.54
N ALA H 352 -22.61 -51.47 62.46
CA ALA H 352 -22.67 -50.66 63.67
C ALA H 352 -24.03 -50.79 64.34
N MET H 353 -25.10 -50.82 63.55
CA MET H 353 -26.45 -51.02 64.10
C MET H 353 -26.53 -52.35 64.84
N GLU H 354 -26.03 -53.42 64.22
CA GLU H 354 -26.11 -54.73 64.85
C GLU H 354 -25.24 -54.81 66.10
N LEU H 355 -24.06 -54.19 66.06
CA LEU H 355 -23.22 -54.14 67.25
C LEU H 355 -23.88 -53.33 68.35
N ALA H 356 -24.56 -52.23 67.98
CA ALA H 356 -25.27 -51.44 68.97
C ALA H 356 -26.40 -52.24 69.62
N GLU H 357 -27.02 -53.14 68.87
CA GLU H 357 -28.03 -54.01 69.45
C GLU H 357 -27.43 -54.99 70.46
N LEU H 358 -26.13 -55.25 70.37
CA LEU H 358 -25.43 -56.07 71.36
C LEU H 358 -24.90 -55.24 72.52
N GLY H 359 -25.06 -53.93 72.48
CA GLY H 359 -24.54 -53.07 73.53
C GLY H 359 -23.05 -52.81 73.47
N LEU H 360 -22.39 -53.22 72.40
CA LEU H 360 -20.95 -53.06 72.26
C LEU H 360 -20.54 -51.70 71.69
N ILE H 361 -21.50 -50.87 71.30
CA ILE H 361 -21.23 -49.55 70.74
C ILE H 361 -21.87 -48.51 71.66
N ASP H 362 -21.08 -47.54 72.08
CA ASP H 362 -21.57 -46.46 72.92
C ASP H 362 -22.29 -45.44 72.05
N GLU H 363 -23.59 -45.26 72.29
CA GLU H 363 -24.36 -44.28 71.55
C GLU H 363 -23.89 -42.85 71.81
N LYS H 364 -23.30 -42.60 72.97
CA LYS H 364 -22.71 -41.29 73.24
C LYS H 364 -21.53 -41.02 72.32
N LYS H 365 -20.69 -42.04 72.09
CA LYS H 365 -19.56 -41.88 71.19
C LYS H 365 -20.02 -41.67 69.76
N ALA H 366 -21.07 -42.39 69.34
CA ALA H 366 -21.59 -42.22 67.98
C ALA H 366 -22.24 -40.87 67.79
N GLY H 367 -22.88 -40.33 68.83
CA GLY H 367 -23.55 -39.05 68.73
C GLY H 367 -24.93 -39.09 68.12
N VAL H 368 -25.49 -40.28 67.89
CA VAL H 368 -26.81 -40.42 67.29
C VAL H 368 -27.35 -41.79 67.66
N SER H 369 -28.67 -41.92 67.67
CA SER H 369 -29.30 -43.20 67.93
C SER H 369 -28.98 -44.19 66.82
N LEU H 370 -28.70 -45.44 67.21
CA LEU H 370 -28.29 -46.48 66.28
C LEU H 370 -29.31 -47.61 66.21
N HIS H 371 -30.59 -47.27 66.21
CA HIS H 371 -31.63 -48.26 66.02
C HIS H 371 -31.89 -48.47 64.53
N TRP H 372 -32.56 -49.58 64.22
CA TRP H 372 -32.85 -49.91 62.84
C TRP H 372 -33.88 -48.94 62.26
N GLY H 373 -33.66 -48.52 61.02
CA GLY H 373 -34.57 -47.62 60.34
C GLY H 373 -34.37 -46.15 60.63
N ASN H 374 -33.33 -45.78 61.37
CA ASN H 374 -33.06 -44.38 61.70
C ASN H 374 -32.60 -43.65 60.44
N ALA H 375 -33.47 -42.79 59.89
CA ALA H 375 -33.16 -42.13 58.63
C ALA H 375 -32.03 -41.12 58.78
N GLU H 376 -32.00 -40.38 59.89
CA GLU H 376 -30.99 -39.35 60.09
C GLU H 376 -29.63 -39.93 60.48
N ALA H 377 -29.61 -41.11 61.09
CA ALA H 377 -28.36 -41.69 61.57
C ALA H 377 -27.43 -42.01 60.41
N ILE H 378 -27.95 -42.58 59.33
CA ILE H 378 -27.10 -42.92 58.20
C ILE H 378 -26.51 -41.67 57.56
N VAL H 379 -27.31 -40.60 57.45
CA VAL H 379 -26.82 -39.36 56.87
C VAL H 379 -25.71 -38.76 57.72
N LYS H 380 -25.94 -38.70 59.04
CA LYS H 380 -24.94 -38.10 59.93
C LYS H 380 -23.66 -38.91 59.93
N LEU H 381 -23.78 -40.24 59.99
CA LEU H 381 -22.59 -41.09 59.98
C LEU H 381 -21.86 -41.01 58.65
N THR H 382 -22.60 -40.91 57.54
CA THR H 382 -21.95 -40.76 56.24
C THR H 382 -21.13 -39.48 56.18
N GLU H 383 -21.70 -38.36 56.64
CA GLU H 383 -20.96 -37.11 56.63
C GLU H 383 -19.74 -37.19 57.54
N ASP H 384 -19.91 -37.74 58.75
CA ASP H 384 -18.80 -37.79 59.69
C ASP H 384 -17.67 -38.68 59.17
N THR H 385 -18.03 -39.82 58.58
CA THR H 385 -17.01 -40.71 58.02
C THR H 385 -16.34 -40.08 56.80
N GLY H 386 -17.09 -39.35 55.99
CA GLY H 386 -16.49 -38.63 54.89
C GLY H 386 -15.53 -37.55 55.35
N TYR H 387 -15.72 -37.04 56.56
CA TYR H 387 -14.77 -36.08 57.11
C TYR H 387 -13.98 -36.63 58.30
N ARG H 388 -14.17 -37.89 58.66
CA ARG H 388 -13.43 -38.54 59.75
C ARG H 388 -13.56 -37.74 61.05
N ARG H 389 -14.81 -37.62 61.51
CA ARG H 389 -15.14 -36.83 62.69
C ARG H 389 -15.65 -37.76 63.78
N GLY H 390 -14.84 -37.96 64.82
CA GLY H 390 -15.23 -38.78 65.95
C GLY H 390 -15.42 -40.24 65.63
N PHE H 391 -16.68 -40.70 65.68
CA PHE H 391 -16.98 -42.10 65.36
C PHE H 391 -16.63 -42.43 63.91
N GLY H 392 -16.58 -41.42 63.04
CA GLY H 392 -16.18 -41.64 61.67
C GLY H 392 -14.77 -42.19 61.54
N GLU H 393 -13.90 -41.87 62.49
CA GLU H 393 -12.55 -42.42 62.49
C GLU H 393 -12.55 -43.95 62.53
N GLU H 394 -13.57 -44.54 63.16
CA GLU H 394 -13.69 -45.99 63.16
C GLU H 394 -14.43 -46.48 61.91
N LEU H 395 -15.50 -45.78 61.51
CA LEU H 395 -16.24 -46.17 60.33
C LEU H 395 -15.44 -45.99 59.05
N ALA H 396 -14.35 -45.22 59.09
CA ALA H 396 -13.49 -45.08 57.93
C ALA H 396 -12.70 -46.33 57.63
N LEU H 397 -12.67 -47.31 58.53
CA LEU H 397 -11.96 -48.56 58.32
C LEU H 397 -12.83 -49.64 57.73
N GLY H 398 -14.11 -49.38 57.52
CA GLY H 398 -15.01 -50.36 56.93
C GLY H 398 -15.58 -51.33 57.95
N SER H 399 -16.48 -52.18 57.45
CA SER H 399 -17.23 -53.09 58.32
C SER H 399 -16.33 -54.17 58.91
N TYR H 400 -15.40 -54.72 58.12
CA TYR H 400 -14.55 -55.79 58.61
C TYR H 400 -13.69 -55.31 59.77
N ARG H 401 -12.99 -54.19 59.59
CA ARG H 401 -12.13 -53.68 60.65
C ARG H 401 -12.93 -53.15 61.82
N LEU H 402 -14.12 -52.57 61.56
CA LEU H 402 -14.97 -52.11 62.66
C LEU H 402 -15.40 -53.28 63.53
N GLY H 403 -15.82 -54.39 62.91
CA GLY H 403 -16.19 -55.56 63.68
C GLY H 403 -15.02 -56.21 64.38
N GLU H 404 -13.85 -56.23 63.71
CA GLU H 404 -12.67 -56.85 64.29
C GLU H 404 -12.20 -56.09 65.53
N LYS H 405 -12.28 -54.75 65.48
CA LYS H 405 -11.87 -53.96 66.64
C LYS H 405 -12.73 -54.26 67.86
N TYR H 406 -14.05 -54.40 67.66
CA TYR H 406 -14.97 -54.63 68.77
C TYR H 406 -15.10 -56.10 69.14
N GLY H 407 -14.20 -56.95 68.66
CA GLY H 407 -14.17 -58.35 69.06
C GLY H 407 -15.16 -59.25 68.38
N HIS H 408 -15.95 -58.73 67.43
CA HIS H 408 -16.95 -59.53 66.70
C HIS H 408 -16.79 -59.30 65.21
N PRO H 409 -15.72 -59.83 64.61
CA PRO H 409 -15.59 -59.73 63.15
C PRO H 409 -16.63 -60.56 62.40
N GLU H 410 -17.28 -61.53 63.06
CA GLU H 410 -18.24 -62.39 62.41
C GLU H 410 -19.53 -61.66 62.05
N LEU H 411 -19.74 -60.44 62.54
CA LEU H 411 -20.90 -59.64 62.15
C LEU H 411 -20.62 -58.76 60.95
N SER H 412 -19.41 -58.81 60.39
CA SER H 412 -19.05 -58.04 59.21
C SER H 412 -19.24 -58.93 57.99
N MET H 413 -20.32 -58.70 57.24
CA MET H 413 -20.61 -59.47 56.04
C MET H 413 -19.68 -59.00 54.93
N SER H 414 -18.51 -59.65 54.83
CA SER H 414 -17.52 -59.24 53.86
C SER H 414 -16.63 -60.43 53.49
N ALA H 415 -16.38 -60.62 52.21
CA ALA H 415 -15.43 -61.61 51.72
C ALA H 415 -14.18 -60.88 51.24
N LYS H 416 -13.01 -61.36 51.68
CA LYS H 416 -11.74 -60.71 51.40
C LYS H 416 -11.77 -59.24 51.80
N LYS H 417 -12.42 -58.97 52.94
CA LYS H 417 -12.51 -57.61 53.49
C LYS H 417 -13.20 -56.65 52.54
N GLN H 418 -14.21 -57.14 51.83
CA GLN H 418 -15.09 -56.29 51.03
C GLN H 418 -16.52 -56.79 51.17
N GLU H 419 -17.44 -55.86 51.41
CA GLU H 419 -18.77 -56.20 51.88
C GLU H 419 -19.62 -56.81 50.76
N MET H 420 -20.62 -57.58 51.17
CA MET H 420 -21.49 -58.29 50.24
C MET H 420 -22.50 -57.32 49.62
N PRO H 421 -22.57 -57.22 48.29
CA PRO H 421 -23.43 -56.24 47.59
C PRO H 421 -24.86 -56.65 47.27
N ALA H 422 -25.73 -56.60 48.27
CA ALA H 422 -27.18 -56.55 48.11
C ALA H 422 -27.79 -57.84 47.56
N TYR H 423 -27.10 -58.97 47.65
CA TYR H 423 -27.69 -60.26 47.32
C TYR H 423 -27.34 -61.26 48.39
N ASP H 424 -28.34 -62.01 48.85
CA ASP H 424 -28.13 -62.96 49.94
C ASP H 424 -27.59 -64.27 49.39
N PRO H 425 -26.39 -64.70 49.79
CA PRO H 425 -25.86 -65.98 49.31
C PRO H 425 -26.71 -67.17 49.72
N ARG H 426 -27.41 -67.09 50.85
CA ARG H 426 -28.25 -68.20 51.28
C ARG H 426 -29.38 -68.45 50.28
N ALA H 427 -30.00 -67.37 49.78
CA ALA H 427 -31.07 -67.53 48.81
C ALA H 427 -30.55 -67.90 47.43
N LEU H 428 -29.36 -67.44 47.06
CA LEU H 428 -28.79 -67.67 45.74
C LEU H 428 -27.42 -68.32 45.90
N GLN H 429 -27.34 -69.62 45.63
CA GLN H 429 -26.08 -70.34 45.83
C GLN H 429 -24.99 -69.85 44.89
N GLY H 430 -25.33 -69.61 43.62
CA GLY H 430 -24.34 -69.12 42.69
C GLY H 430 -23.78 -67.76 43.08
N MET H 431 -24.64 -66.90 43.64
CA MET H 431 -24.17 -65.62 44.13
C MET H 431 -23.18 -65.80 45.26
N GLY H 432 -23.42 -66.77 46.15
CA GLY H 432 -22.46 -67.06 47.20
C GLY H 432 -21.14 -67.57 46.67
N LEU H 433 -21.19 -68.45 45.66
CA LEU H 433 -19.96 -68.91 45.04
C LEU H 433 -19.20 -67.76 44.40
N GLU H 434 -19.91 -66.86 43.72
CA GLU H 434 -19.27 -65.69 43.14
C GLU H 434 -18.63 -64.81 44.20
N TYR H 435 -19.32 -64.60 45.32
CA TYR H 435 -18.74 -63.84 46.42
C TYR H 435 -17.47 -64.50 46.94
N ALA H 436 -17.50 -65.82 47.07
CA ALA H 436 -16.33 -66.53 47.59
C ALA H 436 -15.14 -66.44 46.64
N THR H 437 -15.36 -66.63 45.34
CA THR H 437 -14.26 -66.76 44.40
C THR H 437 -13.95 -65.48 43.63
N SER H 438 -14.61 -64.36 43.95
CA SER H 438 -14.32 -63.11 43.26
C SER H 438 -12.91 -62.65 43.59
N ASN H 439 -12.29 -61.96 42.62
CA ASN H 439 -10.87 -61.65 42.68
C ASN H 439 -10.58 -60.28 43.31
N ARG H 440 -11.60 -59.60 43.85
CA ARG H 440 -11.35 -58.38 44.60
C ARG H 440 -12.24 -58.25 45.83
N GLY H 441 -12.81 -59.35 46.32
CA GLY H 441 -13.61 -59.33 47.52
C GLY H 441 -15.04 -59.74 47.25
N GLY H 442 -15.96 -59.18 48.05
CA GLY H 442 -17.37 -59.48 47.89
C GLY H 442 -17.99 -58.70 46.75
N CYS H 443 -17.74 -59.13 45.51
CA CYS H 443 -18.21 -58.42 44.33
C CYS H 443 -19.24 -59.27 43.60
N HIS H 444 -20.36 -58.65 43.25
CA HIS H 444 -21.45 -59.33 42.57
C HIS H 444 -21.39 -59.19 41.05
N VAL H 445 -20.51 -58.36 40.52
CA VAL H 445 -20.49 -58.11 39.08
C VAL H 445 -19.25 -58.64 38.39
N ARG H 446 -18.27 -59.16 39.14
CA ARG H 446 -17.21 -59.93 38.49
C ARG H 446 -17.79 -61.13 37.77
N GLY H 447 -18.75 -61.79 38.39
CA GLY H 447 -19.69 -62.64 37.70
C GLY H 447 -21.09 -62.37 38.21
N TYR H 448 -21.99 -61.87 37.36
CA TYR H 448 -23.33 -61.49 37.80
C TYR H 448 -24.25 -62.68 37.61
N LEU H 449 -24.27 -63.57 38.61
CA LEU H 449 -25.13 -64.74 38.55
C LEU H 449 -26.56 -64.46 38.98
N THR H 450 -26.85 -63.26 39.45
CA THR H 450 -28.23 -62.88 39.69
C THR H 450 -29.06 -62.87 38.40
N SER H 451 -28.42 -62.60 37.27
CA SER H 451 -29.15 -62.55 36.00
C SER H 451 -29.79 -63.89 35.65
N PRO H 452 -29.07 -65.03 35.60
CA PRO H 452 -29.76 -66.29 35.28
C PRO H 452 -30.56 -66.84 36.44
N GLU H 453 -30.10 -66.59 37.67
CA GLU H 453 -30.76 -67.17 38.83
C GLU H 453 -32.10 -66.49 39.13
N VAL H 454 -32.25 -65.22 38.77
CA VAL H 454 -33.48 -64.49 39.05
C VAL H 454 -34.07 -63.99 37.74
N LEU H 455 -33.33 -63.17 37.01
CA LEU H 455 -33.84 -62.63 35.75
C LEU H 455 -33.93 -63.70 34.67
N GLY H 456 -33.01 -64.66 34.67
CA GLY H 456 -33.01 -65.72 33.69
C GLY H 456 -32.77 -65.22 32.27
N ILE H 457 -31.79 -64.35 32.10
CA ILE H 457 -31.52 -63.75 30.79
C ILE H 457 -30.96 -64.80 29.84
N PRO H 458 -29.80 -65.44 30.11
CA PRO H 458 -29.34 -66.50 29.21
C PRO H 458 -30.23 -67.73 29.31
N GLU H 459 -30.38 -68.22 30.55
CA GLU H 459 -31.23 -69.36 30.87
C GLU H 459 -31.79 -69.15 32.27
N LYS H 460 -32.90 -69.83 32.56
CA LYS H 460 -33.52 -69.76 33.86
C LYS H 460 -32.94 -70.87 34.75
N LEU H 461 -32.41 -70.46 35.90
CA LEU H 461 -31.79 -71.39 36.85
C LEU H 461 -32.53 -71.33 38.18
N ASP H 462 -32.71 -72.50 38.79
CA ASP H 462 -33.32 -72.55 40.12
C ASP H 462 -32.36 -71.95 41.13
N PRO H 463 -32.79 -70.99 41.95
CA PRO H 463 -31.89 -70.40 42.94
C PRO H 463 -31.36 -71.41 43.96
N THR H 464 -32.08 -72.50 44.20
CA THR H 464 -31.62 -73.53 45.13
C THR H 464 -30.75 -74.59 44.47
N ASP H 465 -30.73 -74.65 43.13
CA ASP H 465 -29.92 -75.65 42.44
C ASP H 465 -28.44 -75.32 42.56
N ILE H 466 -27.63 -76.35 42.75
CA ILE H 466 -26.18 -76.21 42.85
C ILE H 466 -25.42 -77.08 41.86
N ALA H 467 -26.12 -77.84 41.01
CA ALA H 467 -25.44 -78.80 40.14
C ALA H 467 -24.62 -78.09 39.07
N SER H 468 -25.22 -77.12 38.38
CA SER H 468 -24.58 -76.45 37.25
C SER H 468 -24.04 -75.07 37.62
N LYS H 469 -24.06 -74.71 38.90
CA LYS H 469 -23.61 -73.38 39.31
C LYS H 469 -22.14 -73.10 39.00
N PRO H 470 -21.18 -74.00 39.25
CA PRO H 470 -19.78 -73.66 38.93
C PRO H 470 -19.53 -73.34 37.47
N GLN H 471 -20.16 -74.08 36.55
CA GLN H 471 -19.93 -73.83 35.13
C GLN H 471 -20.48 -72.46 34.72
N TRP H 472 -21.69 -72.13 35.16
CA TRP H 472 -22.26 -70.82 34.85
C TRP H 472 -21.45 -69.72 35.51
N THR H 473 -20.93 -69.96 36.72
CA THR H 473 -20.09 -68.97 37.39
C THR H 473 -18.83 -68.69 36.57
N LYS H 474 -18.17 -69.75 36.10
CA LYS H 474 -16.96 -69.57 35.30
C LYS H 474 -17.27 -68.87 33.98
N THR H 475 -18.35 -69.27 33.31
CA THR H 475 -18.72 -68.65 32.05
C THR H 475 -19.01 -67.17 32.23
N PHE H 476 -19.81 -66.83 33.25
CA PHE H 476 -20.14 -65.44 33.52
C PHE H 476 -18.92 -64.63 33.90
N GLN H 477 -18.01 -65.21 34.67
CA GLN H 477 -16.81 -64.46 35.12
C GLN H 477 -15.92 -64.18 33.91
N ASP H 478 -15.73 -65.16 33.01
CA ASP H 478 -14.97 -64.91 31.80
C ASP H 478 -15.63 -63.87 30.91
N LEU H 479 -16.94 -64.02 30.72
CA LEU H 479 -17.69 -63.05 29.86
C LEU H 479 -17.49 -61.65 30.42
N THR H 480 -17.88 -61.42 31.67
CA THR H 480 -17.69 -60.09 32.31
C THR H 480 -16.26 -59.61 32.09
N ALA H 481 -15.25 -60.41 32.46
CA ALA H 481 -13.89 -59.93 32.32
C ALA H 481 -13.62 -59.43 30.91
N ALA H 482 -14.07 -60.16 29.90
CA ALA H 482 -13.89 -59.72 28.52
C ALA H 482 -14.65 -58.42 28.24
N VAL H 483 -15.89 -58.32 28.73
CA VAL H 483 -16.69 -57.13 28.50
C VAL H 483 -16.05 -55.91 29.15
N ASP H 484 -15.57 -56.07 30.39
CA ASP H 484 -14.87 -54.98 31.07
C ASP H 484 -13.63 -54.57 30.31
N SER H 485 -12.86 -55.53 29.82
CA SER H 485 -11.63 -55.20 29.10
C SER H 485 -11.92 -54.54 27.76
N LEU H 486 -13.06 -54.84 27.15
CA LEU H 486 -13.41 -54.18 25.90
C LEU H 486 -13.90 -52.75 26.14
N GLY H 487 -14.69 -52.53 27.19
CA GLY H 487 -15.19 -51.21 27.47
C GLY H 487 -16.68 -51.06 27.19
N PHE H 488 -17.45 -52.10 27.47
CA PHE H 488 -18.88 -52.10 27.22
C PHE H 488 -19.67 -52.02 28.52
N CYS H 489 -20.86 -51.42 28.44
CA CYS H 489 -21.83 -51.58 29.51
C CYS H 489 -22.09 -53.06 29.70
N LEU H 490 -21.69 -53.58 30.85
CA LEU H 490 -21.95 -54.97 31.20
C LEU H 490 -23.45 -55.24 31.30
N PHE H 491 -24.26 -54.19 31.40
CA PHE H 491 -25.70 -54.29 31.20
C PHE H 491 -26.06 -54.71 29.78
N LEU H 492 -25.14 -54.61 28.82
CA LEU H 492 -25.37 -55.18 27.49
C LEU H 492 -25.57 -56.68 27.56
N THR H 493 -24.98 -57.34 28.57
CA THR H 493 -25.18 -58.77 28.75
C THR H 493 -26.63 -59.13 29.05
N PHE H 494 -27.45 -58.15 29.45
CA PHE H 494 -28.87 -58.41 29.63
C PHE H 494 -29.61 -58.55 28.30
N ALA H 495 -29.02 -58.08 27.21
CA ALA H 495 -29.65 -58.16 25.89
C ALA H 495 -28.75 -58.71 24.80
N LEU H 496 -27.43 -58.70 24.97
CA LEU H 496 -26.50 -59.17 23.96
C LEU H 496 -25.64 -60.30 24.53
N ASP H 497 -25.23 -61.20 23.64
CA ASP H 497 -24.26 -62.23 23.98
C ASP H 497 -22.88 -61.79 23.50
N ALA H 498 -21.89 -62.66 23.69
CA ALA H 498 -20.53 -62.35 23.26
C ALA H 498 -20.41 -62.25 21.75
N GLY H 499 -21.30 -62.91 21.01
CA GLY H 499 -21.20 -62.88 19.55
C GLY H 499 -21.40 -61.48 18.99
N ASP H 500 -22.43 -60.78 19.46
CA ASP H 500 -22.69 -59.42 18.96
C ASP H 500 -21.60 -58.46 19.40
N LEU H 501 -21.10 -58.63 20.62
CA LEU H 501 -20.00 -57.78 21.09
C LEU H 501 -18.77 -57.96 20.23
N ALA H 502 -18.44 -59.22 19.90
CA ALA H 502 -17.29 -59.46 19.01
C ALA H 502 -17.57 -58.93 17.60
N ALA H 503 -18.82 -59.04 17.13
CA ALA H 503 -19.16 -58.51 15.82
C ALA H 503 -19.03 -57.00 15.76
N GLN H 504 -19.24 -56.32 16.90
CA GLN H 504 -18.97 -54.88 16.95
C GLN H 504 -17.47 -54.60 17.06
N VAL H 505 -16.75 -55.40 17.85
CA VAL H 505 -15.34 -55.11 18.13
C VAL H 505 -14.48 -55.32 16.89
N ALA H 506 -14.76 -56.38 16.11
CA ALA H 506 -13.88 -56.75 15.01
C ALA H 506 -13.70 -55.63 13.98
N PRO H 507 -14.75 -54.99 13.47
CA PRO H 507 -14.52 -53.87 12.54
C PRO H 507 -13.86 -52.66 13.21
N ILE H 508 -14.03 -52.49 14.52
CA ILE H 508 -13.45 -51.33 15.19
C ILE H 508 -11.93 -51.44 15.24
N ILE H 509 -11.42 -52.59 15.65
CA ILE H 509 -9.98 -52.74 15.84
C ILE H 509 -9.26 -53.29 14.61
N GLY H 510 -9.96 -53.99 13.72
CA GLY H 510 -9.38 -54.43 12.48
C GLY H 510 -8.73 -55.80 12.51
N ARG H 511 -9.35 -56.75 13.20
CA ARG H 511 -8.89 -58.12 13.21
C ARG H 511 -10.04 -59.04 13.55
N GLU H 512 -9.88 -60.32 13.22
CA GLU H 512 -10.93 -61.30 13.45
C GLU H 512 -11.06 -61.59 14.95
N VAL H 513 -12.19 -61.24 15.53
CA VAL H 513 -12.47 -61.46 16.94
C VAL H 513 -13.76 -62.27 17.05
N THR H 514 -13.70 -63.38 17.78
CA THR H 514 -14.84 -64.26 17.98
C THR H 514 -15.19 -64.33 19.46
N ALA H 515 -16.34 -64.96 19.74
CA ALA H 515 -16.78 -65.11 21.12
C ALA H 515 -15.83 -66.00 21.91
N GLU H 516 -15.30 -67.04 21.28
CA GLU H 516 -14.36 -67.94 21.96
C GLU H 516 -13.09 -67.20 22.37
N GLU H 517 -12.58 -66.33 21.50
CA GLU H 517 -11.41 -65.54 21.86
C GLU H 517 -11.71 -64.59 23.01
N LEU H 518 -12.91 -64.01 23.03
CA LEU H 518 -13.29 -63.16 24.15
C LEU H 518 -13.34 -63.94 25.46
N LEU H 519 -13.91 -65.15 25.42
CA LEU H 519 -13.96 -65.97 26.63
C LEU H 519 -12.56 -66.38 27.08
N LEU H 520 -11.69 -66.71 26.13
CA LEU H 520 -10.31 -67.04 26.48
C LEU H 520 -9.60 -65.86 27.10
N ALA H 521 -9.79 -64.65 26.55
CA ALA H 521 -9.18 -63.47 27.14
C ALA H 521 -9.73 -63.21 28.53
N GLY H 522 -11.03 -63.39 28.73
CA GLY H 522 -11.60 -63.21 30.05
C GLY H 522 -11.03 -64.18 31.07
N GLU H 523 -10.88 -65.46 30.67
CA GLU H 523 -10.29 -66.45 31.56
C GLU H 523 -8.84 -66.10 31.88
N ARG H 524 -8.09 -65.64 30.87
CA ARG H 524 -6.71 -65.24 31.10
C ARG H 524 -6.63 -64.06 32.07
N ILE H 525 -7.52 -63.08 31.92
CA ILE H 525 -7.53 -61.94 32.82
C ILE H 525 -7.87 -62.37 34.24
N TRP H 526 -8.87 -63.24 34.39
CA TRP H 526 -9.24 -63.72 35.72
C TRP H 526 -8.10 -64.47 36.38
N ASN H 527 -7.41 -65.32 35.62
CA ASN H 527 -6.28 -66.05 36.19
C ASN H 527 -5.11 -65.13 36.51
N LEU H 528 -4.90 -64.08 35.71
CA LEU H 528 -3.88 -63.09 36.05
C LEU H 528 -4.20 -62.40 37.36
N GLU H 529 -5.46 -62.00 37.55
CA GLU H 529 -5.87 -61.40 38.82
C GLU H 529 -5.69 -62.37 39.97
N ARG H 530 -6.03 -63.65 39.76
CA ARG H 530 -5.86 -64.65 40.79
C ARG H 530 -4.40 -64.83 41.17
N LEU H 531 -3.51 -64.86 40.18
CA LEU H 531 -2.08 -64.96 40.46
C LEU H 531 -1.58 -63.75 41.24
N PHE H 532 -2.04 -62.55 40.85
CA PHE H 532 -1.62 -61.36 41.58
C PHE H 532 -2.10 -61.42 43.03
N ASN H 533 -3.34 -61.83 43.26
CA ASN H 533 -3.86 -61.92 44.62
C ASN H 533 -3.11 -62.97 45.43
N LEU H 534 -2.81 -64.13 44.82
CA LEU H 534 -2.09 -65.18 45.54
C LEU H 534 -0.67 -64.73 45.90
N LYS H 535 0.02 -64.06 44.97
CA LYS H 535 1.35 -63.56 45.28
C LYS H 535 1.31 -62.44 46.31
N ALA H 536 0.23 -61.66 46.34
CA ALA H 536 0.11 -60.55 47.28
C ALA H 536 -0.07 -61.01 48.72
N GLY H 537 -0.37 -62.29 48.95
CA GLY H 537 -0.60 -62.80 50.28
C GLY H 537 -2.04 -63.16 50.60
N ILE H 538 -2.93 -63.11 49.62
CA ILE H 538 -4.32 -63.50 49.84
C ILE H 538 -4.39 -65.02 49.78
N SER H 539 -4.64 -65.66 50.92
CA SER H 539 -4.69 -67.11 50.97
C SER H 539 -5.95 -67.62 50.27
N PRO H 540 -5.87 -68.80 49.65
CA PRO H 540 -7.08 -69.40 49.06
C PRO H 540 -8.15 -69.74 50.09
N LYS H 541 -7.79 -69.82 51.37
CA LYS H 541 -8.77 -70.05 52.42
C LYS H 541 -9.84 -68.96 52.44
N GLU H 542 -9.47 -67.73 52.09
CA GLU H 542 -10.40 -66.60 52.13
C GLU H 542 -11.54 -66.72 51.14
N ASP H 543 -11.61 -67.79 50.35
CA ASP H 543 -12.71 -68.01 49.41
C ASP H 543 -13.90 -68.64 50.14
N THR H 544 -14.38 -67.93 51.16
CA THR H 544 -15.47 -68.40 52.00
C THR H 544 -16.43 -67.26 52.25
N LEU H 545 -17.37 -67.47 53.16
CA LEU H 545 -18.41 -66.52 53.50
C LEU H 545 -18.47 -66.39 55.01
N PRO H 546 -19.07 -65.31 55.53
CA PRO H 546 -19.23 -65.18 56.97
C PRO H 546 -20.03 -66.34 57.52
N PRO H 547 -19.75 -66.77 58.76
CA PRO H 547 -20.42 -67.96 59.31
C PRO H 547 -21.93 -67.83 59.37
N ARG H 548 -22.46 -66.60 59.44
CA ARG H 548 -23.91 -66.43 59.39
C ARG H 548 -24.48 -66.92 58.06
N LEU H 549 -23.78 -66.63 56.95
CA LEU H 549 -24.25 -67.05 55.64
C LEU H 549 -24.09 -68.53 55.40
N LEU H 550 -23.33 -69.24 56.24
CA LEU H 550 -23.10 -70.66 56.06
C LEU H 550 -23.74 -71.53 57.13
N ASN H 551 -24.28 -70.95 58.20
CA ASN H 551 -24.88 -71.72 59.28
C ASN H 551 -26.26 -71.25 59.71
N GLU H 552 -26.65 -70.02 59.42
CA GLU H 552 -27.93 -69.50 59.88
C GLU H 552 -28.93 -69.50 58.73
N PRO H 553 -29.96 -70.32 58.77
CA PRO H 553 -30.97 -70.30 57.70
C PRO H 553 -31.77 -69.01 57.71
N ILE H 554 -32.40 -68.73 56.57
CA ILE H 554 -33.22 -67.52 56.45
C ILE H 554 -34.41 -67.61 57.39
N PRO H 555 -34.63 -66.62 58.25
CA PRO H 555 -35.74 -66.74 59.21
C PRO H 555 -37.12 -66.61 58.58
N ALA H 556 -37.29 -65.70 57.64
CA ALA H 556 -38.60 -65.49 57.02
C ALA H 556 -38.40 -65.07 55.57
N GLY H 557 -39.38 -65.40 54.73
CA GLY H 557 -39.33 -65.06 53.33
C GLY H 557 -39.63 -66.25 52.44
N PRO H 558 -39.78 -66.02 51.14
CA PRO H 558 -40.01 -67.13 50.21
C PRO H 558 -38.87 -68.14 50.16
N SER H 559 -37.66 -67.74 50.56
CA SER H 559 -36.51 -68.64 50.63
C SER H 559 -36.20 -69.05 52.06
N LYS H 560 -37.24 -69.24 52.87
CA LYS H 560 -37.04 -69.59 54.28
C LYS H 560 -36.38 -70.96 54.40
N GLY H 561 -35.43 -71.06 55.33
CA GLY H 561 -34.72 -72.30 55.55
C GLY H 561 -33.60 -72.58 54.57
N ARG H 562 -33.17 -71.59 53.79
CA ARG H 562 -32.11 -71.79 52.82
C ARG H 562 -30.76 -71.38 53.41
N VAL H 563 -29.75 -72.21 53.17
CA VAL H 563 -28.39 -71.94 53.59
C VAL H 563 -27.48 -72.09 52.37
N ASN H 564 -26.31 -71.46 52.45
CA ASN H 564 -25.37 -71.48 51.34
C ASN H 564 -24.48 -72.72 51.44
N LYS H 565 -24.40 -73.46 50.34
CA LYS H 565 -23.63 -74.71 50.26
C LYS H 565 -22.31 -74.51 49.52
N LEU H 566 -21.63 -73.40 49.79
CA LEU H 566 -20.37 -73.08 49.12
C LEU H 566 -19.36 -74.20 49.25
N HIS H 567 -19.40 -74.97 50.33
CA HIS H 567 -18.48 -76.10 50.48
C HIS H 567 -18.75 -77.18 49.45
N GLU H 568 -19.96 -77.26 48.92
CA GLU H 568 -20.32 -78.25 47.92
C GLU H 568 -20.13 -77.75 46.49
N MET H 569 -19.78 -76.48 46.29
CA MET H 569 -19.55 -75.93 44.98
C MET H 569 -18.14 -75.44 44.74
N LEU H 570 -17.41 -75.07 45.78
CA LEU H 570 -16.05 -74.54 45.61
C LEU H 570 -15.10 -75.54 44.96
N PRO H 571 -15.04 -76.82 45.37
CA PRO H 571 -14.13 -77.75 44.67
C PRO H 571 -14.45 -77.94 43.21
N LYS H 572 -15.73 -78.10 42.87
CA LYS H 572 -16.12 -78.26 41.47
C LYS H 572 -15.74 -77.03 40.66
N TYR H 573 -15.97 -75.84 41.21
CA TYR H 573 -15.53 -74.62 40.57
C TYR H 573 -14.01 -74.60 40.40
N TYR H 574 -13.28 -75.01 41.45
CA TYR H 574 -11.82 -75.04 41.39
C TYR H 574 -11.34 -75.94 40.25
N GLU H 575 -11.96 -77.10 40.08
CA GLU H 575 -11.52 -78.03 39.03
C GLU H 575 -11.94 -77.54 37.65
N LEU H 576 -13.15 -77.00 37.52
CA LEU H 576 -13.59 -76.46 36.24
C LEU H 576 -12.71 -75.29 35.81
N ARG H 577 -12.26 -74.48 36.78
CA ARG H 577 -11.42 -73.34 36.47
C ARG H 577 -10.02 -73.73 36.02
N GLY H 578 -9.66 -75.01 36.14
CA GLY H 578 -8.30 -75.45 35.87
C GLY H 578 -7.36 -75.33 37.05
N TRP H 579 -7.85 -74.89 38.19
CA TRP H 579 -7.04 -74.77 39.40
C TRP H 579 -7.02 -76.10 40.15
N GLY H 580 -6.11 -76.20 41.11
CA GLY H 580 -6.01 -77.39 41.92
C GLY H 580 -7.10 -77.45 42.98
N LYS H 581 -7.06 -78.53 43.76
CA LYS H 581 -8.02 -78.69 44.86
C LYS H 581 -7.80 -77.67 45.96
N ASN H 582 -6.63 -77.04 46.00
CA ASN H 582 -6.33 -76.02 47.00
C ASN H 582 -6.73 -74.61 46.55
N GLY H 583 -7.17 -74.45 45.31
CA GLY H 583 -7.54 -73.13 44.82
C GLY H 583 -6.44 -72.37 44.12
N ILE H 584 -5.35 -73.03 43.74
CA ILE H 584 -4.22 -72.37 43.08
C ILE H 584 -4.15 -72.86 41.64
N PRO H 585 -3.94 -71.98 40.67
CA PRO H 585 -3.88 -72.43 39.27
C PRO H 585 -2.76 -73.43 39.03
N THR H 586 -3.02 -74.38 38.16
CA THR H 586 -2.05 -75.40 37.78
C THR H 586 -1.16 -74.89 36.67
N LYS H 587 0.01 -75.52 36.54
CA LYS H 587 0.98 -75.10 35.53
C LYS H 587 0.44 -75.31 34.11
N GLU H 588 -0.27 -76.41 33.89
CA GLU H 588 -0.80 -76.69 32.56
C GLU H 588 -1.83 -75.65 32.14
N ARG H 589 -2.72 -75.26 33.06
CA ARG H 589 -3.71 -74.23 32.75
C ARG H 589 -3.05 -72.90 32.43
N LEU H 590 -2.05 -72.51 33.23
CA LEU H 590 -1.33 -71.27 32.95
C LEU H 590 -0.56 -71.35 31.63
N GLU H 591 -0.14 -72.56 31.23
CA GLU H 591 0.49 -72.73 29.93
C GLU H 591 -0.53 -72.56 28.81
N SER H 592 -1.76 -73.04 29.02
CA SER H 592 -2.80 -72.88 28.02
C SER H 592 -3.23 -71.42 27.89
N LEU H 593 -3.20 -70.67 28.98
CA LEU H 593 -3.61 -69.27 28.98
C LEU H 593 -2.45 -68.31 28.74
N GLY H 594 -1.25 -68.82 28.49
CA GLY H 594 -0.10 -67.97 28.25
C GLY H 594 0.34 -67.15 29.45
N LEU H 595 0.23 -67.72 30.65
CA LEU H 595 0.63 -67.02 31.87
C LEU H 595 1.81 -67.69 32.57
N LEU H 596 2.59 -68.47 31.83
CA LEU H 596 3.75 -69.14 32.44
C LEU H 596 4.78 -68.13 32.94
N ASP H 597 5.02 -67.07 32.17
CA ASP H 597 5.99 -66.06 32.60
C ASP H 597 5.53 -65.33 33.86
N ILE H 598 4.23 -65.09 33.99
CA ILE H 598 3.72 -64.42 35.19
C ILE H 598 3.97 -65.27 36.42
N ALA H 599 3.67 -66.57 36.34
CA ALA H 599 3.92 -67.46 37.47
C ALA H 599 5.41 -67.62 37.74
N ALA H 600 6.23 -67.64 36.69
CA ALA H 600 7.67 -67.74 36.86
C ALA H 600 8.22 -66.52 37.60
N LYS H 601 7.76 -65.32 37.22
CA LYS H 601 8.15 -64.12 37.94
C LYS H 601 7.66 -64.15 39.38
N TYR H 602 6.43 -64.59 39.59
CA TYR H 602 5.89 -64.72 40.95
C TYR H 602 6.37 -65.98 41.66
N SER H 603 7.08 -66.86 40.96
CA SER H 603 7.60 -68.11 41.54
C SER H 603 6.49 -68.94 42.16
N LEU H 604 5.34 -68.98 41.49
CA LEU H 604 4.19 -69.73 41.97
C LEU H 604 3.92 -70.95 41.10
N MET I 1 -37.86 -26.82 0.47
CA MET I 1 -37.91 -27.45 1.78
C MET I 1 -38.89 -28.63 1.78
N GLU I 2 -38.39 -29.81 2.12
CA GLU I 2 -39.22 -30.99 2.28
C GLU I 2 -39.23 -31.49 3.72
N LYS I 3 -38.05 -31.75 4.28
CA LYS I 3 -37.91 -32.31 5.61
C LYS I 3 -37.00 -31.42 6.44
N VAL I 4 -37.28 -31.34 7.75
CA VAL I 4 -36.53 -30.49 8.66
C VAL I 4 -36.12 -31.30 9.87
N LEU I 5 -35.12 -30.80 10.58
CA LEU I 5 -34.59 -31.44 11.78
C LEU I 5 -35.19 -30.76 13.01
N VAL I 6 -35.79 -31.55 13.89
CA VAL I 6 -36.50 -31.05 15.06
C VAL I 6 -35.76 -31.51 16.31
N ILE I 7 -35.41 -30.55 17.17
CA ILE I 7 -34.69 -30.83 18.40
C ILE I 7 -35.66 -30.77 19.56
N SER I 8 -35.61 -31.78 20.43
CA SER I 8 -36.50 -31.89 21.59
C SER I 8 -35.63 -32.06 22.84
N PRO I 9 -35.14 -30.96 23.41
CA PRO I 9 -34.19 -31.07 24.53
C PRO I 9 -34.75 -31.80 25.74
N GLU I 10 -36.07 -31.81 25.93
CA GLU I 10 -36.66 -32.49 27.08
C GLU I 10 -36.51 -34.01 27.02
N LYS I 11 -36.11 -34.55 25.86
CA LYS I 11 -35.94 -35.99 25.71
C LYS I 11 -34.48 -36.42 25.73
N CYS I 12 -33.55 -35.51 25.49
CA CYS I 12 -32.15 -35.88 25.35
C CYS I 12 -31.60 -36.43 26.67
N VAL I 13 -30.79 -37.47 26.57
CA VAL I 13 -30.17 -38.10 27.73
C VAL I 13 -28.67 -37.86 27.81
N GLY I 14 -28.07 -37.26 26.79
CA GLY I 14 -26.66 -36.90 26.85
C GLY I 14 -25.70 -38.00 26.49
N CYS I 15 -26.15 -39.03 25.77
CA CYS I 15 -25.26 -40.11 25.40
C CYS I 15 -24.20 -39.68 24.40
N GLY I 16 -24.43 -38.59 23.67
CA GLY I 16 -23.46 -38.13 22.69
C GLY I 16 -23.41 -38.94 21.42
N SER I 17 -24.37 -39.84 21.22
CA SER I 17 -24.38 -40.67 20.01
C SER I 17 -24.58 -39.84 18.76
N CYS I 18 -25.25 -38.69 18.88
CA CYS I 18 -25.43 -37.82 17.72
C CYS I 18 -24.09 -37.27 17.23
N GLU I 19 -23.25 -36.80 18.15
CA GLU I 19 -21.94 -36.30 17.76
C GLU I 19 -21.10 -37.40 17.13
N LEU I 20 -21.13 -38.60 17.72
CA LEU I 20 -20.36 -39.72 17.20
C LEU I 20 -20.83 -40.11 15.81
N ALA I 21 -22.15 -40.17 15.59
CA ALA I 21 -22.68 -40.53 14.28
C ALA I 21 -22.32 -39.48 13.24
N CYS I 22 -22.49 -38.20 13.59
CA CYS I 22 -22.18 -37.14 12.63
C CYS I 22 -20.70 -37.14 12.28
N SER I 23 -19.83 -37.30 13.28
CA SER I 23 -18.40 -37.31 13.03
C SER I 23 -17.98 -38.55 12.24
N LEU I 24 -18.61 -39.69 12.51
CA LEU I 24 -18.30 -40.89 11.75
C LEU I 24 -18.71 -40.73 10.28
N GLU I 25 -19.88 -40.13 10.04
CA GLU I 25 -20.33 -39.91 8.67
C GLU I 25 -19.45 -38.89 7.94
N LYS I 26 -19.04 -37.81 8.62
CA LYS I 26 -18.37 -36.71 7.94
C LYS I 26 -16.86 -36.89 7.85
N GLU I 27 -16.21 -37.30 8.94
CA GLU I 27 -14.75 -37.35 9.00
C GLU I 27 -14.18 -38.75 8.82
N GLY I 28 -15.00 -39.79 8.89
CA GLY I 28 -14.50 -41.14 8.84
C GLY I 28 -13.96 -41.66 10.15
N GLU I 29 -14.23 -40.98 11.26
CA GLU I 29 -13.74 -41.40 12.57
C GLU I 29 -14.68 -40.83 13.63
N CYS I 30 -14.59 -41.38 14.84
CA CYS I 30 -15.38 -40.91 15.96
C CYS I 30 -14.66 -39.70 16.57
N ARG I 31 -14.97 -38.51 16.06
CA ARG I 31 -14.32 -37.27 16.45
C ARG I 31 -15.39 -36.24 16.77
N PRO I 32 -15.93 -36.25 18.00
CA PRO I 32 -17.07 -35.37 18.32
C PRO I 32 -16.75 -33.89 18.18
N SER I 33 -15.47 -33.50 18.20
CA SER I 33 -15.14 -32.09 18.04
C SER I 33 -15.51 -31.57 16.65
N LEU I 34 -15.38 -32.41 15.62
CA LEU I 34 -15.69 -32.03 14.26
C LEU I 34 -17.13 -32.34 13.86
N ALA I 35 -17.95 -32.82 14.80
CA ALA I 35 -19.35 -33.09 14.51
C ALA I 35 -20.11 -31.78 14.32
N ARG I 36 -21.19 -31.86 13.53
CA ARG I 36 -22.03 -30.71 13.25
C ARG I 36 -23.14 -30.54 14.28
N VAL I 37 -23.29 -31.48 15.21
CA VAL I 37 -24.24 -31.38 16.31
C VAL I 37 -23.46 -31.56 17.60
N THR I 38 -23.72 -30.68 18.58
CA THR I 38 -23.07 -30.74 19.87
C THR I 38 -24.14 -30.81 20.95
N VAL I 39 -24.01 -31.76 21.86
CA VAL I 39 -24.94 -31.91 22.98
C VAL I 39 -24.28 -31.37 24.23
N TYR I 40 -24.94 -30.40 24.87
CA TYR I 40 -24.46 -29.80 26.10
C TYR I 40 -25.27 -30.31 27.27
N ARG I 41 -24.58 -30.62 28.37
CA ARG I 41 -25.21 -31.21 29.55
C ARG I 41 -25.16 -30.21 30.69
N PHE I 42 -26.32 -29.85 31.21
CA PHE I 42 -26.45 -28.88 32.29
C PHE I 42 -26.94 -29.58 33.55
N GLU I 43 -26.89 -28.87 34.66
CA GLU I 43 -27.33 -29.43 35.94
C GLU I 43 -28.79 -29.85 35.88
N ALA I 44 -29.17 -30.71 36.83
CA ALA I 44 -30.50 -31.35 36.88
C ALA I 44 -30.75 -32.22 35.66
N GLY I 45 -29.70 -32.71 35.01
CA GLY I 45 -29.83 -33.58 33.85
C GLY I 45 -30.54 -32.95 32.68
N ALA I 46 -30.25 -31.68 32.41
CA ALA I 46 -30.82 -30.96 31.28
C ALA I 46 -29.83 -31.01 30.12
N ASN I 47 -30.16 -31.78 29.09
CA ASN I 47 -29.28 -31.97 27.94
C ASN I 47 -29.89 -31.29 26.73
N VAL I 48 -29.08 -30.49 26.03
CA VAL I 48 -29.55 -29.76 24.86
C VAL I 48 -28.68 -30.12 23.66
N PRO I 49 -29.20 -30.80 22.65
CA PRO I 49 -28.45 -30.96 21.40
C PRO I 49 -28.64 -29.74 20.52
N MET I 50 -27.55 -29.32 19.87
CA MET I 50 -27.56 -28.11 19.07
C MET I 50 -26.96 -28.39 17.70
N THR I 51 -27.67 -27.99 16.66
CA THR I 51 -27.19 -28.12 15.28
C THR I 51 -27.90 -27.07 14.43
N CYS I 52 -27.35 -26.85 13.24
CA CYS I 52 -27.92 -25.85 12.34
C CYS I 52 -29.33 -26.26 11.93
N GLN I 53 -30.26 -25.31 12.02
CA GLN I 53 -31.66 -25.54 11.66
C GLN I 53 -32.03 -24.84 10.37
N GLN I 54 -31.04 -24.38 9.59
CA GLN I 54 -31.26 -23.74 8.29
C GLN I 54 -32.27 -22.59 8.41
N CYS I 55 -31.94 -21.63 9.27
CA CYS I 55 -32.84 -20.53 9.55
C CYS I 55 -33.12 -19.72 8.29
N ASP I 56 -34.36 -19.23 8.18
CA ASP I 56 -34.80 -18.56 6.96
C ASP I 56 -33.98 -17.31 6.66
N ASP I 57 -33.74 -16.49 7.68
CA ASP I 57 -32.87 -15.32 7.56
C ASP I 57 -31.51 -15.75 8.10
N ALA I 58 -30.64 -16.22 7.19
CA ALA I 58 -29.37 -16.79 7.58
C ALA I 58 -28.27 -15.74 7.50
N PRO I 59 -27.74 -15.27 8.63
CA PRO I 59 -26.63 -14.30 8.58
C PRO I 59 -25.39 -14.84 7.88
N CYS I 60 -25.13 -16.14 7.97
CA CYS I 60 -23.91 -16.70 7.41
C CYS I 60 -23.84 -16.48 5.91
N ILE I 61 -24.95 -16.69 5.21
CA ILE I 61 -24.98 -16.45 3.76
C ILE I 61 -24.72 -14.98 3.46
N SER I 62 -25.41 -14.09 4.17
CA SER I 62 -25.32 -12.66 3.90
C SER I 62 -23.96 -12.08 4.26
N VAL I 63 -23.17 -12.78 5.07
CA VAL I 63 -21.88 -12.25 5.50
C VAL I 63 -20.76 -12.77 4.60
N CYS I 64 -20.95 -13.96 4.04
CA CYS I 64 -19.91 -14.55 3.20
C CYS I 64 -19.79 -13.81 1.88
N LYS I 65 -18.55 -13.52 1.49
CA LYS I 65 -18.28 -12.82 0.23
C LYS I 65 -17.84 -13.74 -0.89
N ALA I 66 -17.21 -14.87 -0.57
CA ALA I 66 -16.76 -15.79 -1.62
C ALA I 66 -17.89 -16.53 -2.29
N GLY I 67 -19.11 -16.44 -1.77
CA GLY I 67 -20.24 -17.13 -2.36
C GLY I 67 -20.32 -18.61 -2.05
N ALA I 68 -19.47 -19.12 -1.15
CA ALA I 68 -19.49 -20.54 -0.83
C ALA I 68 -20.70 -20.95 -0.02
N LEU I 69 -21.48 -19.99 0.49
CA LEU I 69 -22.67 -20.28 1.27
C LEU I 69 -23.89 -19.97 0.43
N ALA I 70 -24.68 -21.01 0.13
CA ALA I 70 -25.86 -20.86 -0.71
C ALA I 70 -26.91 -21.87 -0.28
N ARG I 71 -28.15 -21.43 -0.24
CA ARG I 71 -29.25 -22.31 0.09
C ARG I 71 -29.55 -23.25 -1.08
N ASP I 72 -30.24 -24.35 -0.79
CA ASP I 72 -30.51 -25.37 -1.79
C ASP I 72 -32.00 -25.68 -1.91
N GLU I 73 -32.33 -26.74 -2.65
CA GLU I 73 -33.73 -27.07 -2.90
C GLU I 73 -34.46 -27.41 -1.61
N LYS I 74 -33.80 -28.09 -0.69
CA LYS I 74 -34.40 -28.46 0.59
C LYS I 74 -34.34 -27.32 1.60
N ASN I 75 -34.07 -26.09 1.16
CA ASN I 75 -33.88 -24.92 2.02
C ASN I 75 -32.69 -25.07 2.95
N VAL I 76 -31.83 -26.04 2.67
CA VAL I 76 -30.65 -26.31 3.49
C VAL I 76 -29.51 -25.45 2.98
N VAL I 77 -28.89 -24.70 3.89
CA VAL I 77 -27.71 -23.90 3.56
C VAL I 77 -26.51 -24.83 3.49
N GLN I 78 -25.75 -24.75 2.40
CA GLN I 78 -24.62 -25.65 2.18
C GLN I 78 -23.38 -24.85 1.86
N VAL I 79 -22.22 -25.43 2.20
CA VAL I 79 -20.93 -24.80 2.00
C VAL I 79 -20.26 -25.40 0.78
N ASP I 80 -19.78 -24.55 -0.11
CA ASP I 80 -18.95 -24.98 -1.23
C ASP I 80 -17.50 -24.93 -0.75
N SER I 81 -16.98 -26.08 -0.34
CA SER I 81 -15.67 -26.13 0.30
C SER I 81 -14.56 -25.66 -0.63
N SER I 82 -14.76 -25.79 -1.94
CA SER I 82 -13.75 -25.33 -2.90
C SER I 82 -13.72 -23.81 -3.01
N LYS I 83 -14.81 -23.13 -2.64
CA LYS I 83 -14.87 -21.67 -2.75
C LYS I 83 -14.41 -20.95 -1.49
N CYS I 84 -14.53 -21.59 -0.33
CA CYS I 84 -14.20 -20.91 0.93
C CYS I 84 -12.74 -20.50 0.97
N ILE I 85 -12.50 -19.25 1.36
CA ILE I 85 -11.16 -18.69 1.38
C ILE I 85 -10.56 -18.70 2.79
N GLY I 86 -11.22 -19.36 3.74
CA GLY I 86 -10.68 -19.50 5.06
C GLY I 86 -11.14 -18.47 6.08
N CYS I 87 -12.10 -17.63 5.73
CA CYS I 87 -12.62 -16.65 6.68
C CYS I 87 -13.46 -17.35 7.74
N ARG I 88 -13.38 -16.83 8.96
CA ARG I 88 -14.27 -17.22 10.04
C ARG I 88 -15.49 -16.31 10.09
N MET I 89 -15.77 -15.57 9.02
CA MET I 89 -16.83 -14.56 9.05
C MET I 89 -18.20 -15.20 9.20
N CYS I 90 -18.43 -16.36 8.59
CA CYS I 90 -19.69 -17.06 8.79
C CYS I 90 -19.82 -17.58 10.21
N VAL I 91 -18.69 -17.94 10.83
CA VAL I 91 -18.72 -18.39 12.23
C VAL I 91 -19.19 -17.26 13.14
N MET I 92 -18.70 -16.04 12.90
CA MET I 92 -19.12 -14.89 13.70
C MET I 92 -20.53 -14.43 13.34
N ALA I 93 -20.92 -14.60 12.08
CA ALA I 93 -22.26 -14.17 11.66
C ALA I 93 -23.35 -15.00 12.30
N CYS I 94 -23.13 -16.29 12.47
CA CYS I 94 -24.15 -17.15 13.05
C CYS I 94 -24.37 -16.78 14.50
N PRO I 95 -25.58 -16.36 14.89
CA PRO I 95 -25.81 -15.99 16.29
C PRO I 95 -26.00 -17.18 17.23
N PHE I 96 -26.00 -18.40 16.69
CA PHE I 96 -26.23 -19.59 17.49
C PHE I 96 -24.99 -20.46 17.66
N GLY I 97 -23.91 -20.17 16.95
CA GLY I 97 -22.74 -21.01 17.00
C GLY I 97 -22.84 -22.30 16.23
N ASN I 98 -23.84 -22.43 15.36
CA ASN I 98 -24.05 -23.66 14.60
C ASN I 98 -23.17 -23.75 13.36
N MET I 99 -22.37 -22.73 13.07
CA MET I 99 -21.38 -22.77 12.01
C MET I 99 -20.01 -22.83 12.65
N SER I 100 -19.28 -23.90 12.36
CA SER I 100 -17.93 -24.09 12.86
C SER I 100 -16.96 -24.03 11.69
N TYR I 101 -15.68 -24.25 11.99
CA TYR I 101 -14.63 -24.18 10.98
C TYR I 101 -13.71 -25.37 11.14
N HIS I 102 -13.63 -26.19 10.09
CA HIS I 102 -12.70 -27.32 10.06
C HIS I 102 -11.28 -26.78 9.96
N TRP I 103 -10.53 -26.88 11.05
CA TRP I 103 -9.19 -26.28 11.12
C TRP I 103 -8.13 -27.12 10.44
N GLU I 104 -8.43 -28.39 10.11
CA GLU I 104 -7.48 -29.22 9.37
C GLU I 104 -7.74 -29.19 7.88
N GLN I 105 -9.01 -29.19 7.47
CA GLN I 105 -9.36 -29.10 6.05
C GLN I 105 -9.57 -27.67 5.58
N SER I 106 -9.55 -26.70 6.50
CA SER I 106 -9.64 -25.27 6.16
C SER I 106 -10.91 -24.96 5.38
N THR I 107 -12.06 -25.23 6.03
CA THR I 107 -13.35 -24.95 5.43
C THR I 107 -14.38 -24.79 6.54
N ALA I 108 -15.39 -23.97 6.26
CA ALA I 108 -16.54 -23.87 7.15
C ALA I 108 -17.33 -25.17 7.11
N ILE I 109 -17.86 -25.57 8.26
CA ILE I 109 -18.62 -26.81 8.40
C ILE I 109 -19.94 -26.52 9.10
N LYS I 110 -21.04 -27.03 8.55
CA LYS I 110 -22.36 -26.82 9.11
C LYS I 110 -23.23 -28.01 8.77
N CYS I 111 -24.33 -28.13 9.51
CA CYS I 111 -25.26 -29.24 9.30
C CYS I 111 -25.95 -29.09 7.95
N ASP I 112 -25.59 -29.95 7.00
CA ASP I 112 -26.25 -30.01 5.71
C ASP I 112 -27.33 -31.09 5.67
N GLN I 113 -27.68 -31.65 6.82
CA GLN I 113 -28.68 -32.71 6.96
C GLN I 113 -28.32 -33.97 6.19
N CYS I 114 -27.03 -34.12 5.85
CA CYS I 114 -26.51 -35.32 5.20
C CYS I 114 -27.24 -35.62 3.89
N ASN I 115 -27.69 -34.57 3.19
CA ASN I 115 -28.44 -34.69 1.94
C ASN I 115 -29.69 -35.55 2.14
N GLY I 116 -30.41 -35.30 3.23
CA GLY I 116 -31.66 -35.98 3.49
C GLY I 116 -31.55 -37.32 4.18
N SER I 117 -30.36 -37.68 4.67
CA SER I 117 -30.13 -38.97 5.34
C SER I 117 -29.46 -38.72 6.68
N PRO I 118 -30.19 -38.15 7.65
CA PRO I 118 -29.56 -37.76 8.91
C PRO I 118 -29.09 -38.94 9.75
N TYR I 119 -27.77 -39.11 9.85
CA TYR I 119 -27.21 -40.19 10.65
C TYR I 119 -27.47 -39.97 12.14
N CYS I 120 -27.40 -38.72 12.59
CA CYS I 120 -27.64 -38.43 14.00
C CYS I 120 -29.05 -38.82 14.41
N VAL I 121 -30.03 -38.54 13.54
CA VAL I 121 -31.40 -38.96 13.82
C VAL I 121 -31.52 -40.47 13.80
N GLU I 122 -30.74 -41.14 12.95
CA GLU I 122 -30.80 -42.60 12.85
C GLU I 122 -30.39 -43.25 14.17
N PHE I 123 -29.32 -42.76 14.78
CA PHE I 123 -28.75 -43.36 16.00
C PHE I 123 -29.08 -42.55 17.25
N CYS I 124 -30.28 -41.99 17.34
CA CYS I 124 -30.70 -41.28 18.53
C CYS I 124 -31.61 -42.17 19.34
N PRO I 125 -31.17 -42.69 20.49
CA PRO I 125 -32.02 -43.63 21.25
C PRO I 125 -33.32 -43.03 21.73
N THR I 126 -33.33 -41.76 22.12
CA THR I 126 -34.51 -41.14 22.69
C THR I 126 -35.30 -40.32 21.68
N LYS I 127 -34.86 -40.27 20.43
CA LYS I 127 -35.54 -39.54 19.36
C LYS I 127 -35.63 -38.04 19.69
N ALA I 128 -34.68 -37.53 20.48
CA ALA I 128 -34.60 -36.09 20.70
C ALA I 128 -34.20 -35.35 19.43
N LEU I 129 -33.64 -36.06 18.46
CA LEU I 129 -33.40 -35.54 17.12
C LEU I 129 -34.30 -36.31 16.15
N ASP I 130 -35.10 -35.57 15.39
CA ASP I 130 -36.04 -36.17 14.46
C ASP I 130 -35.93 -35.49 13.11
N TYR I 131 -36.63 -36.05 12.13
CA TYR I 131 -36.60 -35.55 10.75
C TYR I 131 -38.01 -35.51 10.17
N VAL I 132 -38.96 -35.01 10.96
CA VAL I 132 -40.36 -34.98 10.57
C VAL I 132 -40.56 -34.00 9.42
N PRO I 133 -41.56 -34.22 8.56
CA PRO I 133 -41.80 -33.27 7.46
C PRO I 133 -42.21 -31.90 7.97
N ALA I 134 -41.97 -30.89 7.16
CA ALA I 134 -42.28 -29.52 7.53
C ALA I 134 -43.78 -29.32 7.63
N ASP I 135 -44.24 -28.88 8.80
CA ASP I 135 -45.64 -28.59 9.04
C ASP I 135 -45.72 -27.48 10.08
N ALA I 136 -46.89 -27.30 10.68
CA ALA I 136 -47.06 -26.25 11.68
C ALA I 136 -46.15 -26.48 12.89
N ILE I 137 -46.08 -27.72 13.38
CA ILE I 137 -45.22 -28.03 14.51
C ILE I 137 -43.75 -27.87 14.13
N SER I 138 -43.37 -28.32 12.93
CA SER I 138 -41.99 -28.19 12.50
C SER I 138 -41.57 -26.73 12.37
N LEU I 139 -42.43 -25.90 11.78
CA LEU I 139 -42.11 -24.48 11.68
C LEU I 139 -42.11 -23.80 13.03
N GLN I 140 -42.98 -24.23 13.94
CA GLN I 140 -42.94 -23.69 15.30
C GLN I 140 -41.64 -24.05 15.99
N LYS I 141 -41.14 -25.26 15.79
CA LYS I 141 -39.84 -25.64 16.33
C LYS I 141 -38.73 -24.80 15.73
N LYS I 142 -38.78 -24.57 14.41
CA LYS I 142 -37.77 -23.73 13.77
C LYS I 142 -37.79 -22.31 14.32
N LYS I 143 -38.98 -21.75 14.53
CA LYS I 143 -39.08 -20.43 15.13
C LYS I 143 -38.57 -20.43 16.57
N GLU I 144 -38.90 -21.47 17.34
CA GLU I 144 -38.36 -21.61 18.67
C GLU I 144 -36.85 -21.64 18.66
N PHE I 145 -36.25 -22.15 17.58
CA PHE I 145 -34.81 -22.11 17.43
C PHE I 145 -34.33 -20.71 17.04
N SER I 146 -34.80 -20.19 15.91
CA SER I 146 -34.26 -18.99 15.31
C SER I 146 -35.04 -17.72 15.67
N ALA I 147 -36.37 -17.76 15.56
CA ALA I 147 -37.16 -16.55 15.75
C ALA I 147 -37.07 -16.00 17.17
N ARG I 148 -36.65 -16.81 18.15
CA ARG I 148 -36.41 -16.29 19.48
C ARG I 148 -35.25 -15.30 19.48
N PHE I 149 -34.18 -15.61 18.75
CA PHE I 149 -32.98 -14.77 18.65
C PHE I 149 -32.50 -14.34 20.03
N ALA I 150 -32.50 -13.04 20.28
CA ALA I 150 -32.11 -12.47 21.57
C ALA I 150 -30.70 -12.91 21.98
FE1 SF4 J . 24.37 5.22 -24.48
FE2 SF4 J . 23.69 3.08 -26.03
FE3 SF4 J . 22.71 5.57 -26.61
FE4 SF4 J . 21.83 4.24 -24.39
S1 SF4 J . 21.54 3.62 -26.57
S2 SF4 J . 22.44 6.43 -24.52
S3 SF4 J . 23.73 3.16 -23.76
S4 SF4 J . 24.89 4.91 -26.67
FE1 SF4 K . 24.90 14.14 -30.40
FE2 SF4 K . 22.79 14.69 -32.05
FE3 SF4 K . 25.31 15.52 -32.72
FE4 SF4 K . 23.98 16.70 -30.64
S1 SF4 K . 23.39 16.74 -32.84
S2 SF4 K . 26.16 16.02 -30.67
S3 SF4 K . 22.84 14.93 -29.79
S4 SF4 K . 24.59 13.37 -32.52
FE1 FES L . 23.59 26.40 -25.89
FE2 FES L . 23.04 27.97 -23.78
S1 FES L . 24.89 27.91 -24.97
S2 FES L . 21.65 26.67 -24.89
ZN ZN M . 2.18 -7.49 -24.06
FE1 SF4 N . 36.82 25.51 -28.18
FE2 SF4 N . 34.91 27.45 -28.33
FE3 SF4 N . 37.14 27.62 -29.90
FE4 SF4 N . 37.33 28.00 -27.19
S1 SF4 N . 36.19 29.30 -28.68
S2 SF4 N . 38.71 26.74 -28.50
S3 SF4 N . 35.77 26.52 -26.44
S4 SF4 N . 35.52 26.01 -29.99
N1 FMN O . 49.09 31.04 -20.77
C2 FMN O . 50.39 30.61 -20.71
O2 FMN O . 51.09 30.97 -19.76
N3 FMN O . 50.91 29.80 -21.69
C4 FMN O . 50.12 29.41 -22.75
O4 FMN O . 50.57 28.70 -23.64
C4A FMN O . 48.80 29.83 -22.82
N5 FMN O . 48.01 29.45 -23.87
C5A FMN O . 46.70 29.87 -23.94
C6 FMN O . 45.91 29.48 -25.00
C7 FMN O . 44.59 29.89 -25.08
C7M FMN O . 43.73 29.46 -26.23
C8 FMN O . 44.06 30.70 -24.09
C8M FMN O . 42.63 31.16 -24.17
C9 FMN O . 44.86 31.10 -23.02
C9A FMN O . 46.18 30.68 -22.94
N10 FMN O . 46.97 31.07 -21.87
C10 FMN O . 48.28 30.66 -21.82
C1' FMN O . 46.45 31.96 -20.78
C2' FMN O . 45.76 31.15 -19.69
O2' FMN O . 44.36 31.20 -19.90
C3' FMN O . 46.06 31.73 -18.31
O3' FMN O . 45.99 33.14 -18.37
C4' FMN O . 47.44 31.31 -17.84
O4' FMN O . 47.47 29.92 -17.62
C5' FMN O . 47.84 32.02 -16.55
O5' FMN O . 48.14 33.36 -16.86
P FMN O . 48.92 34.31 -15.82
O1P FMN O . 50.37 33.88 -15.74
O2P FMN O . 48.85 35.73 -16.31
O3P FMN O . 48.29 34.22 -14.45
PA NAI P . 41.92 36.44 -18.23
O1A NAI P . 42.96 37.31 -18.86
O2A NAI P . 40.64 37.08 -17.84
O5B NAI P . 42.55 35.71 -16.96
C5B NAI P . 43.98 35.41 -16.91
C4B NAI P . 44.30 34.68 -15.63
O4B NAI P . 43.81 35.47 -14.51
C3B NAI P . 43.66 33.30 -15.44
O3B NAI P . 44.49 32.45 -14.67
C2B NAI P . 42.42 33.63 -14.63
O2B NAI P . 41.89 32.51 -13.93
C1B NAI P . 42.98 34.68 -13.70
N9A NAI P . 41.97 35.54 -13.10
C8A NAI P . 41.26 36.53 -13.74
N7A NAI P . 40.43 37.17 -12.96
C5A NAI P . 40.62 36.59 -11.71
C6A NAI P . 40.04 36.83 -10.45
N6A NAI P . 39.12 37.76 -10.24
N1A NAI P . 40.46 36.08 -9.41
C2A NAI P . 41.39 35.14 -9.64
N3A NAI P . 42.01 34.83 -10.78
C4A NAI P . 41.58 35.59 -11.79
O3 NAI P . 41.59 35.21 -19.22
PN NAI P . 42.34 33.97 -19.88
O1N NAI P . 41.52 33.48 -21.02
O2N NAI P . 42.70 32.98 -18.82
O5D NAI P . 43.67 34.65 -20.45
C5D NAI P . 43.63 35.15 -21.81
C4D NAI P . 44.98 35.71 -22.19
O4D NAI P . 45.86 34.62 -22.59
C3D NAI P . 44.99 36.70 -23.36
O3D NAI P . 45.36 37.99 -22.92
C2D NAI P . 46.03 36.09 -24.31
O2D NAI P . 46.87 37.08 -24.91
C1D NAI P . 46.84 35.15 -23.44
N1N NAI P . 47.46 34.05 -24.23
C2N NAI P . 48.64 33.50 -23.85
C3N NAI P . 49.38 32.70 -24.68
C7N NAI P . 50.72 32.29 -24.22
O7N NAI P . 51.17 32.74 -23.17
N7N NAI P . 51.40 31.43 -24.96
C4N NAI P . 48.79 32.30 -25.98
C5N NAI P . 47.44 32.82 -26.22
C6N NAI P . 46.82 33.58 -25.36
FE1 FES Q . 71.11 29.70 -27.25
FE2 FES Q . 68.92 31.27 -27.33
S1 FES Q . 69.00 29.07 -27.38
S2 FES Q . 71.04 31.89 -27.44
ZN ZN R . 48.43 39.15 -51.01
FE1 SF4 S . 68.04 41.40 -58.95
FE2 SF4 S . 67.67 39.79 -61.13
FE3 SF4 S . 70.17 40.11 -60.05
FE4 SF4 S . 68.98 42.18 -61.40
S1 SF4 S . 69.61 40.16 -62.27
S2 SF4 S . 70.08 42.29 -59.40
S3 SF4 S . 66.80 41.87 -60.81
S4 SF4 S . 68.35 39.15 -59.05
FE1 SF4 T . 57.76 33.73 -60.66
FE2 SF4 T . 59.41 34.09 -62.80
FE3 SF4 T . 59.45 35.87 -60.72
FE4 SF4 T . 57.30 35.78 -62.41
S1 SF4 T . 59.44 36.36 -62.95
S2 SF4 T . 57.24 35.89 -60.13
S3 SF4 T . 57.20 33.55 -62.86
S4 SF4 T . 60.03 33.66 -60.64
FE1 FES U . 59.74 27.76 -36.74
FE2 FES U . 59.74 28.77 -34.23
S1 FES U . 61.03 27.18 -35.05
S2 FES U . 58.68 29.54 -36.00
FE1 SF4 V . -24.90 -0.02 -21.95
FE2 SF4 V . -26.86 1.80 -22.40
FE3 SF4 V . -27.11 -0.04 -20.39
FE4 SF4 V . -25.28 1.98 -20.17
S1 SF4 V . -27.56 2.17 -20.22
S2 SF4 V . -24.95 -0.20 -19.65
S3 SF4 V . -24.61 2.19 -22.36
S4 SF4 V . -27.02 -0.43 -22.65
C1 PTE W . -28.85 -3.80 -25.49
C2 PTE W . -29.57 -2.61 -24.86
C3 PTE W . -31.06 -2.75 -24.97
S3 PTE W . -31.86 -4.10 -24.33
C4 PTE W . -31.82 -1.82 -25.53
S4 PTE W . -33.46 -2.05 -25.66
W1 PTE W . -33.76 -4.47 -25.20
C5 PTE W . -31.27 -0.54 -26.03
N6 PTE W . -31.09 -0.57 -27.46
C7 PTE W . -30.50 0.51 -27.97
C8 PTE W . -30.75 0.98 -29.34
O8 PTE W . -31.54 0.36 -30.07
N9 PTE W . -30.11 2.07 -29.75
C10 PTE W . -29.27 2.74 -28.98
N10 PTE W . -28.66 3.84 -29.47
N11 PTE W . -28.98 2.36 -27.71
C12 PTE W . -29.56 1.28 -27.16
N13 PTE W . -29.29 0.89 -25.90
C14 PTE W . -29.95 -0.27 -25.33
O2 PTE W . -29.13 -1.42 -25.51
C21 PTE W . -32.19 -4.79 -30.11
C22 PTE W . -32.73 -6.11 -29.56
C23 PTE W . -33.06 -6.05 -28.10
S23 PTE W . -33.87 -4.74 -27.40
C24 PTE W . -32.72 -7.05 -27.30
S24 PTE W . -33.04 -6.88 -25.65
C25 PTE W . -32.06 -8.30 -27.78
N26 PTE W . -30.73 -8.38 -27.22
C27 PTE W . -29.98 -9.40 -27.65
C28 PTE W . -29.00 -10.10 -26.81
O28 PTE W . -28.82 -9.77 -25.62
N29 PTE W . -28.32 -11.11 -27.34
C30 PTE W . -28.51 -11.49 -28.61
N30 PTE W . -27.77 -12.52 -29.08
N31 PTE W . -29.38 -10.88 -29.44
C32 PTE W . -30.14 -9.86 -29.02
N33 PTE W . -31.02 -9.25 -29.83
C34 PTE W . -32.03 -8.36 -29.30
O22 PTE W . -31.71 -7.06 -29.78
P1 PTE W . -26.63 -4.31 -26.92
O1P PTE W . -26.95 -3.99 -28.48
O2P PTE W . -25.23 -3.84 -26.65
O3P PTE W . -27.00 -5.73 -26.65
O4P PTE W . -27.63 -3.37 -26.11
P2 PTE W . -30.29 -4.35 -31.99
O5P PTE W . -28.95 -4.76 -31.15
O6P PTE W . -30.20 -4.84 -33.39
O7P PTE W . -30.51 -2.88 -31.80
O8P PTE W . -31.52 -5.13 -31.32
MG1 PTE W . -28.73 -4.35 -29.23
O1G PTE W . -29.91 -2.72 -28.74
O2G PTE W . -29.41 -6.00 -28.18
MG MG X . -26.95 -7.33 -24.34
MG MG Y . -30.85 0.25 -33.92
FE1 SF4 Z . 5.08 2.10 -7.24
FE2 SF4 Z . 4.99 1.62 -9.93
FE3 SF4 Z . 6.55 3.64 -8.96
FE4 SF4 Z . 3.83 3.87 -8.91
S1 SF4 Z . 5.15 3.73 -10.76
S2 SF4 Z . 5.28 4.38 -7.22
S3 SF4 Z . 3.21 1.72 -8.50
S4 SF4 Z . 6.81 1.41 -8.56
FE1 SF4 AA . 13.76 8.42 -15.20
FE2 SF4 AA . 14.34 6.93 -17.42
FE3 SF4 AA . 12.52 8.98 -17.58
FE4 SF4 AA . 11.89 6.70 -16.21
S1 SF4 AA . 12.30 6.89 -18.44
S2 SF4 AA . 11.54 8.85 -15.52
S3 SF4 AA . 13.92 6.15 -15.32
S4 SF4 AA . 14.76 9.15 -17.12
FE1 SF4 BA . -15.19 3.62 -11.94
FE2 SF4 BA . -14.69 1.09 -12.87
FE3 SF4 BA . -13.37 3.23 -13.96
FE4 SF4 BA . -16.05 2.87 -14.43
S1 SF4 BA . -14.35 1.51 -15.08
S2 SF4 BA . -15.01 4.82 -13.87
S3 SF4 BA . -16.74 2.01 -12.43
S4 SF4 BA . -13.22 2.48 -11.81
FE1 SF4 CA . -4.24 9.41 -11.60
FE2 SF4 CA . -6.96 9.38 -11.90
FE3 SF4 CA . -5.35 9.75 -14.08
FE4 SF4 CA . -5.56 11.72 -12.20
S1 SF4 CA . -7.22 10.93 -13.56
S2 SF4 CA . -3.63 10.95 -13.16
S3 SF4 CA . -5.77 10.49 -10.30
S4 SF4 CA . -5.47 7.89 -12.77
FE1 SF4 DA . -21.17 6.28 30.24
FE2 SF4 DA . -20.54 6.53 32.88
FE3 SF4 DA . -22.65 4.97 32.12
FE4 SF4 DA . -20.09 4.14 31.57
S1 SF4 DA . -21.05 4.41 33.64
S2 SF4 DA . -21.88 4.09 30.15
S3 SF4 DA . -19.09 6.17 31.13
S4 SF4 DA . -22.45 7.24 31.88
C1 PTE EA . -25.83 11.03 32.02
C2 PTE EA . -25.38 10.24 33.26
C3 PTE EA . -26.09 10.63 34.53
S3 PTE EA . -27.75 10.58 34.88
C4 PTE EA . -25.41 11.04 35.59
S4 PTE EA . -26.34 11.45 36.87
W1 PTE EA . -28.50 10.94 35.73
C5 PTE EA . -23.93 11.13 35.66
N6 PTE EA . -23.47 12.47 35.43
C7 PTE EA . -22.16 12.61 35.43
C8 PTE EA . -21.47 13.83 35.87
O8 PTE EA . -22.11 14.81 36.27
N9 PTE EA . -20.15 13.87 35.83
C10 PTE EA . -19.43 12.84 35.41
N10 PTE EA . -18.08 12.96 35.40
N11 PTE EA . -19.99 11.69 34.98
C12 PTE EA . -21.32 11.50 34.97
N13 PTE EA . -21.91 10.37 34.56
C14 PTE EA . -23.35 10.19 34.63
O2 PTE EA . -23.97 10.46 33.38
C21 PTE EA . -27.04 16.04 34.19
C22 PTE EA . -28.51 15.84 33.91
C23 PTE EA . -28.93 14.44 34.23
S23 PTE EA . -28.17 13.68 35.51
C24 PTE EA . -29.88 13.83 33.52
S24 PTE EA . -30.41 12.29 33.94
C25 PTE EA . -30.50 14.47 32.33
N26 PTE EA . -30.06 13.75 31.16
C27 PTE EA . -30.37 14.28 29.97
C28 PTE EA . -30.57 13.46 28.77
O28 PTE EA . -30.47 12.23 28.83
N29 PTE EA . -30.88 14.09 27.62
C30 PTE EA . -31.00 15.41 27.57
N30 PTE EA . -31.30 15.97 26.37
N31 PTE EA . -30.81 16.22 28.63
C32 PTE EA . -30.50 15.72 29.84
N33 PTE EA . -30.32 16.51 30.92
C34 PTE EA . -30.13 15.94 32.23
O22 PTE EA . -28.75 16.04 32.53
P1 PTE EA . -24.71 12.03 29.74
O1P PTE EA . -24.33 13.56 30.09
O2P PTE EA . -26.09 11.98 29.15
O3P PTE EA . -23.59 11.51 28.92
O4P PTE EA . -24.70 11.23 31.14
P2 PTE EA . -25.23 17.49 32.88
O5P PTE EA . -25.15 16.59 31.52
O6P PTE EA . -25.20 18.92 32.48
O7P PTE EA . -24.21 16.99 33.83
O8P PTE EA . -26.66 17.23 33.53
MG1 PTE EA . -25.22 14.60 31.51
O1G PTE EA . -27.20 14.08 31.32
O2G PTE EA . -24.42 14.00 33.33
MG MG FA . -22.00 18.12 35.73
MG MG GA . -27.94 10.53 28.92
FE1 SF4 HA . -7.85 -11.96 5.25
FE2 SF4 HA . -7.72 -9.22 5.08
FE3 SF4 HA . -5.48 -10.74 4.68
FE4 SF4 HA . -6.56 -10.53 7.18
S1 SF4 HA . -5.65 -8.85 5.95
S2 SF4 HA . -5.82 -12.43 6.16
S3 SF4 HA . -8.78 -10.45 6.69
S4 SF4 HA . -7.36 -10.72 3.39
FE1 SF4 IA . 2.52 -3.90 -0.61
FE2 SF4 IA . 3.58 -3.96 1.92
FE3 SF4 IA . 3.14 -6.30 0.55
FE4 SF4 IA . 1.01 -4.83 1.48
S1 SF4 IA . 2.63 -5.86 2.73
S2 SF4 IA . 1.22 -5.77 -0.58
S3 SF4 IA . 1.81 -2.71 1.20
S4 SF4 IA . 4.59 -4.63 -0.01
FE1 SF4 JA . -17.04 -3.97 21.97
FE2 SF4 JA . -15.80 -2.66 24.02
FE3 SF4 JA . -14.34 -3.54 21.88
FE4 SF4 JA . -15.37 -5.34 23.67
S1 SF4 JA . -13.79 -3.75 24.08
S2 SF4 JA . -15.43 -5.48 21.39
S3 SF4 JA . -17.35 -4.32 24.20
S4 SF4 JA . -15.98 -1.96 21.85
FE1 SF4 KA . -5.21 -7.98 17.11
FE2 SF4 KA . -6.48 -7.37 19.46
FE3 SF4 KA . -5.01 -5.45 18.15
FE4 SF4 KA . -3.74 -7.54 19.38
S1 SF4 KA . -4.98 -5.92 20.38
S2 SF4 KA . -3.32 -6.72 17.29
S3 SF4 KA . -5.24 -9.23 19.01
S4 SF4 KA . -6.91 -6.48 17.40
FE1 SF4 LA . -24.29 -46.00 31.56
FE2 SF4 LA . -24.45 -48.72 31.22
FE3 SF4 LA . -26.48 -47.36 32.38
FE4 SF4 LA . -25.97 -47.04 29.72
S1 SF4 LA . -26.67 -48.93 30.78
S2 SF4 LA . -26.47 -45.40 31.20
S3 SF4 LA . -23.68 -47.17 29.72
S4 SF4 LA . -24.36 -47.60 33.19
C1 PTE MA . -22.75 -47.86 37.97
C2 PTE MA . -23.43 -48.99 37.20
C3 PTE MA . -23.69 -50.17 38.10
S3 PTE MA . -24.70 -50.14 39.46
C4 PTE MA . -23.13 -51.35 37.86
S4 PTE MA . -23.16 -52.45 39.08
W1 PTE MA . -24.54 -51.12 40.67
C5 PTE MA . -22.52 -51.70 36.56
N6 PTE MA . -21.10 -51.80 36.71
C7 PTE MA . -20.42 -52.02 35.59
C8 PTE MA . -19.16 -52.77 35.54
O8 PTE MA . -18.67 -53.22 36.59
N9 PTE MA . -18.57 -52.94 34.37
C10 PTE MA . -19.09 -52.47 33.25
N10 PTE MA . -18.43 -52.69 32.10
N11 PTE MA . -20.26 -51.78 33.20
C12 PTE MA . -20.96 -51.52 34.32
N13 PTE MA . -22.12 -50.84 34.31
C14 PTE MA . -22.88 -50.63 35.53
O2 PTE MA . -22.58 -49.36 36.11
C21 PTE MA . -19.92 -50.96 41.59
C22 PTE MA . -20.46 -50.24 42.81
C23 PTE MA . -21.90 -50.03 42.54
S23 PTE MA . -22.78 -51.18 41.70
C24 PTE MA . -22.52 -48.94 42.93
S24 PTE MA . -24.15 -48.77 42.54
C25 PTE MA . -21.83 -47.86 43.70
N26 PTE MA . -21.95 -46.65 42.92
C27 PTE MA . -21.37 -45.59 43.48
C28 PTE MA . -21.97 -44.24 43.48
O28 PTE MA . -23.06 -44.05 42.93
N29 PTE MA . -21.29 -43.27 44.09
C30 PTE MA . -20.11 -43.50 44.68
N30 PTE MA . -19.48 -42.46 45.27
N31 PTE MA . -19.51 -44.71 44.71
C32 PTE MA . -20.09 -45.78 44.14
N33 PTE MA . -19.54 -47.02 44.16
C34 PTE MA . -20.37 -48.20 44.00
O22 PTE MA . -19.80 -48.98 42.95
P1 PTE MA . -20.70 -46.27 37.47
O1P PTE MA . -19.97 -47.65 37.82
O2P PTE MA . -20.11 -45.63 36.25
O3P PTE MA . -20.84 -45.45 38.71
O4P PTE MA . -22.13 -46.90 37.09
P2 PTE MA . -17.60 -50.49 40.50
O5P PTE MA . -18.33 -49.08 40.27
O6P PTE MA . -17.83 -51.38 39.33
O7P PTE MA . -16.21 -50.41 41.06
O8P PTE MA . -18.50 -51.02 41.70
MG1 PTE MA . -18.21 -47.91 38.67
O1G PTE MA . -18.96 -49.70 37.96
O2G PTE MA . -19.62 -47.18 40.00
MG MG NA . -16.05 -53.13 37.83
MG MG OA . -24.85 -41.70 41.07
FE1 SF4 PA . -28.53 -20.01 10.54
FE2 SF4 PA . -26.14 -20.46 11.77
FE3 SF4 PA . -26.25 -20.15 9.05
FE4 SF4 PA . -27.27 -22.40 10.20
S1 SF4 PA . -25.09 -21.74 10.19
S2 SF4 PA . -28.24 -21.14 8.58
S3 SF4 PA . -28.10 -21.56 12.15
S4 SF4 PA . -26.75 -18.60 10.63
FE1 SF4 QA . -17.03 -16.98 3.32
FE2 SF4 QA . -15.40 -18.92 4.38
FE3 SF4 QA . -16.68 -19.35 2.02
FE4 SF4 QA . -18.11 -19.28 4.34
S1 SF4 QA . -16.52 -20.80 3.77
S2 SF4 QA . -18.65 -18.27 2.36
S3 SF4 QA . -16.96 -17.67 5.49
S4 SF4 QA . -15.09 -17.78 2.43
FE1 SF4 RA . -27.66 -36.99 20.72
FE2 SF4 RA . -29.24 -36.65 22.92
FE3 SF4 RA . -28.07 -39.07 22.45
FE4 SF4 RA . -30.11 -38.21 20.85
S1 SF4 RA . -30.23 -38.70 23.08
S2 SF4 RA . -28.14 -39.15 20.18
S3 SF4 RA . -29.70 -35.97 20.80
S4 SF4 RA . -27.02 -37.10 22.90
FE1 SF4 SA . -26.74 -32.66 10.54
FE2 SF4 SA . -27.10 -34.97 11.96
FE3 SF4 SA . -24.57 -34.09 11.40
FE4 SF4 SA . -26.14 -35.07 9.39
S1 SF4 SA . -25.35 -36.22 11.19
S2 SF4 SA . -24.87 -33.18 9.33
S3 SF4 SA . -28.20 -34.35 10.06
S4 SF4 SA . -26.12 -33.05 12.71
#